data_6R2B
#
_entry.id   6R2B
#
_cell.length_a   82.120
_cell.length_b   82.760
_cell.length_c   162.970
_cell.angle_alpha   98.55
_cell.angle_beta   97.52
_cell.angle_gamma   102.18
#
_symmetry.space_group_name_H-M   'P 1'
#
loop_
_entity.id
_entity.type
_entity.pdbx_description
1 polymer 'Multifunctional 2-oxoglutarate metabolism enzyme'
2 non-polymer '(4~{S})-4-[(2~{R})-3-[(4-azanyl-2-methyl-pyrimidin-5-yl)methyl]-4-methyl-5-[2-[oxidanyl(phosphonooxy)phosphoryl]oxyethyl]-2~{H}-1,3-thiazol-2-yl]-4-oxidanyl-4-phosphono-butanoic acid'
3 non-polymer 'MAGNESIUM ION'
4 non-polymer 'CALCIUM ION'
5 water water
#
_entity_poly.entity_id   1
_entity_poly.type   'polypeptide(L)'
_entity_poly.pdbx_seq_one_letter_code
;GDSIEDKNARVIELIAAYRNRGHLMADIDPLRLDNTRFRSHPDLDVNSHGLTLWDLDREFKVDGFAGVQRKKLRDILSVL
RDAYCRHVGVEYTHILEPEQQRWIQERVETKHDKPTVAEQKYILSKLNAAEAFETFLQTKYVGQKRFSLEGAETVIPMMD
AVIDQCAEHGLDEVVIAMPHRGRLNVLANIVGKPYSQIFSEFEGNLNPSQAHGSGDVKYHLGATGTYIQMFGDNDIEVSL
TANPSHLEAVDPVLEGLVRAKQDLLDTGEEGSDNRFSVVPLMLHGDAAFAGQGVVAETLNLALLRGYRTGGTIHIVVNNQ
IGFTTAPTDSRSSEYCTDVAKMIGAPIFHVNGDDPEACAWVARLAVDFRQAFKKDVVIDMLCYRRRGHNEGDDPSMTQPY
MYDVIDTKRGSRKAYTEALIGRGDISMKEAEDALRDYQGQLERVFNEVRELEKHEIEPSESVEADQQIPSKLATAVDKAM
LQRIGDAHLALPEGFTVHPRVRPVLEKRREMAYEGRIDWAFAELLALGSLIAEGKLVRLSGQDTQRGTFTQRHAVIVDRK
TGEEFTPLQLLATNPDGTPTGGKFLVYNSALSEFAAVGFEYGYSVGNPDAMVLWEAQFGDFVNGAQSIIDEFISSGEAKW
GQLSDVVLLLPHGHEGQGPDHTSGRIERFLQLWAEGSMTIAMPSTPANYFHLLRRHGKDGIQRPLIVFTPKSMLRNKAAV
SDIRDFTESKFRSVLEEPMYTDGEGDRNKVTRLLLTSGKIYYELAARKAKENREDVAIVRIEQLAPLPRRRLAETLDRYP
NVKEKFWVQEEPANQGAWPSFGLTLPEILPDHFTGLKRISRRAMSAPSSGSSKVHAVEQQEILDTAFG
;
_entity_poly.pdbx_strand_id   A,B,C,D
#
loop_
_chem_comp.id
_chem_comp.type
_chem_comp.name
_chem_comp.formula
CA non-polymer 'CALCIUM ION' 'Ca 2'
MG non-polymer 'MAGNESIUM ION' 'Mg 2'
QSP non-polymer '(4~{S})-4-[(2~{R})-3-[(4-azanyl-2-methyl-pyrimidin-5-yl)methyl]-4-methyl-5-[2-[oxidanyl(phosphonooxy)phosphoryl]oxyethyl]-2~{H}-1,3-thiazol-2-yl]-4-oxidanyl-4-phosphono-butanoic acid' 'C16 H27 N4 O13 P3 S'
#
# COMPACT_ATOMS: atom_id res chain seq x y z
N SER A 3 -29.23 -4.88 -44.81
CA SER A 3 -29.07 -3.61 -44.10
C SER A 3 -27.65 -3.44 -43.55
N ILE A 4 -27.22 -2.18 -43.35
CA ILE A 4 -25.90 -1.81 -42.82
C ILE A 4 -25.78 -2.14 -41.33
N GLU A 5 -26.86 -1.90 -40.55
CA GLU A 5 -26.91 -2.18 -39.10
C GLU A 5 -26.90 -3.69 -38.82
N ASP A 6 -27.44 -4.46 -39.79
CA ASP A 6 -27.60 -5.92 -39.82
C ASP A 6 -26.27 -6.64 -40.03
N LYS A 7 -25.48 -6.21 -41.03
CA LYS A 7 -24.18 -6.81 -41.36
C LYS A 7 -23.14 -6.53 -40.28
N ASN A 8 -23.19 -5.34 -39.63
CA ASN A 8 -22.25 -4.95 -38.58
C ASN A 8 -22.42 -5.81 -37.33
N ALA A 9 -23.68 -6.18 -37.00
CA ALA A 9 -24.04 -7.00 -35.86
C ALA A 9 -23.58 -8.44 -36.05
N ARG A 10 -23.67 -8.98 -37.28
CA ARG A 10 -23.24 -10.35 -37.61
C ARG A 10 -21.70 -10.48 -37.59
N VAL A 11 -20.99 -9.37 -37.86
CA VAL A 11 -19.52 -9.31 -37.84
C VAL A 11 -19.08 -9.40 -36.36
N ILE A 12 -19.84 -8.74 -35.46
CA ILE A 12 -19.63 -8.75 -34.00
C ILE A 12 -19.82 -10.19 -33.48
N GLU A 13 -20.79 -10.92 -34.04
CA GLU A 13 -21.05 -12.31 -33.68
C GLU A 13 -19.93 -13.22 -34.16
N LEU A 14 -19.35 -12.92 -35.34
CA LEU A 14 -18.26 -13.68 -35.92
C LEU A 14 -16.99 -13.45 -35.12
N ILE A 15 -16.71 -12.19 -34.71
CA ILE A 15 -15.55 -11.83 -33.87
C ILE A 15 -15.64 -12.63 -32.56
N ALA A 16 -16.82 -12.59 -31.90
CA ALA A 16 -17.08 -13.32 -30.66
C ALA A 16 -16.93 -14.83 -30.85
N ALA A 17 -17.43 -15.38 -31.99
CA ALA A 17 -17.32 -16.81 -32.33
C ALA A 17 -15.87 -17.28 -32.41
N TYR A 18 -14.97 -16.50 -33.05
CA TYR A 18 -13.55 -16.86 -33.15
C TYR A 18 -12.86 -16.79 -31.77
N ARG A 19 -13.15 -15.73 -31.00
CA ARG A 19 -12.56 -15.55 -29.67
C ARG A 19 -12.99 -16.66 -28.70
N ASN A 20 -14.28 -17.05 -28.74
CA ASN A 20 -14.85 -18.06 -27.86
C ASN A 20 -14.57 -19.47 -28.29
N ARG A 21 -14.69 -19.77 -29.60
CA ARG A 21 -14.65 -21.14 -30.10
C ARG A 21 -13.67 -21.43 -31.23
N GLY A 22 -12.85 -20.46 -31.60
CA GLY A 22 -11.85 -20.65 -32.66
C GLY A 22 -10.92 -21.83 -32.36
N HIS A 23 -10.59 -22.03 -31.07
CA HIS A 23 -9.73 -23.11 -30.56
C HIS A 23 -10.22 -24.50 -30.99
N LEU A 24 -11.54 -24.66 -31.22
CA LEU A 24 -12.12 -25.94 -31.67
C LEU A 24 -11.76 -26.22 -33.14
N MET A 25 -11.30 -25.21 -33.88
CA MET A 25 -10.93 -25.35 -35.28
C MET A 25 -9.42 -25.16 -35.51
N ALA A 26 -8.64 -24.89 -34.46
CA ALA A 26 -7.19 -24.70 -34.62
C ALA A 26 -6.53 -26.03 -35.01
N ASP A 27 -5.49 -25.97 -35.83
CA ASP A 27 -4.73 -27.13 -36.27
C ASP A 27 -3.68 -27.42 -35.20
N ILE A 28 -4.13 -28.06 -34.10
CA ILE A 28 -3.30 -28.34 -32.93
C ILE A 28 -2.77 -29.79 -32.87
N ASP A 29 -3.46 -30.75 -33.50
CA ASP A 29 -3.07 -32.17 -33.44
C ASP A 29 -2.04 -32.52 -34.53
N PRO A 30 -0.78 -32.84 -34.15
CA PRO A 30 0.25 -33.19 -35.15
C PRO A 30 -0.06 -34.44 -35.96
N LEU A 31 -0.91 -35.35 -35.42
CA LEU A 31 -1.30 -36.61 -36.07
C LEU A 31 -2.53 -36.48 -36.95
N ARG A 32 -3.39 -35.46 -36.70
CA ARG A 32 -4.65 -35.23 -37.42
C ARG A 32 -5.48 -36.53 -37.45
N LEU A 33 -5.69 -37.13 -36.27
CA LEU A 33 -6.44 -38.39 -36.13
C LEU A 33 -7.93 -38.22 -36.45
N ASP A 34 -8.51 -37.07 -36.07
CA ASP A 34 -9.93 -36.79 -36.30
C ASP A 34 -10.14 -36.15 -37.68
N ASN A 35 -11.14 -36.67 -38.41
CA ASN A 35 -11.51 -36.24 -39.76
C ASN A 35 -12.58 -35.15 -39.72
N THR A 36 -13.57 -35.28 -38.80
CA THR A 36 -14.70 -34.36 -38.62
C THR A 36 -14.27 -32.94 -38.21
N ARG A 37 -13.05 -32.78 -37.64
CA ARG A 37 -12.50 -31.49 -37.21
C ARG A 37 -12.37 -30.54 -38.40
N THR A 52 -21.42 -12.92 -46.98
CA THR A 52 -21.34 -13.75 -48.18
C THR A 52 -19.87 -13.78 -48.68
N LEU A 53 -19.55 -13.02 -49.75
CA LEU A 53 -18.20 -12.92 -50.31
C LEU A 53 -17.89 -11.49 -50.78
N TRP A 54 -18.93 -10.71 -51.11
CA TRP A 54 -18.83 -9.32 -51.55
C TRP A 54 -18.54 -8.37 -50.37
N ASP A 55 -18.80 -8.83 -49.13
CA ASP A 55 -18.61 -8.07 -47.89
C ASP A 55 -17.17 -8.06 -47.37
N LEU A 56 -16.30 -8.98 -47.83
CA LEU A 56 -14.89 -9.05 -47.41
C LEU A 56 -14.15 -7.72 -47.63
N ASP A 57 -14.44 -7.00 -48.72
CA ASP A 57 -13.77 -5.75 -49.06
C ASP A 57 -14.46 -4.50 -48.45
N ARG A 58 -15.60 -4.66 -47.78
CA ARG A 58 -16.33 -3.56 -47.12
C ARG A 58 -15.78 -3.29 -45.72
N GLU A 59 -15.78 -2.01 -45.29
CA GLU A 59 -15.27 -1.55 -44.00
C GLU A 59 -16.30 -1.66 -42.87
N PHE A 60 -15.85 -2.07 -41.67
CA PHE A 60 -16.68 -2.20 -40.47
C PHE A 60 -16.00 -1.57 -39.25
N LYS A 61 -16.81 -1.00 -38.35
CA LYS A 61 -16.34 -0.35 -37.11
C LYS A 61 -15.99 -1.41 -36.05
N VAL A 62 -14.74 -1.34 -35.54
CA VAL A 62 -14.21 -2.26 -34.51
C VAL A 62 -13.66 -1.42 -33.35
N GLN A 69 -11.57 2.11 -34.45
CA GLN A 69 -11.04 2.17 -35.81
C GLN A 69 -11.91 1.38 -36.80
N ARG A 70 -11.85 1.76 -38.09
CA ARG A 70 -12.57 1.10 -39.18
C ARG A 70 -11.64 0.13 -39.90
N LYS A 71 -12.09 -1.12 -40.07
CA LYS A 71 -11.31 -2.18 -40.73
C LYS A 71 -12.15 -2.95 -41.74
N LYS A 72 -11.53 -3.32 -42.88
CA LYS A 72 -12.16 -4.16 -43.90
C LYS A 72 -12.40 -5.53 -43.27
N LEU A 73 -13.55 -6.18 -43.60
CA LEU A 73 -13.89 -7.51 -43.05
C LEU A 73 -12.81 -8.55 -43.32
N ARG A 74 -12.16 -8.47 -44.51
CA ARG A 74 -11.10 -9.42 -44.87
C ARG A 74 -9.92 -9.33 -43.88
N ASP A 75 -9.61 -8.10 -43.41
CA ASP A 75 -8.51 -7.84 -42.47
C ASP A 75 -8.90 -8.26 -41.06
N ILE A 76 -10.19 -8.12 -40.70
CA ILE A 76 -10.72 -8.55 -39.40
C ILE A 76 -10.59 -10.10 -39.32
N LEU A 77 -11.10 -10.80 -40.34
CA LEU A 77 -11.09 -12.26 -40.39
C LEU A 77 -9.69 -12.86 -40.42
N SER A 78 -8.75 -12.24 -41.15
CA SER A 78 -7.37 -12.76 -41.23
C SER A 78 -6.68 -12.67 -39.85
N VAL A 79 -6.89 -11.56 -39.10
CA VAL A 79 -6.37 -11.34 -37.74
C VAL A 79 -6.91 -12.46 -36.84
N LEU A 80 -8.23 -12.75 -36.94
CA LEU A 80 -8.90 -13.78 -36.11
C LEU A 80 -8.42 -15.18 -36.44
N ARG A 81 -8.38 -15.56 -37.74
CA ARG A 81 -7.91 -16.90 -38.13
C ARG A 81 -6.45 -17.13 -37.69
N ASP A 82 -5.59 -16.11 -37.84
CA ASP A 82 -4.17 -16.20 -37.46
C ASP A 82 -3.99 -16.38 -35.96
N ALA A 83 -4.74 -15.63 -35.15
CA ALA A 83 -4.63 -15.71 -33.70
C ALA A 83 -5.25 -16.97 -33.09
N TYR A 84 -6.41 -17.41 -33.64
CA TYR A 84 -7.22 -18.46 -33.01
C TYR A 84 -7.35 -19.79 -33.76
N CYS A 85 -6.97 -19.86 -35.05
CA CYS A 85 -7.16 -21.07 -35.85
C CYS A 85 -5.93 -21.55 -36.58
N ARG A 86 -4.71 -21.24 -36.09
CA ARG A 86 -3.52 -21.79 -36.72
C ARG A 86 -2.98 -22.92 -35.82
N HIS A 87 -1.79 -22.79 -35.25
CA HIS A 87 -1.22 -23.86 -34.43
C HIS A 87 -1.44 -23.64 -32.91
N VAL A 88 -2.14 -22.55 -32.55
CA VAL A 88 -2.46 -22.26 -31.16
C VAL A 88 -3.99 -22.09 -30.97
N GLY A 89 -4.54 -22.90 -30.07
CA GLY A 89 -5.94 -22.84 -29.66
C GLY A 89 -5.97 -22.12 -28.33
N VAL A 90 -6.54 -20.92 -28.30
CA VAL A 90 -6.60 -20.08 -27.10
C VAL A 90 -7.98 -20.16 -26.44
N GLU A 91 -8.01 -20.52 -25.15
CA GLU A 91 -9.21 -20.56 -24.34
C GLU A 91 -9.05 -19.51 -23.25
N TYR A 92 -9.79 -18.40 -23.35
CA TYR A 92 -9.64 -17.34 -22.36
C TYR A 92 -10.94 -16.59 -22.06
N THR A 93 -11.99 -16.72 -22.88
CA THR A 93 -13.21 -15.94 -22.65
C THR A 93 -14.03 -16.46 -21.45
N HIS A 94 -13.60 -17.57 -20.82
CA HIS A 94 -14.19 -18.10 -19.59
C HIS A 94 -13.68 -17.31 -18.37
N ILE A 95 -12.58 -16.54 -18.54
CA ILE A 95 -11.96 -15.75 -17.48
C ILE A 95 -12.92 -14.61 -17.07
N LEU A 96 -13.21 -14.50 -15.77
CA LEU A 96 -14.17 -13.49 -15.30
C LEU A 96 -13.59 -12.08 -15.26
N GLU A 97 -12.27 -11.92 -15.03
CA GLU A 97 -11.61 -10.61 -14.98
C GLU A 97 -11.50 -10.01 -16.41
N PRO A 98 -12.19 -8.89 -16.72
CA PRO A 98 -12.13 -8.35 -18.10
C PRO A 98 -10.74 -7.86 -18.52
N GLU A 99 -9.92 -7.38 -17.56
CA GLU A 99 -8.58 -6.87 -17.85
C GLU A 99 -7.66 -8.02 -18.30
N GLN A 100 -7.91 -9.26 -17.83
CA GLN A 100 -7.13 -10.45 -18.20
C GLN A 100 -7.51 -10.88 -19.60
N GLN A 101 -8.81 -10.83 -19.94
CA GLN A 101 -9.28 -11.13 -21.30
C GLN A 101 -8.71 -10.13 -22.29
N ARG A 102 -8.70 -8.83 -21.93
CA ARG A 102 -8.17 -7.76 -22.79
C ARG A 102 -6.67 -7.94 -23.02
N TRP A 103 -5.91 -8.26 -21.97
CA TRP A 103 -4.47 -8.48 -22.01
C TRP A 103 -4.13 -9.59 -23.04
N ILE A 104 -4.87 -10.73 -23.00
CA ILE A 104 -4.64 -11.87 -23.90
C ILE A 104 -4.99 -11.47 -25.33
N GLN A 105 -6.18 -10.88 -25.50
CA GLN A 105 -6.73 -10.39 -26.76
C GLN A 105 -5.72 -9.51 -27.49
N GLU A 106 -5.13 -8.52 -26.79
CA GLU A 106 -4.15 -7.59 -27.37
C GLU A 106 -2.83 -8.26 -27.73
N ARG A 107 -2.43 -9.31 -27.02
CA ARG A 107 -1.17 -9.97 -27.35
C ARG A 107 -1.32 -11.06 -28.41
N VAL A 108 -2.53 -11.62 -28.61
CA VAL A 108 -2.70 -12.69 -29.62
C VAL A 108 -3.22 -12.12 -30.95
N GLU A 109 -3.98 -10.99 -30.91
CA GLU A 109 -4.56 -10.39 -32.12
C GLU A 109 -3.66 -9.27 -32.70
N THR A 110 -2.39 -9.59 -32.95
CA THR A 110 -1.40 -8.68 -33.52
C THR A 110 -0.49 -9.43 -34.48
N LYS A 111 0.23 -8.69 -35.35
CA LYS A 111 1.21 -9.26 -36.26
C LYS A 111 2.48 -9.51 -35.43
N HIS A 112 2.77 -10.78 -35.16
CA HIS A 112 3.92 -11.17 -34.33
C HIS A 112 5.23 -11.08 -35.11
N ASP A 113 6.28 -10.60 -34.44
CA ASP A 113 7.61 -10.50 -35.02
C ASP A 113 8.24 -11.91 -35.05
N LYS A 114 8.70 -12.33 -36.25
CA LYS A 114 9.32 -13.64 -36.47
C LYS A 114 10.60 -13.78 -35.63
N PRO A 115 10.95 -15.00 -35.11
CA PRO A 115 12.21 -15.12 -34.34
C PRO A 115 13.43 -14.91 -35.22
N THR A 116 14.54 -14.46 -34.62
CA THR A 116 15.80 -14.21 -35.35
C THR A 116 16.42 -15.55 -35.74
N VAL A 117 17.31 -15.54 -36.76
CA VAL A 117 18.00 -16.75 -37.24
C VAL A 117 18.77 -17.40 -36.07
N ALA A 118 19.44 -16.58 -35.24
CA ALA A 118 20.20 -17.04 -34.06
C ALA A 118 19.28 -17.79 -33.07
N GLU A 119 18.05 -17.28 -32.85
CA GLU A 119 17.04 -17.87 -31.96
C GLU A 119 16.53 -19.19 -32.54
N GLN A 120 16.32 -19.24 -33.88
CA GLN A 120 15.88 -20.46 -34.59
C GLN A 120 16.96 -21.56 -34.49
N LYS A 121 18.24 -21.19 -34.68
CA LYS A 121 19.37 -22.13 -34.57
C LYS A 121 19.47 -22.66 -33.14
N TYR A 122 19.20 -21.80 -32.14
CA TYR A 122 19.22 -22.20 -30.74
C TYR A 122 18.06 -23.19 -30.47
N ILE A 123 16.85 -22.94 -31.03
CA ILE A 123 15.72 -23.86 -30.88
C ILE A 123 16.09 -25.24 -31.48
N LEU A 124 16.71 -25.26 -32.70
CA LEU A 124 17.13 -26.51 -33.36
C LEU A 124 18.19 -27.24 -32.52
N SER A 125 19.10 -26.50 -31.84
CA SER A 125 20.14 -27.13 -31.00
C SER A 125 19.50 -27.93 -29.84
N LYS A 126 18.38 -27.43 -29.32
CA LYS A 126 17.63 -28.05 -28.23
C LYS A 126 16.85 -29.28 -28.74
N LEU A 127 16.27 -29.19 -29.95
CA LEU A 127 15.56 -30.34 -30.55
C LEU A 127 16.58 -31.43 -30.87
N ASN A 128 17.78 -31.04 -31.32
CA ASN A 128 18.89 -31.96 -31.63
C ASN A 128 19.28 -32.75 -30.41
N ALA A 129 19.52 -32.05 -29.28
CA ALA A 129 19.90 -32.65 -28.02
C ALA A 129 18.82 -33.60 -27.51
N ALA A 130 17.55 -33.18 -27.60
CA ALA A 130 16.40 -33.95 -27.16
C ALA A 130 16.26 -35.25 -27.92
N GLU A 131 16.26 -35.21 -29.26
CA GLU A 131 16.06 -36.46 -29.99
C GLU A 131 17.32 -37.34 -29.99
N ALA A 132 18.53 -36.75 -30.12
CA ALA A 132 19.77 -37.53 -30.16
C ALA A 132 20.07 -38.21 -28.80
N PHE A 133 19.68 -37.58 -27.68
CA PHE A 133 19.81 -38.18 -26.33
C PHE A 133 18.99 -39.47 -26.27
N GLU A 134 17.74 -39.43 -26.77
CA GLU A 134 16.85 -40.61 -26.75
C GLU A 134 17.34 -41.75 -27.67
N THR A 135 17.71 -41.44 -28.95
CA THR A 135 18.19 -42.44 -29.91
C THR A 135 19.49 -43.08 -29.41
N PHE A 136 20.36 -42.31 -28.71
CA PHE A 136 21.62 -42.84 -28.17
C PHE A 136 21.31 -43.95 -27.17
N LEU A 137 20.41 -43.65 -26.23
CA LEU A 137 19.94 -44.57 -25.17
C LEU A 137 19.26 -45.79 -25.77
N GLN A 138 18.52 -45.61 -26.89
CA GLN A 138 17.90 -46.73 -27.62
C GLN A 138 18.99 -47.69 -28.14
N THR A 139 20.12 -47.16 -28.62
CA THR A 139 21.23 -47.98 -29.14
C THR A 139 21.99 -48.72 -28.02
N LYS A 140 22.32 -48.03 -26.91
CA LYS A 140 23.12 -48.58 -25.82
C LYS A 140 22.34 -49.42 -24.84
N TYR A 141 21.10 -49.03 -24.54
CA TYR A 141 20.28 -49.76 -23.57
C TYR A 141 18.92 -50.10 -24.17
N VAL A 142 18.91 -50.94 -25.23
CA VAL A 142 17.72 -51.36 -25.99
C VAL A 142 16.66 -51.98 -25.08
N GLY A 143 15.44 -51.44 -25.17
CA GLY A 143 14.27 -51.89 -24.43
C GLY A 143 14.17 -51.49 -22.97
N GLN A 144 15.34 -51.18 -22.33
CA GLN A 144 15.44 -50.79 -20.93
C GLN A 144 14.63 -49.54 -20.71
N LYS A 145 13.80 -49.51 -19.64
CA LYS A 145 12.86 -48.41 -19.33
C LYS A 145 13.56 -47.07 -19.24
N ARG A 146 13.13 -46.13 -20.07
CA ARG A 146 13.64 -44.76 -20.03
C ARG A 146 12.51 -43.72 -20.19
N PHE A 147 11.26 -44.16 -20.57
CA PHE A 147 10.08 -43.33 -20.84
C PHE A 147 10.46 -42.13 -21.69
N SER A 148 10.95 -42.44 -22.87
CA SER A 148 11.43 -41.50 -23.89
C SER A 148 10.45 -40.36 -24.16
N LEU A 149 11.00 -39.18 -24.47
CA LEU A 149 10.28 -37.96 -24.86
C LEU A 149 10.03 -37.93 -26.38
N GLU A 150 10.54 -38.92 -27.13
CA GLU A 150 10.40 -38.99 -28.59
C GLU A 150 8.96 -38.84 -29.03
N GLY A 151 8.73 -37.88 -29.89
CA GLY A 151 7.40 -37.49 -30.37
C GLY A 151 6.92 -36.23 -29.67
N ALA A 152 7.66 -35.80 -28.61
CA ALA A 152 7.38 -34.63 -27.76
C ALA A 152 8.65 -33.86 -27.47
N GLU A 153 9.64 -33.92 -28.38
CA GLU A 153 10.93 -33.22 -28.26
C GLU A 153 10.78 -31.71 -28.04
N THR A 154 9.68 -31.11 -28.55
CA THR A 154 9.49 -29.65 -28.41
C THR A 154 9.27 -29.23 -26.95
N VAL A 155 9.09 -30.17 -26.01
CA VAL A 155 8.96 -29.83 -24.58
C VAL A 155 10.30 -29.20 -24.08
N ILE A 156 11.48 -29.64 -24.62
CA ILE A 156 12.81 -29.08 -24.25
C ILE A 156 12.90 -27.58 -24.70
N PRO A 157 12.76 -27.16 -25.99
CA PRO A 157 12.82 -25.71 -26.27
C PRO A 157 11.66 -24.95 -25.59
N MET A 158 10.51 -25.61 -25.32
CA MET A 158 9.39 -24.96 -24.61
C MET A 158 9.78 -24.62 -23.16
N MET A 159 10.36 -25.59 -22.42
CA MET A 159 10.81 -25.38 -21.04
C MET A 159 11.95 -24.37 -20.99
N ASP A 160 12.84 -24.41 -22.00
CA ASP A 160 13.96 -23.46 -22.10
C ASP A 160 13.42 -22.03 -22.23
N ALA A 161 12.33 -21.85 -23.04
CA ALA A 161 11.67 -20.55 -23.25
C ALA A 161 11.02 -20.06 -21.95
N VAL A 162 10.38 -20.96 -21.16
CA VAL A 162 9.78 -20.60 -19.86
C VAL A 162 10.88 -20.02 -18.95
N ILE A 163 11.97 -20.78 -18.77
CA ILE A 163 13.08 -20.42 -17.89
C ILE A 163 13.76 -19.15 -18.37
N ASP A 164 14.04 -19.03 -19.69
CA ASP A 164 14.67 -17.83 -20.25
C ASP A 164 13.78 -16.60 -20.04
N GLN A 165 12.45 -16.74 -20.23
CA GLN A 165 11.52 -15.62 -20.02
C GLN A 165 11.48 -15.24 -18.52
N CYS A 166 11.62 -16.23 -17.60
CA CYS A 166 11.67 -15.94 -16.16
C CYS A 166 12.94 -15.15 -15.83
N ALA A 167 14.07 -15.50 -16.48
CA ALA A 167 15.35 -14.79 -16.34
C ALA A 167 15.26 -13.36 -16.91
N GLU A 168 14.46 -13.17 -18.00
CA GLU A 168 14.23 -11.87 -18.65
C GLU A 168 13.51 -10.94 -17.68
N HIS A 169 12.60 -11.49 -16.85
CA HIS A 169 11.88 -10.75 -15.79
C HIS A 169 12.77 -10.55 -14.54
N GLY A 170 14.00 -11.05 -14.59
CA GLY A 170 14.97 -10.92 -13.50
C GLY A 170 14.60 -11.71 -12.25
N LEU A 171 13.88 -12.84 -12.43
CA LEU A 171 13.44 -13.66 -11.30
C LEU A 171 14.61 -14.52 -10.74
N ASP A 172 14.44 -15.10 -9.57
CA ASP A 172 15.49 -15.79 -8.83
C ASP A 172 15.63 -17.28 -9.12
N GLU A 173 14.51 -18.00 -9.22
CA GLU A 173 14.60 -19.45 -9.41
C GLU A 173 13.37 -19.98 -10.10
N VAL A 174 13.53 -21.08 -10.84
CA VAL A 174 12.46 -21.85 -11.43
C VAL A 174 12.55 -23.24 -10.79
N VAL A 175 11.49 -23.69 -10.14
CA VAL A 175 11.49 -25.02 -9.51
C VAL A 175 10.52 -25.90 -10.31
N ILE A 176 11.05 -27.01 -10.84
CA ILE A 176 10.29 -27.94 -11.66
C ILE A 176 9.83 -29.17 -10.87
N ALA A 177 8.58 -29.61 -11.16
CA ALA A 177 8.04 -30.92 -10.76
C ALA A 177 7.48 -31.52 -12.01
N MET A 178 7.75 -32.82 -12.23
CA MET A 178 7.28 -33.47 -13.45
C MET A 178 7.17 -34.96 -13.23
N PRO A 179 6.38 -35.69 -14.11
CA PRO A 179 6.35 -37.15 -14.02
C PRO A 179 7.54 -37.76 -14.79
N HIS A 180 7.33 -38.95 -15.36
CA HIS A 180 8.31 -39.80 -16.07
C HIS A 180 8.60 -39.41 -17.53
N ARG A 181 7.61 -38.90 -18.30
CA ARG A 181 7.76 -38.62 -19.73
C ARG A 181 8.86 -37.59 -20.02
N GLY A 182 9.97 -38.05 -20.58
CA GLY A 182 11.11 -37.23 -20.94
C GLY A 182 11.88 -36.71 -19.74
N ARG A 183 11.71 -37.35 -18.59
CA ARG A 183 12.33 -36.94 -17.33
C ARG A 183 13.84 -36.97 -17.45
N LEU A 184 14.40 -38.03 -18.00
CA LEU A 184 15.85 -38.13 -18.12
C LEU A 184 16.38 -37.08 -19.10
N ASN A 185 15.59 -36.77 -20.13
CA ASN A 185 15.90 -35.74 -21.12
C ASN A 185 15.92 -34.37 -20.46
N VAL A 186 14.90 -34.03 -19.64
CA VAL A 186 14.84 -32.74 -18.93
C VAL A 186 16.03 -32.60 -17.97
N LEU A 187 16.33 -33.65 -17.21
CA LEU A 187 17.45 -33.62 -16.27
C LEU A 187 18.77 -33.27 -16.98
N ALA A 188 19.05 -33.95 -18.10
CA ALA A 188 20.30 -33.70 -18.82
C ALA A 188 20.27 -32.40 -19.64
N ASN A 189 19.16 -32.13 -20.35
CA ASN A 189 19.10 -31.05 -21.32
C ASN A 189 18.49 -29.74 -20.83
N ILE A 190 17.89 -29.73 -19.64
CA ILE A 190 17.31 -28.49 -19.08
C ILE A 190 17.98 -28.15 -17.73
N VAL A 191 18.10 -29.12 -16.81
CA VAL A 191 18.65 -28.88 -15.45
C VAL A 191 20.19 -29.02 -15.42
N GLY A 192 20.76 -29.84 -16.29
CA GLY A 192 22.20 -30.02 -16.33
C GLY A 192 22.79 -31.13 -15.48
N LYS A 193 21.99 -32.19 -15.17
CA LYS A 193 22.48 -33.39 -14.47
C LYS A 193 23.52 -34.03 -15.38
N PRO A 194 24.77 -34.27 -14.91
CA PRO A 194 25.79 -34.77 -15.85
C PRO A 194 25.36 -36.03 -16.57
N TYR A 195 25.65 -36.09 -17.89
CA TYR A 195 25.38 -37.27 -18.73
C TYR A 195 26.00 -38.51 -18.14
N SER A 196 27.23 -38.37 -17.60
CA SER A 196 27.98 -39.43 -16.95
C SER A 196 27.19 -40.06 -15.81
N GLN A 197 26.50 -39.24 -15.00
CA GLN A 197 25.69 -39.73 -13.88
C GLN A 197 24.47 -40.51 -14.38
N ILE A 198 23.85 -40.09 -15.52
CA ILE A 198 22.68 -40.79 -16.07
C ILE A 198 23.16 -42.13 -16.64
N PHE A 199 24.32 -42.14 -17.33
CA PHE A 199 24.85 -43.40 -17.85
C PHE A 199 25.29 -44.32 -16.69
N SER A 200 25.75 -43.78 -15.55
CA SER A 200 26.13 -44.61 -14.38
C SER A 200 24.90 -45.35 -13.78
N GLU A 201 23.70 -44.70 -13.78
CA GLU A 201 22.45 -45.33 -13.31
C GLU A 201 22.06 -46.50 -14.24
N PHE A 202 22.10 -46.30 -15.58
CA PHE A 202 21.79 -47.33 -16.58
C PHE A 202 22.72 -48.52 -16.43
N GLU A 203 24.04 -48.27 -16.23
CA GLU A 203 25.05 -49.32 -16.04
C GLU A 203 24.81 -50.12 -14.75
N GLY A 204 24.18 -49.49 -13.77
CA GLY A 204 23.95 -50.07 -12.46
C GLY A 204 25.24 -50.09 -11.64
N ASN A 205 26.11 -49.07 -11.85
CA ASN A 205 27.41 -48.90 -11.19
C ASN A 205 27.35 -47.63 -10.37
N LEU A 206 26.92 -47.77 -9.12
CA LEU A 206 26.71 -46.64 -8.24
C LEU A 206 27.80 -46.52 -7.20
N ASN A 207 28.38 -45.32 -7.08
CA ASN A 207 29.42 -45.02 -6.08
C ASN A 207 28.75 -44.96 -4.67
N PRO A 208 29.49 -44.87 -3.53
CA PRO A 208 28.81 -44.89 -2.21
C PRO A 208 27.78 -43.78 -2.01
N SER A 209 28.02 -42.57 -2.58
CA SER A 209 27.07 -41.46 -2.45
C SER A 209 25.78 -41.75 -3.19
N GLN A 210 25.89 -42.29 -4.41
CA GLN A 210 24.76 -42.65 -5.26
C GLN A 210 23.95 -43.80 -4.65
N ALA A 211 24.64 -44.75 -4.01
CA ALA A 211 24.03 -45.96 -3.43
C ALA A 211 23.59 -45.78 -1.95
N HIS A 212 23.55 -44.53 -1.42
CA HIS A 212 23.12 -44.27 -0.03
C HIS A 212 21.59 -44.49 0.12
N GLY A 213 21.16 -44.90 1.32
CA GLY A 213 19.76 -45.18 1.62
C GLY A 213 19.22 -46.34 0.81
N SER A 214 17.88 -46.44 0.65
CA SER A 214 17.27 -47.52 -0.15
C SER A 214 17.12 -47.08 -1.64
N GLY A 215 17.04 -45.78 -1.88
CA GLY A 215 17.03 -45.21 -3.24
C GLY A 215 15.75 -45.32 -4.05
N ASP A 216 15.81 -44.86 -5.31
CA ASP A 216 14.63 -44.94 -6.18
C ASP A 216 15.09 -45.08 -7.63
N VAL A 217 14.11 -45.29 -8.55
CA VAL A 217 14.33 -45.45 -10.00
C VAL A 217 14.84 -44.13 -10.61
N LYS A 218 15.59 -44.24 -11.73
CA LYS A 218 16.28 -43.10 -12.39
C LYS A 218 15.33 -41.96 -12.84
N TYR A 219 14.09 -42.28 -13.22
CA TYR A 219 13.13 -41.31 -13.72
C TYR A 219 12.33 -40.64 -12.56
N HIS A 220 12.84 -40.77 -11.31
CA HIS A 220 12.23 -40.11 -10.15
C HIS A 220 13.17 -39.14 -9.49
N LEU A 221 14.40 -39.03 -9.99
CA LEU A 221 15.40 -38.21 -9.30
C LEU A 221 15.34 -36.69 -9.67
N GLY A 222 15.94 -35.89 -8.79
CA GLY A 222 16.02 -34.45 -8.92
C GLY A 222 17.41 -33.95 -9.25
N ALA A 223 17.56 -32.63 -9.39
CA ALA A 223 18.84 -31.98 -9.73
C ALA A 223 18.71 -30.47 -9.60
N THR A 224 19.86 -29.76 -9.51
CA THR A 224 19.87 -28.30 -9.46
C THR A 224 21.05 -27.77 -10.28
N GLY A 225 20.88 -26.55 -10.81
CA GLY A 225 21.91 -25.88 -11.59
C GLY A 225 21.58 -24.43 -11.81
N THR A 226 22.44 -23.73 -12.53
CA THR A 226 22.28 -22.31 -12.88
C THR A 226 22.10 -22.20 -14.39
N TYR A 227 20.99 -21.59 -14.79
CA TYR A 227 20.67 -21.36 -16.19
C TYR A 227 21.23 -19.99 -16.58
N ILE A 228 22.03 -19.95 -17.66
CA ILE A 228 22.61 -18.68 -18.13
C ILE A 228 21.93 -18.34 -19.45
N GLN A 229 21.33 -17.14 -19.56
CA GLN A 229 20.66 -16.70 -20.79
C GLN A 229 21.61 -16.72 -21.99
N MET A 230 21.12 -17.25 -23.10
CA MET A 230 21.86 -17.36 -24.35
C MET A 230 22.04 -15.98 -24.99
N PHE A 231 20.98 -15.15 -25.00
CA PHE A 231 21.01 -13.84 -25.65
C PHE A 231 20.94 -12.67 -24.64
N GLY A 232 20.31 -12.89 -23.49
CA GLY A 232 20.19 -11.91 -22.42
C GLY A 232 21.38 -11.90 -21.49
N ASP A 233 21.35 -11.05 -20.45
CA ASP A 233 22.48 -10.89 -19.53
C ASP A 233 22.22 -11.44 -18.13
N ASN A 234 21.12 -12.17 -17.95
CA ASN A 234 20.77 -12.69 -16.64
C ASN A 234 20.97 -14.18 -16.52
N ASP A 235 21.01 -14.64 -15.26
CA ASP A 235 21.06 -16.04 -14.91
C ASP A 235 19.96 -16.28 -13.89
N ILE A 236 19.53 -17.53 -13.78
CA ILE A 236 18.46 -17.92 -12.88
C ILE A 236 18.72 -19.34 -12.41
N GLU A 237 18.38 -19.65 -11.15
CA GLU A 237 18.55 -21.00 -10.62
C GLU A 237 17.44 -21.89 -11.14
N VAL A 238 17.76 -23.15 -11.42
CA VAL A 238 16.81 -24.15 -11.91
C VAL A 238 16.98 -25.40 -11.07
N SER A 239 15.89 -25.83 -10.45
CA SER A 239 15.83 -27.02 -9.59
C SER A 239 14.75 -27.91 -10.12
N LEU A 240 14.87 -29.22 -9.89
CA LEU A 240 13.88 -30.23 -10.23
C LEU A 240 13.75 -31.12 -9.02
N THR A 241 12.57 -31.17 -8.39
CA THR A 241 12.35 -31.94 -7.17
C THR A 241 12.08 -33.44 -7.46
N ALA A 242 12.35 -34.31 -6.47
CA ALA A 242 12.16 -35.75 -6.57
C ALA A 242 10.68 -36.09 -6.43
N ASN A 243 10.27 -37.29 -6.90
CA ASN A 243 8.88 -37.66 -6.76
C ASN A 243 8.68 -39.18 -6.79
N PRO A 244 7.53 -39.69 -6.31
CA PRO A 244 7.27 -41.12 -6.42
C PRO A 244 6.62 -41.42 -7.77
N SER A 245 6.26 -42.69 -8.01
CA SER A 245 5.56 -43.09 -9.23
C SER A 245 4.17 -42.47 -9.27
N HIS A 246 3.54 -42.27 -8.10
CA HIS A 246 2.17 -41.69 -7.93
C HIS A 246 2.06 -40.37 -8.67
N LEU A 247 1.44 -40.44 -9.85
CA LEU A 247 1.32 -39.31 -10.76
C LEU A 247 0.51 -38.21 -10.12
N GLU A 248 1.03 -36.98 -10.23
CA GLU A 248 0.48 -35.70 -9.75
C GLU A 248 0.63 -35.54 -8.23
N ALA A 249 1.09 -36.57 -7.46
CA ALA A 249 1.16 -36.47 -5.99
C ALA A 249 2.16 -35.36 -5.55
N VAL A 250 3.17 -35.11 -6.40
CA VAL A 250 4.21 -34.09 -6.15
C VAL A 250 3.66 -32.65 -6.35
N ASP A 251 2.51 -32.50 -7.02
CA ASP A 251 1.97 -31.17 -7.34
C ASP A 251 1.87 -30.25 -6.11
N PRO A 252 1.18 -30.64 -4.99
CA PRO A 252 1.11 -29.75 -3.82
C PRO A 252 2.47 -29.57 -3.16
N VAL A 253 3.34 -30.62 -3.27
CA VAL A 253 4.70 -30.62 -2.69
C VAL A 253 5.50 -29.52 -3.36
N LEU A 254 5.42 -29.43 -4.72
CA LEU A 254 6.09 -28.37 -5.48
C LEU A 254 5.65 -26.97 -4.96
N GLU A 255 4.34 -26.78 -4.84
CA GLU A 255 3.76 -25.52 -4.37
C GLU A 255 4.30 -25.13 -3.00
N GLY A 256 4.33 -26.09 -2.06
CA GLY A 256 4.82 -25.79 -0.71
C GLY A 256 6.28 -25.43 -0.70
N LEU A 257 7.08 -26.15 -1.50
CA LEU A 257 8.52 -25.99 -1.66
C LEU A 257 8.81 -24.58 -2.19
N VAL A 258 8.11 -24.16 -3.27
CA VAL A 258 8.22 -22.81 -3.84
C VAL A 258 7.76 -21.73 -2.81
N ARG A 259 6.64 -21.96 -2.12
CA ARG A 259 6.15 -20.96 -1.15
C ARG A 259 7.19 -20.72 -0.03
N ALA A 260 7.85 -21.79 0.46
CA ALA A 260 8.86 -21.67 1.49
C ALA A 260 10.06 -20.86 1.00
N LYS A 261 10.47 -21.06 -0.28
CA LYS A 261 11.59 -20.32 -0.88
C LYS A 261 11.24 -18.85 -1.07
N GLN A 262 9.96 -18.56 -1.42
CA GLN A 262 9.46 -17.19 -1.57
C GLN A 262 9.46 -16.45 -0.22
N ASP A 263 8.92 -17.08 0.85
CA ASP A 263 8.89 -16.49 2.19
C ASP A 263 10.34 -16.13 2.63
N LEU A 264 11.33 -17.03 2.36
CA LEU A 264 12.75 -16.83 2.67
C LEU A 264 13.38 -15.66 1.91
N LEU A 265 12.96 -15.46 0.65
CA LEU A 265 13.47 -14.39 -0.22
C LEU A 265 12.72 -13.08 -0.01
N ASP A 266 11.70 -13.05 0.89
CA ASP A 266 10.85 -11.89 1.20
C ASP A 266 10.17 -11.41 -0.10
N THR A 267 9.70 -12.37 -0.91
CA THR A 267 9.02 -12.11 -2.18
C THR A 267 7.59 -12.71 -2.13
N GLY A 268 6.67 -12.08 -2.83
CA GLY A 268 5.31 -12.56 -2.91
C GLY A 268 4.39 -12.15 -1.78
N GLU A 269 3.56 -13.11 -1.30
CA GLU A 269 2.51 -12.92 -0.29
C GLU A 269 3.08 -12.50 1.08
N GLU A 270 4.07 -13.24 1.61
CA GLU A 270 4.69 -12.95 2.91
C GLU A 270 6.05 -12.23 2.71
N GLY A 271 6.12 -11.42 1.67
CA GLY A 271 7.30 -10.64 1.33
C GLY A 271 7.09 -9.16 1.21
N SER A 272 8.17 -8.41 0.86
CA SER A 272 8.15 -6.94 0.71
C SER A 272 7.91 -6.52 -0.75
N ASP A 273 8.24 -7.41 -1.72
CA ASP A 273 8.02 -7.17 -3.16
C ASP A 273 6.98 -8.18 -3.68
N ASN A 274 6.27 -7.83 -4.77
CA ASN A 274 5.22 -8.71 -5.28
C ASN A 274 5.66 -9.41 -6.56
N ARG A 275 6.96 -9.72 -6.65
CA ARG A 275 7.53 -10.38 -7.82
C ARG A 275 7.24 -11.88 -7.81
N PHE A 276 7.06 -12.53 -6.62
CA PHE A 276 6.87 -14.00 -6.48
C PHE A 276 7.99 -14.63 -7.34
N SER A 277 9.23 -14.22 -7.03
CA SER A 277 10.41 -14.44 -7.84
C SER A 277 10.91 -15.90 -7.85
N VAL A 278 10.17 -16.84 -7.24
CA VAL A 278 10.45 -18.27 -7.34
C VAL A 278 9.24 -18.83 -8.09
N VAL A 279 9.47 -19.40 -9.27
CA VAL A 279 8.42 -19.86 -10.19
C VAL A 279 8.24 -21.37 -10.20
N PRO A 280 7.02 -21.84 -9.92
CA PRO A 280 6.75 -23.27 -10.09
C PRO A 280 6.48 -23.57 -11.57
N LEU A 281 7.17 -24.56 -12.11
CA LEU A 281 6.98 -25.05 -13.49
C LEU A 281 6.55 -26.48 -13.32
N MET A 282 5.28 -26.75 -13.56
CA MET A 282 4.72 -28.06 -13.25
C MET A 282 4.33 -28.83 -14.50
N LEU A 283 4.98 -29.98 -14.74
CA LEU A 283 4.66 -30.79 -15.93
C LEU A 283 3.70 -31.92 -15.57
N HIS A 284 2.89 -32.34 -16.55
CA HIS A 284 1.88 -33.36 -16.38
C HIS A 284 1.74 -34.21 -17.63
N GLY A 285 1.15 -35.40 -17.47
CA GLY A 285 0.77 -36.27 -18.57
C GLY A 285 -0.72 -36.05 -18.76
N ASP A 286 -1.26 -36.28 -19.97
CA ASP A 286 -2.68 -36.03 -20.28
C ASP A 286 -3.67 -36.90 -19.47
N ALA A 287 -3.44 -38.22 -19.35
CA ALA A 287 -4.42 -39.07 -18.63
C ALA A 287 -4.40 -38.76 -17.13
N ALA A 288 -3.19 -38.52 -16.55
CA ALA A 288 -3.07 -38.22 -15.13
C ALA A 288 -3.68 -36.85 -14.76
N PHE A 289 -3.51 -35.83 -15.61
CA PHE A 289 -4.01 -34.48 -15.33
C PHE A 289 -5.54 -34.45 -15.22
N ALA A 290 -6.23 -35.26 -16.02
CA ALA A 290 -7.70 -35.35 -16.00
C ALA A 290 -8.23 -36.28 -14.90
N GLY A 291 -7.49 -37.35 -14.61
CA GLY A 291 -7.94 -38.36 -13.66
C GLY A 291 -7.60 -38.24 -12.18
N GLN A 292 -6.52 -37.55 -11.83
CA GLN A 292 -6.07 -37.46 -10.42
C GLN A 292 -6.65 -36.21 -9.69
N GLY A 293 -7.44 -36.46 -8.63
CA GLY A 293 -8.08 -35.43 -7.83
C GLY A 293 -7.17 -34.42 -7.18
N VAL A 294 -5.92 -34.81 -6.89
CA VAL A 294 -4.95 -33.91 -6.27
C VAL A 294 -4.64 -32.69 -7.22
N VAL A 295 -4.87 -32.85 -8.55
CA VAL A 295 -4.71 -31.76 -9.50
C VAL A 295 -5.68 -30.64 -9.11
N ALA A 296 -6.99 -30.97 -8.96
CA ALA A 296 -8.02 -29.97 -8.57
C ALA A 296 -7.72 -29.35 -7.19
N GLU A 297 -7.27 -30.15 -6.22
CA GLU A 297 -6.97 -29.67 -4.85
C GLU A 297 -5.82 -28.67 -4.83
N THR A 298 -4.83 -28.87 -5.71
CA THR A 298 -3.64 -28.04 -5.82
C THR A 298 -3.99 -26.73 -6.56
N LEU A 299 -4.79 -26.81 -7.64
CA LEU A 299 -5.28 -25.64 -8.38
C LEU A 299 -6.09 -24.76 -7.45
N ASN A 300 -6.86 -25.39 -6.55
CA ASN A 300 -7.71 -24.73 -5.54
C ASN A 300 -6.90 -23.85 -4.56
N LEU A 301 -5.59 -24.14 -4.39
CA LEU A 301 -4.70 -23.37 -3.50
C LEU A 301 -4.11 -22.12 -4.17
N ALA A 302 -4.14 -22.07 -5.52
CA ALA A 302 -3.45 -21.09 -6.37
C ALA A 302 -3.60 -19.60 -5.98
N LEU A 303 -4.76 -19.17 -5.45
CA LEU A 303 -4.91 -17.76 -5.07
C LEU A 303 -5.17 -17.60 -3.55
N LEU A 304 -5.03 -18.69 -2.76
CA LEU A 304 -5.26 -18.61 -1.31
C LEU A 304 -4.10 -17.87 -0.62
N ARG A 305 -4.41 -17.00 0.31
CA ARG A 305 -3.42 -16.25 1.08
C ARG A 305 -2.31 -17.16 1.69
N GLY A 306 -2.70 -18.30 2.28
CA GLY A 306 -1.75 -19.19 2.92
C GLY A 306 -0.96 -20.10 2.00
N TYR A 307 -1.34 -20.19 0.71
CA TYR A 307 -0.76 -21.17 -0.21
C TYR A 307 -0.30 -20.64 -1.56
N ARG A 308 -0.79 -19.46 -2.01
CA ARG A 308 -0.45 -18.92 -3.33
C ARG A 308 1.08 -18.80 -3.55
N THR A 309 1.51 -19.00 -4.80
CA THR A 309 2.93 -18.90 -5.18
C THR A 309 3.09 -17.91 -6.35
N GLY A 310 2.04 -17.11 -6.58
CA GLY A 310 1.99 -16.11 -7.64
C GLY A 310 1.77 -16.68 -9.02
N GLY A 311 1.15 -17.87 -9.10
CA GLY A 311 0.87 -18.52 -10.36
C GLY A 311 1.89 -19.57 -10.78
N THR A 312 1.38 -20.73 -11.17
CA THR A 312 2.16 -21.87 -11.65
C THR A 312 2.07 -21.94 -13.17
N ILE A 313 3.21 -22.24 -13.81
CA ILE A 313 3.25 -22.48 -15.25
C ILE A 313 3.05 -23.97 -15.43
N HIS A 314 1.93 -24.37 -16.04
CA HIS A 314 1.66 -25.78 -16.27
C HIS A 314 1.94 -26.16 -17.73
N ILE A 315 2.60 -27.29 -17.92
CA ILE A 315 2.83 -27.89 -19.24
C ILE A 315 2.27 -29.31 -19.19
N VAL A 316 1.27 -29.62 -20.04
CA VAL A 316 0.74 -30.97 -20.19
C VAL A 316 1.37 -31.55 -21.46
N VAL A 317 2.16 -32.63 -21.30
CA VAL A 317 2.75 -33.35 -22.44
C VAL A 317 1.61 -34.24 -22.94
N ASN A 318 0.77 -33.67 -23.79
CA ASN A 318 -0.45 -34.35 -24.25
C ASN A 318 -0.16 -35.21 -25.49
N ASN A 319 0.36 -36.43 -25.25
CA ASN A 319 0.69 -37.39 -26.33
C ASN A 319 -0.56 -38.23 -26.71
N GLN A 320 -1.73 -37.79 -26.28
CA GLN A 320 -3.07 -38.30 -26.64
C GLN A 320 -3.24 -39.81 -26.38
N ILE A 321 -2.62 -40.30 -25.32
CA ILE A 321 -2.66 -41.69 -24.84
C ILE A 321 -2.17 -41.75 -23.40
N GLY A 322 -2.69 -42.73 -22.66
CA GLY A 322 -2.28 -43.05 -21.29
C GLY A 322 -1.99 -44.55 -21.30
N PHE A 323 -0.74 -44.96 -21.56
CA PHE A 323 -0.35 -46.38 -21.64
C PHE A 323 -1.07 -47.04 -22.81
N THR A 324 -2.15 -47.84 -22.55
CA THR A 324 -2.94 -48.45 -23.63
C THR A 324 -4.30 -47.80 -23.72
N THR A 325 -4.55 -46.79 -22.87
CA THR A 325 -5.88 -46.23 -22.79
C THR A 325 -6.04 -45.00 -23.70
N ALA A 326 -7.12 -45.00 -24.49
CA ALA A 326 -7.45 -43.88 -25.37
C ALA A 326 -8.06 -42.71 -24.55
N PRO A 327 -7.87 -41.43 -24.97
CA PRO A 327 -8.45 -40.28 -24.22
C PRO A 327 -9.95 -40.39 -23.94
N THR A 328 -10.72 -41.02 -24.84
CA THR A 328 -12.19 -41.16 -24.67
C THR A 328 -12.54 -41.97 -23.40
N ASP A 329 -11.60 -42.80 -22.89
CA ASP A 329 -11.80 -43.58 -21.67
C ASP A 329 -11.10 -42.94 -20.47
N SER A 330 -10.35 -41.85 -20.69
CA SER A 330 -9.61 -41.19 -19.61
C SER A 330 -10.29 -39.93 -19.06
N ARG A 331 -11.14 -39.25 -19.86
CA ARG A 331 -11.77 -37.99 -19.42
C ARG A 331 -13.18 -37.81 -20.01
N SER A 332 -13.97 -36.94 -19.40
CA SER A 332 -15.35 -36.66 -19.79
C SER A 332 -15.49 -35.25 -20.41
N SER A 333 -14.39 -34.72 -20.90
CA SER A 333 -14.36 -33.39 -21.51
C SER A 333 -13.51 -33.37 -22.74
N GLU A 334 -13.66 -32.29 -23.52
CA GLU A 334 -12.96 -32.07 -24.77
C GLU A 334 -11.46 -32.07 -24.59
N TYR A 335 -10.95 -31.39 -23.54
CA TYR A 335 -9.51 -31.27 -23.33
C TYR A 335 -9.09 -31.86 -22.02
N CYS A 336 -7.84 -32.37 -21.97
CA CYS A 336 -7.27 -32.92 -20.74
C CYS A 336 -7.05 -31.81 -19.68
N THR A 337 -7.06 -30.54 -20.10
CA THR A 337 -6.76 -29.38 -19.26
C THR A 337 -8.01 -28.64 -18.73
N ASP A 338 -9.21 -29.13 -19.03
CA ASP A 338 -10.46 -28.47 -18.66
C ASP A 338 -10.65 -28.29 -17.14
N VAL A 339 -9.94 -29.06 -16.31
CA VAL A 339 -10.00 -28.88 -14.84
C VAL A 339 -9.43 -27.49 -14.45
N ALA A 340 -8.48 -26.94 -15.24
CA ALA A 340 -7.86 -25.65 -14.91
C ALA A 340 -8.86 -24.48 -15.06
N LYS A 341 -10.04 -24.73 -15.68
CA LYS A 341 -11.10 -23.73 -15.80
C LYS A 341 -11.78 -23.48 -14.44
N MET A 342 -11.51 -24.33 -13.45
CA MET A 342 -12.06 -24.17 -12.10
C MET A 342 -11.49 -22.90 -11.42
N ILE A 343 -10.31 -22.42 -11.86
CA ILE A 343 -9.72 -21.21 -11.26
C ILE A 343 -9.59 -20.11 -12.32
N GLY A 344 -10.27 -20.29 -13.46
CA GLY A 344 -10.26 -19.30 -14.54
C GLY A 344 -8.88 -19.07 -15.14
N ALA A 345 -8.07 -20.13 -15.24
CA ALA A 345 -6.74 -20.01 -15.84
C ALA A 345 -6.85 -19.92 -17.36
N PRO A 346 -6.00 -19.13 -18.06
CA PRO A 346 -6.01 -19.20 -19.53
C PRO A 346 -5.36 -20.50 -19.99
N ILE A 347 -5.87 -21.11 -21.05
CA ILE A 347 -5.34 -22.38 -21.55
C ILE A 347 -4.92 -22.18 -22.99
N PHE A 348 -3.69 -22.59 -23.30
CA PHE A 348 -3.13 -22.52 -24.64
C PHE A 348 -2.85 -23.93 -25.15
N HIS A 349 -3.62 -24.37 -26.16
CA HIS A 349 -3.44 -25.68 -26.79
C HIS A 349 -2.50 -25.46 -27.97
N VAL A 350 -1.32 -26.10 -27.97
CA VAL A 350 -0.35 -25.81 -29.02
C VAL A 350 0.10 -27.09 -29.75
N ASN A 351 0.32 -26.95 -31.06
CA ASN A 351 0.82 -28.02 -31.91
C ASN A 351 2.29 -28.25 -31.60
N GLY A 352 2.57 -29.43 -31.06
CA GLY A 352 3.91 -29.89 -30.67
C GLY A 352 4.88 -30.04 -31.82
N ASP A 353 4.40 -29.98 -33.06
CA ASP A 353 5.29 -30.07 -34.21
C ASP A 353 5.72 -28.65 -34.66
N ASP A 354 5.25 -27.60 -33.96
CA ASP A 354 5.63 -26.23 -34.29
C ASP A 354 6.44 -25.70 -33.10
N PRO A 355 7.79 -25.90 -33.09
CA PRO A 355 8.59 -25.44 -31.94
C PRO A 355 8.59 -23.94 -31.69
N GLU A 356 8.46 -23.12 -32.74
CA GLU A 356 8.43 -21.66 -32.60
C GLU A 356 7.15 -21.23 -31.87
N ALA A 357 5.98 -21.82 -32.23
CA ALA A 357 4.71 -21.52 -31.57
C ALA A 357 4.77 -22.00 -30.12
N CYS A 358 5.41 -23.17 -29.88
CA CYS A 358 5.58 -23.75 -28.54
C CYS A 358 6.39 -22.81 -27.65
N ALA A 359 7.51 -22.26 -28.18
CA ALA A 359 8.36 -21.32 -27.44
C ALA A 359 7.65 -19.99 -27.22
N TRP A 360 6.87 -19.52 -28.21
CA TRP A 360 6.12 -18.26 -28.13
C TRP A 360 5.04 -18.33 -27.03
N VAL A 361 4.27 -19.44 -26.97
CA VAL A 361 3.23 -19.63 -25.95
C VAL A 361 3.86 -19.71 -24.54
N ALA A 362 5.03 -20.35 -24.44
CA ALA A 362 5.78 -20.48 -23.18
C ALA A 362 6.15 -19.07 -22.63
N ARG A 363 6.61 -18.16 -23.49
CA ARG A 363 6.98 -16.78 -23.11
C ARG A 363 5.72 -15.96 -22.76
N LEU A 364 4.63 -16.09 -23.54
CA LEU A 364 3.36 -15.42 -23.26
C LEU A 364 2.79 -15.87 -21.89
N ALA A 365 2.88 -17.17 -21.57
CA ALA A 365 2.42 -17.76 -20.30
C ALA A 365 3.16 -17.13 -19.13
N VAL A 366 4.51 -16.99 -19.24
CA VAL A 366 5.33 -16.39 -18.16
C VAL A 366 4.92 -14.92 -18.01
N ASP A 367 4.73 -14.20 -19.14
CA ASP A 367 4.28 -12.81 -19.10
C ASP A 367 2.90 -12.65 -18.41
N PHE A 368 1.95 -13.57 -18.70
CA PHE A 368 0.62 -13.52 -18.05
C PHE A 368 0.75 -13.77 -16.54
N ARG A 369 1.57 -14.77 -16.14
CA ARG A 369 1.83 -15.13 -14.76
C ARG A 369 2.41 -13.92 -14.01
N GLN A 370 3.37 -13.20 -14.63
CA GLN A 370 3.97 -12.01 -14.03
C GLN A 370 2.98 -10.87 -13.89
N ALA A 371 2.06 -10.72 -14.86
CA ALA A 371 1.08 -9.63 -14.84
C ALA A 371 -0.05 -9.87 -13.83
N PHE A 372 -0.56 -11.12 -13.73
CA PHE A 372 -1.74 -11.34 -12.91
C PHE A 372 -1.56 -12.28 -11.71
N LYS A 373 -0.33 -12.85 -11.52
CA LYS A 373 0.04 -13.75 -10.40
C LYS A 373 -0.97 -14.92 -10.30
N LYS A 374 -1.26 -15.50 -11.47
CA LYS A 374 -2.24 -16.57 -11.63
C LYS A 374 -1.69 -17.63 -12.60
N ASP A 375 -2.15 -18.90 -12.39
CA ASP A 375 -1.76 -20.05 -13.20
C ASP A 375 -2.10 -19.89 -14.65
N VAL A 376 -1.24 -20.48 -15.50
CA VAL A 376 -1.39 -20.57 -16.96
C VAL A 376 -1.14 -22.00 -17.36
N VAL A 377 -1.99 -22.53 -18.24
CA VAL A 377 -1.84 -23.92 -18.67
C VAL A 377 -1.52 -24.00 -20.15
N ILE A 378 -0.50 -24.78 -20.46
CA ILE A 378 -0.07 -25.07 -21.82
C ILE A 378 -0.38 -26.53 -22.10
N ASP A 379 -1.27 -26.77 -23.06
CA ASP A 379 -1.59 -28.13 -23.47
C ASP A 379 -0.78 -28.40 -24.73
N MET A 380 0.38 -29.07 -24.61
CA MET A 380 1.19 -29.34 -25.80
C MET A 380 0.75 -30.65 -26.46
N LEU A 381 0.03 -30.56 -27.60
CA LEU A 381 -0.43 -31.73 -28.36
C LEU A 381 0.74 -32.33 -29.13
N CYS A 382 0.97 -33.61 -28.90
CA CYS A 382 2.11 -34.34 -29.45
C CYS A 382 1.74 -35.80 -29.53
N TYR A 383 2.76 -36.68 -29.64
CA TYR A 383 2.52 -38.11 -29.71
C TYR A 383 3.67 -38.85 -28.99
N ARG A 384 3.50 -40.16 -28.80
CA ARG A 384 4.44 -41.04 -28.09
C ARG A 384 5.06 -41.94 -29.14
N ARG A 385 6.28 -41.63 -29.55
CA ARG A 385 6.95 -42.36 -30.66
C ARG A 385 6.99 -43.85 -30.46
N ARG A 386 7.36 -44.27 -29.27
CA ARG A 386 7.50 -45.65 -28.94
C ARG A 386 6.30 -46.10 -28.09
N GLY A 387 6.33 -47.34 -27.59
CA GLY A 387 5.30 -47.81 -26.67
C GLY A 387 5.35 -47.02 -25.39
N HIS A 388 4.41 -47.29 -24.46
CA HIS A 388 4.34 -46.58 -23.18
C HIS A 388 5.70 -46.52 -22.51
N ASN A 389 6.35 -47.70 -22.47
CA ASN A 389 7.72 -47.89 -22.07
C ASN A 389 8.34 -48.58 -23.29
N GLU A 390 9.65 -48.47 -23.46
CA GLU A 390 10.43 -48.97 -24.60
C GLU A 390 10.38 -50.50 -24.81
N GLY A 391 9.87 -51.26 -23.84
CA GLY A 391 9.71 -52.70 -24.01
C GLY A 391 8.29 -53.11 -24.34
N ASP A 392 7.35 -52.13 -24.47
CA ASP A 392 5.91 -52.38 -24.74
C ASP A 392 5.55 -52.18 -26.21
N ASP A 393 4.70 -53.06 -26.79
CA ASP A 393 4.23 -52.96 -28.19
C ASP A 393 2.84 -52.26 -28.21
N PRO A 394 2.77 -50.99 -28.72
CA PRO A 394 1.51 -50.24 -28.62
C PRO A 394 0.53 -50.51 -29.76
N SER A 395 1.01 -51.21 -30.81
CA SER A 395 0.19 -51.56 -31.97
C SER A 395 -0.85 -52.65 -31.64
N MET A 396 -0.65 -53.43 -30.57
CA MET A 396 -1.68 -54.39 -30.16
C MET A 396 -3.02 -53.70 -29.79
N THR A 397 -2.94 -52.51 -29.17
CA THR A 397 -4.14 -51.80 -28.68
C THR A 397 -4.47 -50.50 -29.48
N GLN A 398 -3.44 -49.85 -30.07
CA GLN A 398 -3.63 -48.63 -30.88
C GLN A 398 -3.01 -48.84 -32.31
N PRO A 399 -3.51 -49.81 -33.14
CA PRO A 399 -2.88 -50.04 -34.46
C PRO A 399 -2.99 -48.85 -35.39
N TYR A 400 -4.15 -48.16 -35.40
CA TYR A 400 -4.36 -47.00 -36.27
C TYR A 400 -3.41 -45.85 -35.89
N MET A 401 -3.30 -45.54 -34.60
CA MET A 401 -2.44 -44.48 -34.13
C MET A 401 -0.98 -44.77 -34.52
N TYR A 402 -0.54 -46.02 -34.38
CA TYR A 402 0.86 -46.30 -34.66
C TYR A 402 1.10 -46.44 -36.14
N ASP A 403 0.07 -46.72 -36.96
CA ASP A 403 0.24 -46.71 -38.42
C ASP A 403 0.50 -45.25 -38.91
N VAL A 404 -0.12 -44.24 -38.25
CA VAL A 404 0.04 -42.81 -38.55
C VAL A 404 1.43 -42.33 -38.05
N ILE A 405 1.80 -42.68 -36.78
CA ILE A 405 3.09 -42.28 -36.16
C ILE A 405 4.27 -42.81 -37.01
N ASP A 406 4.15 -44.04 -37.53
CA ASP A 406 5.17 -44.68 -38.38
C ASP A 406 5.50 -43.85 -39.64
N THR A 407 4.48 -43.19 -40.26
CA THR A 407 4.62 -42.35 -41.47
C THR A 407 5.11 -40.90 -41.13
N LYS A 408 5.42 -40.65 -39.86
CA LYS A 408 5.74 -39.32 -39.39
C LYS A 408 7.23 -39.00 -39.22
N ARG A 409 7.64 -37.86 -39.79
CA ARG A 409 8.97 -37.30 -39.60
C ARG A 409 8.92 -36.57 -38.26
N GLY A 410 9.91 -36.76 -37.40
CA GLY A 410 9.92 -36.08 -36.10
C GLY A 410 10.03 -34.57 -36.23
N SER A 411 9.78 -33.84 -35.12
CA SER A 411 9.82 -32.38 -35.12
C SER A 411 11.23 -31.86 -35.47
N ARG A 412 12.31 -32.55 -35.01
CA ARG A 412 13.69 -32.15 -35.27
C ARG A 412 13.96 -32.12 -36.77
N LYS A 413 13.66 -33.22 -37.50
CA LYS A 413 13.88 -33.33 -38.95
C LYS A 413 13.02 -32.31 -39.70
N ALA A 414 11.75 -32.13 -39.28
CA ALA A 414 10.87 -31.15 -39.93
C ALA A 414 11.40 -29.72 -39.75
N TYR A 415 11.89 -29.39 -38.53
CA TYR A 415 12.41 -28.05 -38.22
C TYR A 415 13.72 -27.78 -38.97
N THR A 416 14.57 -28.82 -39.09
CA THR A 416 15.85 -28.75 -39.81
C THR A 416 15.61 -28.39 -41.28
N GLU A 417 14.65 -29.11 -41.92
CA GLU A 417 14.27 -28.92 -43.34
C GLU A 417 13.72 -27.51 -43.60
N ALA A 418 13.01 -26.92 -42.62
CA ALA A 418 12.44 -25.56 -42.70
C ALA A 418 13.57 -24.52 -42.75
N LEU A 419 14.57 -24.67 -41.83
CA LEU A 419 15.76 -23.83 -41.75
C LEU A 419 16.67 -23.98 -43.01
N ILE A 420 16.78 -25.22 -43.57
CA ILE A 420 17.57 -25.48 -44.79
C ILE A 420 16.85 -24.82 -46.00
N GLY A 421 15.52 -24.99 -46.07
CA GLY A 421 14.68 -24.41 -47.11
C GLY A 421 14.77 -22.90 -47.19
N ARG A 422 14.85 -22.24 -46.02
CA ARG A 422 14.98 -20.79 -45.87
C ARG A 422 16.43 -20.34 -46.17
N GLY A 423 17.35 -21.30 -46.28
CA GLY A 423 18.76 -21.06 -46.57
C GLY A 423 19.55 -20.47 -45.41
N ASP A 424 19.08 -20.69 -44.17
CA ASP A 424 19.70 -20.17 -42.95
C ASP A 424 20.89 -21.03 -42.52
N ILE A 425 20.78 -22.34 -42.71
CA ILE A 425 21.83 -23.34 -42.45
C ILE A 425 21.93 -24.24 -43.67
N SER A 426 23.03 -24.98 -43.76
CA SER A 426 23.26 -25.92 -44.86
C SER A 426 22.95 -27.34 -44.40
N MET A 427 22.84 -28.29 -45.36
CA MET A 427 22.60 -29.71 -45.07
C MET A 427 23.80 -30.27 -44.30
N LYS A 428 25.02 -29.92 -44.73
CA LYS A 428 26.29 -30.33 -44.13
C LYS A 428 26.41 -29.84 -42.66
N GLU A 429 26.01 -28.57 -42.35
CA GLU A 429 26.02 -27.99 -41.01
C GLU A 429 25.15 -28.78 -40.03
N ALA A 430 23.91 -29.12 -40.45
CA ALA A 430 22.94 -29.89 -39.67
C ALA A 430 23.44 -31.30 -39.37
N GLU A 431 24.01 -31.99 -40.39
CA GLU A 431 24.57 -33.34 -40.22
C GLU A 431 25.76 -33.29 -39.28
N ASP A 432 26.63 -32.29 -39.42
CA ASP A 432 27.84 -32.10 -38.61
C ASP A 432 27.55 -31.91 -37.12
N ALA A 433 26.54 -31.08 -36.80
CA ALA A 433 26.08 -30.73 -35.45
C ALA A 433 25.49 -31.98 -34.75
N LEU A 434 24.80 -32.85 -35.51
CA LEU A 434 24.22 -34.12 -35.08
C LEU A 434 25.33 -35.11 -34.67
N ARG A 435 26.32 -35.37 -35.58
CA ARG A 435 27.43 -36.28 -35.31
C ARG A 435 28.35 -35.73 -34.21
N ASP A 436 28.43 -34.38 -34.05
CA ASP A 436 29.23 -33.78 -32.98
C ASP A 436 28.64 -34.13 -31.63
N TYR A 437 27.31 -34.02 -31.49
CA TYR A 437 26.59 -34.33 -30.27
C TYR A 437 26.62 -35.85 -30.00
N GLN A 438 26.50 -36.69 -31.05
CA GLN A 438 26.53 -38.16 -30.95
C GLN A 438 27.93 -38.64 -30.52
N GLY A 439 28.96 -38.09 -31.15
CA GLY A 439 30.37 -38.37 -30.84
C GLY A 439 30.71 -38.01 -29.41
N GLN A 440 30.12 -36.89 -28.92
CA GLN A 440 30.25 -36.32 -27.58
C GLN A 440 29.71 -37.30 -26.53
N LEU A 441 28.51 -37.86 -26.79
CA LEU A 441 27.86 -38.83 -25.92
C LEU A 441 28.66 -40.13 -25.83
N GLU A 442 29.19 -40.63 -26.99
CA GLU A 442 29.96 -41.88 -27.07
C GLU A 442 31.17 -41.85 -26.15
N ARG A 443 31.94 -40.71 -26.14
CA ARG A 443 33.13 -40.51 -25.32
C ARG A 443 32.81 -40.53 -23.79
N VAL A 444 31.68 -39.93 -23.41
CA VAL A 444 31.23 -39.91 -22.00
C VAL A 444 30.77 -41.34 -21.63
N PHE A 445 30.01 -41.99 -22.53
CA PHE A 445 29.56 -43.40 -22.39
C PHE A 445 30.73 -44.37 -22.17
N ASN A 446 31.82 -44.23 -22.95
CA ASN A 446 33.00 -45.11 -22.83
C ASN A 446 33.79 -44.83 -21.54
N GLU A 447 33.88 -43.55 -21.12
CA GLU A 447 34.55 -43.16 -19.88
C GLU A 447 33.86 -43.83 -18.68
N VAL A 448 32.51 -43.81 -18.68
CA VAL A 448 31.68 -44.42 -17.61
C VAL A 448 31.86 -45.93 -17.63
N ARG A 449 31.86 -46.55 -18.83
CA ARG A 449 32.02 -48.02 -18.98
C ARG A 449 33.40 -48.50 -18.48
N GLU A 450 34.42 -47.62 -18.51
CA GLU A 450 35.78 -47.95 -18.08
C GLU A 450 35.92 -47.97 -16.54
N LEU A 451 34.98 -47.37 -15.80
CA LEU A 451 35.03 -47.27 -14.34
C LEU A 451 35.00 -48.63 -13.65
N GLU A 452 35.86 -48.79 -12.60
CA GLU A 452 35.90 -49.99 -11.76
C GLU A 452 34.54 -50.17 -11.10
N LYS A 453 33.99 -51.39 -11.14
CA LYS A 453 32.67 -51.74 -10.61
C LYS A 453 32.62 -51.73 -9.08
N HIS A 454 31.72 -50.89 -8.51
CA HIS A 454 31.49 -50.86 -7.05
C HIS A 454 30.79 -52.15 -6.67
N GLU A 455 31.08 -52.66 -5.46
CA GLU A 455 30.45 -53.87 -4.97
C GLU A 455 28.99 -53.58 -4.68
N ILE A 456 28.12 -54.54 -4.98
CA ILE A 456 26.67 -54.40 -4.78
C ILE A 456 26.36 -55.03 -3.42
N GLU A 457 25.78 -54.22 -2.52
CA GLU A 457 25.45 -54.60 -1.15
C GLU A 457 23.97 -54.40 -0.85
N PRO A 458 23.39 -55.11 0.14
CA PRO A 458 22.00 -54.83 0.53
C PRO A 458 21.89 -53.36 1.01
N SER A 459 20.77 -52.67 0.74
CA SER A 459 20.57 -51.29 1.21
C SER A 459 20.64 -51.23 2.74
N GLU A 460 21.09 -50.09 3.29
CA GLU A 460 21.22 -49.98 4.73
C GLU A 460 20.33 -48.87 5.25
N SER A 461 19.91 -49.02 6.51
CA SER A 461 19.08 -48.05 7.22
C SER A 461 19.78 -46.68 7.29
N VAL A 462 18.98 -45.61 7.15
CA VAL A 462 19.44 -44.19 7.20
C VAL A 462 19.39 -43.66 8.67
N GLU A 463 18.98 -44.49 9.64
CA GLU A 463 18.80 -44.06 11.04
C GLU A 463 19.97 -43.21 11.58
N ALA A 464 21.21 -43.70 11.46
CA ALA A 464 22.41 -43.02 12.01
C ALA A 464 22.84 -41.75 11.24
N ASP A 465 22.20 -41.45 10.09
CA ASP A 465 22.56 -40.26 9.31
C ASP A 465 22.26 -38.97 10.06
N GLN A 466 21.24 -38.99 10.91
CA GLN A 466 20.81 -37.84 11.69
C GLN A 466 20.67 -38.22 13.13
N GLN A 467 21.43 -37.53 14.00
CA GLN A 467 21.43 -37.76 15.43
C GLN A 467 21.24 -36.43 16.18
N ILE A 468 20.60 -36.50 17.36
CA ILE A 468 20.33 -35.36 18.24
C ILE A 468 21.62 -34.78 18.83
N LYS A 471 23.88 -32.49 23.98
CA LYS A 471 22.79 -32.20 24.92
C LYS A 471 21.98 -30.99 24.46
N LEU A 472 20.67 -31.19 24.24
CA LEU A 472 19.77 -30.13 23.79
C LEU A 472 18.81 -29.70 24.90
N ALA A 473 18.94 -28.46 25.37
CA ALA A 473 18.05 -27.95 26.41
C ALA A 473 16.87 -27.25 25.76
N THR A 474 15.66 -27.51 26.27
CA THR A 474 14.42 -26.97 25.73
C THR A 474 13.67 -26.13 26.77
N ALA A 475 14.12 -26.14 28.04
CA ALA A 475 13.53 -25.33 29.10
C ALA A 475 13.73 -23.84 28.79
N VAL A 476 12.76 -23.00 29.18
CA VAL A 476 12.83 -21.54 28.97
C VAL A 476 12.81 -20.91 30.37
N ASP A 477 12.88 -19.58 30.48
CA ASP A 477 12.84 -19.01 31.82
C ASP A 477 11.44 -18.48 32.11
N LYS A 478 11.18 -18.07 33.37
CA LYS A 478 9.91 -17.50 33.80
C LYS A 478 9.55 -16.26 32.98
N ALA A 479 10.56 -15.41 32.69
CA ALA A 479 10.37 -14.16 31.90
C ALA A 479 9.80 -14.47 30.50
N MET A 480 10.23 -15.58 29.88
CA MET A 480 9.68 -16.00 28.59
C MET A 480 8.19 -16.40 28.69
N LEU A 481 7.84 -17.21 29.70
CA LEU A 481 6.44 -17.64 29.92
C LEU A 481 5.55 -16.41 30.13
N GLN A 482 6.00 -15.48 30.98
CA GLN A 482 5.31 -14.25 31.34
C GLN A 482 5.10 -13.35 30.14
N ARG A 483 6.12 -13.22 29.29
CA ARG A 483 6.07 -12.43 28.06
C ARG A 483 4.97 -12.96 27.10
N ILE A 484 4.87 -14.30 26.95
CA ILE A 484 3.89 -14.93 26.05
C ILE A 484 2.49 -14.77 26.65
N GLY A 485 2.39 -14.85 27.97
CA GLY A 485 1.14 -14.62 28.71
C GLY A 485 0.65 -13.20 28.52
N ASP A 486 1.54 -12.21 28.75
CA ASP A 486 1.24 -10.78 28.62
C ASP A 486 0.86 -10.37 27.20
N ALA A 487 1.46 -11.04 26.18
CA ALA A 487 1.17 -10.80 24.76
C ALA A 487 -0.32 -10.97 24.44
N HIS A 488 -0.99 -11.91 25.14
CA HIS A 488 -2.42 -12.19 24.98
C HIS A 488 -3.29 -11.02 25.47
N LEU A 489 -2.75 -10.11 26.28
CA LEU A 489 -3.47 -8.95 26.78
C LEU A 489 -2.95 -7.62 26.22
N ALA A 490 -1.88 -7.66 25.38
CA ALA A 490 -1.31 -6.46 24.77
C ALA A 490 -2.09 -6.15 23.48
N LEU A 491 -3.39 -5.94 23.64
CA LEU A 491 -4.34 -5.72 22.56
C LEU A 491 -4.14 -4.37 21.86
N PRO A 492 -4.37 -4.30 20.52
CA PRO A 492 -4.28 -3.01 19.83
C PRO A 492 -5.27 -2.01 20.42
N GLU A 493 -5.01 -0.70 20.24
CA GLU A 493 -5.87 0.38 20.76
C GLU A 493 -7.31 0.25 20.21
N GLY A 494 -8.29 0.34 21.12
CA GLY A 494 -9.72 0.24 20.85
C GLY A 494 -10.26 -1.14 20.48
N PHE A 495 -9.44 -2.21 20.60
CA PHE A 495 -9.83 -3.57 20.18
C PHE A 495 -10.96 -4.15 21.04
N THR A 496 -12.01 -4.62 20.37
CA THR A 496 -13.12 -5.21 21.08
C THR A 496 -12.96 -6.72 21.03
N VAL A 497 -12.66 -7.31 22.17
CA VAL A 497 -12.52 -8.76 22.25
C VAL A 497 -13.90 -9.37 22.43
N HIS A 498 -14.16 -10.49 21.76
CA HIS A 498 -15.41 -11.23 21.94
C HIS A 498 -15.54 -11.60 23.46
N PRO A 499 -16.75 -11.47 24.07
CA PRO A 499 -16.89 -11.72 25.52
C PRO A 499 -16.56 -13.16 25.97
N ARG A 500 -16.65 -14.15 25.08
CA ARG A 500 -16.33 -15.56 25.38
C ARG A 500 -14.83 -15.89 25.05
N VAL A 501 -14.13 -14.93 24.42
CA VAL A 501 -12.70 -15.09 24.07
C VAL A 501 -11.87 -14.42 25.14
N ARG A 502 -12.33 -13.27 25.70
CA ARG A 502 -11.64 -12.52 26.75
C ARG A 502 -11.17 -13.42 27.91
N PRO A 503 -11.97 -14.36 28.50
CA PRO A 503 -11.44 -15.16 29.62
C PRO A 503 -10.24 -16.01 29.24
N VAL A 504 -10.13 -16.44 27.95
CA VAL A 504 -9.01 -17.26 27.45
C VAL A 504 -7.70 -16.43 27.55
N LEU A 505 -7.74 -15.17 27.07
CA LEU A 505 -6.59 -14.24 27.14
C LEU A 505 -6.16 -13.97 28.58
N GLU A 506 -7.14 -13.74 29.47
CA GLU A 506 -6.89 -13.43 30.88
C GLU A 506 -6.38 -14.66 31.63
N LYS A 507 -6.96 -15.85 31.37
CA LYS A 507 -6.51 -17.11 32.00
C LYS A 507 -5.06 -17.44 31.56
N ARG A 508 -4.67 -17.10 30.31
CA ARG A 508 -3.31 -17.35 29.80
C ARG A 508 -2.30 -16.48 30.52
N ARG A 509 -2.64 -15.19 30.80
CA ARG A 509 -1.74 -14.33 31.54
C ARG A 509 -1.56 -14.90 32.95
N GLU A 510 -2.66 -15.41 33.56
CA GLU A 510 -2.70 -16.01 34.88
C GLU A 510 -1.85 -17.30 34.92
N MET A 511 -2.00 -18.17 33.92
CA MET A 511 -1.24 -19.43 33.82
C MET A 511 0.25 -19.18 33.72
N ALA A 512 0.66 -18.16 32.94
CA ALA A 512 2.06 -17.79 32.71
C ALA A 512 2.77 -17.39 34.01
N TYR A 513 2.04 -16.77 34.95
CA TYR A 513 2.57 -16.30 36.24
C TYR A 513 2.27 -17.22 37.43
N GLU A 514 1.22 -18.06 37.34
CA GLU A 514 0.84 -18.87 38.50
C GLU A 514 0.81 -20.37 38.28
N GLY A 515 0.91 -20.83 37.03
CA GLY A 515 0.92 -22.26 36.75
C GLY A 515 -0.43 -22.81 36.32
N ARG A 516 -0.62 -24.15 36.47
CA ARG A 516 -1.81 -24.88 36.02
C ARG A 516 -2.00 -24.58 34.51
N ILE A 517 -0.89 -24.67 33.77
CA ILE A 517 -0.86 -24.42 32.32
C ILE A 517 -1.53 -25.59 31.59
N ASP A 518 -2.57 -25.29 30.77
CA ASP A 518 -3.29 -26.32 30.00
C ASP A 518 -2.56 -26.60 28.67
N TRP A 519 -3.00 -27.63 27.93
CA TRP A 519 -2.40 -28.06 26.66
C TRP A 519 -2.35 -26.95 25.62
N ALA A 520 -3.50 -26.28 25.37
CA ALA A 520 -3.60 -25.22 24.36
C ALA A 520 -2.58 -24.11 24.61
N PHE A 521 -2.43 -23.68 25.85
CA PHE A 521 -1.44 -22.63 26.17
C PHE A 521 -0.01 -23.17 26.07
N ALA A 522 0.25 -24.40 26.52
CA ALA A 522 1.59 -25.02 26.41
C ALA A 522 2.06 -25.07 24.95
N GLU A 523 1.14 -25.35 23.99
CA GLU A 523 1.47 -25.37 22.56
C GLU A 523 1.96 -23.97 22.12
N LEU A 524 1.22 -22.90 22.52
CA LEU A 524 1.54 -21.53 22.15
C LEU A 524 2.80 -21.03 22.89
N LEU A 525 3.06 -21.57 24.10
CA LEU A 525 4.30 -21.27 24.83
C LEU A 525 5.50 -21.78 24.03
N ALA A 526 5.37 -23.00 23.44
CA ALA A 526 6.44 -23.62 22.63
C ALA A 526 6.67 -22.83 21.34
N LEU A 527 5.59 -22.52 20.59
CA LEU A 527 5.71 -21.78 19.32
C LEU A 527 6.18 -20.33 19.54
N GLY A 528 5.60 -19.67 20.55
CA GLY A 528 5.95 -18.29 20.92
C GLY A 528 7.40 -18.16 21.34
N SER A 529 7.92 -19.13 22.11
CA SER A 529 9.32 -19.10 22.56
C SER A 529 10.26 -19.34 21.37
N LEU A 530 9.82 -20.15 20.36
CA LEU A 530 10.64 -20.39 19.16
C LEU A 530 10.71 -19.11 18.32
N ILE A 531 9.56 -18.40 18.18
CA ILE A 531 9.47 -17.12 17.47
C ILE A 531 10.40 -16.10 18.13
N ALA A 532 10.38 -16.02 19.49
CA ALA A 532 11.23 -15.10 20.26
C ALA A 532 12.73 -15.39 20.07
N GLU A 533 13.08 -16.64 19.73
CA GLU A 533 14.45 -17.08 19.47
C GLU A 533 14.86 -16.87 18.00
N GLY A 534 13.94 -16.33 17.19
CA GLY A 534 14.16 -16.02 15.78
C GLY A 534 13.67 -17.03 14.77
N LYS A 535 12.85 -18.00 15.19
CA LYS A 535 12.37 -19.03 14.26
C LYS A 535 11.08 -18.66 13.54
N LEU A 536 11.01 -19.03 12.25
CA LEU A 536 9.81 -18.92 11.43
C LEU A 536 8.91 -20.09 11.83
N VAL A 537 7.67 -19.79 12.25
CA VAL A 537 6.72 -20.82 12.64
C VAL A 537 5.52 -20.73 11.70
N ARG A 538 5.24 -21.82 10.97
CA ARG A 538 4.09 -21.89 10.09
C ARG A 538 3.18 -22.97 10.63
N LEU A 539 1.94 -22.60 10.96
CA LEU A 539 0.95 -23.49 11.52
C LEU A 539 -0.33 -23.38 10.72
N SER A 540 -0.90 -24.51 10.29
CA SER A 540 -2.13 -24.47 9.49
C SER A 540 -2.92 -25.77 9.61
N GLY A 541 -4.13 -25.72 9.09
CA GLY A 541 -5.05 -26.84 9.11
C GLY A 541 -6.47 -26.34 9.14
N GLN A 542 -7.45 -27.27 9.16
CA GLN A 542 -8.87 -26.91 9.13
C GLN A 542 -9.32 -26.26 10.45
N ASP A 543 -9.70 -24.96 10.33
CA ASP A 543 -10.16 -24.08 11.41
C ASP A 543 -9.07 -23.95 12.51
N THR A 544 -7.80 -24.02 12.11
CA THR A 544 -6.64 -24.02 13.02
C THR A 544 -6.40 -22.67 13.73
N GLN A 545 -6.82 -21.52 13.14
CA GLN A 545 -6.62 -20.21 13.79
C GLN A 545 -7.30 -20.15 15.14
N ARG A 546 -8.59 -20.59 15.18
CA ARG A 546 -9.35 -20.61 16.41
C ARG A 546 -9.09 -21.89 17.16
N GLY A 547 -9.06 -22.99 16.42
CA GLY A 547 -8.94 -24.35 16.94
C GLY A 547 -10.29 -25.01 16.84
N THR A 548 -10.33 -26.26 16.33
CA THR A 548 -11.55 -27.06 16.21
C THR A 548 -12.29 -27.11 17.57
N PHE A 549 -11.53 -27.24 18.66
CA PHE A 549 -12.14 -27.40 19.99
C PHE A 549 -12.23 -26.06 20.75
N THR A 550 -12.28 -24.92 20.00
CA THR A 550 -12.35 -23.54 20.52
C THR A 550 -11.25 -23.32 21.58
N GLN A 551 -10.08 -23.94 21.37
CA GLN A 551 -9.05 -23.92 22.39
C GLN A 551 -7.84 -23.06 22.08
N ARG A 552 -7.52 -22.87 20.78
CA ARG A 552 -6.26 -22.22 20.40
C ARG A 552 -6.30 -20.70 20.46
N HIS A 553 -7.17 -20.07 19.68
CA HIS A 553 -7.25 -18.60 19.58
C HIS A 553 -5.87 -18.00 19.23
N ALA A 554 -5.19 -18.58 18.19
CA ALA A 554 -3.92 -18.07 17.67
C ALA A 554 -4.17 -16.72 17.01
N VAL A 555 -5.41 -16.50 16.53
CA VAL A 555 -5.94 -15.28 15.91
C VAL A 555 -7.25 -14.99 16.63
N ILE A 556 -7.45 -13.74 17.03
CA ILE A 556 -8.69 -13.31 17.67
C ILE A 556 -9.29 -12.20 16.78
N VAL A 557 -10.63 -12.14 16.72
CA VAL A 557 -11.31 -11.23 15.81
C VAL A 557 -12.10 -10.20 16.60
N ASP A 558 -11.89 -8.92 16.26
CA ASP A 558 -12.59 -7.79 16.86
C ASP A 558 -14.09 -7.98 16.70
N ARG A 559 -14.80 -8.00 17.84
CA ARG A 559 -16.25 -8.22 17.91
C ARG A 559 -17.03 -7.14 17.13
N LYS A 560 -16.49 -5.90 17.04
CA LYS A 560 -17.16 -4.79 16.36
C LYS A 560 -16.75 -4.58 14.89
N THR A 561 -15.47 -4.74 14.53
CA THR A 561 -14.99 -4.43 13.18
C THR A 561 -14.53 -5.63 12.31
N GLY A 562 -14.28 -6.78 12.94
CA GLY A 562 -13.78 -7.94 12.21
C GLY A 562 -12.27 -7.99 12.06
N GLU A 563 -11.56 -6.93 12.51
CA GLU A 563 -10.09 -6.82 12.46
C GLU A 563 -9.44 -7.96 13.26
N GLU A 564 -8.30 -8.47 12.79
CA GLU A 564 -7.66 -9.59 13.45
C GLU A 564 -6.42 -9.17 14.23
N PHE A 565 -6.20 -9.85 15.37
CA PHE A 565 -5.04 -9.69 16.25
C PHE A 565 -4.42 -11.08 16.48
N THR A 566 -3.10 -11.19 16.27
CA THR A 566 -2.37 -12.44 16.45
C THR A 566 -1.37 -12.22 17.61
N PRO A 567 -1.71 -12.66 18.85
CA PRO A 567 -0.81 -12.40 20.00
C PRO A 567 0.63 -12.89 19.82
N LEU A 568 0.86 -14.10 19.29
CA LEU A 568 2.24 -14.60 19.14
C LEU A 568 3.11 -13.77 18.18
N GLN A 569 2.51 -12.95 17.30
CA GLN A 569 3.31 -12.13 16.38
C GLN A 569 4.10 -11.06 17.15
N LEU A 570 3.65 -10.67 18.36
CA LEU A 570 4.35 -9.70 19.20
C LEU A 570 5.71 -10.23 19.66
N LEU A 571 5.86 -11.56 19.70
CA LEU A 571 7.09 -12.22 20.13
C LEU A 571 8.19 -12.10 19.07
N ALA A 572 7.85 -11.65 17.84
CA ALA A 572 8.80 -11.47 16.72
C ALA A 572 9.62 -10.17 16.87
N THR A 573 9.29 -9.35 17.89
CA THR A 573 9.97 -8.10 18.23
C THR A 573 10.52 -8.22 19.64
N ASN A 574 11.83 -7.98 19.81
CA ASN A 574 12.50 -8.01 21.12
C ASN A 574 12.00 -6.85 22.01
N PRO A 575 12.20 -6.90 23.36
CA PRO A 575 11.76 -5.77 24.21
C PRO A 575 12.34 -4.40 23.81
N ASP A 576 13.53 -4.37 23.15
CA ASP A 576 14.17 -3.12 22.72
C ASP A 576 13.63 -2.60 21.36
N GLY A 577 12.71 -3.34 20.74
CA GLY A 577 12.09 -2.95 19.47
C GLY A 577 12.71 -3.56 18.24
N THR A 578 13.85 -4.26 18.39
CA THR A 578 14.54 -4.89 17.25
C THR A 578 13.83 -6.18 16.84
N PRO A 579 13.88 -6.60 15.55
CA PRO A 579 13.23 -7.88 15.20
C PRO A 579 14.03 -9.08 15.71
N THR A 580 13.35 -10.21 15.99
CA THR A 580 14.04 -11.42 16.43
C THR A 580 14.49 -12.21 15.20
N GLY A 581 13.83 -11.96 14.07
CA GLY A 581 14.04 -12.66 12.81
C GLY A 581 12.97 -13.72 12.64
N GLY A 582 12.23 -13.98 13.73
CA GLY A 582 11.15 -14.95 13.77
C GLY A 582 9.85 -14.40 13.24
N LYS A 583 8.88 -15.29 12.98
CA LYS A 583 7.58 -14.90 12.44
C LYS A 583 6.54 -15.99 12.72
N PHE A 584 5.27 -15.59 12.86
CA PHE A 584 4.16 -16.51 13.06
C PHE A 584 3.24 -16.44 11.86
N LEU A 585 3.18 -17.53 11.10
CA LEU A 585 2.36 -17.63 9.91
C LEU A 585 1.29 -18.68 10.20
N VAL A 586 0.09 -18.22 10.55
CA VAL A 586 -0.98 -19.13 10.94
C VAL A 586 -2.18 -18.95 10.01
N TYR A 587 -2.67 -20.08 9.48
CA TYR A 587 -3.73 -20.06 8.50
C TYR A 587 -4.76 -21.08 8.71
N ASN A 588 -5.97 -20.79 8.22
CA ASN A 588 -7.07 -21.72 8.07
C ASN A 588 -6.83 -22.37 6.74
N SER A 589 -6.72 -23.70 6.69
CA SER A 589 -6.50 -24.36 5.41
C SER A 589 -7.79 -24.42 4.61
N ALA A 590 -7.66 -24.81 3.31
CA ALA A 590 -8.79 -25.19 2.46
C ALA A 590 -9.27 -26.56 3.00
N LEU A 591 -10.46 -27.04 2.59
CA LEU A 591 -10.93 -28.31 3.11
C LEU A 591 -10.32 -29.44 2.29
N SER A 592 -9.03 -29.63 2.48
CA SER A 592 -8.23 -30.64 1.80
C SER A 592 -7.32 -31.29 2.79
N GLU A 593 -6.93 -32.53 2.51
CA GLU A 593 -5.97 -33.28 3.32
C GLU A 593 -4.78 -33.60 2.41
N PHE A 594 -5.04 -34.26 1.26
CA PHE A 594 -3.98 -34.63 0.30
C PHE A 594 -3.10 -33.41 -0.06
N ALA A 595 -3.69 -32.33 -0.66
CA ALA A 595 -2.90 -31.17 -1.03
C ALA A 595 -2.33 -30.39 0.17
N ALA A 596 -3.11 -30.21 1.25
CA ALA A 596 -2.64 -29.47 2.42
C ALA A 596 -1.42 -30.15 3.07
N VAL A 597 -1.50 -31.48 3.28
CA VAL A 597 -0.38 -32.25 3.88
C VAL A 597 0.82 -32.25 2.92
N GLY A 598 0.56 -32.39 1.62
CA GLY A 598 1.62 -32.35 0.60
C GLY A 598 2.34 -31.01 0.61
N PHE A 599 1.55 -29.91 0.73
CA PHE A 599 2.07 -28.54 0.76
C PHE A 599 3.01 -28.32 1.96
N GLU A 600 2.56 -28.74 3.18
CA GLU A 600 3.33 -28.55 4.42
C GLU A 600 4.58 -29.40 4.39
N TYR A 601 4.49 -30.61 3.83
CA TYR A 601 5.69 -31.45 3.64
C TYR A 601 6.70 -30.67 2.77
N GLY A 602 6.27 -30.17 1.59
CA GLY A 602 7.07 -29.40 0.66
C GLY A 602 7.66 -28.14 1.23
N TYR A 603 6.84 -27.43 2.06
CA TYR A 603 7.25 -26.20 2.76
C TYR A 603 8.47 -26.51 3.67
N SER A 604 8.38 -27.55 4.51
CA SER A 604 9.49 -27.91 5.41
C SER A 604 10.71 -28.40 4.64
N VAL A 605 10.52 -29.03 3.46
CA VAL A 605 11.68 -29.40 2.60
C VAL A 605 12.37 -28.07 2.12
N GLY A 606 11.56 -27.12 1.62
CA GLY A 606 12.04 -25.82 1.11
C GLY A 606 12.73 -24.90 2.10
N ASN A 607 12.34 -24.99 3.38
CA ASN A 607 12.93 -24.21 4.46
C ASN A 607 13.17 -25.11 5.70
N PRO A 608 14.36 -25.79 5.77
CA PRO A 608 14.66 -26.65 6.92
C PRO A 608 14.71 -25.94 8.29
N ASP A 609 14.91 -24.60 8.30
CA ASP A 609 14.98 -23.80 9.53
C ASP A 609 13.60 -23.39 10.04
N ALA A 610 12.53 -23.63 9.26
CA ALA A 610 11.18 -23.33 9.68
C ALA A 610 10.59 -24.45 10.56
N MET A 611 9.72 -24.06 11.50
CA MET A 611 8.91 -24.97 12.31
C MET A 611 7.57 -25.04 11.53
N VAL A 612 7.22 -26.21 10.99
CA VAL A 612 6.05 -26.36 10.11
C VAL A 612 5.11 -27.41 10.69
N LEU A 613 3.89 -26.99 11.04
CA LEU A 613 2.90 -27.88 11.62
C LEU A 613 1.62 -27.87 10.83
N TRP A 614 1.09 -29.05 10.52
CA TRP A 614 -0.21 -29.24 9.87
C TRP A 614 -1.08 -29.94 10.86
N GLU A 615 -2.31 -29.42 11.02
CA GLU A 615 -3.22 -30.01 11.97
C GLU A 615 -4.44 -30.58 11.30
N ALA A 616 -4.73 -31.86 11.57
CA ALA A 616 -5.95 -32.53 11.10
C ALA A 616 -7.11 -32.01 11.93
N GLN A 617 -8.33 -31.88 11.37
CA GLN A 617 -9.49 -31.46 12.18
C GLN A 617 -9.67 -32.52 13.28
N PHE A 618 -9.63 -33.80 12.86
CA PHE A 618 -9.62 -35.02 13.65
C PHE A 618 -8.64 -35.94 12.96
N GLY A 619 -7.82 -36.67 13.72
CA GLY A 619 -6.82 -37.60 13.17
C GLY A 619 -7.37 -38.55 12.13
N ASP A 620 -8.67 -38.84 12.23
CA ASP A 620 -9.43 -39.76 11.38
C ASP A 620 -9.47 -39.34 9.89
N PHE A 621 -9.20 -38.07 9.57
CA PHE A 621 -9.25 -37.59 8.19
C PHE A 621 -7.89 -37.59 7.51
N VAL A 622 -6.79 -37.88 8.24
CA VAL A 622 -5.45 -37.86 7.64
C VAL A 622 -5.27 -39.01 6.61
N ASN A 623 -6.16 -40.03 6.62
CA ASN A 623 -6.07 -41.09 5.62
C ASN A 623 -6.37 -40.55 4.21
N GLY A 624 -6.94 -39.34 4.11
CA GLY A 624 -7.16 -38.64 2.84
C GLY A 624 -5.84 -38.18 2.22
N ALA A 625 -4.78 -38.13 3.05
CA ALA A 625 -3.42 -37.77 2.61
C ALA A 625 -2.48 -38.99 2.64
N GLN A 626 -3.03 -40.21 2.53
CA GLN A 626 -2.24 -41.43 2.65
C GLN A 626 -1.08 -41.49 1.65
N SER A 627 -1.30 -41.05 0.40
CA SER A 627 -0.25 -41.05 -0.62
C SER A 627 0.93 -40.19 -0.18
N ILE A 628 0.68 -39.02 0.45
CA ILE A 628 1.76 -38.14 0.93
C ILE A 628 2.50 -38.83 2.10
N ILE A 629 1.76 -39.40 3.06
CA ILE A 629 2.34 -40.09 4.23
C ILE A 629 3.24 -41.24 3.73
N ASP A 630 2.70 -42.11 2.89
CA ASP A 630 3.41 -43.28 2.35
C ASP A 630 4.58 -42.95 1.44
N GLU A 631 4.38 -42.04 0.50
CA GLU A 631 5.36 -41.76 -0.55
C GLU A 631 6.34 -40.65 -0.26
N PHE A 632 6.04 -39.74 0.67
CA PHE A 632 6.95 -38.64 0.94
C PHE A 632 7.40 -38.60 2.39
N ILE A 633 6.47 -38.41 3.33
CA ILE A 633 6.79 -38.21 4.74
C ILE A 633 7.57 -39.39 5.33
N SER A 634 7.02 -40.59 5.24
CA SER A 634 7.63 -41.75 5.88
C SER A 634 8.86 -42.32 5.18
N SER A 635 9.04 -42.01 3.89
CA SER A 635 10.05 -42.68 3.07
C SER A 635 10.99 -41.81 2.21
N GLY A 636 10.74 -40.51 2.09
CA GLY A 636 11.54 -39.62 1.26
C GLY A 636 13.03 -39.55 1.58
N GLU A 637 13.39 -39.62 2.86
CA GLU A 637 14.80 -39.59 3.25
C GLU A 637 15.53 -40.84 2.74
N ALA A 638 14.99 -42.05 2.99
CA ALA A 638 15.61 -43.29 2.52
C ALA A 638 15.63 -43.38 0.99
N LYS A 639 14.56 -42.91 0.32
CA LYS A 639 14.44 -43.02 -1.11
C LYS A 639 15.26 -42.02 -1.91
N TRP A 640 15.28 -40.75 -1.51
CA TRP A 640 15.91 -39.70 -2.32
C TRP A 640 16.96 -38.88 -1.60
N GLY A 641 17.09 -39.06 -0.28
CA GLY A 641 17.97 -38.25 0.55
C GLY A 641 17.30 -36.92 0.83
N GLN A 642 15.97 -36.84 0.53
CA GLN A 642 15.19 -35.62 0.74
C GLN A 642 14.70 -35.56 2.19
N LEU A 643 15.00 -34.47 2.88
CA LEU A 643 14.65 -34.35 4.29
C LEU A 643 13.51 -33.35 4.54
N SER A 644 12.60 -33.71 5.46
CA SER A 644 11.48 -32.87 5.87
C SER A 644 11.33 -32.93 7.38
N ASP A 645 11.00 -31.80 7.99
CA ASP A 645 10.79 -31.70 9.43
C ASP A 645 9.32 -31.40 9.74
N VAL A 646 8.40 -31.71 8.80
CA VAL A 646 6.98 -31.43 8.97
C VAL A 646 6.41 -32.12 10.23
N VAL A 647 5.52 -31.41 10.94
CA VAL A 647 4.80 -31.95 12.08
C VAL A 647 3.36 -32.20 11.66
N LEU A 648 2.82 -33.39 11.98
CA LEU A 648 1.40 -33.67 11.78
C LEU A 648 0.75 -33.78 13.16
N LEU A 649 -0.23 -32.91 13.44
CA LEU A 649 -1.01 -32.91 14.71
C LEU A 649 -2.32 -33.60 14.43
N LEU A 650 -2.53 -34.74 15.06
CA LEU A 650 -3.67 -35.61 14.82
C LEU A 650 -4.53 -35.80 16.07
N PRO A 651 -5.61 -34.99 16.20
CA PRO A 651 -6.52 -35.12 17.38
C PRO A 651 -7.06 -36.54 17.46
N HIS A 652 -6.85 -37.19 18.63
CA HIS A 652 -7.09 -38.61 18.84
C HIS A 652 -7.58 -38.93 20.24
N GLY A 653 -8.52 -39.89 20.34
CA GLY A 653 -9.03 -40.38 21.62
C GLY A 653 -10.43 -40.98 21.57
N HIS A 654 -10.65 -42.02 22.37
CA HIS A 654 -11.97 -42.67 22.51
C HIS A 654 -12.85 -41.86 23.44
N GLU A 655 -13.79 -41.10 22.86
CA GLU A 655 -14.66 -40.22 23.64
C GLU A 655 -16.13 -40.44 23.36
N GLY A 656 -16.46 -41.38 22.49
CA GLY A 656 -17.86 -41.68 22.18
C GLY A 656 -18.46 -40.87 21.07
N GLN A 657 -17.61 -40.29 20.21
CA GLN A 657 -18.03 -39.48 19.05
C GLN A 657 -18.09 -40.24 17.73
N GLY A 658 -17.86 -41.55 17.75
CA GLY A 658 -18.01 -42.34 16.55
C GLY A 658 -16.74 -42.74 15.82
N PRO A 659 -16.88 -43.63 14.83
CA PRO A 659 -15.69 -44.19 14.16
C PRO A 659 -14.84 -43.19 13.35
N ASP A 660 -15.35 -41.96 13.07
CA ASP A 660 -14.59 -40.95 12.32
C ASP A 660 -14.20 -39.75 13.17
N HIS A 661 -14.34 -39.88 14.50
CA HIS A 661 -13.95 -38.86 15.47
C HIS A 661 -13.32 -39.56 16.63
N THR A 662 -12.48 -40.56 16.37
CA THR A 662 -11.83 -41.32 17.47
C THR A 662 -10.33 -41.61 17.28
N SER A 663 -9.92 -41.94 16.05
CA SER A 663 -8.56 -42.42 15.86
C SER A 663 -7.79 -41.82 14.68
N GLY A 664 -6.54 -41.47 14.95
CA GLY A 664 -5.59 -41.02 13.94
C GLY A 664 -4.78 -42.20 13.39
N ARG A 665 -5.22 -43.46 13.70
CA ARG A 665 -4.62 -44.73 13.28
C ARG A 665 -3.14 -44.82 13.64
N ILE A 666 -2.87 -44.81 14.96
CA ILE A 666 -1.54 -44.98 15.56
C ILE A 666 -0.82 -46.18 14.93
N GLU A 667 -1.53 -47.32 14.86
CA GLU A 667 -1.05 -48.60 14.34
C GLU A 667 -0.48 -48.48 12.91
N ARG A 668 -1.05 -47.59 12.07
CA ARG A 668 -0.60 -47.42 10.70
C ARG A 668 0.73 -46.67 10.65
N PHE A 669 0.86 -45.63 11.46
CA PHE A 669 2.11 -44.85 11.53
C PHE A 669 3.23 -45.68 12.15
N LEU A 670 2.91 -46.53 13.16
CA LEU A 670 3.93 -47.40 13.77
C LEU A 670 4.38 -48.50 12.80
N GLN A 671 3.48 -48.96 11.92
CA GLN A 671 3.78 -49.95 10.88
C GLN A 671 4.70 -49.34 9.83
N LEU A 672 4.43 -48.08 9.42
CA LEU A 672 5.23 -47.35 8.44
C LEU A 672 6.62 -47.03 8.98
N TRP A 673 6.73 -46.83 10.31
CA TRP A 673 8.00 -46.49 10.96
C TRP A 673 9.07 -47.54 10.72
N ALA A 674 10.28 -47.06 10.39
CA ALA A 674 11.52 -47.82 10.23
C ALA A 674 12.64 -46.85 10.07
N GLU A 675 13.88 -47.27 10.39
CA GLU A 675 15.12 -46.49 10.18
C GLU A 675 15.13 -45.12 10.85
N GLY A 676 14.38 -44.97 11.94
CA GLY A 676 14.26 -43.69 12.64
C GLY A 676 13.73 -42.56 11.79
N SER A 677 12.97 -42.89 10.73
CA SER A 677 12.45 -41.95 9.71
C SER A 677 11.52 -40.88 10.26
N MET A 678 10.78 -41.22 11.31
CA MET A 678 9.83 -40.31 11.95
C MET A 678 9.91 -40.46 13.44
N THR A 679 9.49 -39.41 14.16
CA THR A 679 9.28 -39.46 15.60
C THR A 679 7.77 -39.53 15.74
N ILE A 680 7.26 -40.46 16.57
CA ILE A 680 5.82 -40.65 16.80
C ILE A 680 5.58 -40.53 18.30
N ALA A 681 4.68 -39.62 18.71
CA ALA A 681 4.41 -39.37 20.12
C ALA A 681 2.94 -39.20 20.44
N MET A 682 2.56 -39.50 21.69
CA MET A 682 1.20 -39.29 22.21
C MET A 682 1.39 -38.72 23.63
N PRO A 683 1.74 -37.41 23.73
CA PRO A 683 2.00 -36.83 25.07
C PRO A 683 0.76 -36.79 25.95
N SER A 684 0.95 -36.92 27.27
CA SER A 684 -0.15 -36.92 28.23
C SER A 684 -0.20 -35.64 29.05
N THR A 685 0.86 -34.82 28.99
CA THR A 685 0.87 -33.58 29.78
C THR A 685 1.18 -32.38 28.89
N PRO A 686 0.67 -31.17 29.25
CA PRO A 686 1.00 -29.96 28.46
C PRO A 686 2.49 -29.67 28.37
N ALA A 687 3.23 -29.75 29.49
CA ALA A 687 4.68 -29.50 29.53
C ALA A 687 5.47 -30.47 28.64
N ASN A 688 5.09 -31.77 28.62
CA ASN A 688 5.80 -32.74 27.77
C ASN A 688 5.56 -32.45 26.29
N TYR A 689 4.35 -31.97 25.94
CA TYR A 689 4.06 -31.56 24.56
C TYR A 689 4.91 -30.33 24.17
N PHE A 690 5.04 -29.36 25.10
CA PHE A 690 5.86 -28.16 24.95
C PHE A 690 7.32 -28.56 24.64
N HIS A 691 7.88 -29.46 25.45
CA HIS A 691 9.27 -29.90 25.29
C HIS A 691 9.46 -30.71 24.01
N LEU A 692 8.44 -31.50 23.61
CA LEU A 692 8.45 -32.27 22.37
C LEU A 692 8.58 -31.33 21.18
N LEU A 693 7.76 -30.24 21.16
CA LEU A 693 7.78 -29.29 20.05
C LEU A 693 9.06 -28.51 20.00
N ARG A 694 9.58 -28.07 21.17
CA ARG A 694 10.83 -27.32 21.22
C ARG A 694 12.01 -28.18 20.81
N ARG A 695 12.06 -29.47 21.25
CA ARG A 695 13.15 -30.40 20.85
C ARG A 695 13.15 -30.57 19.33
N HIS A 696 11.96 -30.76 18.75
CA HIS A 696 11.75 -30.92 17.31
C HIS A 696 12.25 -29.70 16.51
N GLY A 697 11.96 -28.50 16.99
CA GLY A 697 12.38 -27.29 16.30
C GLY A 697 13.85 -26.94 16.43
N LYS A 698 14.47 -27.33 17.54
CA LYS A 698 15.86 -26.95 17.87
C LYS A 698 16.90 -28.07 17.71
N ASP A 699 16.50 -29.30 17.40
CA ASP A 699 17.47 -30.41 17.35
C ASP A 699 18.41 -30.42 16.14
N GLY A 700 18.13 -29.64 15.10
CA GLY A 700 18.96 -29.63 13.90
C GLY A 700 18.80 -30.85 12.99
N ILE A 701 17.86 -31.77 13.35
CA ILE A 701 17.49 -32.99 12.63
C ILE A 701 16.30 -32.63 11.76
N GLN A 702 16.25 -33.15 10.53
CA GLN A 702 15.14 -32.90 9.62
C GLN A 702 14.40 -34.21 9.41
N ARG A 703 13.46 -34.52 10.33
CA ARG A 703 12.67 -35.77 10.29
C ARG A 703 11.25 -35.50 10.79
N PRO A 704 10.21 -35.99 10.07
CA PRO A 704 8.83 -35.66 10.47
C PRO A 704 8.47 -36.10 11.89
N LEU A 705 7.51 -35.38 12.46
CA LEU A 705 7.01 -35.65 13.80
C LEU A 705 5.50 -35.86 13.69
N ILE A 706 5.02 -37.02 14.19
CA ILE A 706 3.61 -37.38 14.23
C ILE A 706 3.14 -37.29 15.69
N VAL A 707 2.19 -36.38 15.96
CA VAL A 707 1.69 -36.19 17.32
C VAL A 707 0.21 -36.52 17.38
N PHE A 708 -0.16 -37.45 18.27
CA PHE A 708 -1.54 -37.78 18.56
C PHE A 708 -1.92 -36.85 19.70
N THR A 709 -2.76 -35.86 19.39
CA THR A 709 -3.12 -34.78 20.30
C THR A 709 -4.51 -34.98 20.93
N PRO A 710 -4.80 -34.26 22.04
CA PRO A 710 -6.08 -34.46 22.75
C PRO A 710 -7.25 -33.62 22.25
N LYS A 711 -8.45 -33.95 22.76
CA LYS A 711 -9.73 -33.30 22.46
C LYS A 711 -10.40 -32.97 23.82
N SER A 712 -10.96 -33.96 24.55
CA SER A 712 -11.54 -33.70 25.88
C SER A 712 -10.44 -33.37 26.90
N MET A 713 -9.26 -34.00 26.76
CA MET A 713 -8.09 -33.81 27.63
C MET A 713 -7.58 -32.35 27.59
N LEU A 714 -8.02 -31.53 26.59
CA LEU A 714 -7.68 -30.11 26.53
C LEU A 714 -8.25 -29.39 27.77
N ARG A 715 -9.40 -29.86 28.25
CA ARG A 715 -10.15 -29.27 29.36
C ARG A 715 -10.17 -30.15 30.61
N ASN A 716 -9.35 -31.20 30.64
CA ASN A 716 -9.21 -32.03 31.83
C ASN A 716 -8.35 -31.26 32.84
N LYS A 717 -8.94 -30.89 34.00
CA LYS A 717 -8.28 -30.10 35.04
C LYS A 717 -7.11 -30.83 35.70
N ALA A 718 -7.02 -32.17 35.54
CA ALA A 718 -5.88 -32.99 35.99
C ALA A 718 -4.72 -32.89 35.00
N ALA A 719 -5.03 -32.67 33.71
CA ALA A 719 -4.03 -32.58 32.64
C ALA A 719 -3.46 -31.15 32.51
N VAL A 720 -2.86 -30.64 33.60
CA VAL A 720 -2.24 -29.30 33.64
C VAL A 720 -0.82 -29.46 34.18
N SER A 721 0.03 -28.48 33.86
CA SER A 721 1.44 -28.51 34.23
C SER A 721 1.87 -27.32 35.05
N ASP A 722 2.87 -27.54 35.92
CA ASP A 722 3.47 -26.50 36.76
C ASP A 722 4.47 -25.69 35.98
N ILE A 723 4.73 -24.43 36.40
CA ILE A 723 5.72 -23.54 35.76
C ILE A 723 7.11 -24.24 35.70
N ARG A 724 7.53 -24.91 36.78
CA ARG A 724 8.83 -25.60 36.86
C ARG A 724 8.97 -26.75 35.82
N ASP A 725 7.85 -27.29 35.32
CA ASP A 725 7.87 -28.33 34.29
C ASP A 725 8.36 -27.73 32.95
N PHE A 726 8.22 -26.39 32.79
CA PHE A 726 8.63 -25.67 31.57
C PHE A 726 10.02 -25.06 31.73
N THR A 727 10.37 -24.61 32.94
CA THR A 727 11.62 -23.91 33.25
C THR A 727 12.75 -24.81 33.75
N GLU A 728 12.42 -25.95 34.39
CA GLU A 728 13.46 -26.79 34.98
C GLU A 728 13.38 -28.26 34.57
N SER A 729 12.74 -28.55 33.43
CA SER A 729 12.63 -29.92 32.98
C SER A 729 13.01 -30.07 31.49
N LYS A 730 12.66 -31.20 30.88
CA LYS A 730 12.96 -31.56 29.50
C LYS A 730 11.93 -32.57 29.00
N PHE A 731 11.98 -32.94 27.71
CA PHE A 731 11.07 -33.96 27.19
C PHE A 731 11.36 -35.33 27.84
N ARG A 732 10.31 -36.00 28.30
CA ARG A 732 10.39 -37.33 28.94
C ARG A 732 9.69 -38.35 28.06
N SER A 733 10.46 -39.27 27.51
CA SER A 733 9.93 -40.28 26.60
C SER A 733 9.09 -41.31 27.36
N VAL A 734 9.38 -41.47 28.65
CA VAL A 734 8.68 -42.37 29.57
C VAL A 734 8.33 -41.57 30.83
N LEU A 735 7.08 -41.67 31.30
CA LEU A 735 6.66 -40.97 32.50
C LEU A 735 6.14 -41.90 33.57
N GLU A 736 6.55 -41.67 34.80
CA GLU A 736 6.07 -42.37 36.00
C GLU A 736 5.00 -41.51 36.65
N GLU A 737 4.25 -42.09 37.59
CA GLU A 737 3.27 -41.33 38.35
C GLU A 737 4.00 -40.35 39.26
N PRO A 738 3.50 -39.09 39.38
CA PRO A 738 4.17 -38.10 40.26
C PRO A 738 4.33 -38.56 41.73
N MET A 739 3.47 -39.48 42.24
CA MET A 739 3.58 -40.00 43.61
C MET A 739 4.94 -40.73 43.83
N TYR A 740 5.55 -41.26 42.76
CA TYR A 740 6.82 -41.97 42.93
C TYR A 740 8.02 -41.05 42.71
N THR A 741 7.94 -40.11 41.77
CA THR A 741 9.06 -39.21 41.47
C THR A 741 9.11 -37.99 42.40
N ASP A 742 7.95 -37.52 42.89
CA ASP A 742 7.85 -36.33 43.73
C ASP A 742 7.12 -36.53 45.06
N GLY A 743 6.23 -37.53 45.14
CA GLY A 743 5.43 -37.81 46.32
C GLY A 743 5.98 -38.85 47.29
N GLU A 744 5.08 -39.43 48.09
CA GLU A 744 5.40 -40.43 49.12
C GLU A 744 5.05 -41.87 48.68
N GLY A 745 4.89 -42.10 47.38
CA GLY A 745 4.58 -43.42 46.84
C GLY A 745 5.70 -44.42 47.02
N ASP A 746 5.36 -45.70 47.24
CA ASP A 746 6.36 -46.76 47.44
C ASP A 746 6.32 -47.73 46.25
N ARG A 747 7.33 -47.64 45.38
CA ARG A 747 7.50 -48.49 44.19
C ARG A 747 7.61 -49.99 44.55
N ASN A 748 8.09 -50.31 45.76
CA ASN A 748 8.27 -51.70 46.23
C ASN A 748 6.94 -52.43 46.50
N LYS A 749 5.84 -51.69 46.73
CA LYS A 749 4.52 -52.30 46.96
C LYS A 749 3.87 -52.78 45.65
N VAL A 750 4.37 -52.31 44.50
CA VAL A 750 3.82 -52.61 43.17
C VAL A 750 4.08 -54.06 42.73
N THR A 751 3.00 -54.79 42.43
CA THR A 751 3.08 -56.17 41.93
C THR A 751 2.49 -56.25 40.52
N ARG A 752 1.68 -55.24 40.13
CA ARG A 752 1.08 -55.15 38.79
C ARG A 752 1.50 -53.84 38.12
N LEU A 753 2.09 -53.95 36.93
CA LEU A 753 2.51 -52.77 36.17
C LEU A 753 1.63 -52.59 34.94
N LEU A 754 1.00 -51.42 34.83
CA LEU A 754 0.18 -51.07 33.68
C LEU A 754 0.96 -50.11 32.80
N LEU A 755 1.22 -50.52 31.56
CA LEU A 755 1.93 -49.67 30.61
C LEU A 755 0.91 -49.11 29.66
N THR A 756 0.97 -47.81 29.40
CA THR A 756 -0.05 -47.16 28.57
C THR A 756 0.49 -45.92 27.88
N SER A 757 -0.38 -45.24 27.13
CA SER A 757 -0.07 -43.98 26.48
C SER A 757 -1.33 -43.16 26.31
N GLY A 758 -1.20 -41.84 26.47
CA GLY A 758 -2.32 -40.95 26.23
C GLY A 758 -3.28 -40.72 27.37
N LYS A 759 -4.49 -40.22 27.04
CA LYS A 759 -5.49 -39.83 28.02
C LYS A 759 -5.98 -40.97 28.95
N ILE A 760 -5.93 -42.27 28.53
CA ILE A 760 -6.43 -43.35 29.40
C ILE A 760 -5.66 -43.36 30.75
N TYR A 761 -4.43 -42.80 30.78
CA TYR A 761 -3.65 -42.68 32.02
C TYR A 761 -4.46 -42.02 33.14
N TYR A 762 -5.14 -40.90 32.84
CA TYR A 762 -5.89 -40.14 33.85
C TYR A 762 -7.06 -40.96 34.43
N GLU A 763 -7.73 -41.79 33.58
CA GLU A 763 -8.82 -42.67 34.04
C GLU A 763 -8.26 -43.81 34.92
N LEU A 764 -7.09 -44.38 34.55
CA LEU A 764 -6.45 -45.43 35.34
C LEU A 764 -5.96 -44.86 36.67
N ALA A 765 -5.38 -43.62 36.66
CA ALA A 765 -4.88 -42.97 37.89
C ALA A 765 -6.03 -42.66 38.86
N ALA A 766 -7.20 -42.25 38.33
CA ALA A 766 -8.38 -41.93 39.11
C ALA A 766 -8.92 -43.19 39.81
N ARG A 767 -8.90 -44.34 39.12
CA ARG A 767 -9.38 -45.61 39.66
C ARG A 767 -8.43 -46.09 40.77
N LYS A 768 -7.10 -45.96 40.54
CA LYS A 768 -6.07 -46.34 41.53
C LYS A 768 -6.26 -45.53 42.82
N ALA A 769 -6.47 -44.19 42.69
CA ALA A 769 -6.65 -43.28 43.83
C ALA A 769 -7.93 -43.60 44.62
N LYS A 770 -9.05 -43.88 43.91
CA LYS A 770 -10.35 -44.22 44.49
C LYS A 770 -10.27 -45.50 45.34
N GLU A 771 -9.56 -46.52 44.84
CA GLU A 771 -9.47 -47.81 45.52
C GLU A 771 -8.15 -47.98 46.33
N ASN A 772 -7.32 -46.91 46.42
CA ASN A 772 -6.03 -46.92 47.16
C ASN A 772 -5.17 -48.13 46.74
N ARG A 773 -5.02 -48.35 45.43
CA ARG A 773 -4.30 -49.51 44.90
C ARG A 773 -2.80 -49.25 44.79
N GLU A 774 -2.09 -49.42 45.92
CA GLU A 774 -0.62 -49.26 46.01
C GLU A 774 0.11 -50.42 45.32
N ASP A 775 -0.60 -51.52 45.03
CA ASP A 775 -0.06 -52.72 44.38
C ASP A 775 0.02 -52.54 42.86
N VAL A 776 -0.56 -51.43 42.34
CA VAL A 776 -0.59 -51.15 40.90
C VAL A 776 0.16 -49.84 40.58
N ALA A 777 1.01 -49.84 39.54
CA ALA A 777 1.68 -48.63 39.03
C ALA A 777 1.36 -48.46 37.56
N ILE A 778 1.27 -47.20 37.10
CA ILE A 778 0.96 -46.86 35.72
C ILE A 778 2.16 -46.14 35.13
N VAL A 779 2.71 -46.69 34.04
CA VAL A 779 3.88 -46.12 33.35
C VAL A 779 3.45 -45.72 31.95
N ARG A 780 3.72 -44.45 31.58
CA ARG A 780 3.36 -43.91 30.26
C ARG A 780 4.52 -43.92 29.30
N ILE A 781 4.27 -44.37 28.07
CA ILE A 781 5.20 -44.30 26.95
C ILE A 781 4.74 -43.12 26.11
N GLU A 782 5.43 -41.98 26.28
CA GLU A 782 5.09 -40.71 25.61
C GLU A 782 5.59 -40.71 24.18
N GLN A 783 6.81 -41.24 23.97
CA GLN A 783 7.41 -41.36 22.66
C GLN A 783 7.19 -42.80 22.21
N LEU A 784 6.30 -43.03 21.23
CA LEU A 784 5.96 -44.36 20.73
C LEU A 784 7.04 -44.89 19.77
N ALA A 785 7.68 -43.98 19.00
CA ALA A 785 8.73 -44.34 18.06
C ALA A 785 9.74 -43.19 17.89
N PRO A 786 11.06 -43.45 17.95
CA PRO A 786 11.72 -44.74 18.24
C PRO A 786 11.41 -45.16 19.68
N LEU A 787 11.25 -46.48 19.93
CA LEU A 787 10.98 -46.97 21.28
C LEU A 787 12.09 -46.54 22.22
N PRO A 788 11.75 -45.87 23.36
CA PRO A 788 12.80 -45.43 24.30
C PRO A 788 13.26 -46.60 25.17
N ARG A 789 13.97 -47.57 24.53
CA ARG A 789 14.44 -48.82 25.11
C ARG A 789 15.18 -48.61 26.44
N ARG A 790 16.25 -47.79 26.46
CA ARG A 790 17.05 -47.54 27.67
C ARG A 790 16.23 -46.92 28.80
N ARG A 791 15.42 -45.88 28.51
CA ARG A 791 14.57 -45.19 29.49
C ARG A 791 13.51 -46.13 30.07
N LEU A 792 12.93 -47.00 29.22
CA LEU A 792 11.89 -47.96 29.64
C LEU A 792 12.47 -49.03 30.59
N ALA A 793 13.63 -49.60 30.24
CA ALA A 793 14.31 -50.61 31.07
C ALA A 793 14.70 -50.01 32.42
N GLU A 794 15.26 -48.78 32.41
CA GLU A 794 15.66 -48.05 33.62
C GLU A 794 14.47 -47.80 34.56
N THR A 795 13.32 -47.42 33.99
CA THR A 795 12.08 -47.15 34.73
C THR A 795 11.55 -48.43 35.37
N LEU A 796 11.43 -49.53 34.59
CA LEU A 796 10.92 -50.82 35.03
C LEU A 796 11.80 -51.46 36.11
N ASP A 797 13.12 -51.19 36.07
CA ASP A 797 14.09 -51.70 37.05
C ASP A 797 13.85 -51.12 38.45
N ARG A 798 13.09 -50.00 38.57
CA ARG A 798 12.77 -49.32 39.84
C ARG A 798 11.56 -49.97 40.55
N TYR A 799 10.96 -51.02 39.95
CA TYR A 799 9.81 -51.74 40.49
C TYR A 799 10.21 -53.23 40.61
N PRO A 800 11.01 -53.61 41.62
CA PRO A 800 11.53 -54.99 41.68
C PRO A 800 10.53 -56.11 41.97
N ASN A 801 9.36 -55.78 42.56
CA ASN A 801 8.41 -56.81 42.96
C ASN A 801 7.24 -57.01 41.97
N VAL A 802 7.40 -56.52 40.74
CA VAL A 802 6.37 -56.67 39.70
C VAL A 802 6.29 -58.16 39.30
N LYS A 803 5.07 -58.71 39.32
CA LYS A 803 4.82 -60.12 38.98
C LYS A 803 4.07 -60.24 37.65
N GLU A 804 3.37 -59.16 37.24
CA GLU A 804 2.63 -59.16 35.97
C GLU A 804 2.62 -57.77 35.34
N LYS A 805 2.68 -57.73 34.00
CA LYS A 805 2.69 -56.50 33.20
C LYS A 805 1.62 -56.54 32.12
N PHE A 806 0.92 -55.42 31.95
CA PHE A 806 -0.13 -55.32 30.93
C PHE A 806 0.01 -54.06 30.12
N TRP A 807 -0.19 -54.17 28.79
CA TRP A 807 -0.26 -53.02 27.89
C TRP A 807 -1.73 -52.66 27.87
N VAL A 808 -2.07 -51.47 28.36
CA VAL A 808 -3.48 -51.04 28.46
C VAL A 808 -3.75 -49.96 27.43
N GLN A 809 -4.82 -50.15 26.63
CA GLN A 809 -5.18 -49.15 25.64
C GLN A 809 -6.68 -49.09 25.43
N GLU A 810 -7.15 -47.94 24.98
CA GLU A 810 -8.51 -47.64 24.58
C GLU A 810 -8.86 -48.29 23.26
N GLU A 811 -7.88 -48.28 22.35
CA GLU A 811 -8.04 -48.71 20.98
C GLU A 811 -8.35 -50.20 20.84
N PRO A 812 -9.12 -50.60 19.79
CA PRO A 812 -9.35 -52.04 19.52
C PRO A 812 -8.03 -52.82 19.40
N ALA A 813 -8.03 -54.15 19.69
CA ALA A 813 -6.84 -55.03 19.71
C ALA A 813 -5.99 -54.99 18.42
N ASN A 814 -6.59 -54.72 17.25
CA ASN A 814 -5.84 -54.67 15.97
C ASN A 814 -5.39 -53.22 15.67
N GLN A 815 -5.63 -52.30 16.63
CA GLN A 815 -5.33 -50.87 16.49
C GLN A 815 -4.51 -50.39 17.70
N GLY A 816 -4.19 -49.11 17.72
CA GLY A 816 -3.37 -48.52 18.78
C GLY A 816 -1.94 -49.01 18.72
N ALA A 817 -1.22 -48.95 19.85
CA ALA A 817 0.18 -49.40 19.88
C ALA A 817 0.38 -50.91 20.03
N TRP A 818 -0.63 -51.67 20.54
CA TRP A 818 -0.46 -53.13 20.74
C TRP A 818 0.06 -53.91 19.49
N PRO A 819 -0.49 -53.79 18.25
CA PRO A 819 0.04 -54.61 17.14
C PRO A 819 1.56 -54.53 16.98
N SER A 820 2.18 -53.35 17.23
CA SER A 820 3.64 -53.26 17.15
C SER A 820 4.30 -53.54 18.50
N PHE A 821 3.80 -52.96 19.63
CA PHE A 821 4.40 -53.17 20.97
C PHE A 821 4.33 -54.62 21.46
N GLY A 822 3.23 -55.30 21.15
CA GLY A 822 3.05 -56.71 21.54
C GLY A 822 4.07 -57.62 20.91
N LEU A 823 4.58 -57.22 19.74
CA LEU A 823 5.59 -57.99 19.04
C LEU A 823 7.00 -57.48 19.37
N THR A 824 7.21 -56.16 19.43
CA THR A 824 8.54 -55.58 19.62
C THR A 824 9.02 -55.53 21.09
N LEU A 825 8.15 -55.21 22.08
CA LEU A 825 8.59 -55.13 23.48
C LEU A 825 9.15 -56.46 24.02
N PRO A 826 8.52 -57.65 23.83
CA PRO A 826 9.13 -58.89 24.35
C PRO A 826 10.45 -59.27 23.63
N GLU A 827 10.67 -58.72 22.42
CA GLU A 827 11.86 -59.00 21.63
C GLU A 827 13.05 -58.09 22.02
N ILE A 828 12.86 -56.75 22.07
CA ILE A 828 13.92 -55.78 22.39
C ILE A 828 14.28 -55.80 23.90
N LEU A 829 13.31 -56.10 24.78
CA LEU A 829 13.54 -56.15 26.24
C LEU A 829 12.98 -57.48 26.80
N PRO A 830 13.63 -58.63 26.46
CA PRO A 830 13.13 -59.94 26.93
C PRO A 830 13.04 -60.12 28.44
N ASP A 831 13.97 -59.52 29.21
CA ASP A 831 13.98 -59.66 30.67
C ASP A 831 12.90 -58.80 31.36
N HIS A 832 12.26 -57.90 30.60
CA HIS A 832 11.21 -57.04 31.16
C HIS A 832 9.82 -57.38 30.62
N PHE A 833 9.71 -57.72 29.33
CA PHE A 833 8.40 -57.88 28.72
C PHE A 833 8.02 -59.30 28.24
N THR A 834 8.75 -60.34 28.68
CA THR A 834 8.31 -61.71 28.37
C THR A 834 7.03 -61.95 29.20
N GLY A 835 5.96 -62.37 28.53
CA GLY A 835 4.68 -62.59 29.18
C GLY A 835 3.82 -61.35 29.26
N LEU A 836 4.18 -60.28 28.51
CA LEU A 836 3.41 -59.04 28.45
C LEU A 836 2.04 -59.34 27.87
N LYS A 837 0.99 -58.91 28.57
CA LYS A 837 -0.38 -59.17 28.14
C LYS A 837 -1.08 -57.87 27.76
N ARG A 838 -2.14 -57.98 26.95
CA ARG A 838 -2.91 -56.85 26.43
C ARG A 838 -4.25 -56.68 27.16
N ILE A 839 -4.62 -55.42 27.43
CA ILE A 839 -5.94 -55.01 27.94
C ILE A 839 -6.41 -53.91 26.97
N SER A 840 -7.45 -54.21 26.19
CA SER A 840 -7.95 -53.27 25.17
C SER A 840 -9.39 -53.58 24.77
N ARG A 841 -9.93 -52.81 23.82
CA ARG A 841 -11.20 -53.14 23.20
C ARG A 841 -10.94 -54.36 22.30
N ARG A 842 -11.98 -55.12 21.95
CA ARG A 842 -11.86 -56.26 21.05
C ARG A 842 -11.34 -55.74 19.69
N ALA A 843 -10.77 -56.62 18.86
CA ALA A 843 -10.39 -56.21 17.50
C ALA A 843 -11.65 -55.72 16.79
N MET A 844 -11.57 -54.59 16.08
CA MET A 844 -12.75 -54.04 15.40
C MET A 844 -12.46 -53.62 13.97
N SER A 845 -13.47 -53.74 13.08
CA SER A 845 -13.35 -53.33 11.67
C SER A 845 -13.29 -51.80 11.57
N ALA A 846 -14.10 -51.09 12.38
CA ALA A 846 -14.07 -49.62 12.45
C ALA A 846 -13.22 -49.19 13.67
N PRO A 847 -12.82 -47.89 13.83
CA PRO A 847 -12.00 -47.54 15.00
C PRO A 847 -12.76 -47.51 16.34
N SER A 848 -14.10 -47.45 16.31
CA SER A 848 -14.94 -47.43 17.51
C SER A 848 -16.38 -47.73 17.14
N SER A 849 -17.25 -47.80 18.16
CA SER A 849 -18.66 -47.97 17.94
C SER A 849 -19.27 -46.59 17.62
N GLY A 850 -20.41 -46.58 16.97
CA GLY A 850 -21.07 -45.32 16.66
C GLY A 850 -21.89 -44.73 17.80
N SER A 851 -22.13 -45.51 18.89
CA SER A 851 -22.94 -45.10 20.03
CA SER A 851 -22.95 -45.10 20.03
C SER A 851 -22.10 -44.60 21.22
N SER A 852 -22.44 -43.41 21.76
CA SER A 852 -21.72 -42.84 22.92
C SER A 852 -21.91 -43.73 24.15
N LYS A 853 -23.13 -44.29 24.31
CA LYS A 853 -23.47 -45.17 25.41
C LYS A 853 -22.72 -46.50 25.35
N VAL A 854 -22.52 -47.06 24.13
CA VAL A 854 -21.78 -48.31 23.92
C VAL A 854 -20.29 -48.06 24.22
N HIS A 855 -19.75 -46.91 23.76
CA HIS A 855 -18.36 -46.51 24.06
C HIS A 855 -18.12 -46.52 25.56
N ALA A 856 -19.04 -45.92 26.32
CA ALA A 856 -18.88 -45.76 27.76
C ALA A 856 -18.80 -47.12 28.51
N VAL A 857 -19.64 -48.09 28.11
CA VAL A 857 -19.67 -49.42 28.74
C VAL A 857 -18.37 -50.18 28.38
N GLU A 858 -17.88 -50.02 27.14
CA GLU A 858 -16.62 -50.63 26.73
C GLU A 858 -15.45 -50.00 27.47
N GLN A 859 -15.49 -48.66 27.71
CA GLN A 859 -14.39 -47.94 28.39
C GLN A 859 -14.27 -48.42 29.87
N GLN A 860 -15.42 -48.60 30.54
CA GLN A 860 -15.46 -49.07 31.92
C GLN A 860 -14.94 -50.53 32.03
N GLU A 861 -15.19 -51.40 31.01
CA GLU A 861 -14.68 -52.78 30.95
C GLU A 861 -13.14 -52.84 31.02
N ILE A 862 -12.46 -51.91 30.29
CA ILE A 862 -10.98 -51.82 30.27
C ILE A 862 -10.49 -51.46 31.69
N LEU A 863 -11.11 -50.44 32.32
CA LEU A 863 -10.75 -49.97 33.68
C LEU A 863 -10.96 -51.08 34.72
N ASP A 864 -12.07 -51.84 34.62
CA ASP A 864 -12.38 -52.96 35.52
C ASP A 864 -11.40 -54.14 35.32
N THR A 865 -11.03 -54.46 34.06
CA THR A 865 -10.06 -55.53 33.76
C THR A 865 -8.67 -55.17 34.32
N ALA A 866 -8.22 -53.91 34.07
CA ALA A 866 -6.92 -53.39 34.53
C ALA A 866 -6.74 -53.49 36.06
N PHE A 867 -7.83 -53.33 36.81
CA PHE A 867 -7.79 -53.36 38.27
C PHE A 867 -8.46 -54.61 38.85
N GLY A 868 -8.76 -55.56 37.99
CA GLY A 868 -9.39 -56.83 38.37
C GLY A 868 -8.39 -57.90 38.72
N ASP B 6 -25.34 0.50 -36.51
CA ASP B 6 -24.53 0.96 -35.37
C ASP B 6 -25.18 0.58 -34.05
N LYS B 7 -26.47 0.91 -33.86
CA LYS B 7 -27.22 0.63 -32.64
C LYS B 7 -27.53 -0.87 -32.49
N ASN B 8 -27.74 -1.58 -33.61
CA ASN B 8 -28.03 -3.02 -33.62
C ASN B 8 -26.85 -3.83 -33.10
N ALA B 9 -25.61 -3.40 -33.39
CA ALA B 9 -24.38 -4.07 -32.95
C ALA B 9 -24.16 -3.90 -31.44
N ARG B 10 -24.63 -2.78 -30.88
CA ARG B 10 -24.54 -2.49 -29.45
C ARG B 10 -25.47 -3.43 -28.67
N VAL B 11 -26.68 -3.66 -29.20
CA VAL B 11 -27.71 -4.52 -28.63
C VAL B 11 -27.19 -5.99 -28.62
N ILE B 12 -26.59 -6.45 -29.74
CA ILE B 12 -26.03 -7.81 -29.86
C ILE B 12 -24.91 -8.00 -28.81
N GLU B 13 -24.11 -6.95 -28.51
CA GLU B 13 -23.05 -7.01 -27.51
C GLU B 13 -23.64 -7.08 -26.11
N LEU B 14 -24.75 -6.34 -25.89
CA LEU B 14 -25.45 -6.31 -24.61
C LEU B 14 -26.11 -7.64 -24.34
N ILE B 15 -26.75 -8.25 -25.35
CA ILE B 15 -27.39 -9.58 -25.26
C ILE B 15 -26.32 -10.59 -24.83
N ALA B 16 -25.15 -10.60 -25.52
CA ALA B 16 -24.02 -11.48 -25.21
C ALA B 16 -23.49 -11.23 -23.80
N ALA B 17 -23.40 -9.95 -23.37
CA ALA B 17 -22.93 -9.55 -22.03
C ALA B 17 -23.82 -10.14 -20.92
N TYR B 18 -25.16 -10.09 -21.08
CA TYR B 18 -26.08 -10.63 -20.08
C TYR B 18 -25.99 -12.16 -20.03
N ARG B 19 -25.94 -12.82 -21.20
CA ARG B 19 -25.83 -14.28 -21.27
C ARG B 19 -24.52 -14.80 -20.64
N ASN B 20 -23.41 -14.11 -20.91
CA ASN B 20 -22.09 -14.51 -20.44
C ASN B 20 -21.81 -14.13 -19.01
N ARG B 21 -22.19 -12.90 -18.60
CA ARG B 21 -21.80 -12.35 -17.30
C ARG B 21 -22.91 -11.79 -16.42
N GLY B 22 -24.18 -11.91 -16.86
CA GLY B 22 -25.30 -11.41 -16.05
C GLY B 22 -25.36 -12.01 -14.66
N HIS B 23 -24.89 -13.27 -14.52
CA HIS B 23 -24.82 -14.03 -13.27
C HIS B 23 -23.97 -13.30 -12.20
N LEU B 24 -22.98 -12.48 -12.62
CA LEU B 24 -22.14 -11.70 -11.70
C LEU B 24 -22.91 -10.53 -11.09
N MET B 25 -24.07 -10.18 -11.66
CA MET B 25 -24.91 -9.08 -11.16
C MET B 25 -26.24 -9.60 -10.60
N ALA B 26 -26.49 -10.93 -10.64
CA ALA B 26 -27.73 -11.50 -10.13
C ALA B 26 -27.79 -11.35 -8.60
N ASP B 27 -29.00 -11.08 -8.07
CA ASP B 27 -29.26 -10.94 -6.64
C ASP B 27 -29.44 -12.36 -6.08
N ILE B 28 -28.31 -13.08 -5.88
CA ILE B 28 -28.30 -14.47 -5.43
C ILE B 28 -28.00 -14.65 -3.94
N ASP B 29 -27.27 -13.70 -3.30
CA ASP B 29 -26.88 -13.81 -1.89
C ASP B 29 -28.00 -13.29 -0.97
N PRO B 30 -28.63 -14.20 -0.16
CA PRO B 30 -29.71 -13.76 0.74
C PRO B 30 -29.27 -12.81 1.84
N LEU B 31 -27.96 -12.81 2.18
CA LEU B 31 -27.40 -11.95 3.22
C LEU B 31 -26.93 -10.61 2.70
N ARG B 32 -26.61 -10.52 1.41
CA ARG B 32 -26.11 -9.31 0.75
C ARG B 32 -24.88 -8.77 1.50
N LEU B 33 -23.91 -9.65 1.76
CA LEU B 33 -22.68 -9.33 2.49
C LEU B 33 -21.78 -8.34 1.71
N ASP B 34 -21.73 -8.47 0.36
CA ASP B 34 -20.90 -7.62 -0.49
C ASP B 34 -21.69 -6.36 -0.92
N TRP B 54 -34.39 5.98 -24.17
CA TRP B 54 -34.69 6.70 -25.41
C TRP B 54 -34.73 5.75 -26.62
N ASP B 55 -33.88 4.71 -26.62
CA ASP B 55 -33.86 3.67 -27.67
C ASP B 55 -34.76 2.49 -27.28
N LEU B 56 -35.24 2.49 -26.02
CA LEU B 56 -36.07 1.45 -25.40
C LEU B 56 -37.30 1.07 -26.22
N ASP B 57 -37.91 2.04 -26.90
CA ASP B 57 -39.14 1.83 -27.66
C ASP B 57 -38.89 1.58 -29.17
N ARG B 58 -37.61 1.45 -29.57
CA ARG B 58 -37.21 1.17 -30.95
C ARG B 58 -37.00 -0.34 -31.14
N GLU B 59 -37.35 -0.84 -32.32
CA GLU B 59 -37.28 -2.26 -32.66
C GLU B 59 -35.90 -2.68 -33.17
N PHE B 60 -35.44 -3.88 -32.76
CA PHE B 60 -34.15 -4.46 -33.15
C PHE B 60 -34.30 -5.93 -33.57
N LYS B 61 -33.48 -6.35 -34.54
CA LYS B 61 -33.49 -7.72 -35.07
C LYS B 61 -32.78 -8.69 -34.13
N VAL B 62 -33.48 -9.77 -33.73
CA VAL B 62 -32.99 -10.80 -32.82
C VAL B 62 -33.18 -12.17 -33.48
N GLY B 67 -36.74 -18.76 -34.33
CA GLY B 67 -36.95 -17.99 -35.55
C GLY B 67 -36.58 -16.52 -35.43
N VAL B 68 -36.01 -15.94 -36.51
CA VAL B 68 -35.59 -14.55 -36.59
C VAL B 68 -36.80 -13.62 -36.52
N GLN B 69 -36.83 -12.73 -35.51
CA GLN B 69 -37.93 -11.80 -35.28
C GLN B 69 -37.42 -10.42 -34.82
N ARG B 70 -38.27 -9.39 -34.95
CA ARG B 70 -37.99 -8.02 -34.52
C ARG B 70 -38.63 -7.76 -33.15
N LYS B 71 -37.84 -7.26 -32.19
CA LYS B 71 -38.30 -6.97 -30.82
C LYS B 71 -37.83 -5.60 -30.33
N LYS B 72 -38.70 -4.91 -29.55
CA LYS B 72 -38.39 -3.60 -28.94
C LYS B 72 -37.29 -3.77 -27.89
N LEU B 73 -36.37 -2.79 -27.79
CA LEU B 73 -35.25 -2.89 -26.82
C LEU B 73 -35.75 -3.13 -25.39
N ARG B 74 -36.83 -2.42 -24.95
CA ARG B 74 -37.37 -2.59 -23.59
C ARG B 74 -37.69 -4.09 -23.26
N ASP B 75 -38.24 -4.84 -24.24
CA ASP B 75 -38.62 -6.26 -24.11
C ASP B 75 -37.38 -7.15 -24.12
N ILE B 76 -36.39 -6.81 -24.97
CA ILE B 76 -35.11 -7.51 -25.02
C ILE B 76 -34.48 -7.45 -23.63
N LEU B 77 -34.35 -6.23 -23.08
CA LEU B 77 -33.73 -5.96 -21.77
C LEU B 77 -34.50 -6.62 -20.61
N SER B 78 -35.86 -6.52 -20.59
CA SER B 78 -36.73 -7.13 -19.58
C SER B 78 -36.49 -8.64 -19.47
N VAL B 79 -36.53 -9.35 -20.63
CA VAL B 79 -36.31 -10.80 -20.74
C VAL B 79 -34.92 -11.13 -20.18
N LEU B 80 -33.89 -10.31 -20.52
CA LEU B 80 -32.51 -10.53 -20.08
C LEU B 80 -32.36 -10.32 -18.56
N ARG B 81 -32.91 -9.22 -18.01
CA ARG B 81 -32.81 -8.96 -16.56
C ARG B 81 -33.51 -10.04 -15.74
N ASP B 82 -34.71 -10.48 -16.20
CA ASP B 82 -35.50 -11.51 -15.51
C ASP B 82 -34.79 -12.87 -15.55
N ALA B 83 -34.26 -13.22 -16.73
CA ALA B 83 -33.57 -14.49 -16.95
C ALA B 83 -32.22 -14.57 -16.26
N TYR B 84 -31.43 -13.46 -16.24
CA TYR B 84 -30.05 -13.52 -15.78
C TYR B 84 -29.63 -12.63 -14.64
N CYS B 85 -30.49 -11.70 -14.20
CA CYS B 85 -30.10 -10.75 -13.18
C CYS B 85 -31.09 -10.63 -12.03
N ARG B 86 -32.01 -11.61 -11.85
CA ARG B 86 -32.91 -11.58 -10.72
C ARG B 86 -32.37 -12.53 -9.63
N HIS B 87 -33.08 -13.59 -9.26
CA HIS B 87 -32.65 -14.49 -8.20
C HIS B 87 -31.92 -15.73 -8.72
N VAL B 88 -31.73 -15.82 -10.05
CA VAL B 88 -31.01 -16.94 -10.67
C VAL B 88 -29.84 -16.42 -11.53
N GLY B 89 -28.64 -16.89 -11.20
CA GLY B 89 -27.43 -16.62 -11.95
C GLY B 89 -27.15 -17.84 -12.80
N VAL B 90 -27.25 -17.70 -14.12
CA VAL B 90 -27.06 -18.83 -15.05
C VAL B 90 -25.67 -18.76 -15.70
N GLU B 91 -24.90 -19.86 -15.55
CA GLU B 91 -23.60 -20.03 -16.20
C GLU B 91 -23.75 -21.17 -17.20
N TYR B 92 -23.74 -20.85 -18.50
CA TYR B 92 -23.90 -21.89 -19.51
C TYR B 92 -23.13 -21.62 -20.80
N THR B 93 -22.64 -20.39 -21.03
CA THR B 93 -21.96 -20.09 -22.30
C THR B 93 -20.57 -20.72 -22.39
N HIS B 94 -20.11 -21.39 -21.32
CA HIS B 94 -18.85 -22.13 -21.30
C HIS B 94 -19.06 -23.52 -21.95
N ILE B 95 -20.32 -23.96 -22.11
CA ILE B 95 -20.69 -25.25 -22.69
C ILE B 95 -20.30 -25.27 -24.18
N LEU B 96 -19.54 -26.28 -24.60
CA LEU B 96 -19.07 -26.36 -25.99
C LEU B 96 -20.15 -26.77 -26.99
N GLU B 97 -21.13 -27.59 -26.58
CA GLU B 97 -22.22 -28.06 -27.44
C GLU B 97 -23.22 -26.90 -27.70
N PRO B 98 -23.36 -26.40 -28.94
CA PRO B 98 -24.29 -25.26 -29.18
C PRO B 98 -25.75 -25.59 -28.93
N GLU B 99 -26.17 -26.84 -29.14
CA GLU B 99 -27.57 -27.27 -28.94
C GLU B 99 -27.94 -27.21 -27.45
N GLN B 100 -26.96 -27.39 -26.53
CA GLN B 100 -27.17 -27.33 -25.09
C GLN B 100 -27.31 -25.88 -24.66
N GLN B 101 -26.50 -24.97 -25.25
CA GLN B 101 -26.61 -23.53 -24.99
C GLN B 101 -27.96 -23.02 -25.47
N ARG B 102 -28.41 -23.45 -26.67
CA ARG B 102 -29.71 -23.05 -27.23
C ARG B 102 -30.86 -23.50 -26.36
N TRP B 103 -30.83 -24.77 -25.90
CA TRP B 103 -31.85 -25.38 -25.06
C TRP B 103 -32.06 -24.54 -23.78
N ILE B 104 -30.95 -24.15 -23.09
CA ILE B 104 -31.02 -23.34 -21.87
C ILE B 104 -31.58 -21.95 -22.21
N GLN B 105 -31.06 -21.32 -23.28
CA GLN B 105 -31.48 -20.00 -23.77
C GLN B 105 -32.99 -19.95 -23.99
N GLU B 106 -33.55 -20.94 -24.71
CA GLU B 106 -34.99 -21.01 -25.02
C GLU B 106 -35.87 -21.24 -23.78
N ARG B 107 -35.31 -21.83 -22.70
CA ARG B 107 -36.11 -22.05 -21.49
C ARG B 107 -35.95 -20.96 -20.44
N VAL B 108 -34.84 -20.19 -20.46
CA VAL B 108 -34.66 -19.14 -19.45
C VAL B 108 -35.11 -17.76 -19.99
N GLU B 109 -35.04 -17.56 -21.32
CA GLU B 109 -35.39 -16.28 -21.96
C GLU B 109 -36.85 -16.27 -22.45
N THR B 110 -37.79 -16.56 -21.55
CA THR B 110 -39.23 -16.57 -21.83
C THR B 110 -39.99 -16.04 -20.62
N LYS B 111 -41.25 -15.64 -20.80
CA LYS B 111 -42.12 -15.19 -19.71
C LYS B 111 -42.63 -16.45 -19.01
N HIS B 112 -42.11 -16.73 -17.80
CA HIS B 112 -42.47 -17.93 -17.05
C HIS B 112 -43.83 -17.80 -16.38
N ASP B 113 -44.63 -18.88 -16.46
CA ASP B 113 -45.96 -18.94 -15.83
C ASP B 113 -45.77 -19.11 -14.32
N LYS B 114 -46.40 -18.21 -13.54
CA LYS B 114 -46.33 -18.21 -12.07
C LYS B 114 -46.88 -19.52 -11.49
N PRO B 115 -46.33 -20.06 -10.36
CA PRO B 115 -46.88 -21.32 -9.81
C PRO B 115 -48.31 -21.12 -9.31
N THR B 116 -49.10 -22.21 -9.31
CA THR B 116 -50.50 -22.17 -8.86
C THR B 116 -50.53 -22.00 -7.34
N VAL B 117 -51.66 -21.51 -6.79
CA VAL B 117 -51.86 -21.30 -5.35
C VAL B 117 -51.63 -22.63 -4.61
N ALA B 118 -52.15 -23.76 -5.14
CA ALA B 118 -51.98 -25.12 -4.60
C ALA B 118 -50.49 -25.50 -4.49
N GLU B 119 -49.70 -25.17 -5.53
CA GLU B 119 -48.25 -25.43 -5.59
C GLU B 119 -47.52 -24.56 -4.57
N GLN B 120 -47.93 -23.28 -4.41
CA GLN B 120 -47.35 -22.35 -3.43
C GLN B 120 -47.60 -22.84 -2.00
N LYS B 121 -48.86 -23.29 -1.71
CA LYS B 121 -49.24 -23.85 -0.41
C LYS B 121 -48.42 -25.11 -0.11
N TYR B 122 -48.16 -25.94 -1.15
CA TYR B 122 -47.35 -27.14 -1.01
C TYR B 122 -45.89 -26.76 -0.68
N ILE B 123 -45.31 -25.76 -1.38
CA ILE B 123 -43.95 -25.28 -1.08
C ILE B 123 -43.89 -24.80 0.40
N LEU B 124 -44.86 -23.97 0.85
CA LEU B 124 -44.94 -23.51 2.24
C LEU B 124 -45.01 -24.71 3.22
N SER B 125 -45.83 -25.74 2.90
CA SER B 125 -45.91 -26.93 3.78
C SER B 125 -44.53 -27.59 3.95
N LYS B 126 -43.67 -27.57 2.89
CA LYS B 126 -42.31 -28.15 2.96
C LYS B 126 -41.37 -27.27 3.80
N LEU B 127 -41.49 -25.93 3.70
CA LEU B 127 -40.67 -25.00 4.49
C LEU B 127 -41.08 -25.11 5.96
N ASN B 128 -42.39 -25.29 6.23
CA ASN B 128 -42.93 -25.46 7.58
C ASN B 128 -42.33 -26.68 8.24
N ALA B 129 -42.33 -27.83 7.52
CA ALA B 129 -41.79 -29.09 8.00
C ALA B 129 -40.30 -28.97 8.29
N ALA B 130 -39.55 -28.36 7.37
CA ALA B 130 -38.12 -28.16 7.47
C ALA B 130 -37.74 -27.32 8.68
N GLU B 131 -38.35 -26.13 8.84
CA GLU B 131 -37.96 -25.30 9.97
C GLU B 131 -38.50 -25.84 11.30
N ALA B 132 -39.75 -26.32 11.36
CA ALA B 132 -40.35 -26.78 12.61
C ALA B 132 -39.69 -28.06 13.14
N PHE B 133 -39.18 -28.94 12.25
CA PHE B 133 -38.43 -30.14 12.67
C PHE B 133 -37.16 -29.69 13.42
N GLU B 134 -36.40 -28.72 12.84
CA GLU B 134 -35.16 -28.21 13.45
C GLU B 134 -35.41 -27.51 14.82
N THR B 135 -36.39 -26.59 14.90
CA THR B 135 -36.72 -25.87 16.13
C THR B 135 -37.29 -26.84 17.18
N PHE B 136 -37.96 -27.92 16.75
CA PHE B 136 -38.47 -28.91 17.68
C PHE B 136 -37.28 -29.59 18.37
N LEU B 137 -36.29 -30.08 17.57
CA LEU B 137 -35.08 -30.76 18.08
C LEU B 137 -34.22 -29.86 18.96
N GLN B 138 -34.22 -28.54 18.70
CA GLN B 138 -33.50 -27.52 19.47
C GLN B 138 -34.05 -27.50 20.92
N THR B 139 -35.37 -27.50 21.04
CA THR B 139 -36.09 -27.49 22.31
C THR B 139 -35.90 -28.79 23.11
N LYS B 140 -35.94 -29.97 22.45
CA LYS B 140 -35.84 -31.26 23.15
C LYS B 140 -34.41 -31.72 23.35
N TYR B 141 -33.50 -31.40 22.42
CA TYR B 141 -32.11 -31.87 22.49
C TYR B 141 -31.11 -30.72 22.25
N VAL B 142 -31.14 -29.67 23.09
CA VAL B 142 -30.34 -28.44 23.00
C VAL B 142 -28.81 -28.70 23.01
N GLY B 143 -28.32 -29.66 23.80
CA GLY B 143 -26.90 -29.98 23.87
C GLY B 143 -26.41 -31.08 22.93
N GLN B 144 -27.23 -31.44 21.90
CA GLN B 144 -26.87 -32.50 20.98
C GLN B 144 -26.66 -31.98 19.56
N LYS B 145 -25.64 -32.55 18.89
CA LYS B 145 -25.26 -32.24 17.52
C LYS B 145 -26.28 -32.77 16.56
N ARG B 146 -26.83 -31.91 15.70
CA ARG B 146 -27.81 -32.34 14.69
C ARG B 146 -27.52 -31.76 13.27
N PHE B 147 -26.52 -30.84 13.13
CA PHE B 147 -26.14 -30.17 11.87
C PHE B 147 -27.40 -29.66 11.13
N SER B 148 -28.07 -28.74 11.80
CA SER B 148 -29.32 -28.11 11.38
C SER B 148 -29.25 -27.52 9.97
N LEU B 149 -30.38 -27.60 9.27
CA LEU B 149 -30.67 -27.05 7.94
C LEU B 149 -31.17 -25.58 8.04
N GLU B 150 -31.37 -25.07 9.25
CA GLU B 150 -31.84 -23.70 9.50
C GLU B 150 -31.00 -22.67 8.79
N GLY B 151 -31.66 -21.87 7.93
CA GLY B 151 -31.01 -20.89 7.07
C GLY B 151 -30.92 -21.41 5.64
N ALA B 152 -31.23 -22.71 5.43
CA ALA B 152 -31.19 -23.44 4.13
C ALA B 152 -32.40 -24.32 3.95
N GLU B 153 -33.55 -23.96 4.54
CA GLU B 153 -34.81 -24.70 4.50
C GLU B 153 -35.28 -25.02 3.09
N THR B 154 -34.99 -24.13 2.11
CA THR B 154 -35.43 -24.30 0.73
C THR B 154 -34.80 -25.56 0.07
N VAL B 155 -33.82 -26.18 0.72
CA VAL B 155 -33.22 -27.46 0.26
C VAL B 155 -34.34 -28.52 0.17
N ILE B 156 -35.30 -28.52 1.13
CA ILE B 156 -36.42 -29.50 1.16
C ILE B 156 -37.39 -29.26 -0.05
N PRO B 157 -38.05 -28.09 -0.27
CA PRO B 157 -38.88 -27.98 -1.49
C PRO B 157 -38.05 -28.13 -2.78
N MET B 158 -36.73 -27.79 -2.76
CA MET B 158 -35.87 -27.97 -3.93
C MET B 158 -35.68 -29.46 -4.27
N MET B 159 -35.34 -30.29 -3.27
CA MET B 159 -35.14 -31.74 -3.46
C MET B 159 -36.47 -32.40 -3.83
N ASP B 160 -37.57 -31.92 -3.24
CA ASP B 160 -38.92 -32.42 -3.54
C ASP B 160 -39.24 -32.20 -5.02
N ALA B 161 -38.86 -31.00 -5.57
CA ALA B 161 -39.06 -30.62 -6.97
C ALA B 161 -38.21 -31.52 -7.88
N VAL B 162 -36.95 -31.84 -7.49
CA VAL B 162 -36.09 -32.75 -8.27
C VAL B 162 -36.79 -34.10 -8.43
N ILE B 163 -37.16 -34.70 -7.30
CA ILE B 163 -37.78 -36.03 -7.24
C ILE B 163 -39.12 -36.03 -7.98
N ASP B 164 -39.97 -35.00 -7.75
CA ASP B 164 -41.27 -34.90 -8.43
C ASP B 164 -41.08 -34.80 -9.96
N GLN B 165 -40.07 -34.02 -10.41
CA GLN B 165 -39.80 -33.88 -11.85
C GLN B 165 -39.28 -35.21 -12.42
N CYS B 166 -38.52 -35.98 -11.63
CA CYS B 166 -38.05 -37.32 -12.07
C CYS B 166 -39.27 -38.26 -12.24
N ALA B 167 -40.26 -38.16 -11.33
CA ALA B 167 -41.51 -38.94 -11.39
C ALA B 167 -42.37 -38.52 -12.59
N GLU B 168 -42.31 -37.22 -12.96
CA GLU B 168 -43.04 -36.66 -14.11
C GLU B 168 -42.50 -37.27 -15.41
N HIS B 169 -41.18 -37.53 -15.45
CA HIS B 169 -40.50 -38.20 -16.58
C HIS B 169 -40.72 -39.73 -16.53
N GLY B 170 -41.45 -40.23 -15.51
CA GLY B 170 -41.74 -41.65 -15.34
C GLY B 170 -40.52 -42.49 -15.03
N LEU B 171 -39.52 -41.91 -14.34
CA LEU B 171 -38.29 -42.62 -13.99
C LEU B 171 -38.52 -43.58 -12.81
N ASP B 172 -37.58 -44.50 -12.56
CA ASP B 172 -37.75 -45.58 -11.60
C ASP B 172 -37.31 -45.28 -10.19
N GLU B 173 -36.17 -44.59 -10.03
CA GLU B 173 -35.62 -44.35 -8.71
C GLU B 173 -34.71 -43.15 -8.70
N VAL B 174 -34.68 -42.45 -7.56
CA VAL B 174 -33.78 -41.36 -7.27
C VAL B 174 -32.91 -41.86 -6.11
N VAL B 175 -31.59 -41.91 -6.29
CA VAL B 175 -30.69 -42.35 -5.21
C VAL B 175 -29.90 -41.12 -4.74
N ILE B 176 -30.01 -40.81 -3.46
CA ILE B 176 -29.37 -39.64 -2.88
C ILE B 176 -28.10 -40.01 -2.12
N ALA B 177 -27.08 -39.15 -2.22
CA ALA B 177 -25.88 -39.14 -1.38
C ALA B 177 -25.72 -37.72 -0.90
N MET B 178 -25.42 -37.53 0.39
CA MET B 178 -25.32 -36.20 0.93
C MET B 178 -24.44 -36.17 2.16
N PRO B 179 -23.93 -34.97 2.57
CA PRO B 179 -23.15 -34.89 3.80
C PRO B 179 -24.08 -34.71 5.04
N HIS B 180 -23.61 -33.99 6.07
CA HIS B 180 -24.28 -33.77 7.35
C HIS B 180 -25.35 -32.66 7.39
N ARG B 181 -25.20 -31.59 6.57
CA ARG B 181 -26.08 -30.42 6.59
C ARG B 181 -27.52 -30.74 6.19
N GLY B 182 -28.42 -30.64 7.17
CA GLY B 182 -29.84 -30.95 7.02
C GLY B 182 -30.14 -32.43 6.78
N ARG B 183 -29.19 -33.31 7.06
CA ARG B 183 -29.32 -34.77 6.82
C ARG B 183 -30.52 -35.36 7.53
N LEU B 184 -30.65 -35.08 8.84
CA LEU B 184 -31.76 -35.60 9.61
C LEU B 184 -33.09 -35.07 9.06
N ASN B 185 -33.07 -33.84 8.55
CA ASN B 185 -34.23 -33.18 7.96
C ASN B 185 -34.62 -33.85 6.65
N VAL B 186 -33.63 -34.13 5.77
CA VAL B 186 -33.87 -34.84 4.51
C VAL B 186 -34.42 -36.24 4.77
N LEU B 187 -33.82 -36.96 5.72
CA LEU B 187 -34.29 -38.31 6.06
C LEU B 187 -35.77 -38.32 6.43
N ALA B 188 -36.18 -37.40 7.31
CA ALA B 188 -37.57 -37.35 7.76
C ALA B 188 -38.51 -36.73 6.74
N ASN B 189 -38.11 -35.62 6.08
CA ASN B 189 -39.00 -34.84 5.26
C ASN B 189 -38.92 -35.11 3.76
N ILE B 190 -37.92 -35.87 3.30
CA ILE B 190 -37.81 -36.22 1.88
C ILE B 190 -37.88 -37.75 1.68
N VAL B 191 -37.10 -38.53 2.47
CA VAL B 191 -37.03 -40.00 2.28
C VAL B 191 -38.14 -40.74 3.08
N GLY B 192 -38.57 -40.15 4.19
CA GLY B 192 -39.65 -40.75 4.98
C GLY B 192 -39.23 -41.68 6.10
N LYS B 193 -37.95 -41.55 6.58
CA LYS B 193 -37.47 -42.29 7.75
C LYS B 193 -38.36 -41.86 8.93
N PRO B 194 -38.97 -42.80 9.67
CA PRO B 194 -39.91 -42.35 10.71
C PRO B 194 -39.27 -41.43 11.74
N TYR B 195 -40.02 -40.41 12.17
CA TYR B 195 -39.63 -39.46 13.21
C TYR B 195 -39.29 -40.21 14.49
N SER B 196 -40.08 -41.27 14.78
CA SER B 196 -39.91 -42.11 15.96
C SER B 196 -38.53 -42.73 16.01
N GLN B 197 -38.00 -43.16 14.85
CA GLN B 197 -36.65 -43.74 14.74
C GLN B 197 -35.57 -42.67 14.98
N ILE B 198 -35.73 -41.46 14.40
CA ILE B 198 -34.77 -40.36 14.59
C ILE B 198 -34.78 -39.94 16.08
N PHE B 199 -35.97 -39.82 16.69
CA PHE B 199 -36.06 -39.49 18.11
C PHE B 199 -35.45 -40.59 18.98
N SER B 200 -35.60 -41.88 18.62
CA SER B 200 -34.99 -43.00 19.37
C SER B 200 -33.45 -42.92 19.32
N GLU B 201 -32.87 -42.45 18.18
CA GLU B 201 -31.44 -42.20 18.06
C GLU B 201 -30.98 -41.08 19.02
N PHE B 202 -31.71 -39.94 19.06
CA PHE B 202 -31.43 -38.85 20.00
C PHE B 202 -31.56 -39.31 21.48
N GLU B 203 -32.59 -40.14 21.79
CA GLU B 203 -32.83 -40.70 23.13
C GLU B 203 -31.70 -41.64 23.58
N GLY B 204 -31.04 -42.28 22.60
CA GLY B 204 -30.00 -43.26 22.84
C GLY B 204 -30.58 -44.56 23.36
N ASN B 205 -31.80 -44.90 22.89
CA ASN B 205 -32.55 -46.12 23.27
C ASN B 205 -32.75 -46.93 22.00
N LEU B 206 -31.73 -47.71 21.65
CA LEU B 206 -31.71 -48.50 20.43
C LEU B 206 -32.09 -49.95 20.69
N ASN B 207 -33.05 -50.47 19.90
CA ASN B 207 -33.53 -51.85 19.94
C ASN B 207 -32.45 -52.78 19.30
N PRO B 208 -32.53 -54.13 19.44
CA PRO B 208 -31.46 -54.99 18.91
C PRO B 208 -31.11 -54.78 17.43
N SER B 209 -32.11 -54.58 16.53
CA SER B 209 -31.82 -54.36 15.10
C SER B 209 -31.06 -53.06 14.87
N GLN B 210 -31.43 -51.99 15.61
CA GLN B 210 -30.78 -50.68 15.54
C GLN B 210 -29.36 -50.75 16.10
N ALA B 211 -29.16 -51.58 17.14
CA ALA B 211 -27.88 -51.73 17.85
C ALA B 211 -26.97 -52.81 17.24
N HIS B 212 -27.33 -53.38 16.06
CA HIS B 212 -26.49 -54.42 15.42
C HIS B 212 -25.15 -53.85 14.93
N GLY B 213 -24.10 -54.68 14.95
CA GLY B 213 -22.74 -54.30 14.54
C GLY B 213 -22.17 -53.22 15.44
N SER B 214 -21.15 -52.47 14.97
CA SER B 214 -20.55 -51.39 15.76
C SER B 214 -21.30 -50.04 15.52
N GLY B 215 -21.94 -49.90 14.37
CA GLY B 215 -22.79 -48.75 14.06
C GLY B 215 -22.14 -47.43 13.68
N ASP B 216 -22.95 -46.41 13.47
CA ASP B 216 -22.44 -45.08 13.12
C ASP B 216 -23.38 -43.98 13.65
N VAL B 217 -22.91 -42.71 13.58
CA VAL B 217 -23.62 -41.51 14.08
C VAL B 217 -24.88 -41.26 13.26
N LYS B 218 -25.92 -40.66 13.89
CA LYS B 218 -27.25 -40.47 13.29
C LYS B 218 -27.26 -39.75 11.92
N TYR B 219 -26.33 -38.80 11.71
CA TYR B 219 -26.27 -38.01 10.49
C TYR B 219 -25.43 -38.70 9.37
N HIS B 220 -25.20 -40.02 9.51
CA HIS B 220 -24.51 -40.82 8.47
C HIS B 220 -25.38 -41.92 7.94
N LEU B 221 -26.59 -42.08 8.50
CA LEU B 221 -27.45 -43.21 8.14
C LEU B 221 -28.27 -42.96 6.86
N GLY B 222 -28.69 -44.06 6.25
CA GLY B 222 -29.50 -44.07 5.05
C GLY B 222 -30.94 -44.49 5.29
N ALA B 223 -31.75 -44.51 4.23
CA ALA B 223 -33.16 -44.85 4.28
C ALA B 223 -33.71 -45.06 2.88
N THR B 224 -34.89 -45.71 2.76
CA THR B 224 -35.55 -45.91 1.48
C THR B 224 -37.05 -45.79 1.65
N GLY B 225 -37.73 -45.36 0.60
CA GLY B 225 -39.18 -45.24 0.57
C GLY B 225 -39.70 -45.02 -0.82
N THR B 226 -41.02 -44.83 -0.93
CA THR B 226 -41.70 -44.55 -2.18
C THR B 226 -42.26 -43.15 -2.14
N TYR B 227 -41.87 -42.31 -3.10
CA TYR B 227 -42.37 -40.94 -3.23
C TYR B 227 -43.62 -40.96 -4.09
N ILE B 228 -44.72 -40.39 -3.59
CA ILE B 228 -45.98 -40.32 -4.34
C ILE B 228 -46.20 -38.86 -4.74
N GLN B 229 -46.37 -38.60 -6.05
CA GLN B 229 -46.60 -37.24 -6.57
C GLN B 229 -47.82 -36.57 -5.93
N MET B 230 -47.67 -35.30 -5.54
CA MET B 230 -48.74 -34.50 -4.94
C MET B 230 -49.78 -34.13 -5.99
N PHE B 231 -49.34 -33.73 -7.19
CA PHE B 231 -50.25 -33.28 -8.24
C PHE B 231 -50.34 -34.24 -9.44
N GLY B 232 -49.29 -35.01 -9.68
CA GLY B 232 -49.25 -36.00 -10.75
C GLY B 232 -49.76 -37.36 -10.30
N ASP B 233 -49.76 -38.37 -11.18
CA ASP B 233 -50.26 -39.70 -10.84
C ASP B 233 -49.18 -40.77 -10.77
N ASN B 234 -47.89 -40.36 -10.74
CA ASN B 234 -46.81 -41.31 -10.67
C ASN B 234 -46.18 -41.40 -9.28
N ASP B 235 -45.43 -42.47 -9.07
CA ASP B 235 -44.63 -42.67 -7.88
C ASP B 235 -43.24 -43.06 -8.35
N ILE B 236 -42.26 -42.89 -7.48
CA ILE B 236 -40.87 -43.15 -7.77
C ILE B 236 -40.19 -43.58 -6.48
N GLU B 237 -39.22 -44.53 -6.56
CA GLU B 237 -38.49 -44.97 -5.39
C GLU B 237 -37.43 -43.92 -5.03
N VAL B 238 -37.21 -43.71 -3.74
CA VAL B 238 -36.22 -42.75 -3.23
C VAL B 238 -35.41 -43.46 -2.17
N SER B 239 -34.11 -43.45 -2.35
CA SER B 239 -33.16 -44.06 -1.43
CA SER B 239 -33.21 -44.04 -1.39
C SER B 239 -32.11 -43.04 -1.08
N LEU B 240 -31.48 -43.17 0.10
CA LEU B 240 -30.40 -42.31 0.56
C LEU B 240 -29.34 -43.24 1.13
N THR B 241 -28.15 -43.26 0.51
CA THR B 241 -27.10 -44.19 0.89
C THR B 241 -26.33 -43.69 2.13
N ALA B 242 -25.69 -44.64 2.85
CA ALA B 242 -24.91 -44.35 4.04
C ALA B 242 -23.56 -43.77 3.68
N ASN B 243 -22.89 -43.06 4.61
CA ASN B 243 -21.59 -42.51 4.30
C ASN B 243 -20.76 -42.27 5.56
N PRO B 244 -19.44 -42.09 5.42
CA PRO B 244 -18.62 -41.75 6.59
C PRO B 244 -18.58 -40.24 6.75
N SER B 245 -17.82 -39.75 7.75
CA SER B 245 -17.66 -38.30 7.97
C SER B 245 -16.91 -37.68 6.79
N HIS B 246 -15.99 -38.44 6.16
CA HIS B 246 -15.13 -38.02 5.02
C HIS B 246 -15.99 -37.42 3.92
N LEU B 247 -16.01 -36.08 3.89
CA LEU B 247 -16.86 -35.32 2.97
C LEU B 247 -16.47 -35.61 1.55
N GLU B 248 -17.50 -35.88 0.71
CA GLU B 248 -17.44 -36.14 -0.73
C GLU B 248 -16.94 -37.57 -1.05
N ALA B 249 -16.46 -38.35 -0.04
CA ALA B 249 -15.92 -39.70 -0.30
C ALA B 249 -17.00 -40.65 -0.90
N VAL B 250 -18.26 -40.41 -0.57
CA VAL B 250 -19.43 -41.18 -1.03
C VAL B 250 -19.77 -40.88 -2.50
N ASP B 251 -19.28 -39.76 -3.05
CA ASP B 251 -19.62 -39.34 -4.42
C ASP B 251 -19.41 -40.46 -5.47
N PRO B 252 -18.21 -41.10 -5.59
CA PRO B 252 -18.03 -42.18 -6.58
C PRO B 252 -18.84 -43.42 -6.22
N VAL B 253 -19.08 -43.64 -4.91
CA VAL B 253 -19.86 -44.76 -4.37
C VAL B 253 -21.30 -44.63 -4.88
N LEU B 254 -21.87 -43.42 -4.79
CA LEU B 254 -23.23 -43.14 -5.32
C LEU B 254 -23.30 -43.50 -6.83
N GLU B 255 -22.35 -43.02 -7.60
CA GLU B 255 -22.26 -43.26 -9.04
C GLU B 255 -22.22 -44.76 -9.35
N GLY B 256 -21.41 -45.52 -8.64
CA GLY B 256 -21.31 -46.97 -8.88
C GLY B 256 -22.58 -47.70 -8.53
N LEU B 257 -23.23 -47.28 -7.42
CA LEU B 257 -24.46 -47.83 -6.90
C LEU B 257 -25.56 -47.63 -7.93
N VAL B 258 -25.72 -46.39 -8.44
CA VAL B 258 -26.70 -46.05 -9.50
C VAL B 258 -26.39 -46.83 -10.80
N ARG B 259 -25.11 -46.90 -11.21
CA ARG B 259 -24.76 -47.61 -12.46
C ARG B 259 -25.17 -49.10 -12.39
N ALA B 260 -24.96 -49.75 -11.23
CA ALA B 260 -25.32 -51.15 -11.03
C ALA B 260 -26.84 -51.35 -11.12
N LYS B 261 -27.61 -50.38 -10.58
CA LYS B 261 -29.10 -50.43 -10.61
C LYS B 261 -29.59 -50.22 -12.04
N GLN B 262 -28.92 -49.35 -12.80
CA GLN B 262 -29.26 -49.10 -14.22
C GLN B 262 -28.99 -50.36 -15.08
N ASP B 263 -27.82 -51.00 -14.90
CA ASP B 263 -27.46 -52.23 -15.62
C ASP B 263 -28.51 -53.33 -15.35
N LEU B 264 -28.99 -53.45 -14.10
CA LEU B 264 -30.02 -54.41 -13.69
C LEU B 264 -31.38 -54.12 -14.33
N LEU B 265 -31.74 -52.83 -14.47
CA LEU B 265 -33.02 -52.40 -15.04
C LEU B 265 -32.97 -52.37 -16.56
N ASP B 266 -31.80 -52.68 -17.15
CA ASP B 266 -31.59 -52.69 -18.60
C ASP B 266 -31.89 -51.26 -19.16
N THR B 267 -31.39 -50.23 -18.42
CA THR B 267 -31.50 -48.81 -18.77
C THR B 267 -30.09 -48.21 -18.82
N GLY B 268 -29.90 -47.25 -19.71
CA GLY B 268 -28.62 -46.58 -19.84
C GLY B 268 -27.62 -47.22 -20.77
N GLU B 269 -26.32 -47.00 -20.48
CA GLU B 269 -25.17 -47.45 -21.26
C GLU B 269 -25.21 -48.95 -21.60
N GLU B 270 -25.45 -49.83 -20.61
CA GLU B 270 -25.52 -51.27 -20.85
C GLU B 270 -26.99 -51.77 -20.88
N GLY B 271 -27.90 -50.87 -21.26
CA GLY B 271 -29.32 -51.17 -21.35
C GLY B 271 -29.95 -50.96 -22.71
N SER B 272 -31.13 -51.57 -22.91
CA SER B 272 -31.94 -51.51 -24.14
C SER B 272 -32.41 -50.10 -24.46
N ASP B 273 -32.79 -49.32 -23.43
CA ASP B 273 -33.23 -47.93 -23.63
C ASP B 273 -32.11 -46.98 -23.17
N ASN B 274 -32.33 -45.67 -23.38
CA ASN B 274 -31.37 -44.64 -22.96
C ASN B 274 -32.05 -43.66 -22.00
N ARG B 275 -32.96 -44.18 -21.14
CA ARG B 275 -33.67 -43.35 -20.15
C ARG B 275 -32.79 -43.05 -18.95
N PHE B 276 -31.81 -43.96 -18.64
CA PHE B 276 -30.94 -43.88 -17.44
C PHE B 276 -31.89 -43.58 -16.28
N SER B 277 -32.93 -44.46 -16.14
CA SER B 277 -34.08 -44.29 -15.26
C SER B 277 -33.78 -44.36 -13.75
N VAL B 278 -32.51 -44.43 -13.35
CA VAL B 278 -32.09 -44.35 -11.94
C VAL B 278 -31.24 -43.08 -11.89
N VAL B 279 -31.69 -42.08 -11.11
CA VAL B 279 -31.07 -40.77 -11.04
C VAL B 279 -30.23 -40.55 -9.78
N PRO B 280 -28.95 -40.19 -9.96
CA PRO B 280 -28.15 -39.80 -8.80
C PRO B 280 -28.45 -38.35 -8.43
N LEU B 281 -28.77 -38.09 -7.16
CA LEU B 281 -29.01 -36.76 -6.64
C LEU B 281 -27.92 -36.58 -5.58
N MET B 282 -26.94 -35.76 -5.88
CA MET B 282 -25.76 -35.66 -5.01
C MET B 282 -25.68 -34.31 -4.33
N LEU B 283 -25.72 -34.29 -2.98
CA LEU B 283 -25.65 -33.01 -2.25
C LEU B 283 -24.23 -32.79 -1.72
N HIS B 284 -23.86 -31.52 -1.57
CA HIS B 284 -22.53 -31.10 -1.14
C HIS B 284 -22.59 -29.85 -0.29
N GLY B 285 -21.53 -29.62 0.49
CA GLY B 285 -21.33 -28.38 1.22
C GLY B 285 -20.36 -27.54 0.38
N ASP B 286 -20.37 -26.22 0.54
CA ASP B 286 -19.55 -25.32 -0.30
C ASP B 286 -18.04 -25.49 -0.11
N ALA B 287 -17.53 -25.58 1.14
CA ALA B 287 -16.08 -25.69 1.35
C ALA B 287 -15.56 -27.05 0.88
N ALA B 288 -16.33 -28.14 1.12
CA ALA B 288 -15.93 -29.49 0.70
C ALA B 288 -15.95 -29.67 -0.84
N PHE B 289 -16.93 -29.09 -1.53
CA PHE B 289 -17.05 -29.22 -2.99
C PHE B 289 -15.84 -28.62 -3.72
N ALA B 290 -15.29 -27.52 -3.20
CA ALA B 290 -14.12 -26.85 -3.77
C ALA B 290 -12.78 -27.50 -3.35
N GLY B 291 -12.73 -28.01 -2.12
CA GLY B 291 -11.50 -28.57 -1.58
C GLY B 291 -11.16 -30.03 -1.78
N GLN B 292 -12.15 -30.91 -1.98
CA GLN B 292 -11.90 -32.36 -2.07
C GLN B 292 -11.70 -32.85 -3.53
N GLY B 293 -10.52 -33.39 -3.82
CA GLY B 293 -10.15 -33.88 -5.14
C GLY B 293 -11.04 -34.97 -5.72
N VAL B 294 -11.70 -35.75 -4.85
CA VAL B 294 -12.57 -36.83 -5.30
C VAL B 294 -13.79 -36.26 -6.08
N VAL B 295 -14.15 -34.98 -5.82
CA VAL B 295 -15.21 -34.29 -6.57
C VAL B 295 -14.81 -34.28 -8.07
N ALA B 296 -13.60 -33.75 -8.39
CA ALA B 296 -13.09 -33.70 -9.76
C ALA B 296 -12.99 -35.11 -10.40
N GLU B 297 -12.51 -36.10 -9.65
CA GLU B 297 -12.35 -37.49 -10.14
C GLU B 297 -13.71 -38.14 -10.50
N THR B 298 -14.75 -37.79 -9.76
CA THR B 298 -16.11 -38.33 -9.93
C THR B 298 -16.79 -37.64 -11.12
N LEU B 299 -16.61 -36.31 -11.24
CA LEU B 299 -17.14 -35.53 -12.38
C LEU B 299 -16.50 -36.04 -13.67
N ASN B 300 -15.21 -36.42 -13.58
CA ASN B 300 -14.41 -36.97 -14.70
C ASN B 300 -15.00 -38.29 -15.26
N LEU B 301 -15.79 -39.01 -14.46
CA LEU B 301 -16.42 -40.29 -14.86
C LEU B 301 -17.75 -40.09 -15.59
N ALA B 302 -18.36 -38.89 -15.45
CA ALA B 302 -19.72 -38.55 -15.88
C ALA B 302 -20.12 -38.96 -17.31
N LEU B 303 -19.20 -38.91 -18.29
CA LEU B 303 -19.55 -39.31 -19.66
C LEU B 303 -18.74 -40.53 -20.15
N LEU B 304 -17.99 -41.19 -19.25
CA LEU B 304 -17.21 -42.37 -19.63
C LEU B 304 -18.12 -43.58 -19.88
N ARG B 305 -17.85 -44.35 -20.92
CA ARG B 305 -18.64 -45.54 -21.24
C ARG B 305 -18.79 -46.51 -20.04
N GLY B 306 -17.72 -46.73 -19.29
CA GLY B 306 -17.74 -47.68 -18.19
C GLY B 306 -18.32 -47.16 -16.90
N TYR B 307 -18.57 -45.84 -16.80
CA TYR B 307 -18.97 -45.22 -15.52
C TYR B 307 -20.17 -44.28 -15.59
N ARG B 308 -20.55 -43.78 -16.77
CA ARG B 308 -21.66 -42.82 -16.90
C ARG B 308 -22.98 -43.35 -16.31
N THR B 309 -23.78 -42.44 -15.73
CA THR B 309 -25.08 -42.75 -15.12
C THR B 309 -26.18 -41.87 -15.74
N GLY B 310 -25.86 -41.24 -16.86
CA GLY B 310 -26.75 -40.37 -17.62
C GLY B 310 -26.95 -39.01 -17.00
N GLY B 311 -25.96 -38.55 -16.24
CA GLY B 311 -26.00 -37.25 -15.59
C GLY B 311 -26.47 -37.26 -14.15
N THR B 312 -25.71 -36.58 -13.30
CA THR B 312 -26.00 -36.43 -11.88
C THR B 312 -26.58 -35.03 -11.62
N ILE B 313 -27.58 -34.96 -10.75
CA ILE B 313 -28.16 -33.69 -10.31
C ILE B 313 -27.39 -33.31 -9.05
N HIS B 314 -26.63 -32.22 -9.11
CA HIS B 314 -25.86 -31.77 -7.94
C HIS B 314 -26.54 -30.57 -7.27
N ILE B 315 -26.59 -30.61 -5.95
CA ILE B 315 -27.08 -29.49 -5.13
C ILE B 315 -25.97 -29.14 -4.14
N VAL B 316 -25.45 -27.91 -4.20
CA VAL B 316 -24.48 -27.42 -3.23
C VAL B 316 -25.25 -26.54 -2.26
N VAL B 317 -25.25 -26.92 -0.96
CA VAL B 317 -25.88 -26.14 0.11
C VAL B 317 -24.84 -25.08 0.45
N ASN B 318 -24.84 -23.99 -0.31
CA ASN B 318 -23.80 -22.97 -0.19
C ASN B 318 -24.16 -21.91 0.89
N ASN B 319 -23.88 -22.26 2.17
CA ASN B 319 -24.17 -21.39 3.33
C ASN B 319 -23.01 -20.40 3.56
N GLN B 320 -22.10 -20.30 2.56
CA GLN B 320 -21.02 -19.32 2.49
C GLN B 320 -20.08 -19.35 3.70
N ILE B 321 -19.87 -20.55 4.26
CA ILE B 321 -19.00 -20.78 5.41
C ILE B 321 -18.64 -22.26 5.43
N GLY B 322 -17.44 -22.53 5.94
CA GLY B 322 -17.00 -23.89 6.22
C GLY B 322 -16.55 -23.94 7.67
N PHE B 323 -17.48 -24.18 8.60
CA PHE B 323 -17.18 -24.22 10.05
C PHE B 323 -16.77 -22.81 10.47
N THR B 324 -15.46 -22.51 10.74
CA THR B 324 -15.07 -21.13 11.07
C THR B 324 -14.35 -20.48 9.89
N THR B 325 -14.23 -21.22 8.77
CA THR B 325 -13.43 -20.74 7.64
C THR B 325 -14.29 -19.98 6.64
N ALA B 326 -13.81 -18.77 6.27
CA ALA B 326 -14.48 -17.95 5.27
C ALA B 326 -14.20 -18.48 3.85
N PRO B 327 -15.17 -18.37 2.87
CA PRO B 327 -14.92 -18.85 1.49
C PRO B 327 -13.60 -18.37 0.85
N THR B 328 -13.13 -17.16 1.21
CA THR B 328 -11.89 -16.61 0.64
C THR B 328 -10.65 -17.49 0.98
N ASP B 329 -10.73 -18.32 2.04
CA ASP B 329 -9.66 -19.23 2.46
C ASP B 329 -9.96 -20.67 2.04
N SER B 330 -11.15 -20.92 1.44
CA SER B 330 -11.54 -22.27 1.04
C SER B 330 -11.38 -22.55 -0.47
N ARG B 331 -11.39 -21.50 -1.33
CA ARG B 331 -11.30 -21.69 -2.78
C ARG B 331 -10.61 -20.52 -3.47
N SER B 332 -10.12 -20.77 -4.68
CA SER B 332 -9.39 -19.78 -5.46
C SER B 332 -10.21 -19.31 -6.68
N SER B 333 -11.54 -19.44 -6.58
CA SER B 333 -12.43 -19.05 -7.66
C SER B 333 -13.66 -18.35 -7.12
N GLU B 334 -14.39 -17.68 -8.02
CA GLU B 334 -15.57 -16.92 -7.72
C GLU B 334 -16.64 -17.78 -7.07
N TYR B 335 -16.89 -19.00 -7.61
CA TYR B 335 -17.94 -19.87 -7.10
C TYR B 335 -17.40 -21.16 -6.58
N CYS B 336 -18.08 -21.74 -5.59
CA CYS B 336 -17.72 -23.06 -5.03
C CYS B 336 -17.93 -24.18 -6.05
N THR B 337 -18.74 -23.92 -7.10
CA THR B 337 -19.13 -24.87 -8.15
C THR B 337 -18.27 -24.86 -9.40
N ASP B 338 -17.24 -24.00 -9.47
CA ASP B 338 -16.41 -23.80 -10.66
C ASP B 338 -15.69 -25.07 -11.14
N VAL B 339 -15.50 -26.06 -10.26
CA VAL B 339 -14.89 -27.35 -10.66
C VAL B 339 -15.80 -28.08 -11.70
N ALA B 340 -17.12 -27.85 -11.65
CA ALA B 340 -18.05 -28.53 -12.55
C ALA B 340 -17.91 -28.05 -14.00
N LYS B 341 -17.20 -26.91 -14.22
CA LYS B 341 -16.91 -26.40 -15.56
C LYS B 341 -15.89 -27.34 -16.29
N MET B 342 -15.22 -28.24 -15.56
CA MET B 342 -14.29 -29.19 -16.15
C MET B 342 -15.01 -30.15 -17.12
N ILE B 343 -16.32 -30.38 -16.95
CA ILE B 343 -17.08 -31.27 -17.83
C ILE B 343 -18.16 -30.51 -18.58
N GLY B 344 -18.07 -29.18 -18.55
CA GLY B 344 -19.04 -28.31 -19.23
C GLY B 344 -20.46 -28.45 -18.74
N ALA B 345 -20.63 -28.64 -17.43
CA ALA B 345 -21.96 -28.74 -16.87
C ALA B 345 -22.59 -27.35 -16.76
N PRO B 346 -23.91 -27.19 -17.00
CA PRO B 346 -24.54 -25.88 -16.70
C PRO B 346 -24.61 -25.70 -15.18
N ILE B 347 -24.46 -24.45 -14.71
CA ILE B 347 -24.49 -24.13 -13.28
C ILE B 347 -25.55 -23.05 -13.05
N PHE B 348 -26.42 -23.30 -12.10
CA PHE B 348 -27.48 -22.38 -11.70
C PHE B 348 -27.26 -21.93 -10.28
N HIS B 349 -26.93 -20.65 -10.08
CA HIS B 349 -26.74 -20.04 -8.75
C HIS B 349 -28.06 -19.47 -8.35
N VAL B 350 -28.66 -19.97 -7.26
CA VAL B 350 -30.00 -19.51 -6.92
C VAL B 350 -30.06 -18.97 -5.48
N ASN B 351 -30.87 -17.92 -5.31
CA ASN B 351 -31.12 -17.30 -4.02
C ASN B 351 -31.99 -18.24 -3.19
N GLY B 352 -31.41 -18.76 -2.11
CA GLY B 352 -32.03 -19.68 -1.17
C GLY B 352 -33.22 -19.09 -0.43
N ASP B 353 -33.44 -17.78 -0.53
CA ASP B 353 -34.58 -17.14 0.13
C ASP B 353 -35.74 -17.00 -0.87
N ASP B 354 -35.60 -17.58 -2.08
CA ASP B 354 -36.67 -17.58 -3.07
C ASP B 354 -37.00 -19.05 -3.36
N PRO B 355 -37.92 -19.65 -2.57
CA PRO B 355 -38.23 -21.08 -2.77
C PRO B 355 -38.85 -21.42 -4.13
N GLU B 356 -39.62 -20.49 -4.74
CA GLU B 356 -40.22 -20.73 -6.06
C GLU B 356 -39.14 -20.82 -7.14
N ALA B 357 -38.13 -19.91 -7.10
CA ALA B 357 -37.01 -19.95 -8.04
C ALA B 357 -36.19 -21.23 -7.82
N CYS B 358 -36.01 -21.63 -6.55
CA CYS B 358 -35.27 -22.85 -6.16
C CYS B 358 -35.96 -24.08 -6.74
N ALA B 359 -37.31 -24.18 -6.63
CA ALA B 359 -38.08 -25.30 -7.18
C ALA B 359 -38.05 -25.30 -8.71
N TRP B 360 -38.14 -24.09 -9.33
CA TRP B 360 -38.12 -23.93 -10.78
C TRP B 360 -36.78 -24.41 -11.38
N VAL B 361 -35.65 -24.00 -10.76
CA VAL B 361 -34.30 -24.40 -11.21
C VAL B 361 -34.13 -25.94 -11.07
N ALA B 362 -34.65 -26.51 -9.98
CA ALA B 362 -34.59 -27.95 -9.71
C ALA B 362 -35.26 -28.75 -10.85
N ARG B 363 -36.44 -28.29 -11.32
CA ARG B 363 -37.18 -28.93 -12.43
C ARG B 363 -36.46 -28.73 -13.77
N LEU B 364 -35.89 -27.53 -14.01
CA LEU B 364 -35.11 -27.24 -15.23
C LEU B 364 -33.86 -28.15 -15.30
N ALA B 365 -33.19 -28.36 -14.14
CA ALA B 365 -31.99 -29.22 -14.02
C ALA B 365 -32.32 -30.65 -14.41
N VAL B 366 -33.46 -31.19 -13.91
CA VAL B 366 -33.89 -32.57 -14.24
C VAL B 366 -34.20 -32.65 -15.75
N ASP B 367 -34.88 -31.63 -16.30
CA ASP B 367 -35.19 -31.58 -17.74
C ASP B 367 -33.90 -31.58 -18.59
N PHE B 368 -32.87 -30.81 -18.17
CA PHE B 368 -31.59 -30.77 -18.91
C PHE B 368 -30.91 -32.13 -18.87
N ARG B 369 -30.88 -32.77 -17.67
CA ARG B 369 -30.30 -34.09 -17.45
C ARG B 369 -30.98 -35.11 -18.37
N GLN B 370 -32.34 -35.08 -18.46
CA GLN B 370 -33.07 -36.00 -19.33
C GLN B 370 -32.80 -35.77 -20.82
N ALA B 371 -32.60 -34.50 -21.21
CA ALA B 371 -32.35 -34.15 -22.61
C ALA B 371 -30.92 -34.50 -23.07
N PHE B 372 -29.90 -34.25 -22.23
CA PHE B 372 -28.53 -34.40 -22.68
C PHE B 372 -27.70 -35.46 -21.95
N LYS B 373 -28.27 -36.14 -20.92
CA LYS B 373 -27.64 -37.22 -20.14
C LYS B 373 -26.28 -36.75 -19.58
N LYS B 374 -26.29 -35.54 -19.04
CA LYS B 374 -25.12 -34.86 -18.51
C LYS B 374 -25.47 -34.16 -17.18
N ASP B 375 -24.45 -34.01 -16.30
CA ASP B 375 -24.56 -33.39 -14.99
C ASP B 375 -25.03 -31.96 -15.06
N VAL B 376 -25.78 -31.55 -14.04
CA VAL B 376 -26.28 -30.19 -13.81
C VAL B 376 -25.97 -29.84 -12.38
N VAL B 377 -25.55 -28.59 -12.13
CA VAL B 377 -25.20 -28.17 -10.79
C VAL B 377 -26.07 -26.99 -10.35
N ILE B 378 -26.61 -27.10 -9.15
CA ILE B 378 -27.37 -26.03 -8.51
C ILE B 378 -26.58 -25.55 -7.31
N ASP B 379 -26.19 -24.27 -7.34
CA ASP B 379 -25.48 -23.65 -6.23
C ASP B 379 -26.52 -22.88 -5.43
N MET B 380 -27.08 -23.50 -4.39
CA MET B 380 -28.09 -22.79 -3.60
C MET B 380 -27.43 -21.88 -2.55
N LEU B 381 -27.42 -20.55 -2.78
CA LEU B 381 -26.87 -19.56 -1.85
C LEU B 381 -27.81 -19.37 -0.68
N CYS B 382 -27.28 -19.58 0.51
CA CYS B 382 -28.06 -19.55 1.75
C CYS B 382 -27.13 -19.18 2.89
N TYR B 383 -27.54 -19.47 4.13
CA TYR B 383 -26.72 -19.18 5.29
C TYR B 383 -26.93 -20.28 6.33
N ARG B 384 -26.11 -20.24 7.39
CA ARG B 384 -26.16 -21.24 8.46
C ARG B 384 -26.65 -20.49 9.66
N ARG B 385 -27.94 -20.67 9.99
CA ARG B 385 -28.57 -19.90 11.10
C ARG B 385 -27.83 -20.07 12.41
N ARG B 386 -27.41 -21.30 12.74
CA ARG B 386 -26.73 -21.49 13.99
C ARG B 386 -25.22 -21.63 13.75
N GLY B 387 -24.48 -22.03 14.78
CA GLY B 387 -23.05 -22.32 14.68
C GLY B 387 -22.83 -23.54 13.80
N HIS B 388 -21.57 -23.87 13.49
CA HIS B 388 -21.26 -25.04 12.63
C HIS B 388 -22.07 -26.29 13.04
N ASN B 389 -22.00 -26.53 14.35
CA ASN B 389 -22.78 -27.51 15.06
C ASN B 389 -23.53 -26.67 16.12
N GLU B 390 -24.64 -27.15 16.65
CA GLU B 390 -25.52 -26.39 17.55
C GLU B 390 -24.87 -26.06 18.93
N GLY B 391 -23.69 -26.62 19.20
CA GLY B 391 -22.98 -26.30 20.44
C GLY B 391 -21.86 -25.28 20.26
N ASP B 392 -21.57 -24.86 18.99
CA ASP B 392 -20.48 -23.93 18.61
C ASP B 392 -20.96 -22.48 18.47
N ASP B 393 -20.15 -21.50 18.96
CA ASP B 393 -20.46 -20.06 18.87
C ASP B 393 -19.73 -19.46 17.64
N PRO B 394 -20.48 -19.09 16.58
CA PRO B 394 -19.82 -18.64 15.35
C PRO B 394 -19.44 -17.16 15.34
N SER B 395 -19.93 -16.39 16.32
CA SER B 395 -19.68 -14.96 16.44
C SER B 395 -18.24 -14.67 16.90
N MET B 396 -17.55 -15.66 17.50
CA MET B 396 -16.13 -15.45 17.84
C MET B 396 -15.25 -15.23 16.57
N THR B 397 -15.58 -15.90 15.45
CA THR B 397 -14.78 -15.84 14.22
C THR B 397 -15.49 -15.11 13.06
N GLN B 398 -16.84 -15.10 13.02
CA GLN B 398 -17.63 -14.40 12.00
C GLN B 398 -18.62 -13.40 12.67
N PRO B 399 -18.15 -12.36 13.43
CA PRO B 399 -19.10 -11.46 14.11
C PRO B 399 -19.99 -10.69 13.15
N TYR B 400 -19.44 -10.21 12.01
CA TYR B 400 -20.22 -9.45 11.04
C TYR B 400 -21.33 -10.31 10.42
N MET B 401 -20.99 -11.53 9.96
CA MET B 401 -21.95 -12.43 9.35
C MET B 401 -23.11 -12.71 10.30
N TYR B 402 -22.81 -12.94 11.59
CA TYR B 402 -23.87 -13.33 12.50
C TYR B 402 -24.66 -12.12 12.95
N ASP B 403 -24.10 -10.88 12.90
CA ASP B 403 -24.88 -9.67 13.19
C ASP B 403 -25.97 -9.51 12.10
N VAL B 404 -25.64 -9.89 10.83
CA VAL B 404 -26.56 -9.81 9.68
C VAL B 404 -27.63 -10.92 9.78
N ILE B 405 -27.20 -12.19 10.07
CA ILE B 405 -28.11 -13.35 10.21
C ILE B 405 -29.14 -13.08 11.32
N ASP B 406 -28.69 -12.49 12.44
CA ASP B 406 -29.54 -12.15 13.60
C ASP B 406 -30.74 -11.24 13.21
N THR B 407 -30.53 -10.29 12.26
CA THR B 407 -31.57 -9.35 11.77
C THR B 407 -32.46 -9.96 10.66
N LYS B 408 -32.21 -11.21 10.28
CA LYS B 408 -32.94 -11.85 9.20
C LYS B 408 -34.10 -12.72 9.64
N ARG B 409 -35.23 -12.58 8.93
CA ARG B 409 -36.40 -13.44 9.04
C ARG B 409 -36.12 -14.63 8.15
N GLY B 410 -36.38 -15.84 8.63
CA GLY B 410 -36.13 -17.04 7.85
C GLY B 410 -36.93 -17.11 6.56
N SER B 411 -36.60 -18.07 5.69
CA SER B 411 -37.29 -18.23 4.41
C SER B 411 -38.77 -18.59 4.62
N ARG B 412 -39.10 -19.42 5.65
CA ARG B 412 -40.48 -19.83 5.94
C ARG B 412 -41.35 -18.61 6.26
N LYS B 413 -40.95 -17.80 7.26
CA LYS B 413 -41.69 -16.59 7.67
C LYS B 413 -41.83 -15.61 6.50
N ALA B 414 -40.74 -15.40 5.73
CA ALA B 414 -40.76 -14.48 4.59
C ALA B 414 -41.71 -14.99 3.48
N TYR B 415 -41.72 -16.31 3.22
CA TYR B 415 -42.60 -16.89 2.20
C TYR B 415 -44.06 -16.83 2.65
N THR B 416 -44.31 -17.02 3.97
CA THR B 416 -45.66 -16.98 4.57
C THR B 416 -46.26 -15.59 4.38
N GLU B 417 -45.46 -14.53 4.68
CA GLU B 417 -45.88 -13.13 4.58
C GLU B 417 -46.22 -12.73 3.14
N ALA B 418 -45.51 -13.32 2.16
CA ALA B 418 -45.73 -13.10 0.72
C ALA B 418 -47.10 -13.65 0.30
N LEU B 419 -47.43 -14.88 0.76
CA LEU B 419 -48.70 -15.57 0.52
C LEU B 419 -49.88 -14.88 1.23
N ILE B 420 -49.63 -14.30 2.43
CA ILE B 420 -50.66 -13.57 3.19
C ILE B 420 -50.92 -12.21 2.46
N GLY B 421 -49.84 -11.54 2.04
CA GLY B 421 -49.89 -10.28 1.32
C GLY B 421 -50.67 -10.37 0.01
N ARG B 422 -50.53 -11.51 -0.71
CA ARG B 422 -51.24 -11.80 -1.96
C ARG B 422 -52.70 -12.22 -1.68
N GLY B 423 -53.03 -12.46 -0.41
CA GLY B 423 -54.35 -12.85 0.04
C GLY B 423 -54.76 -14.26 -0.32
N ASP B 424 -53.78 -15.17 -0.54
CA ASP B 424 -54.05 -16.56 -0.92
C ASP B 424 -54.34 -17.43 0.32
N ILE B 425 -53.70 -17.11 1.46
CA ILE B 425 -53.86 -17.76 2.76
C ILE B 425 -54.07 -16.67 3.82
N SER B 426 -54.69 -17.03 4.94
CA SER B 426 -54.92 -16.09 6.04
C SER B 426 -53.82 -16.28 7.11
N MET B 427 -53.70 -15.33 8.05
CA MET B 427 -52.74 -15.40 9.14
C MET B 427 -53.07 -16.61 10.03
N LYS B 428 -54.37 -16.79 10.34
CA LYS B 428 -54.87 -17.88 11.15
C LYS B 428 -54.55 -19.25 10.51
N GLU B 429 -54.78 -19.42 9.18
CA GLU B 429 -54.48 -20.66 8.44
C GLU B 429 -53.01 -21.07 8.56
N ALA B 430 -52.10 -20.09 8.38
CA ALA B 430 -50.65 -20.28 8.49
C ALA B 430 -50.25 -20.64 9.93
N GLU B 431 -50.85 -19.96 10.93
CA GLU B 431 -50.62 -20.19 12.36
C GLU B 431 -51.07 -21.59 12.76
N ASP B 432 -52.27 -22.02 12.27
CA ASP B 432 -52.86 -23.33 12.56
C ASP B 432 -52.04 -24.48 11.97
N ALA B 433 -51.61 -24.38 10.67
CA ALA B 433 -50.82 -25.38 9.95
C ALA B 433 -49.47 -25.63 10.63
N LEU B 434 -48.87 -24.60 11.24
CA LEU B 434 -47.62 -24.71 11.97
C LEU B 434 -47.86 -25.33 13.36
N ARG B 435 -48.97 -24.97 14.08
CA ARG B 435 -49.27 -25.57 15.38
C ARG B 435 -49.51 -27.08 15.25
N ASP B 436 -50.22 -27.52 14.18
CA ASP B 436 -50.56 -28.91 13.88
C ASP B 436 -49.32 -29.76 13.68
N TYR B 437 -48.36 -29.28 12.88
CA TYR B 437 -47.12 -30.02 12.65
C TYR B 437 -46.32 -30.14 13.96
N GLN B 438 -46.30 -29.06 14.78
CA GLN B 438 -45.60 -29.03 16.07
C GLN B 438 -46.25 -30.05 17.04
N GLY B 439 -47.59 -30.01 17.12
CA GLY B 439 -48.39 -30.91 17.95
C GLY B 439 -48.22 -32.36 17.56
N GLN B 440 -48.01 -32.62 16.24
CA GLN B 440 -47.78 -33.93 15.63
C GLN B 440 -46.46 -34.51 16.09
N LEU B 441 -45.42 -33.68 16.10
CA LEU B 441 -44.08 -34.09 16.55
C LEU B 441 -44.05 -34.38 18.03
N GLU B 442 -44.73 -33.54 18.86
CA GLU B 442 -44.77 -33.70 20.32
C GLU B 442 -45.30 -35.09 20.70
N ARG B 443 -46.40 -35.55 20.03
CA ARG B 443 -47.07 -36.83 20.28
C ARG B 443 -46.17 -38.02 19.95
N VAL B 444 -45.39 -37.93 18.86
CA VAL B 444 -44.47 -39.00 18.45
C VAL B 444 -43.30 -39.02 19.45
N PHE B 445 -42.78 -37.83 19.81
CA PHE B 445 -41.71 -37.65 20.80
C PHE B 445 -42.10 -38.26 22.17
N ASN B 446 -43.34 -38.03 22.65
CA ASN B 446 -43.78 -38.58 23.94
C ASN B 446 -43.96 -40.11 23.88
N GLU B 447 -44.45 -40.64 22.73
CA GLU B 447 -44.61 -42.08 22.53
C GLU B 447 -43.27 -42.77 22.62
N VAL B 448 -42.22 -42.18 22.01
CA VAL B 448 -40.85 -42.72 22.02
C VAL B 448 -40.29 -42.65 23.44
N ARG B 449 -40.56 -41.54 24.15
CA ARG B 449 -40.12 -41.31 25.54
C ARG B 449 -40.70 -42.33 26.52
N GLU B 450 -41.89 -42.87 26.21
CA GLU B 450 -42.58 -43.85 27.03
C GLU B 450 -42.01 -45.29 26.90
N LEU B 451 -41.21 -45.56 25.84
CA LEU B 451 -40.66 -46.88 25.57
C LEU B 451 -39.68 -47.35 26.64
N GLU B 452 -39.77 -48.65 27.01
CA GLU B 452 -38.85 -49.26 27.97
C GLU B 452 -37.43 -49.22 27.40
N LYS B 453 -36.46 -48.83 28.24
CA LYS B 453 -35.04 -48.66 27.89
C LYS B 453 -34.34 -50.02 27.66
N HIS B 454 -33.78 -50.20 26.45
CA HIS B 454 -32.99 -51.38 26.10
C HIS B 454 -31.69 -51.32 26.86
N GLU B 455 -31.14 -52.49 27.21
CA GLU B 455 -29.87 -52.56 27.92
C GLU B 455 -28.74 -52.18 26.95
N ILE B 456 -27.76 -51.44 27.46
CA ILE B 456 -26.61 -51.03 26.66
C ILE B 456 -25.49 -52.04 26.92
N GLU B 457 -25.01 -52.65 25.84
CA GLU B 457 -23.98 -53.67 25.84
C GLU B 457 -22.81 -53.27 24.92
N PRO B 458 -21.58 -53.79 25.16
CA PRO B 458 -20.49 -53.52 24.21
C PRO B 458 -20.85 -54.07 22.82
N SER B 459 -20.45 -53.37 21.74
CA SER B 459 -20.73 -53.80 20.36
C SER B 459 -20.13 -55.20 20.12
N GLU B 460 -20.75 -55.97 19.24
CA GLU B 460 -20.28 -57.31 18.96
C GLU B 460 -19.86 -57.45 17.51
N SER B 461 -18.90 -58.33 17.26
CA SER B 461 -18.37 -58.64 15.93
C SER B 461 -19.50 -59.14 15.01
N VAL B 462 -19.45 -58.74 13.72
CA VAL B 462 -20.43 -59.13 12.68
C VAL B 462 -20.00 -60.45 12.00
N GLU B 463 -18.85 -61.03 12.39
CA GLU B 463 -18.29 -62.24 11.73
C GLU B 463 -19.34 -63.32 11.44
N ALA B 464 -20.10 -63.74 12.47
CA ALA B 464 -21.09 -64.83 12.36
C ALA B 464 -22.34 -64.48 11.52
N ASP B 465 -22.52 -63.19 11.13
CA ASP B 465 -23.72 -62.78 10.36
C ASP B 465 -23.79 -63.43 8.99
N GLN B 466 -22.64 -63.68 8.38
CA GLN B 466 -22.53 -64.31 7.07
C GLN B 466 -21.59 -65.50 7.15
N GLN B 467 -22.11 -66.68 6.82
CA GLN B 467 -21.39 -67.96 6.82
C GLN B 467 -21.91 -68.80 5.67
N ILE B 468 -21.04 -69.63 5.07
CA ILE B 468 -21.53 -70.55 4.03
C ILE B 468 -22.14 -71.78 4.79
N PRO B 469 -23.44 -72.13 4.55
CA PRO B 469 -24.06 -73.25 5.30
C PRO B 469 -23.41 -74.62 5.08
N SER B 470 -23.12 -74.98 3.80
CA SER B 470 -22.52 -76.27 3.44
C SER B 470 -21.36 -76.11 2.47
N LYS B 471 -20.72 -77.24 2.08
CA LYS B 471 -19.58 -77.29 1.15
C LYS B 471 -19.98 -76.76 -0.24
N LEU B 472 -19.18 -75.85 -0.79
CA LEU B 472 -19.46 -75.24 -2.10
C LEU B 472 -18.52 -75.80 -3.18
N ALA B 473 -19.11 -76.44 -4.21
CA ALA B 473 -18.33 -77.00 -5.33
C ALA B 473 -18.02 -75.90 -6.34
N THR B 474 -16.74 -75.79 -6.74
CA THR B 474 -16.28 -74.75 -7.68
C THR B 474 -15.63 -75.39 -8.92
N ALA B 475 -15.42 -76.71 -8.91
CA ALA B 475 -14.84 -77.41 -10.06
C ALA B 475 -15.83 -77.38 -11.22
N VAL B 476 -15.31 -77.38 -12.44
CA VAL B 476 -16.08 -77.37 -13.69
C VAL B 476 -15.74 -78.66 -14.45
N ASP B 477 -16.06 -78.73 -15.75
CA ASP B 477 -15.72 -79.90 -16.55
C ASP B 477 -14.78 -79.50 -17.67
N LYS B 478 -14.23 -80.51 -18.36
CA LYS B 478 -13.35 -80.34 -19.52
C LYS B 478 -14.06 -79.59 -20.62
N ALA B 479 -15.39 -79.86 -20.80
CA ALA B 479 -16.21 -79.18 -21.80
C ALA B 479 -16.23 -77.67 -21.57
N MET B 480 -16.26 -77.20 -20.30
CA MET B 480 -16.24 -75.78 -19.94
C MET B 480 -14.88 -75.15 -20.26
N LEU B 481 -13.76 -75.84 -19.91
CA LEU B 481 -12.41 -75.34 -20.20
C LEU B 481 -12.20 -75.21 -21.71
N GLN B 482 -12.58 -76.25 -22.46
CA GLN B 482 -12.44 -76.29 -23.92
C GLN B 482 -13.29 -75.21 -24.59
N ARG B 483 -14.52 -75.01 -24.11
CA ARG B 483 -15.42 -73.96 -24.61
C ARG B 483 -14.80 -72.56 -24.49
N ILE B 484 -14.16 -72.25 -23.33
CA ILE B 484 -13.53 -70.95 -23.06
C ILE B 484 -12.26 -70.82 -23.93
N GLY B 485 -11.53 -71.93 -24.08
CA GLY B 485 -10.34 -72.01 -24.94
C GLY B 485 -10.68 -71.76 -26.39
N ASP B 486 -11.72 -72.44 -26.89
CA ASP B 486 -12.22 -72.33 -28.28
C ASP B 486 -12.79 -70.94 -28.57
N ALA B 487 -13.38 -70.27 -27.56
CA ALA B 487 -13.93 -68.91 -27.68
C ALA B 487 -12.84 -67.92 -28.13
N HIS B 488 -11.58 -68.14 -27.70
CA HIS B 488 -10.43 -67.31 -28.06
C HIS B 488 -10.07 -67.42 -29.55
N LEU B 489 -10.54 -68.47 -30.25
CA LEU B 489 -10.28 -68.67 -31.67
C LEU B 489 -11.56 -68.55 -32.53
N ALA B 490 -12.74 -68.32 -31.89
CA ALA B 490 -14.01 -68.15 -32.62
C ALA B 490 -14.14 -66.67 -33.04
N LEU B 491 -13.17 -66.23 -33.83
CA LEU B 491 -13.03 -64.85 -34.28
C LEU B 491 -14.12 -64.44 -35.26
N PRO B 492 -14.60 -63.18 -35.22
CA PRO B 492 -15.57 -62.72 -36.22
C PRO B 492 -15.00 -62.86 -37.64
N GLU B 493 -15.88 -62.95 -38.64
CA GLU B 493 -15.51 -63.10 -40.07
C GLU B 493 -14.57 -61.95 -40.51
N GLY B 494 -13.45 -62.33 -41.12
CA GLY B 494 -12.40 -61.43 -41.63
C GLY B 494 -11.54 -60.71 -40.61
N PHE B 495 -11.59 -61.13 -39.32
CA PHE B 495 -10.88 -60.45 -38.24
C PHE B 495 -9.35 -60.62 -38.34
N THR B 496 -8.63 -59.49 -38.29
CA THR B 496 -7.19 -59.56 -38.35
C THR B 496 -6.64 -59.44 -36.95
N VAL B 497 -6.08 -60.51 -36.45
CA VAL B 497 -5.47 -60.52 -35.14
C VAL B 497 -4.04 -59.99 -35.24
N HIS B 498 -3.62 -59.18 -34.26
CA HIS B 498 -2.24 -58.71 -34.18
C HIS B 498 -1.30 -59.94 -34.11
N PRO B 499 -0.15 -59.94 -34.86
CA PRO B 499 0.73 -61.12 -34.90
C PRO B 499 1.32 -61.55 -33.54
N ARG B 500 1.44 -60.64 -32.57
CA ARG B 500 1.96 -60.93 -31.23
C ARG B 500 0.82 -61.29 -30.23
N VAL B 501 -0.44 -61.16 -30.69
CA VAL B 501 -1.62 -61.49 -29.87
C VAL B 501 -2.09 -62.88 -30.26
N ARG B 502 -2.02 -63.25 -31.56
CA ARG B 502 -2.42 -64.56 -32.07
C ARG B 502 -1.83 -65.73 -31.26
N PRO B 503 -0.52 -65.79 -30.84
CA PRO B 503 -0.06 -66.95 -30.08
C PRO B 503 -0.77 -67.10 -28.73
N VAL B 504 -1.24 -65.98 -28.12
CA VAL B 504 -1.95 -66.02 -26.84
C VAL B 504 -3.28 -66.78 -27.01
N LEU B 505 -4.05 -66.44 -28.06
CA LEU B 505 -5.31 -67.11 -28.39
C LEU B 505 -5.12 -68.61 -28.66
N GLU B 506 -4.07 -68.95 -29.43
CA GLU B 506 -3.75 -70.33 -29.80
C GLU B 506 -3.25 -71.12 -28.58
N LYS B 507 -2.36 -70.53 -27.76
CA LYS B 507 -1.85 -71.20 -26.56
C LYS B 507 -3.00 -71.49 -25.54
N ARG B 508 -4.06 -70.65 -25.50
CA ARG B 508 -5.21 -70.82 -24.61
C ARG B 508 -6.06 -72.01 -25.04
N ARG B 509 -6.28 -72.21 -26.36
CA ARG B 509 -7.00 -73.39 -26.83
C ARG B 509 -6.18 -74.64 -26.50
N GLU B 510 -4.84 -74.53 -26.64
CA GLU B 510 -3.91 -75.61 -26.31
C GLU B 510 -4.00 -75.94 -24.80
N MET B 511 -3.94 -74.92 -23.93
CA MET B 511 -4.00 -75.10 -22.48
C MET B 511 -5.32 -75.73 -22.04
N ALA B 512 -6.43 -75.31 -22.68
CA ALA B 512 -7.78 -75.81 -22.40
C ALA B 512 -7.86 -77.32 -22.59
N TYR B 513 -7.22 -77.85 -23.64
CA TYR B 513 -7.25 -79.26 -24.00
C TYR B 513 -6.08 -80.08 -23.47
N GLU B 514 -4.93 -79.46 -23.16
CA GLU B 514 -3.74 -80.24 -22.79
C GLU B 514 -3.14 -79.90 -21.43
N GLY B 515 -3.57 -78.81 -20.80
CA GLY B 515 -3.05 -78.46 -19.47
C GLY B 515 -1.98 -77.40 -19.50
N ARG B 516 -1.16 -77.33 -18.42
CA ARG B 516 -0.12 -76.31 -18.22
C ARG B 516 -0.81 -74.92 -18.32
N ILE B 517 -1.96 -74.79 -17.66
CA ILE B 517 -2.75 -73.55 -17.65
C ILE B 517 -2.02 -72.50 -16.78
N ASP B 518 -1.74 -71.31 -17.37
CA ASP B 518 -1.07 -70.21 -16.67
C ASP B 518 -2.09 -69.35 -15.92
N TRP B 519 -1.62 -68.41 -15.09
CA TRP B 519 -2.46 -67.55 -14.25
C TRP B 519 -3.48 -66.73 -15.06
N ALA B 520 -3.02 -66.05 -16.12
CA ALA B 520 -3.88 -65.19 -16.95
C ALA B 520 -5.04 -65.97 -17.51
N PHE B 521 -4.80 -67.18 -18.03
CA PHE B 521 -5.89 -68.00 -18.57
C PHE B 521 -6.79 -68.54 -17.45
N ALA B 522 -6.23 -68.93 -16.30
CA ALA B 522 -7.03 -69.42 -15.16
C ALA B 522 -8.03 -68.34 -14.68
N GLU B 523 -7.62 -67.06 -14.69
CA GLU B 523 -8.52 -65.95 -14.33
C GLU B 523 -9.72 -65.91 -15.29
N LEU B 524 -9.47 -66.01 -16.60
CA LEU B 524 -10.51 -65.96 -17.63
C LEU B 524 -11.37 -67.24 -17.63
N LEU B 525 -10.78 -68.39 -17.22
CA LEU B 525 -11.53 -69.63 -17.05
C LEU B 525 -12.57 -69.43 -15.93
N ALA B 526 -12.18 -68.77 -14.82
CA ALA B 526 -13.08 -68.50 -13.67
C ALA B 526 -14.19 -67.54 -14.07
N LEU B 527 -13.86 -66.40 -14.71
CA LEU B 527 -14.86 -65.39 -15.11
C LEU B 527 -15.78 -65.92 -16.22
N GLY B 528 -15.19 -66.60 -17.22
CA GLY B 528 -15.92 -67.20 -18.34
C GLY B 528 -16.91 -68.27 -17.88
N SER B 529 -16.50 -69.11 -16.89
CA SER B 529 -17.40 -70.15 -16.37
C SER B 529 -18.54 -69.50 -15.55
N LEU B 530 -18.28 -68.37 -14.88
CA LEU B 530 -19.33 -67.65 -14.13
C LEU B 530 -20.35 -67.03 -15.09
N ILE B 531 -19.86 -66.44 -16.22
CA ILE B 531 -20.71 -65.89 -17.27
C ILE B 531 -21.60 -66.99 -17.87
N ALA B 532 -21.02 -68.18 -18.14
CA ALA B 532 -21.74 -69.34 -18.69
C ALA B 532 -22.84 -69.83 -17.73
N GLU B 533 -22.68 -69.58 -16.42
CA GLU B 533 -23.64 -69.95 -15.37
C GLU B 533 -24.72 -68.87 -15.18
N GLY B 534 -24.62 -67.77 -15.94
CA GLY B 534 -25.57 -66.68 -15.91
C GLY B 534 -25.19 -65.46 -15.09
N LYS B 535 -23.92 -65.38 -14.65
CA LYS B 535 -23.49 -64.26 -13.81
C LYS B 535 -22.99 -63.05 -14.61
N LEU B 536 -23.35 -61.85 -14.09
CA LEU B 536 -22.86 -60.58 -14.61
C LEU B 536 -21.45 -60.42 -14.03
N VAL B 537 -20.46 -60.23 -14.90
CA VAL B 537 -19.07 -60.05 -14.47
C VAL B 537 -18.63 -58.67 -14.94
N ARG B 538 -18.22 -57.82 -13.99
CA ARG B 538 -17.71 -56.49 -14.30
C ARG B 538 -16.28 -56.45 -13.85
N LEU B 539 -15.35 -56.18 -14.78
CA LEU B 539 -13.92 -56.13 -14.51
C LEU B 539 -13.37 -54.84 -15.06
N SER B 540 -12.60 -54.10 -14.25
CA SER B 540 -12.02 -52.83 -14.72
C SER B 540 -10.76 -52.47 -13.94
N GLY B 541 -10.09 -51.46 -14.45
CA GLY B 541 -8.86 -50.93 -13.87
C GLY B 541 -7.98 -50.36 -14.97
N GLN B 542 -6.81 -49.84 -14.57
CA GLN B 542 -5.89 -49.18 -15.50
C GLN B 542 -5.27 -50.17 -16.48
N ASP B 543 -5.63 -50.01 -17.77
CA ASP B 543 -5.21 -50.83 -18.92
C ASP B 543 -5.60 -52.31 -18.72
N THR B 544 -6.73 -52.54 -18.05
CA THR B 544 -7.20 -53.88 -17.66
C THR B 544 -7.69 -54.73 -18.85
N GLN B 545 -8.15 -54.12 -19.98
CA GLN B 545 -8.61 -54.89 -21.14
C GLN B 545 -7.51 -55.75 -21.70
N ARG B 546 -6.31 -55.15 -21.88
CA ARG B 546 -5.16 -55.88 -22.38
C ARG B 546 -4.43 -56.57 -21.24
N GLY B 547 -4.29 -55.83 -20.14
CA GLY B 547 -3.52 -56.23 -18.98
C GLY B 547 -2.21 -55.46 -18.98
N THR B 548 -1.84 -54.90 -17.83
CA THR B 548 -0.59 -54.16 -17.63
C THR B 548 0.61 -55.01 -18.12
N PHE B 549 0.59 -56.30 -17.85
CA PHE B 549 1.71 -57.17 -18.18
C PHE B 549 1.50 -57.91 -19.51
N THR B 550 0.67 -57.33 -20.42
CA THR B 550 0.32 -57.88 -21.75
C THR B 550 -0.16 -59.33 -21.62
N GLN B 551 -0.84 -59.65 -20.52
CA GLN B 551 -1.18 -61.03 -20.23
C GLN B 551 -2.64 -61.39 -20.40
N ARG B 552 -3.57 -60.41 -20.24
CA ARG B 552 -5.01 -60.71 -20.20
C ARG B 552 -5.65 -60.86 -21.57
N HIS B 553 -5.63 -59.81 -22.39
CA HIS B 553 -6.28 -59.82 -23.70
C HIS B 553 -7.76 -60.20 -23.58
N ALA B 554 -8.49 -59.56 -22.62
CA ALA B 554 -9.93 -59.74 -22.44
C ALA B 554 -10.65 -59.15 -23.65
N VAL B 555 -10.01 -58.17 -24.30
CA VAL B 555 -10.45 -57.49 -25.51
C VAL B 555 -9.26 -57.53 -26.46
N ILE B 556 -9.50 -57.87 -27.72
CA ILE B 556 -8.46 -57.90 -28.75
C ILE B 556 -8.88 -56.93 -29.85
N VAL B 557 -7.91 -56.29 -30.52
CA VAL B 557 -8.21 -55.23 -31.49
C VAL B 557 -7.71 -55.64 -32.85
N ASP B 558 -8.62 -55.56 -33.84
CA ASP B 558 -8.32 -55.86 -35.24
C ASP B 558 -7.16 -55.00 -35.73
N ARG B 559 -6.08 -55.67 -36.19
CA ARG B 559 -4.84 -55.04 -36.65
C ARG B 559 -5.09 -54.08 -37.83
N LYS B 560 -6.12 -54.36 -38.67
CA LYS B 560 -6.42 -53.57 -39.86
C LYS B 560 -7.49 -52.48 -39.65
N THR B 561 -8.56 -52.75 -38.87
CA THR B 561 -9.68 -51.80 -38.75
C THR B 561 -9.87 -51.16 -37.35
N GLY B 562 -9.25 -51.71 -36.32
CA GLY B 562 -9.44 -51.20 -34.96
C GLY B 562 -10.65 -51.76 -34.23
N GLU B 563 -11.46 -52.60 -34.91
CA GLU B 563 -12.65 -53.25 -34.36
C GLU B 563 -12.28 -54.15 -33.18
N GLU B 564 -13.13 -54.21 -32.16
CA GLU B 564 -12.82 -55.00 -30.97
C GLU B 564 -13.62 -56.28 -30.91
N PHE B 565 -12.97 -57.34 -30.37
CA PHE B 565 -13.55 -58.65 -30.12
C PHE B 565 -13.29 -59.02 -28.66
N THR B 566 -14.35 -59.46 -27.94
CA THR B 566 -14.28 -59.85 -26.53
C THR B 566 -14.60 -61.36 -26.46
N PRO B 567 -13.59 -62.25 -26.40
CA PRO B 567 -13.86 -63.69 -26.39
C PRO B 567 -14.83 -64.19 -25.30
N LEU B 568 -14.70 -63.71 -24.05
CA LEU B 568 -15.59 -64.19 -22.97
C LEU B 568 -17.07 -63.83 -23.17
N GLN B 569 -17.39 -62.84 -24.03
CA GLN B 569 -18.79 -62.49 -24.26
C GLN B 569 -19.54 -63.63 -24.98
N LEU B 570 -18.82 -64.51 -25.70
CA LEU B 570 -19.41 -65.67 -26.38
C LEU B 570 -19.98 -66.67 -25.37
N LEU B 571 -19.47 -66.66 -24.13
CA LEU B 571 -19.92 -67.56 -23.07
C LEU B 571 -21.30 -67.16 -22.51
N ALA B 572 -21.82 -65.96 -22.89
CA ALA B 572 -23.13 -65.44 -22.46
C ALA B 572 -24.28 -66.06 -23.27
N THR B 573 -23.94 -66.90 -24.28
CA THR B 573 -24.87 -67.63 -25.13
C THR B 573 -24.59 -69.12 -24.97
N ASN B 574 -25.62 -69.91 -24.62
CA ASN B 574 -25.51 -71.36 -24.47
C ASN B 574 -25.25 -72.04 -25.84
N PRO B 575 -24.73 -73.30 -25.89
CA PRO B 575 -24.54 -73.97 -27.20
C PRO B 575 -25.80 -74.02 -28.09
N ASP B 576 -27.02 -73.99 -27.50
CA ASP B 576 -28.27 -74.04 -28.25
C ASP B 576 -28.73 -72.65 -28.78
N GLY B 577 -27.98 -71.60 -28.45
CA GLY B 577 -28.26 -70.24 -28.89
C GLY B 577 -29.03 -69.39 -27.90
N THR B 578 -29.51 -69.98 -26.80
CA THR B 578 -30.27 -69.26 -25.78
C THR B 578 -29.33 -68.44 -24.90
N PRO B 579 -29.76 -67.30 -24.31
CA PRO B 579 -28.85 -66.54 -23.44
C PRO B 579 -28.67 -67.23 -22.10
N THR B 580 -27.51 -67.03 -21.45
CA THR B 580 -27.27 -67.62 -20.13
C THR B 580 -27.82 -66.66 -19.06
N GLY B 581 -27.94 -65.38 -19.43
CA GLY B 581 -28.34 -64.30 -18.54
C GLY B 581 -27.12 -63.55 -18.04
N GLY B 582 -25.94 -64.16 -18.28
CA GLY B 582 -24.65 -63.60 -17.90
C GLY B 582 -24.15 -62.58 -18.89
N LYS B 583 -23.13 -61.82 -18.48
CA LYS B 583 -22.55 -60.77 -19.31
C LYS B 583 -21.13 -60.45 -18.84
N PHE B 584 -20.28 -60.01 -19.79
CA PHE B 584 -18.91 -59.60 -19.48
C PHE B 584 -18.79 -58.11 -19.77
N LEU B 585 -18.59 -57.32 -18.72
CA LEU B 585 -18.44 -55.88 -18.80
C LEU B 585 -17.01 -55.55 -18.40
N VAL B 586 -16.15 -55.33 -19.41
CA VAL B 586 -14.72 -55.11 -19.14
C VAL B 586 -14.30 -53.75 -19.69
N TYR B 587 -13.64 -52.96 -18.83
CA TYR B 587 -13.28 -51.58 -19.17
C TYR B 587 -11.92 -51.22 -18.76
N ASN B 588 -11.35 -50.27 -19.50
CA ASN B 588 -10.15 -49.53 -19.14
C ASN B 588 -10.63 -48.40 -18.25
N SER B 589 -10.13 -48.31 -17.04
CA SER B 589 -10.56 -47.23 -16.15
C SER B 589 -9.90 -45.90 -16.55
N ALA B 590 -10.41 -44.79 -15.96
CA ALA B 590 -9.75 -43.49 -16.01
C ALA B 590 -8.50 -43.62 -15.10
N LEU B 591 -7.55 -42.68 -15.14
CA LEU B 591 -6.38 -42.80 -14.29
C LEU B 591 -6.72 -42.24 -12.91
N SER B 592 -7.51 -43.01 -12.19
CA SER B 592 -7.97 -42.70 -10.85
C SER B 592 -7.93 -43.95 -10.01
N GLU B 593 -7.79 -43.78 -8.71
CA GLU B 593 -7.81 -44.88 -7.73
C GLU B 593 -8.97 -44.61 -6.80
N PHE B 594 -8.98 -43.41 -6.14
CA PHE B 594 -10.04 -43.02 -5.22
C PHE B 594 -11.44 -43.22 -5.85
N ALA B 595 -11.75 -42.51 -6.96
CA ALA B 595 -13.07 -42.65 -7.57
C ALA B 595 -13.33 -44.04 -8.19
N ALA B 596 -12.33 -44.66 -8.86
CA ALA B 596 -12.52 -45.96 -9.47
C ALA B 596 -12.84 -47.04 -8.43
N VAL B 597 -12.08 -47.08 -7.31
CA VAL B 597 -12.30 -48.06 -6.23
C VAL B 597 -13.64 -47.77 -5.54
N GLY B 598 -13.96 -46.49 -5.33
CA GLY B 598 -15.23 -46.08 -4.73
C GLY B 598 -16.39 -46.54 -5.59
N PHE B 599 -16.25 -46.37 -6.93
CA PHE B 599 -17.28 -46.76 -7.91
C PHE B 599 -17.55 -48.27 -7.87
N GLU B 600 -16.48 -49.10 -7.88
CA GLU B 600 -16.60 -50.57 -7.89
C GLU B 600 -17.17 -51.06 -6.59
N TYR B 601 -16.77 -50.44 -5.47
CA TYR B 601 -17.40 -50.74 -4.18
C TYR B 601 -18.93 -50.51 -4.27
N GLY B 602 -19.36 -49.33 -4.74
CA GLY B 602 -20.78 -48.98 -4.87
C GLY B 602 -21.52 -49.88 -5.83
N TYR B 603 -20.85 -50.22 -6.96
CA TYR B 603 -21.42 -51.13 -7.97
C TYR B 603 -21.78 -52.46 -7.30
N SER B 604 -20.83 -53.04 -6.57
CA SER B 604 -21.04 -54.31 -5.86
C SER B 604 -22.16 -54.19 -4.80
N VAL B 605 -22.29 -53.02 -4.11
CA VAL B 605 -23.39 -52.79 -3.15
C VAL B 605 -24.73 -52.79 -3.93
N GLY B 606 -24.78 -52.08 -5.07
CA GLY B 606 -25.96 -51.95 -5.92
C GLY B 606 -26.47 -53.22 -6.55
N ASN B 607 -25.57 -54.17 -6.84
CA ASN B 607 -25.90 -55.46 -7.43
C ASN B 607 -25.10 -56.59 -6.72
N PRO B 608 -25.65 -57.13 -5.60
CA PRO B 608 -24.97 -58.23 -4.88
C PRO B 608 -24.74 -59.52 -5.69
N ASP B 609 -25.50 -59.73 -6.80
CA ASP B 609 -25.37 -60.91 -7.65
C ASP B 609 -24.29 -60.75 -8.71
N ALA B 610 -23.72 -59.55 -8.85
CA ALA B 610 -22.64 -59.33 -9.81
C ALA B 610 -21.28 -59.73 -9.22
N MET B 611 -20.37 -60.19 -10.10
CA MET B 611 -18.96 -60.43 -9.80
C MET B 611 -18.26 -59.13 -10.19
N VAL B 612 -17.69 -58.40 -9.24
CA VAL B 612 -17.12 -57.05 -9.49
C VAL B 612 -15.67 -57.02 -9.08
N LEU B 613 -14.79 -56.81 -10.05
CA LEU B 613 -13.35 -56.79 -9.79
C LEU B 613 -12.73 -55.50 -10.26
N TRP B 614 -11.89 -54.88 -9.39
CA TRP B 614 -11.13 -53.68 -9.72
C TRP B 614 -9.69 -54.07 -9.64
N GLU B 615 -8.91 -53.70 -10.66
CA GLU B 615 -7.51 -54.05 -10.70
C GLU B 615 -6.63 -52.83 -10.64
N ALA B 616 -5.71 -52.83 -9.68
CA ALA B 616 -4.66 -51.81 -9.56
C ALA B 616 -3.65 -52.05 -10.66
N GLN B 617 -3.02 -50.99 -11.23
CA GLN B 617 -1.98 -51.20 -12.24
C GLN B 617 -0.85 -52.02 -11.55
N PHE B 618 -0.48 -51.54 -10.36
CA PHE B 618 0.43 -52.15 -9.38
C PHE B 618 -0.21 -51.91 -8.03
N GLY B 619 -0.15 -52.89 -7.14
CA GLY B 619 -0.75 -52.79 -5.80
C GLY B 619 -0.34 -51.54 -5.04
N ASP B 620 0.82 -50.99 -5.38
CA ASP B 620 1.45 -49.81 -4.80
C ASP B 620 0.64 -48.53 -4.95
N PHE B 621 -0.31 -48.48 -5.89
CA PHE B 621 -1.11 -47.27 -6.14
C PHE B 621 -2.47 -47.30 -5.43
N VAL B 622 -2.83 -48.42 -4.79
CA VAL B 622 -4.14 -48.53 -4.11
C VAL B 622 -4.21 -47.61 -2.85
N ASN B 623 -3.05 -47.12 -2.35
CA ASN B 623 -3.08 -46.16 -1.23
C ASN B 623 -3.75 -44.82 -1.65
N GLY B 624 -3.91 -44.59 -2.95
CA GLY B 624 -4.63 -43.43 -3.49
C GLY B 624 -6.13 -43.55 -3.20
N ALA B 625 -6.60 -44.78 -2.89
CA ALA B 625 -8.00 -45.05 -2.53
C ALA B 625 -8.13 -45.39 -1.04
N GLN B 626 -7.18 -44.93 -0.20
CA GLN B 626 -7.18 -45.30 1.22
C GLN B 626 -8.48 -44.96 1.93
N SER B 627 -9.08 -43.78 1.65
CA SER B 627 -10.33 -43.38 2.27
C SER B 627 -11.44 -44.40 1.98
N ILE B 628 -11.51 -44.92 0.74
CA ILE B 628 -12.52 -45.93 0.38
C ILE B 628 -12.26 -47.26 1.12
N ILE B 629 -11.00 -47.72 1.17
CA ILE B 629 -10.63 -48.97 1.85
C ILE B 629 -10.97 -48.87 3.35
N ASP B 630 -10.52 -47.78 3.99
CA ASP B 630 -10.76 -47.54 5.42
C ASP B 630 -12.21 -47.32 5.80
N GLU B 631 -12.91 -46.47 5.04
CA GLU B 631 -14.26 -46.02 5.42
C GLU B 631 -15.39 -46.83 4.82
N PHE B 632 -15.16 -47.59 3.74
CA PHE B 632 -16.25 -48.34 3.13
C PHE B 632 -15.97 -49.83 3.08
N ILE B 633 -14.92 -50.24 2.35
CA ILE B 633 -14.63 -51.65 2.09
C ILE B 633 -14.44 -52.45 3.39
N SER B 634 -13.49 -51.99 4.24
CA SER B 634 -13.12 -52.74 5.42
C SER B 634 -14.11 -52.63 6.58
N SER B 635 -14.97 -51.61 6.58
CA SER B 635 -15.78 -51.30 7.76
C SER B 635 -17.30 -51.06 7.56
N GLY B 636 -17.76 -50.95 6.32
CA GLY B 636 -19.17 -50.66 6.01
C GLY B 636 -20.19 -51.64 6.58
N GLU B 637 -19.84 -52.94 6.62
CA GLU B 637 -20.76 -53.95 7.16
C GLU B 637 -20.99 -53.73 8.66
N ALA B 638 -19.91 -53.58 9.45
CA ALA B 638 -20.02 -53.35 10.89
C ALA B 638 -20.67 -52.00 11.20
N LYS B 639 -20.38 -50.96 10.39
CA LYS B 639 -20.88 -49.61 10.67
C LYS B 639 -22.33 -49.41 10.27
N TRP B 640 -22.74 -49.88 9.09
CA TRP B 640 -24.05 -49.54 8.55
C TRP B 640 -24.91 -50.73 8.18
N GLY B 641 -24.34 -51.95 8.20
CA GLY B 641 -25.03 -53.14 7.77
C GLY B 641 -24.99 -53.21 6.25
N GLN B 642 -24.14 -52.34 5.63
CA GLN B 642 -24.00 -52.26 4.18
C GLN B 642 -23.00 -53.33 3.71
N LEU B 643 -23.44 -54.17 2.78
CA LEU B 643 -22.59 -55.27 2.28
C LEU B 643 -22.10 -55.04 0.86
N SER B 644 -20.80 -55.33 0.61
CA SER B 644 -20.14 -55.26 -0.70
C SER B 644 -19.33 -56.53 -0.96
N ASP B 645 -19.37 -57.05 -2.19
CA ASP B 645 -18.60 -58.24 -2.59
C ASP B 645 -17.48 -57.85 -3.56
N VAL B 646 -17.04 -56.57 -3.53
CA VAL B 646 -16.01 -56.07 -4.45
C VAL B 646 -14.71 -56.85 -4.28
N VAL B 647 -14.04 -57.11 -5.41
CA VAL B 647 -12.73 -57.74 -5.45
C VAL B 647 -11.69 -56.66 -5.78
N LEU B 648 -10.59 -56.59 -5.02
CA LEU B 648 -9.46 -55.74 -5.37
C LEU B 648 -8.29 -56.64 -5.77
N LEU B 649 -7.81 -56.50 -7.02
CA LEU B 649 -6.66 -57.24 -7.57
C LEU B 649 -5.47 -56.33 -7.50
N LEU B 650 -4.49 -56.70 -6.67
CA LEU B 650 -3.31 -55.89 -6.37
C LEU B 650 -2.01 -56.58 -6.78
N PRO B 651 -1.49 -56.25 -7.99
CA PRO B 651 -0.22 -56.85 -8.46
C PRO B 651 0.90 -56.56 -7.46
N HIS B 652 1.56 -57.62 -6.99
CA HIS B 652 2.49 -57.58 -5.86
C HIS B 652 3.65 -58.56 -6.01
N GLY B 653 4.86 -58.13 -5.60
CA GLY B 653 6.04 -58.96 -5.60
C GLY B 653 7.36 -58.22 -5.68
N HIS B 654 8.38 -58.74 -4.98
CA HIS B 654 9.73 -58.17 -5.01
C HIS B 654 10.46 -58.66 -6.26
N GLU B 655 10.56 -57.77 -7.27
CA GLU B 655 11.19 -58.15 -8.55
C GLU B 655 12.29 -57.19 -8.98
N GLY B 656 12.58 -56.19 -8.18
CA GLY B 656 13.66 -55.24 -8.50
C GLY B 656 13.23 -54.04 -9.31
N GLN B 657 11.91 -53.74 -9.31
CA GLN B 657 11.33 -52.60 -10.04
C GLN B 657 11.13 -51.34 -9.19
N GLY B 658 11.56 -51.37 -7.93
CA GLY B 658 11.50 -50.16 -7.14
C GLY B 658 10.42 -50.09 -6.09
N PRO B 659 10.48 -49.05 -5.23
CA PRO B 659 9.54 -48.99 -4.10
C PRO B 659 8.06 -48.76 -4.49
N ASP B 660 7.76 -48.38 -5.74
CA ASP B 660 6.37 -48.15 -6.16
C ASP B 660 5.90 -49.18 -7.19
N HIS B 661 6.67 -50.26 -7.36
CA HIS B 661 6.33 -51.39 -8.22
C HIS B 661 6.69 -52.66 -7.50
N THR B 662 6.39 -52.74 -6.19
CA THR B 662 6.73 -53.93 -5.41
C THR B 662 5.64 -54.43 -4.45
N SER B 663 4.91 -53.51 -3.80
CA SER B 663 4.02 -53.93 -2.73
C SER B 663 2.64 -53.32 -2.74
N GLY B 664 1.65 -54.17 -2.53
CA GLY B 664 0.25 -53.77 -2.34
C GLY B 664 -0.09 -53.55 -0.87
N ARG B 665 0.97 -53.53 0.00
CA ARG B 665 0.93 -53.31 1.45
C ARG B 665 -0.01 -54.31 2.16
N ILE B 666 0.38 -55.59 2.08
CA ILE B 666 -0.29 -56.73 2.71
C ILE B 666 -0.58 -56.41 4.18
N GLU B 667 0.45 -55.91 4.89
CA GLU B 667 0.44 -55.58 6.31
C GLU B 667 -0.69 -54.60 6.67
N ARG B 668 -1.04 -53.68 5.75
CA ARG B 668 -2.09 -52.70 6.02
C ARG B 668 -3.47 -53.34 5.95
N PHE B 669 -3.70 -54.20 4.96
CA PHE B 669 -4.98 -54.91 4.81
C PHE B 669 -5.18 -55.91 5.97
N LEU B 670 -4.09 -56.56 6.42
CA LEU B 670 -4.17 -57.52 7.54
C LEU B 670 -4.45 -56.78 8.86
N GLN B 671 -3.95 -55.54 9.00
CA GLN B 671 -4.17 -54.69 10.16
C GLN B 671 -5.62 -54.24 10.19
N LEU B 672 -6.18 -53.87 9.01
CA LEU B 672 -7.58 -53.43 8.90
C LEU B 672 -8.55 -54.58 9.16
N TRP B 673 -8.14 -55.82 8.83
CA TRP B 673 -8.96 -57.02 9.00
C TRP B 673 -9.39 -57.21 10.45
N ALA B 674 -10.66 -57.54 10.62
CA ALA B 674 -11.34 -57.90 11.88
C ALA B 674 -12.73 -58.33 11.53
N GLU B 675 -13.35 -59.15 12.40
CA GLU B 675 -14.75 -59.58 12.30
C GLU B 675 -15.09 -60.30 10.99
N GLY B 676 -14.10 -60.93 10.36
CA GLY B 676 -14.28 -61.62 9.08
C GLY B 676 -14.78 -60.72 7.96
N SER B 677 -14.53 -59.40 8.07
CA SER B 677 -15.02 -58.35 7.17
C SER B 677 -14.55 -58.49 5.73
N MET B 678 -13.36 -59.06 5.53
CA MET B 678 -12.77 -59.26 4.21
C MET B 678 -12.09 -60.61 4.15
N THR B 679 -11.94 -61.14 2.93
CA THR B 679 -11.12 -62.32 2.64
C THR B 679 -9.87 -61.73 2.02
N ILE B 680 -8.68 -62.16 2.47
CA ILE B 680 -7.38 -61.67 1.97
C ILE B 680 -6.58 -62.89 1.54
N ALA B 681 -6.15 -62.90 0.27
CA ALA B 681 -5.41 -64.05 -0.29
C ALA B 681 -4.22 -63.64 -1.14
N MET B 682 -3.24 -64.55 -1.25
CA MET B 682 -2.08 -64.37 -2.10
C MET B 682 -1.82 -65.75 -2.71
N PRO B 683 -2.63 -66.13 -3.73
CA PRO B 683 -2.50 -67.49 -4.32
C PRO B 683 -1.18 -67.68 -5.05
N SER B 684 -0.66 -68.92 -5.04
CA SER B 684 0.62 -69.24 -5.68
C SER B 684 0.43 -70.06 -6.96
N THR B 685 -0.78 -70.56 -7.23
CA THR B 685 -1.01 -71.36 -8.43
C THR B 685 -2.22 -70.80 -9.20
N PRO B 686 -2.23 -71.00 -10.55
CA PRO B 686 -3.38 -70.55 -11.35
C PRO B 686 -4.71 -71.20 -10.93
N ALA B 687 -4.73 -72.52 -10.71
CA ALA B 687 -5.94 -73.26 -10.29
C ALA B 687 -6.50 -72.77 -8.96
N ASN B 688 -5.62 -72.46 -7.98
CA ASN B 688 -6.08 -71.98 -6.67
C ASN B 688 -6.70 -70.58 -6.81
N TYR B 689 -6.16 -69.74 -7.72
CA TYR B 689 -6.75 -68.43 -8.00
C TYR B 689 -8.15 -68.60 -8.64
N PHE B 690 -8.26 -69.55 -9.60
CA PHE B 690 -9.52 -69.91 -10.26
C PHE B 690 -10.59 -70.30 -9.21
N HIS B 691 -10.24 -71.21 -8.29
CA HIS B 691 -11.17 -71.69 -7.27
C HIS B 691 -11.52 -70.59 -6.27
N LEU B 692 -10.54 -69.70 -5.95
CA LEU B 692 -10.76 -68.54 -5.09
C LEU B 692 -11.82 -67.61 -5.68
N LEU B 693 -11.71 -67.32 -7.00
CA LEU B 693 -12.66 -66.43 -7.67
C LEU B 693 -14.02 -67.05 -7.79
N ARG B 694 -14.09 -68.34 -8.12
CA ARG B 694 -15.38 -69.05 -8.23
C ARG B 694 -16.07 -69.16 -6.87
N ARG B 695 -15.32 -69.47 -5.80
CA ARG B 695 -15.89 -69.55 -4.43
C ARG B 695 -16.48 -68.19 -4.04
N HIS B 696 -15.74 -67.10 -4.34
CA HIS B 696 -16.14 -65.73 -4.04
C HIS B 696 -17.44 -65.35 -4.76
N GLY B 697 -17.57 -65.72 -6.02
CA GLY B 697 -18.75 -65.39 -6.81
C GLY B 697 -19.98 -66.22 -6.48
N LYS B 698 -19.79 -67.46 -6.04
CA LYS B 698 -20.88 -68.42 -5.80
C LYS B 698 -21.23 -68.68 -4.31
N ASP B 699 -20.47 -68.13 -3.35
CA ASP B 699 -20.71 -68.46 -1.94
C ASP B 699 -21.96 -67.81 -1.29
N GLY B 700 -22.58 -66.82 -1.94
CA GLY B 700 -23.76 -66.16 -1.36
C GLY B 700 -23.45 -65.19 -0.22
N ILE B 701 -22.14 -65.00 0.08
CA ILE B 701 -21.62 -64.09 1.12
C ILE B 701 -21.29 -62.79 0.41
N GLN B 702 -21.58 -61.63 1.02
CA GLN B 702 -21.27 -60.34 0.41
C GLN B 702 -20.20 -59.69 1.27
N ARG B 703 -18.93 -60.03 0.99
CA ARG B 703 -17.77 -59.52 1.73
C ARG B 703 -16.59 -59.32 0.78
N PRO B 704 -15.89 -58.16 0.85
CA PRO B 704 -14.82 -57.90 -0.11
C PRO B 704 -13.70 -58.94 -0.12
N LEU B 705 -13.04 -59.06 -1.26
CA LEU B 705 -11.92 -59.98 -1.46
C LEU B 705 -10.73 -59.19 -1.92
N ILE B 706 -9.62 -59.29 -1.18
CA ILE B 706 -8.34 -58.62 -1.50
C ILE B 706 -7.37 -59.69 -2.01
N VAL B 707 -6.94 -59.57 -3.28
CA VAL B 707 -6.05 -60.55 -3.88
C VAL B 707 -4.73 -59.89 -4.25
N PHE B 708 -3.62 -60.41 -3.71
CA PHE B 708 -2.28 -60.00 -4.08
C PHE B 708 -1.89 -60.91 -5.25
N THR B 709 -1.85 -60.31 -6.44
CA THR B 709 -1.66 -61.04 -7.70
C THR B 709 -0.22 -60.93 -8.24
N PRO B 710 0.17 -61.84 -9.17
CA PRO B 710 1.56 -61.86 -9.66
C PRO B 710 1.85 -60.94 -10.85
N LYS B 711 3.13 -60.82 -11.18
CA LYS B 711 3.68 -60.02 -12.28
C LYS B 711 4.64 -60.95 -13.06
N SER B 712 5.88 -61.20 -12.56
CA SER B 712 6.80 -62.15 -13.23
C SER B 712 6.27 -63.59 -13.18
N MET B 713 5.58 -63.94 -12.09
CA MET B 713 5.00 -65.26 -11.84
C MET B 713 3.90 -65.59 -12.89
N LEU B 714 3.42 -64.58 -13.65
CA LEU B 714 2.48 -64.82 -14.75
C LEU B 714 3.14 -65.70 -15.83
N ARG B 715 4.45 -65.55 -15.98
CA ARG B 715 5.24 -66.24 -17.01
C ARG B 715 6.24 -67.24 -16.43
N ASN B 716 6.11 -67.57 -15.14
CA ASN B 716 6.93 -68.60 -14.52
C ASN B 716 6.39 -69.96 -14.98
N LYS B 717 7.20 -70.72 -15.72
CA LYS B 717 6.78 -72.00 -16.30
C LYS B 717 6.52 -73.08 -15.23
N ALA B 718 6.99 -72.87 -13.98
CA ALA B 718 6.71 -73.72 -12.82
C ALA B 718 5.31 -73.40 -12.25
N ALA B 719 4.87 -72.12 -12.39
CA ALA B 719 3.59 -71.66 -11.86
C ALA B 719 2.42 -71.93 -12.85
N VAL B 720 2.21 -73.23 -13.19
CA VAL B 720 1.14 -73.66 -14.10
C VAL B 720 0.37 -74.79 -13.44
N SER B 721 -0.87 -74.99 -13.88
CA SER B 721 -1.77 -75.96 -13.30
C SER B 721 -2.29 -76.97 -14.30
N ASP B 722 -2.57 -78.20 -13.80
CA ASP B 722 -3.11 -79.30 -14.60
C ASP B 722 -4.61 -79.13 -14.78
N ILE B 723 -5.18 -79.74 -15.85
CA ILE B 723 -6.63 -79.69 -16.11
C ILE B 723 -7.42 -80.20 -14.89
N ARG B 724 -6.96 -81.32 -14.28
CA ARG B 724 -7.64 -81.94 -13.12
C ARG B 724 -7.68 -81.03 -11.88
N ASP B 725 -6.77 -80.02 -11.79
CA ASP B 725 -6.81 -79.05 -10.70
C ASP B 725 -8.04 -78.14 -10.83
N PHE B 726 -8.62 -78.02 -12.03
CA PHE B 726 -9.81 -77.20 -12.29
C PHE B 726 -11.09 -78.03 -12.29
N THR B 727 -10.99 -79.27 -12.76
CA THR B 727 -12.15 -80.13 -12.94
C THR B 727 -12.38 -81.11 -11.78
N GLU B 728 -11.37 -81.40 -10.95
CA GLU B 728 -11.56 -82.38 -9.86
C GLU B 728 -10.99 -81.92 -8.52
N SER B 729 -10.86 -80.60 -8.32
CA SER B 729 -10.33 -80.08 -7.06
C SER B 729 -11.18 -78.92 -6.53
N LYS B 730 -10.63 -78.12 -5.59
CA LYS B 730 -11.30 -77.03 -4.89
C LYS B 730 -10.26 -76.04 -4.36
N PHE B 731 -10.72 -74.91 -3.79
CA PHE B 731 -9.79 -73.92 -3.20
C PHE B 731 -9.09 -74.52 -1.97
N ARG B 732 -7.77 -74.33 -1.90
CA ARG B 732 -6.94 -74.83 -0.79
C ARG B 732 -6.33 -73.64 -0.09
N SER B 733 -6.73 -73.42 1.17
CA SER B 733 -6.27 -72.27 1.96
C SER B 733 -4.80 -72.47 2.38
N VAL B 734 -4.36 -73.72 2.39
CA VAL B 734 -3.00 -74.15 2.75
C VAL B 734 -2.53 -75.13 1.68
N LEU B 735 -1.28 -74.97 1.21
CA LEU B 735 -0.73 -75.88 0.22
C LEU B 735 0.59 -76.48 0.67
N GLU B 736 0.73 -77.78 0.47
CA GLU B 736 1.97 -78.52 0.71
C GLU B 736 2.68 -78.67 -0.60
N GLU B 737 3.96 -79.07 -0.55
CA GLU B 737 4.72 -79.35 -1.76
C GLU B 737 4.14 -80.58 -2.44
N PRO B 738 3.99 -80.56 -3.79
CA PRO B 738 3.46 -81.75 -4.50
C PRO B 738 4.24 -83.05 -4.24
N MET B 739 5.54 -82.98 -3.88
CA MET B 739 6.34 -84.19 -3.57
C MET B 739 5.75 -84.96 -2.38
N TYR B 740 5.04 -84.29 -1.47
CA TYR B 740 4.47 -84.98 -0.32
C TYR B 740 3.05 -85.47 -0.57
N THR B 741 2.24 -84.70 -1.30
CA THR B 741 0.84 -85.08 -1.56
C THR B 741 0.69 -86.04 -2.75
N ASP B 742 1.59 -85.93 -3.75
CA ASP B 742 1.52 -86.72 -4.99
C ASP B 742 2.80 -87.50 -5.32
N GLY B 743 3.94 -87.05 -4.83
CA GLY B 743 5.24 -87.66 -5.11
C GLY B 743 5.76 -88.65 -4.10
N GLU B 744 7.08 -88.85 -4.09
CA GLU B 744 7.77 -89.81 -3.22
C GLU B 744 8.50 -89.11 -2.05
N GLY B 745 8.09 -87.89 -1.72
CA GLY B 745 8.68 -87.15 -0.60
C GLY B 745 8.37 -87.77 0.75
N ASP B 746 9.32 -87.68 1.69
CA ASP B 746 9.14 -88.21 3.04
C ASP B 746 9.04 -87.08 4.08
N ARG B 747 7.83 -86.82 4.56
CA ARG B 747 7.53 -85.78 5.57
C ARG B 747 8.31 -86.00 6.89
N ASN B 748 8.67 -87.26 7.21
CA ASN B 748 9.40 -87.63 8.43
C ASN B 748 10.86 -87.15 8.45
N LYS B 749 11.45 -86.88 7.26
CA LYS B 749 12.84 -86.39 7.19
C LYS B 749 12.94 -84.89 7.52
N VAL B 750 11.79 -84.17 7.48
CA VAL B 750 11.72 -82.72 7.70
C VAL B 750 11.98 -82.34 9.17
N THR B 751 13.01 -81.49 9.39
CA THR B 751 13.35 -80.99 10.72
C THR B 751 13.17 -79.45 10.74
N ARG B 752 13.14 -78.82 9.55
CA ARG B 752 12.95 -77.38 9.39
C ARG B 752 11.74 -77.12 8.53
N LEU B 753 10.79 -76.35 9.06
CA LEU B 753 9.60 -76.02 8.30
C LEU B 753 9.58 -74.54 7.94
N LEU B 754 9.44 -74.26 6.65
CA LEU B 754 9.37 -72.90 6.14
C LEU B 754 7.92 -72.60 5.79
N LEU B 755 7.35 -71.60 6.44
CA LEU B 755 5.98 -71.19 6.15
C LEU B 755 6.07 -69.91 5.33
N THR B 756 5.30 -69.83 4.25
CA THR B 756 5.42 -68.69 3.35
C THR B 756 4.11 -68.45 2.60
N SER B 757 4.12 -67.47 1.71
CA SER B 757 3.01 -67.14 0.84
C SER B 757 3.52 -66.48 -0.41
N GLY B 758 2.88 -66.76 -1.53
CA GLY B 758 3.21 -66.08 -2.79
C GLY B 758 4.37 -66.67 -3.56
N LYS B 759 4.93 -65.86 -4.47
CA LYS B 759 5.95 -66.30 -5.40
C LYS B 759 7.27 -66.77 -4.75
N ILE B 760 7.63 -66.29 -3.52
CA ILE B 760 8.92 -66.73 -2.93
C ILE B 760 8.95 -68.28 -2.75
N TYR B 761 7.78 -68.95 -2.77
CA TYR B 761 7.69 -70.41 -2.70
C TYR B 761 8.52 -71.07 -3.80
N TYR B 762 8.39 -70.57 -5.06
CA TYR B 762 9.07 -71.19 -6.20
C TYR B 762 10.59 -71.06 -6.09
N GLU B 763 11.10 -69.94 -5.53
CA GLU B 763 12.53 -69.74 -5.30
C GLU B 763 13.04 -70.67 -4.18
N LEU B 764 12.26 -70.84 -3.10
CA LEU B 764 12.62 -71.75 -2.02
C LEU B 764 12.60 -73.20 -2.50
N ALA B 765 11.58 -73.58 -3.33
CA ALA B 765 11.45 -74.95 -3.85
C ALA B 765 12.62 -75.29 -4.79
N ALA B 766 13.07 -74.30 -5.60
CA ALA B 766 14.17 -74.48 -6.54
C ALA B 766 15.49 -74.70 -5.79
N ARG B 767 15.70 -73.99 -4.65
CA ARG B 767 16.90 -74.12 -3.84
C ARG B 767 16.92 -75.50 -3.14
N LYS B 768 15.75 -75.95 -2.63
CA LYS B 768 15.61 -77.26 -1.99
C LYS B 768 15.95 -78.38 -2.99
N ALA B 769 15.42 -78.29 -4.23
CA ALA B 769 15.66 -79.28 -5.30
C ALA B 769 17.13 -79.34 -5.70
N LYS B 770 17.77 -78.17 -5.87
CA LYS B 770 19.18 -78.02 -6.24
C LYS B 770 20.12 -78.69 -5.22
N GLU B 771 19.84 -78.50 -3.92
CA GLU B 771 20.68 -79.03 -2.85
C GLU B 771 20.15 -80.31 -2.22
N ASN B 772 19.05 -80.90 -2.79
CA ASN B 772 18.41 -82.15 -2.30
C ASN B 772 18.16 -82.08 -0.78
N ARG B 773 17.55 -80.97 -0.33
CA ARG B 773 17.30 -80.73 1.09
C ARG B 773 15.99 -81.36 1.57
N GLU B 774 16.04 -82.67 1.87
CA GLU B 774 14.90 -83.44 2.38
C GLU B 774 14.55 -83.07 3.83
N ASP B 775 15.47 -82.37 4.53
CA ASP B 775 15.30 -81.93 5.91
C ASP B 775 14.46 -80.66 6.01
N VAL B 776 14.16 -80.02 4.86
CA VAL B 776 13.41 -78.78 4.79
C VAL B 776 12.08 -78.97 4.02
N ALA B 777 10.97 -78.47 4.58
CA ALA B 777 9.66 -78.46 3.92
C ALA B 777 9.15 -77.03 3.80
N ILE B 778 8.36 -76.76 2.74
CA ILE B 778 7.79 -75.44 2.49
C ILE B 778 6.27 -75.56 2.47
N VAL B 779 5.59 -74.82 3.36
CA VAL B 779 4.12 -74.82 3.46
C VAL B 779 3.62 -73.43 3.10
N ARG B 780 2.67 -73.34 2.17
CA ARG B 780 2.09 -72.07 1.73
C ARG B 780 0.77 -71.78 2.38
N ILE B 781 0.60 -70.54 2.84
CA ILE B 781 -0.65 -70.00 3.37
C ILE B 781 -1.22 -69.16 2.23
N GLU B 782 -2.20 -69.73 1.51
CA GLU B 782 -2.84 -69.10 0.35
C GLU B 782 -3.87 -68.07 0.80
N GLN B 783 -4.66 -68.42 1.83
CA GLN B 783 -5.65 -67.53 2.40
C GLN B 783 -5.03 -66.90 3.64
N LEU B 784 -4.69 -65.60 3.59
CA LEU B 784 -4.04 -64.89 4.69
C LEU B 784 -5.04 -64.50 5.78
N ALA B 785 -6.29 -64.20 5.40
CA ALA B 785 -7.35 -63.83 6.33
C ALA B 785 -8.72 -64.25 5.78
N PRO B 786 -9.61 -64.88 6.59
CA PRO B 786 -9.37 -65.35 7.97
C PRO B 786 -8.30 -66.44 7.97
N LEU B 787 -7.47 -66.51 9.03
CA LEU B 787 -6.41 -67.51 9.09
C LEU B 787 -7.01 -68.93 9.03
N PRO B 788 -6.48 -69.82 8.16
CA PRO B 788 -7.04 -71.18 8.05
C PRO B 788 -6.46 -72.07 9.15
N ARG B 789 -6.85 -71.76 10.40
CA ARG B 789 -6.39 -72.39 11.63
C ARG B 789 -6.46 -73.93 11.58
N ARG B 790 -7.63 -74.51 11.27
CA ARG B 790 -7.82 -75.97 11.26
C ARG B 790 -6.94 -76.65 10.19
N ARG B 791 -6.91 -76.10 8.95
CA ARG B 791 -6.14 -76.71 7.87
C ARG B 791 -4.63 -76.60 8.15
N LEU B 792 -4.20 -75.48 8.78
CA LEU B 792 -2.80 -75.28 9.13
C LEU B 792 -2.36 -76.30 10.18
N ALA B 793 -3.14 -76.46 11.26
CA ALA B 793 -2.85 -77.47 12.30
C ALA B 793 -2.78 -78.87 11.72
N GLU B 794 -3.80 -79.28 10.93
CA GLU B 794 -3.90 -80.60 10.28
C GLU B 794 -2.66 -80.88 9.40
N THR B 795 -2.22 -79.87 8.63
CA THR B 795 -1.05 -79.97 7.75
C THR B 795 0.25 -80.15 8.56
N LEU B 796 0.48 -79.28 9.57
CA LEU B 796 1.70 -79.33 10.38
C LEU B 796 1.79 -80.62 11.19
N ASP B 797 0.63 -81.20 11.56
CA ASP B 797 0.60 -82.46 12.32
C ASP B 797 1.19 -83.64 11.54
N ARG B 798 1.31 -83.52 10.21
CA ARG B 798 1.87 -84.57 9.35
C ARG B 798 3.41 -84.50 9.27
N TYR B 799 4.05 -83.54 9.97
CA TYR B 799 5.51 -83.38 10.01
C TYR B 799 5.97 -83.53 11.47
N PRO B 800 6.02 -84.78 12.02
CA PRO B 800 6.29 -84.93 13.46
C PRO B 800 7.71 -84.61 13.94
N ASN B 801 8.70 -84.58 13.04
CA ASN B 801 10.09 -84.38 13.47
C ASN B 801 10.59 -82.94 13.28
N VAL B 802 9.67 -81.98 13.12
CA VAL B 802 10.03 -80.57 12.95
C VAL B 802 10.59 -80.05 14.29
N LYS B 803 11.79 -79.44 14.25
CA LYS B 803 12.47 -78.89 15.43
C LYS B 803 12.47 -77.36 15.40
N GLU B 804 12.32 -76.76 14.20
CA GLU B 804 12.30 -75.30 14.07
C GLU B 804 11.37 -74.89 12.93
N LYS B 805 10.67 -73.75 13.12
CA LYS B 805 9.74 -73.19 12.15
C LYS B 805 10.09 -71.74 11.86
N PHE B 806 10.01 -71.37 10.59
CA PHE B 806 10.29 -69.99 10.19
C PHE B 806 9.24 -69.47 9.26
N TRP B 807 8.82 -68.19 9.46
CA TRP B 807 7.95 -67.48 8.53
C TRP B 807 8.90 -66.79 7.56
N VAL B 808 8.84 -67.19 6.29
CA VAL B 808 9.77 -66.66 5.28
C VAL B 808 9.03 -65.71 4.35
N GLN B 809 9.58 -64.51 4.15
CA GLN B 809 8.93 -63.55 3.25
C GLN B 809 9.97 -62.67 2.57
N GLU B 810 9.59 -62.16 1.40
CA GLU B 810 10.31 -61.18 0.60
C GLU B 810 10.28 -59.81 1.22
N GLU B 811 9.12 -59.47 1.79
CA GLU B 811 8.82 -58.16 2.29
C GLU B 811 9.67 -57.76 3.49
N PRO B 812 9.98 -56.44 3.66
CA PRO B 812 10.71 -55.97 4.87
C PRO B 812 10.00 -56.42 6.16
N ALA B 813 10.75 -56.54 7.30
CA ALA B 813 10.26 -57.05 8.59
C ALA B 813 9.01 -56.31 9.13
N ASN B 814 8.82 -55.01 8.80
CA ASN B 814 7.66 -54.24 9.26
C ASN B 814 6.50 -54.32 8.24
N GLN B 815 6.69 -55.13 7.19
CA GLN B 815 5.73 -55.28 6.08
C GLN B 815 5.43 -56.77 5.84
N GLY B 816 4.65 -57.08 4.81
CA GLY B 816 4.25 -58.45 4.53
C GLY B 816 3.32 -58.98 5.59
N ALA B 817 3.22 -60.32 5.72
CA ALA B 817 2.35 -60.97 6.71
C ALA B 817 2.97 -61.05 8.13
N TRP B 818 4.31 -60.96 8.27
CA TRP B 818 4.95 -61.08 9.60
C TRP B 818 4.36 -60.17 10.71
N PRO B 819 4.16 -58.83 10.56
CA PRO B 819 3.62 -58.04 11.69
C PRO B 819 2.35 -58.64 12.31
N SER B 820 1.46 -59.23 11.49
CA SER B 820 0.25 -59.85 12.06
C SER B 820 0.49 -61.34 12.40
N PHE B 821 1.13 -62.15 11.50
CA PHE B 821 1.35 -63.59 11.74
C PHE B 821 2.28 -63.87 12.91
N GLY B 822 3.30 -63.04 13.07
CA GLY B 822 4.25 -63.17 14.18
C GLY B 822 3.60 -63.04 15.54
N LEU B 823 2.49 -62.28 15.59
CA LEU B 823 1.74 -62.08 16.81
C LEU B 823 0.57 -63.08 16.91
N THR B 824 -0.15 -63.34 15.80
CA THR B 824 -1.35 -64.20 15.84
C THR B 824 -1.08 -65.70 15.78
N LEU B 825 -0.10 -66.18 14.98
CA LEU B 825 0.15 -67.64 14.90
C LEU B 825 0.58 -68.26 16.25
N PRO B 826 1.51 -67.69 17.06
CA PRO B 826 1.84 -68.34 18.34
C PRO B 826 0.68 -68.30 19.34
N GLU B 827 -0.29 -67.38 19.13
CA GLU B 827 -1.44 -67.23 20.02
C GLU B 827 -2.58 -68.21 19.66
N ILE B 828 -3.02 -68.27 18.38
CA ILE B 828 -4.12 -69.14 17.94
C ILE B 828 -3.71 -70.64 17.90
N LEU B 829 -2.42 -70.93 17.63
CA LEU B 829 -1.91 -72.32 17.56
C LEU B 829 -0.62 -72.43 18.42
N PRO B 830 -0.76 -72.34 19.77
CA PRO B 830 0.44 -72.39 20.64
C PRO B 830 1.29 -73.65 20.55
N ASP B 831 0.67 -74.81 20.30
CA ASP B 831 1.39 -76.08 20.23
C ASP B 831 2.13 -76.25 18.90
N HIS B 832 1.86 -75.39 17.92
CA HIS B 832 2.53 -75.46 16.62
C HIS B 832 3.50 -74.30 16.39
N PHE B 833 3.15 -73.08 16.82
CA PHE B 833 3.94 -71.91 16.48
C PHE B 833 4.65 -71.20 17.65
N THR B 834 4.77 -71.83 18.83
CA THR B 834 5.59 -71.24 19.90
C THR B 834 7.05 -71.33 19.43
N GLY B 835 7.75 -70.20 19.44
CA GLY B 835 9.13 -70.13 18.98
C GLY B 835 9.27 -69.89 17.50
N LEU B 836 8.15 -69.53 16.81
CA LEU B 836 8.15 -69.18 15.39
C LEU B 836 9.07 -67.99 15.16
N LYS B 837 10.01 -68.13 14.21
CA LYS B 837 10.98 -67.08 13.90
C LYS B 837 10.74 -66.55 12.49
N ARG B 838 11.25 -65.33 12.23
CA ARG B 838 11.08 -64.63 10.97
C ARG B 838 12.36 -64.66 10.10
N ILE B 839 12.17 -64.84 8.77
CA ILE B 839 13.23 -64.70 7.76
C ILE B 839 12.66 -63.72 6.72
N SER B 840 13.24 -62.52 6.64
CA SER B 840 12.74 -61.48 5.73
C SER B 840 13.80 -60.44 5.44
N ARG B 841 13.44 -59.41 4.66
CA ARG B 841 14.29 -58.24 4.47
C ARG B 841 14.23 -57.46 5.79
N ARG B 842 15.23 -56.62 6.07
CA ARG B 842 15.27 -55.80 7.25
C ARG B 842 14.03 -54.88 7.23
N ALA B 843 13.62 -54.34 8.38
CA ALA B 843 12.54 -53.35 8.39
C ALA B 843 12.96 -52.17 7.49
N MET B 844 12.06 -51.70 6.61
CA MET B 844 12.42 -50.60 5.70
C MET B 844 11.35 -49.51 5.68
N SER B 845 11.77 -48.25 5.46
CA SER B 845 10.85 -47.10 5.36
C SER B 845 10.05 -47.18 4.05
N ALA B 846 10.72 -47.55 2.94
CA ALA B 846 10.03 -47.76 1.66
C ALA B 846 9.74 -49.27 1.46
N PRO B 847 8.90 -49.72 0.49
CA PRO B 847 8.64 -51.16 0.36
C PRO B 847 9.81 -51.98 -0.18
N SER B 848 10.80 -51.36 -0.83
CA SER B 848 11.98 -52.04 -1.35
C SER B 848 13.04 -51.01 -1.64
N SER B 849 14.14 -51.47 -2.22
CA SER B 849 15.21 -50.60 -2.63
C SER B 849 14.93 -50.19 -4.08
N GLY B 850 15.49 -49.07 -4.50
CA GLY B 850 15.30 -48.60 -5.87
C GLY B 850 16.16 -49.26 -6.94
N SER B 851 17.20 -50.01 -6.53
CA SER B 851 18.15 -50.69 -7.42
CA SER B 851 18.15 -50.67 -7.42
C SER B 851 17.80 -52.16 -7.66
N SER B 852 17.74 -52.59 -8.94
CA SER B 852 17.46 -53.99 -9.30
C SER B 852 18.57 -54.91 -8.78
N LYS B 853 19.84 -54.41 -8.85
CA LYS B 853 21.00 -55.16 -8.40
C LYS B 853 21.00 -55.33 -6.87
N VAL B 854 20.56 -54.30 -6.12
CA VAL B 854 20.49 -54.36 -4.64
C VAL B 854 19.37 -55.35 -4.24
N HIS B 855 18.20 -55.28 -4.93
CA HIS B 855 17.09 -56.21 -4.72
C HIS B 855 17.59 -57.65 -4.82
N ALA B 856 18.37 -57.95 -5.89
CA ALA B 856 18.84 -59.30 -6.17
C ALA B 856 19.74 -59.88 -5.04
N VAL B 857 20.65 -59.05 -4.50
CA VAL B 857 21.57 -59.46 -3.43
C VAL B 857 20.76 -59.68 -2.13
N GLU B 858 19.76 -58.84 -1.87
CA GLU B 858 18.88 -59.02 -0.71
C GLU B 858 18.04 -60.26 -0.86
N GLN B 859 17.59 -60.57 -2.10
CA GLN B 859 16.72 -61.75 -2.36
C GLN B 859 17.49 -63.04 -2.05
N GLN B 860 18.75 -63.09 -2.49
CA GLN B 860 19.62 -64.22 -2.31
C GLN B 860 19.96 -64.43 -0.79
N GLU B 861 20.08 -63.34 0.01
CA GLU B 861 20.31 -63.40 1.47
C GLU B 861 19.16 -64.17 2.20
N ILE B 862 17.89 -63.94 1.79
CA ILE B 862 16.72 -64.61 2.36
C ILE B 862 16.82 -66.12 2.06
N LEU B 863 17.12 -66.48 0.79
CA LEU B 863 17.24 -67.89 0.34
C LEU B 863 18.38 -68.59 1.07
N ASP B 864 19.53 -67.90 1.25
CA ASP B 864 20.69 -68.45 1.97
C ASP B 864 20.42 -68.64 3.48
N THR B 865 19.69 -67.69 4.12
CA THR B 865 19.32 -67.77 5.53
C THR B 865 18.35 -68.96 5.76
N ALA B 866 17.33 -69.07 4.88
CA ALA B 866 16.31 -70.13 4.92
C ALA B 866 16.91 -71.55 4.85
N PHE B 867 18.03 -71.70 4.13
CA PHE B 867 18.68 -73.00 3.94
C PHE B 867 20.03 -73.06 4.66
N GLY B 868 20.29 -72.09 5.52
CA GLY B 868 21.53 -72.01 6.29
C GLY B 868 21.41 -72.72 7.63
N ASP C 6 23.40 0.97 39.47
CA ASP C 6 22.05 0.85 38.93
C ASP C 6 21.21 2.11 39.21
N LYS C 7 21.19 2.55 40.49
CA LYS C 7 20.44 3.72 40.93
C LYS C 7 21.07 5.03 40.43
N ASN C 8 22.42 5.06 40.31
CA ASN C 8 23.17 6.23 39.83
C ASN C 8 22.82 6.57 38.38
N ALA C 9 22.60 5.53 37.52
CA ALA C 9 22.25 5.70 36.11
C ALA C 9 20.82 6.24 35.94
N ARG C 10 19.94 5.90 36.89
CA ARG C 10 18.55 6.36 36.90
C ARG C 10 18.50 7.86 37.23
N VAL C 11 19.41 8.33 38.12
CA VAL C 11 19.53 9.72 38.57
C VAL C 11 20.08 10.57 37.40
N ILE C 12 21.07 10.05 36.65
CA ILE C 12 21.66 10.74 35.48
C ILE C 12 20.56 10.93 34.40
N GLU C 13 19.64 9.94 34.25
CA GLU C 13 18.53 10.03 33.29
C GLU C 13 17.50 11.05 33.76
N LEU C 14 17.29 11.16 35.08
CA LEU C 14 16.34 12.11 35.66
C LEU C 14 16.86 13.53 35.49
N ILE C 15 18.16 13.75 35.74
CA ILE C 15 18.81 15.06 35.53
C ILE C 15 18.59 15.50 34.08
N ALA C 16 18.87 14.61 33.10
CA ALA C 16 18.69 14.85 31.67
C ALA C 16 17.23 15.17 31.33
N ALA C 17 16.27 14.42 31.94
CA ALA C 17 14.82 14.60 31.75
C ALA C 17 14.34 16.00 32.21
N TYR C 18 14.80 16.49 33.37
CA TYR C 18 14.41 17.83 33.84
C TYR C 18 15.03 18.92 32.94
N ARG C 19 16.32 18.76 32.58
CA ARG C 19 17.02 19.73 31.71
C ARG C 19 16.38 19.85 30.32
N ASN C 20 15.99 18.72 29.73
CA ASN C 20 15.41 18.66 28.39
C ASN C 20 13.96 19.04 28.36
N ARG C 21 13.14 18.53 29.30
CA ARG C 21 11.70 18.66 29.24
C ARG C 21 10.99 19.23 30.46
N GLY C 22 11.74 19.66 31.50
CA GLY C 22 11.14 20.26 32.69
C GLY C 22 10.25 21.46 32.40
N HIS C 23 10.60 22.21 31.31
CA HIS C 23 9.85 23.38 30.84
C HIS C 23 8.38 23.03 30.50
N LEU C 24 8.11 21.78 30.07
CA LEU C 24 6.73 21.31 29.78
C LEU C 24 5.90 21.16 31.06
N MET C 25 6.55 21.14 32.23
CA MET C 25 5.86 21.01 33.52
C MET C 25 5.99 22.28 34.38
N ALA C 26 6.68 23.32 33.88
CA ALA C 26 6.85 24.57 34.63
C ALA C 26 5.51 25.28 34.75
N ASP C 27 5.25 25.94 35.91
CA ASP C 27 4.04 26.71 36.18
C ASP C 27 4.23 28.11 35.57
N ILE C 28 4.10 28.20 34.24
CA ILE C 28 4.36 29.43 33.48
C ILE C 28 3.09 30.22 33.11
N ASP C 29 1.90 29.55 33.03
CA ASP C 29 0.66 30.22 32.62
C ASP C 29 -0.06 30.85 33.83
N PRO C 30 -0.15 32.20 33.87
CA PRO C 30 -0.84 32.86 35.00
C PRO C 30 -2.33 32.58 35.09
N LEU C 31 -2.96 32.18 33.97
CA LEU C 31 -4.38 31.86 33.93
C LEU C 31 -4.69 30.39 34.22
N ARG C 32 -3.69 29.49 34.07
CA ARG C 32 -3.82 28.04 34.30
C ARG C 32 -5.03 27.50 33.54
N LEU C 33 -5.13 27.83 32.24
CA LEU C 33 -6.24 27.43 31.37
C LEU C 33 -6.26 25.91 31.14
N ASP C 34 -5.08 25.28 31.00
CA ASP C 34 -4.97 23.83 30.78
C ASP C 34 -4.94 23.07 32.10
N ASN C 35 -5.75 22.00 32.18
CA ASN C 35 -5.90 21.13 33.35
C ASN C 35 -4.93 19.93 33.30
N THR C 36 -4.73 19.36 32.09
CA THR C 36 -3.89 18.19 31.83
C THR C 36 -2.40 18.46 32.12
N ARG C 37 -1.98 19.75 32.15
CA ARG C 37 -0.60 20.15 32.42
C ARG C 37 -0.17 19.69 33.83
N GLY C 50 12.94 5.00 37.99
CA GLY C 50 12.83 3.74 38.72
C GLY C 50 13.47 3.78 40.09
N LEU C 51 13.14 4.82 40.89
CA LEU C 51 13.67 5.05 42.24
C LEU C 51 12.53 5.24 43.24
N THR C 52 12.76 4.83 44.51
CA THR C 52 11.78 4.94 45.59
C THR C 52 12.04 6.19 46.45
N LEU C 53 11.12 6.50 47.39
CA LEU C 53 11.17 7.63 48.32
C LEU C 53 12.28 7.47 49.37
N TRP C 54 12.76 6.23 49.56
CA TRP C 54 13.84 5.87 50.49
C TRP C 54 15.21 6.36 49.98
N ASP C 55 15.33 6.59 48.65
CA ASP C 55 16.54 7.02 47.97
C ASP C 55 16.82 8.53 48.08
N LEU C 56 15.82 9.34 48.48
CA LEU C 56 15.95 10.81 48.61
C LEU C 56 17.12 11.24 49.49
N ASP C 57 17.42 10.47 50.54
CA ASP C 57 18.46 10.80 51.51
C ASP C 57 19.83 10.14 51.19
N ARG C 58 19.91 9.34 50.10
CA ARG C 58 21.13 8.69 49.62
C ARG C 58 21.95 9.63 48.72
N GLU C 59 23.29 9.58 48.84
CA GLU C 59 24.20 10.39 48.04
C GLU C 59 24.46 9.77 46.67
N PHE C 60 24.58 10.61 45.63
CA PHE C 60 24.88 10.19 44.25
C PHE C 60 25.93 11.10 43.62
N LYS C 61 26.75 10.53 42.70
CA LYS C 61 27.82 11.23 41.98
C LYS C 61 27.26 12.04 40.80
N VAL C 62 27.57 13.35 40.77
CA VAL C 62 27.12 14.29 39.75
C VAL C 62 28.35 15.00 39.15
N ARG C 70 29.60 14.80 44.99
CA ARG C 70 28.56 13.92 45.54
C ARG C 70 27.43 14.74 46.17
N LYS C 71 26.18 14.46 45.76
CA LYS C 71 24.99 15.19 46.26
C LYS C 71 23.85 14.22 46.59
N LYS C 72 23.08 14.50 47.68
CA LYS C 72 21.92 13.70 48.04
C LYS C 72 20.82 13.89 47.00
N LEU C 73 20.04 12.82 46.70
CA LEU C 73 18.97 12.84 45.69
C LEU C 73 17.98 13.98 45.94
N ARG C 74 17.60 14.23 47.23
CA ARG C 74 16.66 15.31 47.58
C ARG C 74 17.15 16.69 47.10
N ASP C 75 18.47 16.98 47.22
CA ASP C 75 19.13 18.23 46.82
C ASP C 75 19.30 18.31 45.30
N ILE C 76 19.43 17.14 44.64
CA ILE C 76 19.51 17.07 43.18
C ILE C 76 18.14 17.48 42.63
N LEU C 77 17.06 16.88 43.15
CA LEU C 77 15.69 17.13 42.72
C LEU C 77 15.21 18.55 43.07
N SER C 78 15.54 19.07 44.27
CA SER C 78 15.12 20.43 44.64
C SER C 78 15.75 21.48 43.68
N VAL C 79 17.05 21.34 43.34
CA VAL C 79 17.76 22.23 42.39
C VAL C 79 17.09 22.13 41.00
N LEU C 80 16.77 20.90 40.54
CA LEU C 80 16.12 20.69 39.23
C LEU C 80 14.70 21.29 39.23
N ARG C 81 13.88 21.05 40.28
CA ARG C 81 12.52 21.62 40.39
C ARG C 81 12.58 23.14 40.39
N ASP C 82 13.52 23.73 41.17
CA ASP C 82 13.66 25.19 41.28
C ASP C 82 14.06 25.82 39.97
N ALA C 83 15.03 25.20 39.29
CA ALA C 83 15.58 25.71 38.03
C ALA C 83 14.65 25.53 36.85
N TYR C 84 13.96 24.37 36.75
CA TYR C 84 13.21 24.02 35.54
C TYR C 84 11.70 23.84 35.65
N CYS C 85 11.13 23.79 36.86
CA CYS C 85 9.69 23.51 37.02
C CYS C 85 8.94 24.49 37.92
N ARG C 86 9.49 25.68 38.21
CA ARG C 86 8.75 26.67 38.99
C ARG C 86 8.10 27.67 38.01
N HIS C 87 8.50 28.94 38.04
CA HIS C 87 7.88 29.96 37.19
C HIS C 87 8.69 30.24 35.91
N VAL C 88 9.79 29.50 35.71
CA VAL C 88 10.63 29.65 34.51
C VAL C 88 10.81 28.30 33.82
N GLY C 89 10.43 28.26 32.56
CA GLY C 89 10.62 27.12 31.65
C GLY C 89 11.81 27.42 30.79
N VAL C 90 12.90 26.66 30.98
CA VAL C 90 14.15 26.89 30.24
C VAL C 90 14.30 25.88 29.09
N GLU C 91 14.45 26.39 27.87
CA GLU C 91 14.72 25.58 26.69
C GLU C 91 16.12 25.93 26.21
N TYR C 92 17.06 24.99 26.37
CA TYR C 92 18.44 25.28 25.98
C TYR C 92 19.19 24.05 25.47
N THR C 93 18.68 22.83 25.70
CA THR C 93 19.43 21.63 25.29
C THR C 93 19.40 21.41 23.77
N HIS C 94 18.66 22.24 23.02
CA HIS C 94 18.65 22.24 21.55
C HIS C 94 19.89 22.98 21.01
N ILE C 95 20.56 23.77 21.86
CA ILE C 95 21.75 24.56 21.48
C ILE C 95 22.90 23.60 21.14
N LEU C 96 23.51 23.77 19.97
CA LEU C 96 24.59 22.86 19.55
C LEU C 96 25.92 23.14 20.24
N GLU C 97 26.20 24.38 20.65
CA GLU C 97 27.46 24.75 21.32
C GLU C 97 27.43 24.24 22.77
N PRO C 98 28.30 23.28 23.16
CA PRO C 98 28.26 22.76 24.55
C PRO C 98 28.59 23.79 25.61
N GLU C 99 29.45 24.79 25.31
CA GLU C 99 29.85 25.81 26.26
C GLU C 99 28.66 26.73 26.61
N GLN C 100 27.70 26.90 25.68
CA GLN C 100 26.51 27.71 25.89
C GLN C 100 25.53 26.96 26.78
N GLN C 101 25.39 25.63 26.56
CA GLN C 101 24.55 24.79 27.42
C GLN C 101 25.10 24.78 28.84
N ARG C 102 26.44 24.66 29.00
CA ARG C 102 27.10 24.63 30.31
C ARG C 102 26.92 25.95 31.04
N TRP C 103 27.07 27.08 30.33
CA TRP C 103 26.92 28.43 30.89
C TRP C 103 25.50 28.60 31.49
N ILE C 104 24.45 28.17 30.77
CA ILE C 104 23.05 28.27 31.24
C ILE C 104 22.85 27.36 32.47
N GLN C 105 23.30 26.09 32.38
CA GLN C 105 23.22 25.09 33.46
C GLN C 105 23.79 25.61 34.76
N GLU C 106 24.99 26.20 34.69
CA GLU C 106 25.67 26.71 35.88
C GLU C 106 24.95 27.93 36.49
N ARG C 107 24.25 28.72 35.67
CA ARG C 107 23.57 29.90 36.22
C ARG C 107 22.13 29.60 36.68
N VAL C 108 21.47 28.56 36.14
CA VAL C 108 20.09 28.25 36.55
C VAL C 108 20.06 27.18 37.65
N GLU C 109 21.07 26.29 37.71
CA GLU C 109 21.12 25.20 38.69
C GLU C 109 21.94 25.58 39.94
N THR C 110 21.59 26.71 40.56
CA THR C 110 22.22 27.21 41.78
C THR C 110 21.17 27.83 42.70
N LYS C 111 21.52 28.02 43.99
CA LYS C 111 20.64 28.69 44.96
C LYS C 111 20.76 30.18 44.71
N HIS C 112 19.71 30.79 44.13
CA HIS C 112 19.72 32.21 43.80
C HIS C 112 19.47 33.08 45.02
N ASP C 113 20.24 34.18 45.13
CA ASP C 113 20.10 35.13 46.24
C ASP C 113 18.87 36.00 45.96
N LYS C 114 17.96 36.06 46.96
CA LYS C 114 16.71 36.82 46.90
C LYS C 114 16.97 38.33 46.66
N PRO C 115 16.11 39.06 45.91
CA PRO C 115 16.36 40.50 45.72
C PRO C 115 16.22 41.27 47.03
N THR C 116 16.92 42.41 47.15
CA THR C 116 16.87 43.25 48.36
C THR C 116 15.51 43.94 48.45
N VAL C 117 15.11 44.38 49.65
CA VAL C 117 13.84 45.07 49.91
C VAL C 117 13.75 46.31 49.00
N ALA C 118 14.85 47.09 48.87
CA ALA C 118 14.96 48.28 48.01
C ALA C 118 14.65 47.94 46.54
N GLU C 119 15.18 46.80 46.05
CA GLU C 119 14.98 46.30 44.68
C GLU C 119 13.52 45.86 44.49
N GLN C 120 12.91 45.21 45.50
CA GLN C 120 11.51 44.78 45.47
C GLN C 120 10.57 46.01 45.41
N LYS C 121 10.85 47.05 46.24
CA LYS C 121 10.09 48.31 46.25
C LYS C 121 10.20 49.00 44.88
N TYR C 122 11.39 48.94 44.25
CA TYR C 122 11.61 49.52 42.93
C TYR C 122 10.78 48.76 41.87
N ILE C 123 10.76 47.40 41.91
CA ILE C 123 9.92 46.60 41.01
C ILE C 123 8.44 47.01 41.21
N LEU C 124 7.98 47.12 42.50
CA LEU C 124 6.61 47.56 42.81
C LEU C 124 6.31 48.94 42.21
N SER C 125 7.25 49.91 42.34
CA SER C 125 7.07 51.24 41.76
C SER C 125 6.84 51.18 40.23
N LYS C 126 7.46 50.21 39.52
CA LYS C 126 7.29 50.08 38.06
C LYS C 126 5.92 49.47 37.73
N LEU C 127 5.46 48.50 38.53
CA LEU C 127 4.15 47.88 38.33
C LEU C 127 3.07 48.92 38.61
N ASN C 128 3.28 49.78 39.63
CA ASN C 128 2.36 50.86 40.00
C ASN C 128 2.17 51.82 38.83
N ALA C 129 3.29 52.28 38.23
CA ALA C 129 3.28 53.20 37.10
C ALA C 129 2.59 52.57 35.90
N ALA C 130 2.90 51.29 35.61
CA ALA C 130 2.32 50.56 34.49
C ALA C 130 0.81 50.43 34.60
N GLU C 131 0.29 49.93 35.74
CA GLU C 131 -1.15 49.74 35.82
C GLU C 131 -1.91 51.05 36.01
N ALA C 132 -1.36 52.01 36.79
CA ALA C 132 -2.06 53.27 37.05
C ALA C 132 -2.11 54.17 35.81
N PHE C 133 -1.08 54.11 34.93
CA PHE C 133 -1.08 54.84 33.66
C PHE C 133 -2.28 54.38 32.81
N GLU C 134 -2.50 53.05 32.69
CA GLU C 134 -3.59 52.43 31.92
C GLU C 134 -5.01 52.74 32.49
N THR C 135 -5.22 52.55 33.82
CA THR C 135 -6.52 52.82 34.48
C THR C 135 -6.85 54.34 34.41
N PHE C 136 -5.81 55.20 34.40
CA PHE C 136 -6.04 56.64 34.29
C PHE C 136 -6.60 56.95 32.90
N LEU C 137 -5.98 56.38 31.85
CA LEU C 137 -6.39 56.57 30.46
C LEU C 137 -7.78 56.00 30.20
N GLN C 138 -8.14 54.90 30.90
CA GLN C 138 -9.49 54.29 30.84
C GLN C 138 -10.53 55.32 31.35
N THR C 139 -10.23 55.98 32.47
CA THR C 139 -11.08 56.98 33.11
C THR C 139 -11.29 58.23 32.22
N LYS C 140 -10.21 58.77 31.62
CA LYS C 140 -10.25 59.99 30.82
C LYS C 140 -10.65 59.80 29.36
N TYR C 141 -10.21 58.69 28.74
CA TYR C 141 -10.50 58.44 27.33
C TYR C 141 -11.11 57.05 27.14
N VAL C 142 -12.30 56.82 27.72
CA VAL C 142 -13.03 55.54 27.71
C VAL C 142 -13.28 55.05 26.29
N GLY C 143 -12.89 53.80 26.03
CA GLY C 143 -13.07 53.13 24.75
C GLY C 143 -12.07 53.47 23.66
N GLN C 144 -11.51 54.72 23.69
CA GLN C 144 -10.53 55.24 22.72
C GLN C 144 -9.34 54.29 22.67
N LYS C 145 -8.89 53.90 21.45
CA LYS C 145 -7.83 52.92 21.24
C LYS C 145 -6.54 53.30 21.93
N ARG C 146 -6.04 52.40 22.80
CA ARG C 146 -4.77 52.63 23.48
C ARG C 146 -3.92 51.36 23.56
N PHE C 147 -4.49 50.16 23.20
CA PHE C 147 -3.83 48.85 23.20
C PHE C 147 -3.05 48.63 24.53
N SER C 148 -3.81 48.73 25.61
CA SER C 148 -3.39 48.62 27.01
C SER C 148 -2.51 47.39 27.28
N LEU C 149 -1.55 47.58 28.20
CA LEU C 149 -0.61 46.58 28.71
C LEU C 149 -1.24 45.82 29.91
N GLU C 150 -2.44 46.20 30.33
CA GLU C 150 -3.15 45.57 31.45
C GLU C 150 -3.21 44.07 31.31
N GLY C 151 -2.68 43.38 32.31
CA GLY C 151 -2.56 41.92 32.32
C GLY C 151 -1.14 41.49 31.98
N ALA C 152 -0.29 42.45 31.56
CA ALA C 152 1.11 42.27 31.13
C ALA C 152 2.00 43.37 31.68
N GLU C 153 1.64 43.94 32.85
CA GLU C 153 2.37 45.01 33.52
C GLU C 153 3.82 44.69 33.78
N THR C 154 4.16 43.40 34.02
CA THR C 154 5.52 42.97 34.33
C THR C 154 6.50 43.23 33.14
N VAL C 155 5.98 43.56 31.94
CA VAL C 155 6.78 43.97 30.77
C VAL C 155 7.65 45.19 31.15
N ILE C 156 7.08 46.16 31.92
CA ILE C 156 7.80 47.37 32.36
C ILE C 156 8.99 47.02 33.31
N PRO C 157 8.85 46.36 34.51
CA PRO C 157 10.05 46.03 35.29
C PRO C 157 10.98 45.07 34.53
N MET C 158 10.45 44.24 33.60
CA MET C 158 11.29 43.34 32.78
C MET C 158 12.20 44.14 31.84
N MET C 159 11.63 45.12 31.10
CA MET C 159 12.40 45.98 30.18
C MET C 159 13.39 46.84 30.95
N ASP C 160 12.99 47.30 32.15
CA ASP C 160 13.84 48.11 33.03
C ASP C 160 15.06 47.31 33.42
N ALA C 161 14.88 46.00 33.74
CA ALA C 161 15.95 45.07 34.12
C ALA C 161 16.90 44.84 32.93
N VAL C 162 16.37 44.69 31.70
CA VAL C 162 17.21 44.55 30.48
C VAL C 162 18.14 45.78 30.36
N ILE C 163 17.55 46.97 30.37
CA ILE C 163 18.28 48.23 30.20
C ILE C 163 19.27 48.44 31.34
N ASP C 164 18.84 48.21 32.60
CA ASP C 164 19.73 48.36 33.76
C ASP C 164 20.92 47.38 33.66
N GLN C 165 20.68 46.14 33.24
CA GLN C 165 21.76 45.15 33.08
C GLN C 165 22.70 45.57 31.93
N CYS C 166 22.18 46.21 30.87
CA CYS C 166 23.02 46.71 29.77
C CYS C 166 23.92 47.85 30.32
N ALA C 167 23.38 48.71 31.21
CA ALA C 167 24.13 49.80 31.84
C ALA C 167 25.20 49.24 32.79
N GLU C 168 24.91 48.10 33.45
CA GLU C 168 25.83 47.41 34.37
C GLU C 168 27.05 46.92 33.59
N HIS C 169 26.85 46.47 32.34
CA HIS C 169 27.92 46.05 31.42
C HIS C 169 28.64 47.28 30.79
N GLY C 170 28.20 48.50 31.13
CA GLY C 170 28.77 49.75 30.64
C GLY C 170 28.56 49.97 29.15
N LEU C 171 27.43 49.46 28.61
CA LEU C 171 27.11 49.61 27.18
C LEU C 171 26.61 51.03 26.88
N ASP C 172 26.57 51.41 25.59
CA ASP C 172 26.27 52.77 25.16
C ASP C 172 24.81 53.08 24.92
N GLU C 173 24.07 52.16 24.31
CA GLU C 173 22.67 52.44 23.99
C GLU C 173 21.87 51.18 23.86
N VAL C 174 20.57 51.28 24.16
CA VAL C 174 19.59 50.23 23.95
C VAL C 174 18.59 50.80 22.96
N VAL C 175 18.41 50.16 21.80
CA VAL C 175 17.44 50.64 20.81
C VAL C 175 16.27 49.64 20.80
N ILE C 176 15.07 50.15 21.03
CA ILE C 176 13.87 49.32 21.10
C ILE C 176 13.04 49.41 19.81
N ALA C 177 12.48 48.27 19.40
CA ALA C 177 11.42 48.18 18.38
C ALA C 177 10.34 47.34 18.99
N MET C 178 9.08 47.74 18.82
CA MET C 178 7.98 47.02 19.44
C MET C 178 6.69 47.25 18.69
N PRO C 179 5.66 46.37 18.85
CA PRO C 179 4.36 46.65 18.23
C PRO C 179 3.52 47.59 19.14
N HIS C 180 2.18 47.45 19.10
CA HIS C 180 1.17 48.26 19.79
C HIS C 180 0.95 47.93 21.28
N ARG C 181 1.11 46.65 21.71
CA ARG C 181 0.77 46.21 23.07
C ARG C 181 1.58 46.90 24.15
N GLY C 182 0.93 47.76 24.95
CA GLY C 182 1.57 48.55 25.99
C GLY C 182 2.56 49.58 25.45
N ARG C 183 2.48 49.92 24.16
CA ARG C 183 3.40 50.87 23.49
C ARG C 183 3.40 52.23 24.19
N LEU C 184 2.22 52.78 24.43
CA LEU C 184 2.11 54.08 25.11
C LEU C 184 2.70 54.01 26.54
N ASN C 185 2.55 52.84 27.18
CA ASN C 185 3.09 52.59 28.51
C ASN C 185 4.61 52.60 28.48
N VAL C 186 5.23 51.87 27.52
CA VAL C 186 6.68 51.82 27.38
C VAL C 186 7.24 53.22 27.09
N LEU C 187 6.61 53.97 26.21
CA LEU C 187 7.06 55.33 25.87
C LEU C 187 7.15 56.22 27.12
N ALA C 188 6.10 56.20 27.95
CA ALA C 188 6.06 57.02 29.13
C ALA C 188 6.91 56.48 30.29
N ASN C 189 6.83 55.15 30.54
CA ASN C 189 7.42 54.55 31.72
C ASN C 189 8.79 53.92 31.53
N ILE C 190 9.26 53.76 30.29
CA ILE C 190 10.60 53.21 30.02
C ILE C 190 11.48 54.24 29.29
N VAL C 191 10.96 54.85 28.21
CA VAL C 191 11.76 55.77 27.37
C VAL C 191 11.72 57.23 27.91
N GLY C 192 10.64 57.60 28.59
CA GLY C 192 10.52 58.94 29.16
C GLY C 192 9.89 60.01 28.29
N LYS C 193 9.09 59.59 27.27
CA LYS C 193 8.29 60.52 26.46
C LYS C 193 7.35 61.25 27.42
N PRO C 194 7.32 62.60 27.44
CA PRO C 194 6.50 63.27 28.47
C PRO C 194 5.03 62.87 28.41
N TYR C 195 4.41 62.69 29.60
CA TYR C 195 2.98 62.38 29.74
C TYR C 195 2.15 63.42 29.05
N SER C 196 2.59 64.70 29.16
CA SER C 196 1.90 65.84 28.58
C SER C 196 1.75 65.69 27.08
N GLN C 197 2.80 65.13 26.41
CA GLN C 197 2.79 64.88 24.97
C GLN C 197 1.84 63.77 24.60
N ILE C 198 1.78 62.69 25.41
CA ILE C 198 0.87 61.58 25.18
C ILE C 198 -0.58 62.08 25.39
N PHE C 199 -0.84 62.85 26.47
CA PHE C 199 -2.18 63.39 26.70
C PHE C 199 -2.57 64.34 25.57
N SER C 200 -1.61 65.14 25.06
CA SER C 200 -1.84 66.05 23.91
C SER C 200 -2.30 65.27 22.64
N GLU C 201 -1.76 64.04 22.41
CA GLU C 201 -2.18 63.17 21.30
C GLU C 201 -3.64 62.72 21.50
N PHE C 202 -4.02 62.25 22.72
CA PHE C 202 -5.40 61.85 23.01
C PHE C 202 -6.40 63.00 22.86
N GLU C 203 -6.01 64.22 23.28
CA GLU C 203 -6.82 65.44 23.18
C GLU C 203 -7.04 65.85 21.73
N GLY C 204 -6.09 65.48 20.87
CA GLY C 204 -6.09 65.82 19.46
C GLY C 204 -5.82 67.30 19.27
N ASN C 205 -4.91 67.86 20.10
CA ASN C 205 -4.50 69.28 20.09
C ASN C 205 -3.01 69.29 19.84
N LEU C 206 -2.63 69.23 18.55
CA LEU C 206 -1.24 69.15 18.13
C LEU C 206 -0.67 70.48 17.72
N ASN C 207 0.50 70.83 18.29
CA ASN C 207 1.20 72.08 17.97
C ASN C 207 1.87 71.90 16.57
N PRO C 208 2.38 72.98 15.91
CA PRO C 208 2.91 72.81 14.54
C PRO C 208 3.98 71.73 14.38
N SER C 209 4.89 71.57 15.36
CA SER C 209 5.96 70.55 15.32
C SER C 209 5.39 69.14 15.35
N GLN C 210 4.33 68.91 16.16
CA GLN C 210 3.64 67.64 16.30
C GLN C 210 2.77 67.35 15.06
N ALA C 211 2.24 68.41 14.44
CA ALA C 211 1.35 68.32 13.28
C ALA C 211 2.10 68.34 11.94
N HIS C 212 3.46 68.29 11.94
CA HIS C 212 4.24 68.32 10.69
C HIS C 212 4.03 67.05 9.86
N GLY C 213 4.09 67.18 8.53
CA GLY C 213 3.92 66.07 7.57
C GLY C 213 2.51 65.53 7.64
N SER C 214 2.30 64.28 7.19
CA SER C 214 0.97 63.64 7.24
C SER C 214 0.77 62.88 8.58
N GLY C 215 1.86 62.47 9.22
CA GLY C 215 1.84 61.85 10.55
C GLY C 215 1.37 60.41 10.67
N ASP C 216 1.31 59.92 11.92
CA ASP C 216 0.87 58.55 12.18
C ASP C 216 0.20 58.45 13.55
N VAL C 217 -0.45 57.31 13.83
CA VAL C 217 -1.20 57.04 15.08
C VAL C 217 -0.25 57.01 16.28
N LYS C 218 -0.75 57.43 17.47
CA LYS C 218 0.03 57.56 18.71
C LYS C 218 0.83 56.30 19.11
N TYR C 219 0.32 55.10 18.82
CA TYR C 219 0.95 53.84 19.18
C TYR C 219 1.98 53.38 18.13
N HIS C 220 2.41 54.27 17.21
CA HIS C 220 3.46 53.96 16.23
C HIS C 220 4.65 54.87 16.39
N LEU C 221 4.60 55.79 17.36
CA LEU C 221 5.63 56.80 17.52
C LEU C 221 6.86 56.35 18.34
N GLY C 222 7.96 57.03 18.10
CA GLY C 222 9.23 56.77 18.78
C GLY C 222 9.59 57.84 19.80
N ALA C 223 10.73 57.64 20.48
CA ALA C 223 11.23 58.56 21.50
C ALA C 223 12.66 58.22 21.89
N THR C 224 13.37 59.16 22.53
CA THR C 224 14.73 58.92 23.01
C THR C 224 14.93 59.61 24.36
N GLY C 225 15.83 59.06 25.16
CA GLY C 225 16.17 59.60 26.46
C GLY C 225 17.40 58.94 27.03
N THR C 226 17.77 59.35 28.25
CA THR C 226 18.91 58.80 28.98
C THR C 226 18.41 58.07 30.21
N TYR C 227 18.74 56.79 30.32
CA TYR C 227 18.36 55.96 31.46
C TYR C 227 19.45 56.07 32.51
N ILE C 228 19.08 56.43 33.75
CA ILE C 228 20.03 56.54 34.86
C ILE C 228 19.77 55.38 35.82
N GLN C 229 20.81 54.57 36.13
CA GLN C 229 20.69 53.43 37.04
C GLN C 229 20.18 53.86 38.42
N MET C 230 19.23 53.10 38.97
CA MET C 230 18.65 53.34 40.29
C MET C 230 19.66 53.00 41.39
N PHE C 231 20.38 51.88 41.25
CA PHE C 231 21.33 51.43 42.28
C PHE C 231 22.80 51.52 41.83
N GLY C 232 23.06 51.42 40.53
CA GLY C 232 24.39 51.54 39.96
C GLY C 232 24.79 52.98 39.67
N ASP C 233 26.00 53.20 39.13
CA ASP C 233 26.48 54.57 38.85
C ASP C 233 26.59 54.88 37.36
N ASN C 234 26.00 54.04 36.50
CA ASN C 234 26.06 54.26 35.06
C ASN C 234 24.74 54.77 34.49
N ASP C 235 24.85 55.32 33.28
CA ASP C 235 23.71 55.74 32.50
C ASP C 235 23.89 55.14 31.11
N ILE C 236 22.80 55.04 30.37
CA ILE C 236 22.78 54.45 29.03
C ILE C 236 21.69 55.13 28.22
N GLU C 237 21.92 55.32 26.91
CA GLU C 237 20.91 55.93 26.05
C GLU C 237 19.84 54.89 25.72
N VAL C 238 18.59 55.33 25.63
CA VAL C 238 17.45 54.47 25.30
C VAL C 238 16.65 55.17 24.22
N SER C 239 16.49 54.49 23.09
CA SER C 239 15.73 54.95 21.93
C SER C 239 14.66 53.96 21.62
N LEU C 240 13.57 54.39 20.99
CA LEU C 240 12.48 53.54 20.52
C LEU C 240 12.14 54.03 19.13
N THR C 241 12.33 53.18 18.11
CA THR C 241 12.14 53.56 16.73
C THR C 241 10.64 53.53 16.34
N ALA C 242 10.27 54.27 15.28
CA ALA C 242 8.90 54.35 14.77
C ALA C 242 8.59 53.12 13.93
N ASN C 243 7.29 52.81 13.74
CA ASN C 243 6.96 51.66 12.93
C ASN C 243 5.56 51.78 12.32
N PRO C 244 5.24 50.99 11.28
CA PRO C 244 3.87 50.99 10.76
C PRO C 244 3.04 49.96 11.52
N SER C 245 1.77 49.77 11.12
CA SER C 245 0.90 48.78 11.74
C SER C 245 1.41 47.37 11.46
N HIS C 246 2.04 47.17 10.27
CA HIS C 246 2.57 45.88 9.79
C HIS C 246 3.47 45.27 10.84
N LEU C 247 2.90 44.31 11.56
CA LEU C 247 3.58 43.70 12.70
C LEU C 247 4.82 42.98 12.24
N GLU C 248 5.90 43.15 12.99
CA GLU C 248 7.22 42.55 12.81
C GLU C 248 8.00 43.17 11.63
N ALA C 249 7.38 44.05 10.79
CA ALA C 249 8.06 44.64 9.62
C ALA C 249 9.29 45.49 10.03
N VAL C 250 9.23 46.08 11.23
CA VAL C 250 10.28 46.92 11.82
C VAL C 250 11.49 46.08 12.28
N ASP C 251 11.32 44.76 12.46
CA ASP C 251 12.38 43.89 12.97
C ASP C 251 13.72 44.05 12.22
N PRO C 252 13.79 43.88 10.86
CA PRO C 252 15.08 44.06 10.17
C PRO C 252 15.55 45.50 10.20
N VAL C 253 14.60 46.47 10.26
CA VAL C 253 14.86 47.91 10.33
C VAL C 253 15.63 48.19 11.62
N LEU C 254 15.16 47.63 12.76
CA LEU C 254 15.85 47.77 14.05
C LEU C 254 17.31 47.29 13.94
N GLU C 255 17.49 46.08 13.38
CA GLU C 255 18.80 45.47 13.20
C GLU C 255 19.73 46.36 12.39
N GLY C 256 19.25 46.91 11.27
CA GLY C 256 20.08 47.77 10.45
C GLY C 256 20.47 49.06 11.14
N LEU C 257 19.50 49.63 11.89
CA LEU C 257 19.65 50.87 12.64
C LEU C 257 20.74 50.68 13.70
N VAL C 258 20.65 49.58 14.49
CA VAL C 258 21.66 49.23 15.51
C VAL C 258 23.03 48.96 14.84
N ARG C 259 23.07 48.21 13.72
CA ARG C 259 24.35 47.90 13.05
C ARG C 259 25.08 49.20 12.61
N ALA C 260 24.33 50.18 12.09
CA ALA C 260 24.89 51.46 11.65
C ALA C 260 25.47 52.24 12.84
N LYS C 261 24.79 52.18 14.01
CA LYS C 261 25.24 52.86 15.22
C LYS C 261 26.50 52.19 15.78
N GLN C 262 26.58 50.85 15.67
CA GLN C 262 27.75 50.06 16.10
C GLN C 262 28.96 50.40 15.22
N ASP C 263 28.79 50.42 13.88
CA ASP C 263 29.86 50.78 12.93
C ASP C 263 30.42 52.17 13.24
N LEU C 264 29.54 53.14 13.58
CA LEU C 264 29.90 54.52 13.96
C LEU C 264 30.69 54.58 15.27
N LEU C 265 30.33 53.73 16.25
CA LEU C 265 30.98 53.69 17.56
C LEU C 265 32.25 52.85 17.56
N ASP C 266 32.57 52.19 16.41
CA ASP C 266 33.77 51.36 16.26
C ASP C 266 33.65 50.17 17.28
N THR C 267 32.43 49.57 17.33
CA THR C 267 32.08 48.45 18.19
C THR C 267 31.47 47.36 17.34
N GLY C 268 31.76 46.10 17.67
CA GLY C 268 31.23 44.97 16.93
C GLY C 268 32.04 44.55 15.72
N GLU C 269 31.35 43.93 14.74
CA GLU C 269 31.90 43.33 13.53
C GLU C 269 32.88 44.25 12.75
N GLU C 270 32.50 45.51 12.52
CA GLU C 270 33.36 46.45 11.80
C GLU C 270 34.02 47.48 12.75
N GLY C 271 34.20 47.08 14.02
CA GLY C 271 34.80 47.92 15.04
C GLY C 271 36.05 47.33 15.68
N SER C 272 36.82 48.18 16.39
CA SER C 272 38.06 47.81 17.08
C SER C 272 37.79 46.87 18.28
N ASP C 273 36.58 46.93 18.87
CA ASP C 273 36.25 46.04 19.99
C ASP C 273 35.10 45.08 19.60
N ASN C 274 34.86 44.04 20.43
CA ASN C 274 33.80 43.05 20.23
C ASN C 274 32.73 43.23 21.31
N ARG C 275 32.48 44.50 21.70
CA ARG C 275 31.51 44.79 22.75
C ARG C 275 30.10 44.84 22.19
N PHE C 276 29.90 45.22 20.88
CA PHE C 276 28.58 45.39 20.24
C PHE C 276 27.73 46.18 21.24
N SER C 277 28.26 47.37 21.61
CA SER C 277 27.77 48.19 22.71
C SER C 277 26.47 48.95 22.42
N VAL C 278 25.80 48.65 21.31
CA VAL C 278 24.46 49.16 20.99
C VAL C 278 23.60 47.89 20.95
N VAL C 279 22.61 47.79 21.86
CA VAL C 279 21.80 46.59 22.02
C VAL C 279 20.39 46.73 21.41
N PRO C 280 20.03 45.79 20.51
CA PRO C 280 18.65 45.76 20.03
C PRO C 280 17.77 45.05 21.05
N LEU C 281 16.66 45.68 21.45
CA LEU C 281 15.67 45.10 22.35
C LEU C 281 14.40 45.04 21.52
N MET C 282 14.00 43.84 21.11
CA MET C 282 12.91 43.69 20.16
C MET C 282 11.69 43.06 20.79
N LEU C 283 10.56 43.77 20.81
CA LEU C 283 9.33 43.20 21.42
C LEU C 283 8.41 42.68 20.34
N HIS C 284 7.59 41.69 20.69
CA HIS C 284 6.68 41.02 19.78
C HIS C 284 5.41 40.60 20.46
N GLY C 285 4.37 40.35 19.67
CA GLY C 285 3.14 39.75 20.16
C GLY C 285 3.20 38.28 19.79
N ASP C 286 2.47 37.42 20.50
CA ASP C 286 2.54 35.96 20.28
C ASP C 286 2.04 35.50 18.91
N ALA C 287 0.88 35.99 18.41
CA ALA C 287 0.36 35.52 17.13
C ALA C 287 1.24 36.01 15.97
N ALA C 288 1.72 37.26 16.05
CA ALA C 288 2.59 37.83 15.00
C ALA C 288 3.98 37.16 14.94
N PHE C 289 4.57 36.82 16.09
CA PHE C 289 5.90 36.20 16.14
C PHE C 289 5.93 34.84 15.44
N ALA C 290 4.82 34.07 15.54
CA ALA C 290 4.71 32.74 14.89
C ALA C 290 4.29 32.84 13.42
N GLY C 291 3.46 33.82 13.10
CA GLY C 291 2.90 33.96 11.75
C GLY C 291 3.63 34.76 10.69
N GLN C 292 4.47 35.73 11.08
CA GLN C 292 5.13 36.62 10.11
C GLN C 292 6.53 36.13 9.71
N GLY C 293 6.69 35.83 8.41
CA GLY C 293 7.93 35.32 7.84
C GLY C 293 9.16 36.19 8.03
N VAL C 294 8.95 37.50 8.15
CA VAL C 294 10.06 38.45 8.34
C VAL C 294 10.79 38.16 9.69
N VAL C 295 10.11 37.53 10.66
CA VAL C 295 10.72 37.13 11.93
C VAL C 295 11.88 36.15 11.62
N ALA C 296 11.58 35.07 10.87
CA ALA C 296 12.58 34.07 10.48
C ALA C 296 13.73 34.70 9.64
N GLU C 297 13.42 35.59 8.71
CA GLU C 297 14.42 36.26 7.85
C GLU C 297 15.40 37.12 8.65
N THR C 298 14.89 37.75 9.73
CA THR C 298 15.65 38.66 10.59
C THR C 298 16.54 37.83 11.53
N LEU C 299 16.00 36.72 12.08
CA LEU C 299 16.75 35.80 12.94
C LEU C 299 17.90 35.20 12.15
N ASN C 300 17.64 34.92 10.85
CA ASN C 300 18.62 34.36 9.90
C ASN C 300 19.85 35.30 9.70
N LEU C 301 19.72 36.60 10.00
CA LEU C 301 20.81 37.58 9.86
C LEU C 301 21.71 37.65 11.10
N ALA C 302 21.23 37.11 12.23
CA ALA C 302 21.80 37.27 13.59
C ALA C 302 23.31 37.01 13.73
N LEU C 303 23.87 36.05 12.99
CA LEU C 303 25.31 35.77 13.09
C LEU C 303 26.05 36.02 11.76
N LEU C 304 25.39 36.64 10.77
CA LEU C 304 26.04 36.93 9.48
C LEU C 304 27.04 38.09 9.61
N ARG C 305 28.20 37.96 9.00
CA ARG C 305 29.22 39.00 9.02
C ARG C 305 28.68 40.40 8.62
N GLY C 306 27.85 40.47 7.58
CA GLY C 306 27.34 41.75 7.10
C GLY C 306 26.16 42.32 7.85
N TYR C 307 25.54 41.53 8.77
CA TYR C 307 24.29 41.93 9.43
C TYR C 307 24.26 41.77 10.93
N ARG C 308 25.18 40.97 11.52
CA ARG C 308 25.17 40.72 12.97
C ARG C 308 25.23 42.03 13.81
N THR C 309 24.53 42.02 14.98
CA THR C 309 24.50 43.15 15.92
C THR C 309 24.94 42.69 17.32
N GLY C 310 25.52 41.49 17.39
CA GLY C 310 25.99 40.86 18.61
C GLY C 310 24.89 40.30 19.49
N GLY C 311 23.78 39.94 18.89
CA GLY C 311 22.65 39.37 19.61
C GLY C 311 21.57 40.35 20.01
N THR C 312 20.33 39.97 19.71
CA THR C 312 19.14 40.74 20.01
C THR C 312 18.45 40.14 21.24
N ILE C 313 17.95 41.02 22.11
CA ILE C 313 17.16 40.57 23.27
C ILE C 313 15.72 40.62 22.82
N HIS C 314 15.08 39.47 22.73
CA HIS C 314 13.66 39.41 22.32
C HIS C 314 12.74 39.21 23.51
N ILE C 315 11.63 39.96 23.54
CA ILE C 315 10.58 39.80 24.53
C ILE C 315 9.26 39.59 23.75
N VAL C 316 8.61 38.44 23.97
CA VAL C 316 7.30 38.15 23.39
C VAL C 316 6.28 38.39 24.49
N VAL C 317 5.37 39.36 24.29
CA VAL C 317 4.27 39.65 25.21
C VAL C 317 3.21 38.60 24.89
N ASN C 318 3.35 37.43 25.48
CA ASN C 318 2.50 36.28 25.14
C ASN C 318 1.22 36.26 25.98
N ASN C 319 0.22 37.05 25.54
CA ASN C 319 -1.08 37.17 26.22
C ASN C 319 -2.03 36.05 25.77
N GLN C 320 -1.49 35.04 25.06
CA GLN C 320 -2.15 33.79 24.68
C GLN C 320 -3.43 34.02 23.85
N ILE C 321 -3.40 35.06 23.00
CA ILE C 321 -4.51 35.46 22.11
C ILE C 321 -3.95 36.44 21.07
N GLY C 322 -4.56 36.43 19.88
CA GLY C 322 -4.26 37.36 18.79
C GLY C 322 -5.61 37.90 18.34
N PHE C 323 -6.07 39.00 18.94
CA PHE C 323 -7.38 39.63 18.66
C PHE C 323 -8.48 38.67 19.10
N THR C 324 -9.15 37.96 18.15
CA THR C 324 -10.19 36.98 18.54
C THR C 324 -9.68 35.58 18.28
N THR C 325 -8.42 35.45 17.83
CA THR C 325 -7.90 34.15 17.42
C THR C 325 -7.16 33.46 18.57
N ALA C 326 -7.53 32.18 18.80
CA ALA C 326 -6.89 31.36 19.82
C ALA C 326 -5.52 30.85 19.32
N PRO C 327 -4.51 30.63 20.21
CA PRO C 327 -3.19 30.12 19.77
C PRO C 327 -3.23 28.86 18.90
N THR C 328 -4.23 27.98 19.12
CA THR C 328 -4.35 26.72 18.35
C THR C 328 -4.56 26.99 16.85
N ASP C 329 -5.08 28.18 16.49
CA ASP C 329 -5.29 28.59 15.10
C ASP C 329 -4.19 29.53 14.59
N SER C 330 -3.25 29.92 15.46
CA SER C 330 -2.17 30.83 15.09
C SER C 330 -0.82 30.16 14.82
N ARG C 331 -0.57 28.98 15.40
CA ARG C 331 0.73 28.30 15.24
C ARG C 331 0.59 26.78 15.27
N SER C 332 1.60 26.09 14.74
CA SER C 332 1.62 24.64 14.63
C SER C 332 2.68 24.05 15.57
N SER C 333 2.96 24.74 16.67
CA SER C 333 3.96 24.31 17.64
C SER C 333 3.53 24.66 19.03
N GLU C 334 4.19 24.04 20.02
CA GLU C 334 3.92 24.20 21.42
C GLU C 334 4.04 25.64 21.88
N TYR C 335 5.10 26.34 21.44
CA TYR C 335 5.37 27.71 21.86
C TYR C 335 5.37 28.67 20.72
N CYS C 336 4.98 29.93 20.98
CA CYS C 336 4.99 30.99 19.98
C CYS C 336 6.44 31.37 19.58
N THR C 337 7.42 30.96 20.39
CA THR C 337 8.83 31.31 20.23
C THR C 337 9.68 30.22 19.54
N ASP C 338 9.05 29.12 19.11
CA ASP C 338 9.75 27.95 18.53
C ASP C 338 10.52 28.30 17.24
N VAL C 339 10.20 29.41 16.56
CA VAL C 339 10.97 29.85 15.38
C VAL C 339 12.43 30.23 15.78
N ALA C 340 12.64 30.71 17.02
CA ALA C 340 13.97 31.13 17.45
C ALA C 340 14.93 29.94 17.59
N LYS C 341 14.39 28.69 17.55
CA LYS C 341 15.22 27.47 17.59
C LYS C 341 15.97 27.27 16.26
N MET C 342 15.59 28.02 15.21
CA MET C 342 16.28 27.97 13.93
C MET C 342 17.73 28.46 14.03
N ILE C 343 18.04 29.31 15.02
CA ILE C 343 19.41 29.81 15.20
C ILE C 343 19.99 29.35 16.53
N GLY C 344 19.32 28.38 17.16
CA GLY C 344 19.79 27.83 18.43
C GLY C 344 19.81 28.83 19.57
N ALA C 345 18.85 29.73 19.61
CA ALA C 345 18.77 30.71 20.68
C ALA C 345 18.20 30.08 21.94
N PRO C 346 18.70 30.43 23.15
CA PRO C 346 18.03 29.93 24.36
C PRO C 346 16.68 30.64 24.51
N ILE C 347 15.67 29.91 25.01
CA ILE C 347 14.33 30.44 25.19
C ILE C 347 13.91 30.26 26.67
N PHE C 348 13.50 31.37 27.29
CA PHE C 348 13.05 31.39 28.68
C PHE C 348 11.57 31.73 28.70
N HIS C 349 10.73 30.77 29.10
CA HIS C 349 9.27 30.97 29.22
C HIS C 349 9.03 31.37 30.65
N VAL C 350 8.51 32.58 30.89
CA VAL C 350 8.37 33.03 32.27
C VAL C 350 6.93 33.44 32.60
N ASN C 351 6.52 33.15 33.84
CA ASN C 351 5.21 33.51 34.38
C ASN C 351 5.18 35.01 34.61
N GLY C 352 4.32 35.69 33.84
CA GLY C 352 4.12 37.14 33.87
C GLY C 352 3.55 37.66 35.18
N ASP C 353 3.08 36.77 36.07
CA ASP C 353 2.56 37.18 37.36
C ASP C 353 3.68 37.14 38.42
N ASP C 354 4.91 36.76 38.02
CA ASP C 354 6.04 36.72 38.94
C ASP C 354 7.05 37.77 38.45
N PRO C 355 6.93 39.04 38.91
CA PRO C 355 7.84 40.10 38.43
C PRO C 355 9.31 39.89 38.78
N GLU C 356 9.62 39.25 39.92
CA GLU C 356 11.01 38.98 40.31
C GLU C 356 11.66 37.98 39.36
N ALA C 357 10.92 36.91 38.96
CA ALA C 357 11.43 35.93 38.00
C ALA C 357 11.60 36.58 36.64
N CYS C 358 10.64 37.47 36.26
CA CYS C 358 10.68 38.21 34.99
C CYS C 358 11.93 39.10 34.92
N ALA C 359 12.24 39.84 36.00
CA ALA C 359 13.43 40.70 36.08
C ALA C 359 14.72 39.86 36.08
N TRP C 360 14.71 38.71 36.79
CA TRP C 360 15.84 37.79 36.87
C TRP C 360 16.20 37.22 35.50
N VAL C 361 15.21 36.76 34.72
CA VAL C 361 15.40 36.20 33.38
C VAL C 361 15.93 37.30 32.41
N ALA C 362 15.42 38.53 32.55
CA ALA C 362 15.84 39.68 31.75
C ALA C 362 17.35 39.95 31.92
N ARG C 363 17.86 39.89 33.18
CA ARG C 363 19.29 40.10 33.47
C ARG C 363 20.14 38.92 32.97
N LEU C 364 19.64 37.67 33.12
CA LEU C 364 20.33 36.48 32.62
C LEU C 364 20.46 36.52 31.08
N ALA C 365 19.40 36.98 30.39
CA ALA C 365 19.35 37.13 28.92
C ALA C 365 20.42 38.09 28.44
N VAL C 366 20.55 39.26 29.12
CA VAL C 366 21.57 40.27 28.77
C VAL C 366 22.96 39.67 28.99
N ASP C 367 23.16 38.96 30.12
CA ASP C 367 24.45 38.29 30.41
C ASP C 367 24.80 37.25 29.33
N PHE C 368 23.81 36.45 28.84
CA PHE C 368 24.07 35.46 27.79
C PHE C 368 24.46 36.15 26.48
N ARG C 369 23.72 37.23 26.13
CA ARG C 369 23.98 38.04 24.92
C ARG C 369 25.40 38.60 24.97
N GLN C 370 25.83 39.14 26.13
CA GLN C 370 27.19 39.66 26.29
C GLN C 370 28.27 38.59 26.18
N ALA C 371 27.97 37.37 26.67
CA ALA C 371 28.93 36.27 26.65
C ALA C 371 29.08 35.63 25.27
N PHE C 372 27.98 35.44 24.53
CA PHE C 372 28.05 34.69 23.28
C PHE C 372 27.70 35.47 22.02
N LYS C 373 27.29 36.76 22.13
CA LYS C 373 26.94 37.66 21.02
C LYS C 373 25.87 37.01 20.12
N LYS C 374 24.86 36.43 20.76
CA LYS C 374 23.78 35.71 20.12
C LYS C 374 22.44 36.06 20.78
N ASP C 375 21.35 35.96 19.99
CA ASP C 375 19.99 36.25 20.41
C ASP C 375 19.53 35.39 21.56
N VAL C 376 18.72 36.00 22.44
CA VAL C 376 18.07 35.35 23.58
C VAL C 376 16.61 35.70 23.48
N VAL C 377 15.72 34.75 23.75
CA VAL C 377 14.28 34.97 23.65
C VAL C 377 13.61 34.76 24.99
N ILE C 378 12.80 35.74 25.39
CA ILE C 378 12.02 35.68 26.61
C ILE C 378 10.54 35.61 26.20
N ASP C 379 9.90 34.49 26.53
CA ASP C 379 8.48 34.30 26.26
C ASP C 379 7.72 34.66 27.56
N MET C 380 7.16 35.88 27.66
CA MET C 380 6.46 36.28 28.87
C MET C 380 4.99 35.90 28.80
N LEU C 381 4.61 34.81 29.51
CA LEU C 381 3.22 34.34 29.55
C LEU C 381 2.41 35.26 30.44
N CYS C 382 1.34 35.81 29.87
CA CYS C 382 0.50 36.79 30.54
C CYS C 382 -0.89 36.71 29.92
N TYR C 383 -1.69 37.78 30.10
CA TYR C 383 -3.03 37.82 29.54
C TYR C 383 -3.36 39.26 29.13
N ARG C 384 -4.49 39.44 28.44
CA ARG C 384 -4.98 40.73 27.92
C ARG C 384 -6.20 41.08 28.74
N ARG C 385 -6.03 41.95 29.74
CA ARG C 385 -7.15 42.27 30.67
C ARG C 385 -8.41 42.71 29.95
N ARG C 386 -8.29 43.58 28.93
CA ARG C 386 -9.42 44.09 28.20
C ARG C 386 -9.53 43.37 26.84
N GLY C 387 -10.45 43.82 25.99
CA GLY C 387 -10.58 43.30 24.63
C GLY C 387 -9.34 43.64 23.83
N HIS C 388 -9.26 43.17 22.58
CA HIS C 388 -8.11 43.43 21.71
C HIS C 388 -7.73 44.91 21.72
N ASN C 389 -8.76 45.74 21.50
CA ASN C 389 -8.73 47.18 21.65
C ASN C 389 -9.83 47.48 22.68
N GLU C 390 -9.68 48.58 23.42
CA GLU C 390 -10.56 48.98 24.54
C GLU C 390 -12.04 49.17 24.10
N GLY C 391 -12.32 49.17 22.80
CA GLY C 391 -13.70 49.25 22.31
C GLY C 391 -14.30 47.90 21.93
N ASP C 392 -13.48 46.79 21.96
CA ASP C 392 -13.90 45.43 21.54
C ASP C 392 -14.32 44.55 22.73
N ASP C 393 -15.40 43.74 22.57
CA ASP C 393 -15.88 42.80 23.61
C ASP C 393 -15.30 41.39 23.32
N PRO C 394 -14.37 40.91 24.16
CA PRO C 394 -13.71 39.62 23.86
C PRO C 394 -14.48 38.39 24.31
N SER C 395 -15.52 38.58 25.13
CA SER C 395 -16.34 37.51 25.66
C SER C 395 -17.24 36.89 24.59
N MET C 396 -17.51 37.59 23.48
CA MET C 396 -18.27 36.97 22.37
C MET C 396 -17.53 35.76 21.76
N THR C 397 -16.19 35.80 21.71
CA THR C 397 -15.38 34.75 21.06
C THR C 397 -14.54 33.91 22.07
N GLN C 398 -14.16 34.50 23.23
CA GLN C 398 -13.39 33.81 24.27
C GLN C 398 -14.14 33.91 25.64
N PRO C 399 -15.39 33.36 25.78
CA PRO C 399 -16.11 33.51 27.06
C PRO C 399 -15.39 32.85 28.23
N TYR C 400 -14.81 31.65 28.03
CA TYR C 400 -14.13 30.95 29.12
C TYR C 400 -12.89 31.75 29.60
N MET C 401 -12.05 32.20 28.67
CA MET C 401 -10.85 32.97 29.01
C MET C 401 -11.21 34.21 29.83
N TYR C 402 -12.31 34.89 29.46
CA TYR C 402 -12.62 36.13 30.13
C TYR C 402 -13.34 35.90 31.42
N ASP C 403 -13.96 34.72 31.63
CA ASP C 403 -14.56 34.37 32.93
C ASP C 403 -13.41 34.17 33.95
N VAL C 404 -12.26 33.61 33.49
CA VAL C 404 -11.07 33.36 34.33
C VAL C 404 -10.35 34.70 34.63
N ILE C 405 -10.11 35.55 33.59
CA ILE C 405 -9.44 36.88 33.73
C ILE C 405 -10.24 37.76 34.73
N ASP C 406 -11.58 37.72 34.65
CA ASP C 406 -12.48 38.50 35.53
C ASP C 406 -12.25 38.20 37.03
N THR C 407 -11.91 36.92 37.39
CA THR C 407 -11.66 36.47 38.76
C THR C 407 -10.21 36.71 39.22
N LYS C 408 -9.36 37.25 38.34
CA LYS C 408 -7.94 37.42 38.63
C LYS C 408 -7.57 38.78 39.20
N ARG C 409 -6.74 38.76 40.24
CA ARG C 409 -6.11 39.96 40.80
C ARG C 409 -4.90 40.24 39.92
N GLY C 410 -4.72 41.50 39.51
CA GLY C 410 -3.58 41.87 38.67
C GLY C 410 -2.23 41.63 39.35
N SER C 411 -1.15 41.68 38.56
CA SER C 411 0.20 41.44 39.07
C SER C 411 0.61 42.48 40.13
N ARG C 412 0.21 43.76 39.96
CA ARG C 412 0.54 44.84 40.91
C ARG C 412 -0.04 44.52 42.29
N LYS C 413 -1.35 44.21 42.38
CA LYS C 413 -2.03 43.90 43.65
C LYS C 413 -1.45 42.64 44.30
N ALA C 414 -1.20 41.58 43.52
CA ALA C 414 -0.64 40.33 44.04
C ALA C 414 0.75 40.57 44.62
N TYR C 415 1.58 41.35 43.91
CA TYR C 415 2.94 41.64 44.32
C TYR C 415 2.95 42.53 45.58
N THR C 416 2.00 43.50 45.65
CA THR C 416 1.84 44.40 46.80
C THR C 416 1.50 43.58 48.04
N GLU C 417 0.52 42.65 47.91
CA GLU C 417 0.06 41.75 48.97
C GLU C 417 1.19 40.85 49.50
N ALA C 418 2.13 40.47 48.62
CA ALA C 418 3.29 39.65 48.96
C ALA C 418 4.30 40.43 49.82
N LEU C 419 4.55 41.71 49.45
CA LEU C 419 5.43 42.61 50.19
C LEU C 419 4.83 42.99 51.55
N ILE C 420 3.49 43.14 51.63
CA ILE C 420 2.79 43.48 52.90
C ILE C 420 2.87 42.23 53.83
N GLY C 421 2.65 41.06 53.27
CA GLY C 421 2.73 39.77 53.97
C GLY C 421 4.09 39.52 54.59
N ARG C 422 5.17 39.90 53.88
CA ARG C 422 6.57 39.79 54.35
C ARG C 422 6.91 40.89 55.37
N GLY C 423 6.02 41.88 55.49
CA GLY C 423 6.18 43.01 56.41
C GLY C 423 7.21 44.03 55.98
N ASP C 424 7.50 44.09 54.67
CA ASP C 424 8.50 45.01 54.11
C ASP C 424 7.93 46.41 53.90
N ILE C 425 6.63 46.49 53.56
CA ILE C 425 5.87 47.72 53.38
C ILE C 425 4.52 47.58 54.11
N SER C 426 3.91 48.72 54.46
CA SER C 426 2.60 48.72 55.13
C SER C 426 1.51 48.92 54.09
N MET C 427 0.24 48.68 54.46
CA MET C 427 -0.92 48.87 53.57
C MET C 427 -1.03 50.35 53.22
N LYS C 428 -0.87 51.23 54.23
CA LYS C 428 -0.94 52.68 54.07
C LYS C 428 0.15 53.18 53.09
N GLU C 429 1.42 52.71 53.22
CA GLU C 429 2.54 53.09 52.35
C GLU C 429 2.24 52.79 50.87
N ALA C 430 1.72 51.57 50.61
CA ALA C 430 1.35 51.12 49.27
C ALA C 430 0.20 51.95 48.71
N GLU C 431 -0.78 52.30 49.58
CA GLU C 431 -1.95 53.11 49.22
C GLU C 431 -1.54 54.53 48.84
N ASP C 432 -0.73 55.19 49.69
CA ASP C 432 -0.23 56.55 49.47
C ASP C 432 0.57 56.67 48.18
N ALA C 433 1.46 55.68 47.90
CA ALA C 433 2.31 55.60 46.71
C ALA C 433 1.47 55.55 45.43
N LEU C 434 0.34 54.82 45.45
CA LEU C 434 -0.57 54.74 44.31
C LEU C 434 -1.43 56.03 44.19
N ARG C 435 -1.90 56.64 45.32
CA ARG C 435 -2.66 57.90 45.26
C ARG C 435 -1.77 59.03 44.71
N ASP C 436 -0.46 59.04 45.06
CA ASP C 436 0.52 60.05 44.62
C ASP C 436 0.73 60.02 43.12
N TYR C 437 0.88 58.81 42.55
CA TYR C 437 1.09 58.69 41.12
C TYR C 437 -0.19 59.09 40.36
N GLN C 438 -1.39 58.76 40.90
CA GLN C 438 -2.69 59.08 40.30
C GLN C 438 -2.92 60.60 40.31
N GLY C 439 -2.64 61.22 41.46
CA GLY C 439 -2.73 62.66 41.66
C GLY C 439 -1.80 63.42 40.73
N GLN C 440 -0.59 62.87 40.48
CA GLN C 440 0.44 63.42 39.60
C GLN C 440 -0.03 63.45 38.17
N LEU C 441 -0.69 62.38 37.72
CA LEU C 441 -1.20 62.26 36.35
C LEU C 441 -2.39 63.18 36.12
N GLU C 442 -3.23 63.41 37.16
CA GLU C 442 -4.39 64.31 37.08
C GLU C 442 -3.94 65.75 36.80
N ARG C 443 -2.88 66.23 37.50
CA ARG C 443 -2.32 67.58 37.38
C ARG C 443 -1.74 67.85 35.98
N VAL C 444 -1.04 66.86 35.40
CA VAL C 444 -0.47 66.99 34.06
C VAL C 444 -1.64 67.00 33.03
N PHE C 445 -2.62 66.09 33.22
CA PHE C 445 -3.83 66.00 32.39
C PHE C 445 -4.60 67.35 32.37
N ASN C 446 -4.80 67.99 33.54
CA ASN C 446 -5.52 69.27 33.61
C ASN C 446 -4.72 70.42 32.96
N GLU C 447 -3.37 70.42 33.12
CA GLU C 447 -2.51 71.42 32.49
C GLU C 447 -2.63 71.36 30.98
N VAL C 448 -2.65 70.14 30.42
CA VAL C 448 -2.78 69.89 28.97
C VAL C 448 -4.17 70.34 28.50
N ARG C 449 -5.21 70.06 29.31
CA ARG C 449 -6.61 70.43 29.03
C ARG C 449 -6.81 71.94 28.96
N GLU C 450 -5.98 72.69 29.70
CA GLU C 450 -6.05 74.15 29.76
C GLU C 450 -5.42 74.85 28.54
N LEU C 451 -4.63 74.12 27.72
CA LEU C 451 -3.93 74.67 26.56
C LEU C 451 -4.88 75.14 25.47
N GLU C 452 -4.56 76.32 24.87
CA GLU C 452 -5.31 76.90 23.75
C GLU C 452 -5.25 75.93 22.57
N LYS C 453 -6.42 75.67 21.94
CA LYS C 453 -6.57 74.73 20.83
C LYS C 453 -5.95 75.24 19.52
N HIS C 454 -5.01 74.46 18.96
CA HIS C 454 -4.39 74.74 17.67
C HIS C 454 -5.41 74.51 16.58
N GLU C 455 -5.33 75.29 15.51
CA GLU C 455 -6.25 75.14 14.38
C GLU C 455 -5.90 73.86 13.63
N ILE C 456 -6.92 73.14 13.18
CA ILE C 456 -6.72 71.90 12.44
C ILE C 456 -6.81 72.26 10.96
N GLU C 457 -5.78 71.87 10.23
CA GLU C 457 -5.64 72.14 8.82
C GLU C 457 -5.38 70.85 8.06
N PRO C 458 -5.64 70.80 6.75
CA PRO C 458 -5.27 69.59 5.97
C PRO C 458 -3.74 69.41 6.01
N SER C 459 -3.25 68.15 6.04
CA SER C 459 -1.80 67.89 6.06
C SER C 459 -1.12 68.48 4.81
N GLU C 460 0.15 68.86 4.93
CA GLU C 460 0.86 69.46 3.82
C GLU C 460 2.03 68.60 3.42
N SER C 461 2.38 68.66 2.13
CA SER C 461 3.50 67.93 1.54
C SER C 461 4.82 68.32 2.24
N VAL C 462 5.70 67.34 2.43
CA VAL C 462 7.04 67.51 3.06
C VAL C 462 8.10 67.91 2.02
N GLU C 463 7.73 68.01 0.73
CA GLU C 463 8.68 68.27 -0.37
C GLU C 463 9.70 69.38 -0.05
N ALA C 464 9.22 70.57 0.37
CA ALA C 464 10.09 71.74 0.64
C ALA C 464 10.97 71.61 1.90
N ASP C 465 10.76 70.56 2.75
CA ASP C 465 11.54 70.39 3.98
C ASP C 465 13.03 70.16 3.72
N GLN C 466 13.34 69.51 2.61
CA GLN C 466 14.71 69.20 2.21
C GLN C 466 14.94 69.68 0.78
N GLN C 467 15.90 70.59 0.62
CA GLN C 467 16.30 71.18 -0.67
C GLN C 467 17.78 71.40 -0.68
N ILE C 468 18.43 71.30 -1.85
CA ILE C 468 19.85 71.62 -1.94
C ILE C 468 19.95 73.18 -2.05
N PRO C 469 20.69 73.87 -1.13
CA PRO C 469 20.73 75.35 -1.16
C PRO C 469 21.35 75.95 -2.43
N SER C 470 22.48 75.39 -2.91
CA SER C 470 23.19 75.89 -4.09
C SER C 470 23.62 74.75 -5.02
N LYS C 471 24.32 75.08 -6.12
CA LYS C 471 24.84 74.14 -7.11
C LYS C 471 25.87 73.19 -6.47
N LEU C 472 25.72 71.88 -6.68
CA LEU C 472 26.60 70.88 -6.11
C LEU C 472 27.50 70.28 -7.19
N ALA C 473 28.84 70.42 -7.03
CA ALA C 473 29.78 69.87 -8.01
C ALA C 473 30.08 68.42 -7.69
N THR C 474 30.02 67.54 -8.71
CA THR C 474 30.23 66.10 -8.54
C THR C 474 31.41 65.59 -9.41
N ALA C 475 31.92 66.45 -10.29
CA ALA C 475 33.07 66.09 -11.14
C ALA C 475 34.32 65.91 -10.28
N VAL C 476 35.20 65.03 -10.72
CA VAL C 476 36.47 64.72 -10.05
C VAL C 476 37.60 65.08 -11.01
N ASP C 477 38.82 64.59 -10.75
CA ASP C 477 39.93 64.86 -11.64
C ASP C 477 40.45 63.54 -12.21
N LYS C 478 41.34 63.63 -13.20
CA LYS C 478 41.98 62.49 -13.84
C LYS C 478 42.77 61.67 -12.83
N ALA C 479 43.45 62.34 -11.87
CA ALA C 479 44.24 61.69 -10.82
C ALA C 479 43.36 60.74 -9.99
N MET C 480 42.09 61.11 -9.74
CA MET C 480 41.12 60.28 -9.00
C MET C 480 40.75 59.04 -9.80
N LEU C 481 40.46 59.20 -11.11
CA LEU C 481 40.14 58.08 -12.01
C LEU C 481 41.30 57.09 -12.09
N GLN C 482 42.51 57.62 -12.27
CA GLN C 482 43.73 56.85 -12.39
C GLN C 482 44.04 56.12 -11.08
N ARG C 483 43.83 56.78 -9.94
CA ARG C 483 44.04 56.16 -8.61
C ARG C 483 43.13 54.92 -8.43
N ILE C 484 41.84 55.04 -8.83
CA ILE C 484 40.86 53.98 -8.71
C ILE C 484 41.18 52.85 -9.71
N GLY C 485 41.61 53.21 -10.92
CA GLY C 485 42.05 52.24 -11.93
C GLY C 485 43.27 51.48 -11.50
N ASP C 486 44.31 52.19 -10.99
CA ASP C 486 45.57 51.61 -10.50
C ASP C 486 45.33 50.72 -9.29
N ALA C 487 44.32 51.04 -8.43
CA ALA C 487 43.96 50.25 -7.25
C ALA C 487 43.61 48.80 -7.63
N HIS C 488 43.00 48.63 -8.83
CA HIS C 488 42.60 47.32 -9.36
C HIS C 488 43.83 46.45 -9.70
N LEU C 489 45.03 47.04 -9.84
CA LEU C 489 46.26 46.32 -10.16
C LEU C 489 47.27 46.35 -9.00
N ALA C 490 46.96 47.05 -7.88
CA ALA C 490 47.84 47.13 -6.71
C ALA C 490 47.56 45.91 -5.81
N LEU C 491 47.77 44.72 -6.38
CA LEU C 491 47.48 43.43 -5.77
C LEU C 491 48.44 43.13 -4.63
N PRO C 492 47.98 42.44 -3.55
CA PRO C 492 48.91 42.03 -2.49
C PRO C 492 50.03 41.16 -3.03
N GLU C 493 51.19 41.14 -2.33
CA GLU C 493 52.37 40.35 -2.69
C GLU C 493 51.99 38.87 -2.90
N GLY C 494 52.31 38.34 -4.08
CA GLY C 494 52.05 36.94 -4.46
C GLY C 494 50.61 36.55 -4.71
N PHE C 495 49.74 37.53 -5.03
CA PHE C 495 48.31 37.28 -5.25
C PHE C 495 48.06 36.64 -6.63
N THR C 496 47.26 35.57 -6.64
CA THR C 496 46.98 34.93 -7.89
C THR C 496 45.58 35.32 -8.29
N VAL C 497 45.48 36.06 -9.37
CA VAL C 497 44.19 36.47 -9.89
C VAL C 497 43.67 35.38 -10.81
N HIS C 498 42.35 35.11 -10.75
CA HIS C 498 41.70 34.19 -11.68
C HIS C 498 41.96 34.70 -13.14
N PRO C 499 42.28 33.79 -14.10
CA PRO C 499 42.61 34.24 -15.47
C PRO C 499 41.49 34.97 -16.21
N ARG C 500 40.22 34.76 -15.84
CA ARG C 500 39.07 35.44 -16.47
C ARG C 500 38.71 36.75 -15.70
N VAL C 501 39.37 36.98 -14.56
CA VAL C 501 39.13 38.19 -13.73
C VAL C 501 40.22 39.21 -14.07
N ARG C 502 41.46 38.76 -14.29
CA ARG C 502 42.60 39.61 -14.65
C ARG C 502 42.28 40.62 -15.79
N PRO C 503 41.63 40.28 -16.93
CA PRO C 503 41.37 41.31 -17.94
C PRO C 503 40.49 42.45 -17.44
N VAL C 504 39.58 42.18 -16.46
CA VAL C 504 38.69 43.21 -15.90
C VAL C 504 39.55 44.26 -15.18
N LEU C 505 40.49 43.81 -14.33
CA LEU C 505 41.42 44.69 -13.60
C LEU C 505 42.28 45.54 -14.55
N GLU C 506 42.79 44.93 -15.62
CA GLU C 506 43.64 45.56 -16.61
C GLU C 506 42.84 46.53 -17.48
N LYS C 507 41.62 46.15 -17.92
CA LYS C 507 40.75 47.02 -18.71
C LYS C 507 40.33 48.27 -17.90
N ARG C 508 40.17 48.14 -16.56
CA ARG C 508 39.83 49.25 -15.66
C ARG C 508 40.96 50.27 -15.59
N ARG C 509 42.23 49.82 -15.47
CA ARG C 509 43.37 50.75 -15.49
C ARG C 509 43.41 51.47 -16.87
N GLU C 510 43.15 50.72 -17.96
CA GLU C 510 43.12 51.25 -19.33
C GLU C 510 42.01 52.32 -19.47
N MET C 511 40.79 52.02 -18.99
CA MET C 511 39.63 52.93 -19.07
C MET C 511 39.89 54.21 -18.28
N ALA C 512 40.51 54.06 -17.08
CA ALA C 512 40.84 55.17 -16.19
C ALA C 512 41.75 56.20 -16.88
N TYR C 513 42.71 55.74 -17.71
CA TYR C 513 43.68 56.60 -18.42
C TYR C 513 43.30 56.94 -19.86
N GLU C 514 42.44 56.13 -20.51
CA GLU C 514 42.15 56.35 -21.93
C GLU C 514 40.68 56.56 -22.28
N GLY C 515 39.77 56.33 -21.34
CA GLY C 515 38.34 56.55 -21.60
C GLY C 515 37.59 55.29 -21.94
N ARG C 516 36.42 55.44 -22.60
CA ARG C 516 35.51 54.33 -22.94
C ARG C 516 35.16 53.59 -21.65
N ILE C 517 34.84 54.37 -20.60
CA ILE C 517 34.49 53.83 -19.28
C ILE C 517 33.08 53.20 -19.36
N ASP C 518 32.97 51.91 -18.96
CA ASP C 518 31.69 51.18 -18.96
C ASP C 518 30.94 51.43 -17.63
N TRP C 519 29.69 50.97 -17.55
CA TRP C 519 28.81 51.17 -16.38
C TRP C 519 29.42 50.62 -15.09
N ALA C 520 29.89 49.35 -15.10
CA ALA C 520 30.43 48.70 -13.91
C ALA C 520 31.59 49.49 -13.33
N PHE C 521 32.51 49.98 -14.18
CA PHE C 521 33.63 50.78 -13.68
C PHE C 521 33.17 52.17 -13.21
N ALA C 522 32.20 52.81 -13.92
CA ALA C 522 31.67 54.11 -13.50
C ALA C 522 31.06 54.05 -12.10
N GLU C 523 30.37 52.93 -11.75
CA GLU C 523 29.81 52.73 -10.41
C GLU C 523 30.92 52.74 -9.35
N LEU C 524 32.01 52.01 -9.61
CA LEU C 524 33.15 51.91 -8.70
C LEU C 524 33.96 53.20 -8.65
N LEU C 525 33.96 53.97 -9.74
CA LEU C 525 34.58 55.30 -9.77
C LEU C 525 33.84 56.23 -8.79
N ALA C 526 32.48 56.15 -8.78
CA ALA C 526 31.64 56.98 -7.89
C ALA C 526 31.85 56.58 -6.42
N LEU C 527 31.78 55.26 -6.11
CA LEU C 527 31.93 54.79 -4.73
C LEU C 527 33.37 55.01 -4.22
N GLY C 528 34.35 54.71 -5.06
CA GLY C 528 35.78 54.89 -4.75
C GLY C 528 36.13 56.33 -4.48
N SER C 529 35.57 57.28 -5.28
CA SER C 529 35.84 58.71 -5.07
C SER C 529 35.17 59.21 -3.78
N LEU C 530 34.01 58.62 -3.41
CA LEU C 530 33.33 58.97 -2.13
C LEU C 530 34.16 58.49 -0.94
N ILE C 531 34.71 57.26 -1.02
CA ILE C 531 35.58 56.68 -0.01
C ILE C 531 36.83 57.56 0.17
N ALA C 532 37.43 58.01 -0.96
CA ALA C 532 38.62 58.88 -0.95
C ALA C 532 38.32 60.25 -0.28
N GLU C 533 37.04 60.67 -0.28
CA GLU C 533 36.58 61.93 0.33
C GLU C 533 36.23 61.74 1.82
N GLY C 534 36.36 60.51 2.31
CA GLY C 534 36.11 60.14 3.70
C GLY C 534 34.77 59.53 4.01
N LYS C 535 34.01 59.12 2.98
CA LYS C 535 32.68 58.56 3.20
C LYS C 535 32.67 57.05 3.43
N LEU C 536 31.80 56.62 4.36
CA LEU C 536 31.53 55.22 4.62
C LEU C 536 30.58 54.76 3.51
N VAL C 537 30.98 53.73 2.76
CA VAL C 537 30.14 53.19 1.68
C VAL C 537 29.79 51.75 2.03
N ARG C 538 28.49 51.46 2.11
CA ARG C 538 28.00 50.11 2.39
C ARG C 538 27.20 49.68 1.19
N LEU C 539 27.64 48.58 0.55
CA LEU C 539 27.00 48.04 -0.63
C LEU C 539 26.73 46.55 -0.41
N SER C 540 25.50 46.10 -0.68
CA SER C 540 25.17 44.69 -0.49
C SER C 540 24.00 44.27 -1.37
N GLY C 541 23.78 42.96 -1.41
CA GLY C 541 22.72 42.34 -2.18
C GLY C 541 23.15 40.96 -2.62
N GLN C 542 22.29 40.29 -3.36
CA GLN C 542 22.53 38.90 -3.78
C GLN C 542 23.65 38.81 -4.81
N ASP C 543 24.75 38.14 -4.39
CA ASP C 543 25.97 37.92 -5.17
C ASP C 543 26.59 39.28 -5.61
N THR C 544 26.41 40.33 -4.80
CA THR C 544 26.84 41.71 -5.11
C THR C 544 28.36 41.91 -5.13
N GLN C 545 29.15 41.09 -4.39
CA GLN C 545 30.62 41.23 -4.40
C GLN C 545 31.19 41.04 -5.80
N ARG C 546 30.74 39.98 -6.49
CA ARG C 546 31.16 39.71 -7.85
C ARG C 546 30.32 40.48 -8.84
N GLY C 547 29.01 40.46 -8.60
CA GLY C 547 27.99 41.02 -9.47
C GLY C 547 27.29 39.86 -10.16
N THR C 548 25.95 39.90 -10.20
CA THR C 548 25.11 38.91 -10.88
C THR C 548 25.57 38.72 -12.33
N PHE C 549 25.94 39.81 -13.00
CA PHE C 549 26.30 39.75 -14.42
C PHE C 549 27.83 39.67 -14.61
N THR C 550 28.56 39.15 -13.58
CA THR C 550 30.02 39.00 -13.57
C THR C 550 30.71 40.32 -13.94
N GLN C 551 30.12 41.45 -13.53
CA GLN C 551 30.59 42.75 -13.98
C GLN C 551 31.30 43.57 -12.92
N ARG C 552 30.98 43.36 -11.61
CA ARG C 552 31.46 44.25 -10.55
C ARG C 552 32.86 43.94 -10.09
N HIS C 553 33.09 42.74 -9.54
CA HIS C 553 34.37 42.34 -8.98
C HIS C 553 34.86 43.37 -7.93
N ALA C 554 33.95 43.74 -6.98
CA ALA C 554 34.27 44.62 -5.85
C ALA C 554 35.22 43.88 -4.92
N VAL C 555 35.15 42.53 -4.93
CA VAL C 555 36.00 41.60 -4.19
C VAL C 555 36.49 40.59 -5.20
N ILE C 556 37.79 40.27 -5.17
CA ILE C 556 38.40 39.29 -6.06
C ILE C 556 39.02 38.21 -5.17
N VAL C 557 39.02 36.96 -5.63
CA VAL C 557 39.46 35.83 -4.81
C VAL C 557 40.66 35.17 -5.43
N ASP C 558 41.72 34.99 -4.61
CA ASP C 558 42.97 34.34 -5.00
C ASP C 558 42.66 32.93 -5.54
N ARG C 559 43.07 32.68 -6.79
CA ARG C 559 42.84 31.42 -7.50
C ARG C 559 43.48 30.22 -6.78
N LYS C 560 44.60 30.45 -6.05
CA LYS C 560 45.33 29.39 -5.36
C LYS C 560 44.94 29.20 -3.87
N THR C 561 44.70 30.29 -3.13
CA THR C 561 44.47 30.19 -1.66
C THR C 561 43.03 30.55 -1.18
N GLY C 562 42.25 31.22 -2.01
CA GLY C 562 40.92 31.65 -1.60
C GLY C 562 40.89 32.99 -0.87
N GLU C 563 42.07 33.59 -0.61
CA GLU C 563 42.21 34.90 0.05
C GLU C 563 41.51 36.00 -0.76
N GLU C 564 40.90 36.98 -0.09
CA GLU C 564 40.15 38.03 -0.78
C GLU C 564 40.91 39.34 -0.81
N PHE C 565 40.73 40.10 -1.91
CA PHE C 565 41.28 41.43 -2.12
C PHE C 565 40.14 42.35 -2.57
N THR C 566 40.00 43.51 -1.90
CA THR C 566 38.97 44.50 -2.20
C THR C 566 39.68 45.78 -2.71
N PRO C 567 39.76 45.98 -4.04
CA PRO C 567 40.48 47.16 -4.58
C PRO C 567 40.04 48.52 -4.01
N LEU C 568 38.73 48.78 -3.89
CA LEU C 568 38.27 50.11 -3.41
C LEU C 568 38.69 50.41 -1.96
N GLN C 569 39.06 49.40 -1.15
CA GLN C 569 39.47 49.66 0.23
C GLN C 569 40.80 50.45 0.26
N LEU C 570 41.61 50.37 -0.82
CA LEU C 570 42.87 51.12 -0.92
C LEU C 570 42.62 52.64 -0.97
N LEU C 571 41.42 53.04 -1.40
CA LEU C 571 41.05 54.46 -1.52
C LEU C 571 40.78 55.09 -0.14
N ALA C 572 40.70 54.26 0.93
CA ALA C 572 40.47 54.72 2.31
C ALA C 572 41.75 55.29 2.94
N THR C 573 42.89 55.20 2.20
CA THR C 573 44.20 55.70 2.60
C THR C 573 44.65 56.74 1.57
N ASN C 574 44.97 57.95 2.02
CA ASN C 574 45.45 59.05 1.15
C ASN C 574 46.85 58.70 0.57
N PRO C 575 47.30 59.35 -0.55
CA PRO C 575 48.65 59.06 -1.06
C PRO C 575 49.79 59.21 -0.04
N ASP C 576 49.60 60.07 1.01
CA ASP C 576 50.62 60.28 2.06
C ASP C 576 50.59 59.20 3.18
N GLY C 577 49.64 58.27 3.10
CA GLY C 577 49.50 57.19 4.08
C GLY C 577 48.49 57.43 5.18
N THR C 578 47.94 58.65 5.27
CA THR C 578 46.97 59.00 6.31
C THR C 578 45.59 58.44 5.94
N PRO C 579 44.70 58.11 6.93
CA PRO C 579 43.37 57.61 6.56
C PRO C 579 42.48 58.74 6.04
N THR C 580 41.53 58.41 5.15
CA THR C 580 40.58 59.40 4.65
C THR C 580 39.40 59.51 5.63
N GLY C 581 39.19 58.45 6.40
CA GLY C 581 38.06 58.30 7.32
C GLY C 581 36.96 57.47 6.66
N GLY C 582 37.11 57.26 5.35
CA GLY C 582 36.17 56.47 4.55
C GLY C 582 36.42 54.99 4.68
N LYS C 583 35.45 54.19 4.21
CA LYS C 583 35.52 52.74 4.27
C LYS C 583 34.60 52.11 3.24
N PHE C 584 34.96 50.92 2.75
CA PHE C 584 34.14 50.15 1.81
C PHE C 584 33.69 48.88 2.50
N LEU C 585 32.37 48.77 2.71
CA LEU C 585 31.75 47.62 3.37
C LEU C 585 30.88 46.95 2.33
N VAL C 586 31.40 45.88 1.72
CA VAL C 586 30.68 45.21 0.63
C VAL C 586 30.42 43.76 1.01
N TYR C 587 29.16 43.33 0.87
CA TYR C 587 28.73 42.01 1.29
C TYR C 587 27.83 41.35 0.32
N ASN C 588 27.89 40.01 0.34
CA ASN C 588 26.91 39.12 -0.30
C ASN C 588 25.79 39.01 0.69
N SER C 589 24.56 39.37 0.31
CA SER C 589 23.45 39.25 1.22
C SER C 589 23.00 37.79 1.37
N ALA C 590 22.14 37.54 2.39
CA ALA C 590 21.41 36.28 2.54
C ALA C 590 20.36 36.29 1.41
N LEU C 591 19.71 35.14 1.11
CA LEU C 591 18.74 35.13 0.02
C LEU C 591 17.41 35.61 0.56
N SER C 592 17.36 36.92 0.83
CA SER C 592 16.20 37.60 1.36
CA SER C 592 16.21 37.60 1.38
C SER C 592 16.03 38.93 0.68
N GLU C 593 14.79 39.45 0.66
CA GLU C 593 14.48 40.75 0.07
C GLU C 593 13.88 41.60 1.19
N PHE C 594 12.79 41.09 1.82
CA PHE C 594 12.11 41.78 2.92
C PHE C 594 13.11 42.22 4.01
N ALA C 595 13.82 41.26 4.65
CA ALA C 595 14.77 41.64 5.70
C ALA C 595 15.98 42.43 5.21
N ALA C 596 16.56 42.06 4.04
CA ALA C 596 17.73 42.76 3.50
C ALA C 596 17.42 44.23 3.19
N VAL C 597 16.28 44.50 2.52
CA VAL C 597 15.87 45.89 2.18
C VAL C 597 15.53 46.64 3.48
N GLY C 598 14.85 45.97 4.42
CA GLY C 598 14.52 46.58 5.70
C GLY C 598 15.77 46.98 6.46
N PHE C 599 16.78 46.09 6.44
CA PHE C 599 18.07 46.32 7.12
C PHE C 599 18.80 47.54 6.54
N GLU C 600 18.90 47.63 5.20
CA GLU C 600 19.60 48.74 4.52
C GLU C 600 18.88 50.05 4.74
N TYR C 601 17.54 50.01 4.72
CA TYR C 601 16.75 51.20 5.08
C TYR C 601 17.13 51.67 6.49
N GLY C 602 17.12 50.76 7.48
CA GLY C 602 17.44 51.07 8.87
C GLY C 602 18.87 51.55 9.05
N TYR C 603 19.79 50.93 8.31
CA TYR C 603 21.22 51.29 8.33
C TYR C 603 21.35 52.77 7.93
N SER C 604 20.72 53.15 6.83
CA SER C 604 20.74 54.52 6.33
C SER C 604 20.08 55.52 7.30
N VAL C 605 19.05 55.08 8.04
CA VAL C 605 18.42 55.92 9.09
C VAL C 605 19.44 56.12 10.24
N GLY C 606 20.10 55.03 10.66
CA GLY C 606 21.08 55.02 11.75
C GLY C 606 22.34 55.84 11.50
N ASN C 607 22.78 55.94 10.24
CA ASN C 607 23.95 56.72 9.84
C ASN C 607 23.64 57.55 8.56
N PRO C 608 23.11 58.78 8.74
CA PRO C 608 22.80 59.65 7.58
C PRO C 608 24.01 60.03 6.70
N ASP C 609 25.25 59.95 7.25
CA ASP C 609 26.46 60.28 6.51
C ASP C 609 26.99 59.11 5.69
N ALA C 610 26.40 57.92 5.85
CA ALA C 610 26.82 56.76 5.06
C ALA C 610 26.14 56.75 3.68
N MET C 611 26.84 56.18 2.68
CA MET C 611 26.31 55.88 1.34
C MET C 611 25.87 54.43 1.44
N VAL C 612 24.57 54.15 1.33
CA VAL C 612 24.01 52.79 1.56
C VAL C 612 23.26 52.34 0.34
N LEU C 613 23.76 51.28 -0.31
CA LEU C 613 23.14 50.73 -1.52
C LEU C 613 22.78 49.28 -1.35
N TRP C 614 21.53 48.92 -1.74
CA TRP C 614 21.04 47.54 -1.75
C TRP C 614 20.77 47.21 -3.18
N GLU C 615 21.28 46.05 -3.63
CA GLU C 615 21.07 45.65 -5.01
C GLU C 615 20.23 44.41 -5.11
N ALA C 616 19.14 44.49 -5.89
CA ALA C 616 18.29 43.34 -6.23
C ALA C 616 19.06 42.46 -7.20
N GLN C 617 18.90 41.11 -7.16
CA GLN C 617 19.58 40.26 -8.16
C GLN C 617 19.06 40.70 -9.55
N PHE C 618 17.73 40.82 -9.64
CA PHE C 618 16.92 41.35 -10.74
C PHE C 618 15.84 42.18 -10.08
N GLY C 619 15.52 43.35 -10.66
CA GLY C 619 14.49 44.25 -10.11
C GLY C 619 13.16 43.57 -9.81
N ASP C 620 12.90 42.47 -10.51
CA ASP C 620 11.69 41.64 -10.43
C ASP C 620 11.46 40.99 -9.05
N PHE C 621 12.49 40.89 -8.22
CA PHE C 621 12.36 40.25 -6.89
C PHE C 621 12.15 41.26 -5.77
N VAL C 622 12.22 42.58 -6.06
CA VAL C 622 12.05 43.61 -5.02
C VAL C 622 10.59 43.64 -4.49
N ASN C 623 9.63 43.05 -5.22
CA ASN C 623 8.25 42.96 -4.70
C ASN C 623 8.18 42.09 -3.42
N GLY C 624 9.21 41.29 -3.15
CA GLY C 624 9.35 40.52 -1.91
C GLY C 624 9.56 41.44 -0.71
N ALA C 625 9.99 42.69 -0.97
CA ALA C 625 10.19 43.71 0.07
C ALA C 625 9.12 44.81 -0.02
N GLN C 626 7.94 44.49 -0.57
CA GLN C 626 6.91 45.51 -0.80
C GLN C 626 6.51 46.24 0.48
N SER C 627 6.38 45.51 1.60
CA SER C 627 6.01 46.13 2.88
C SER C 627 7.02 47.18 3.30
N ILE C 628 8.33 46.95 3.07
CA ILE C 628 9.37 47.94 3.42
C ILE C 628 9.26 49.16 2.48
N ILE C 629 9.08 48.91 1.19
CA ILE C 629 8.96 49.98 0.20
C ILE C 629 7.75 50.89 0.54
N ASP C 630 6.57 50.27 0.72
CA ASP C 630 5.34 50.97 1.03
C ASP C 630 5.31 51.65 2.39
N GLU C 631 5.75 50.95 3.44
CA GLU C 631 5.60 51.44 4.81
C GLU C 631 6.77 52.24 5.34
N PHE C 632 7.97 52.09 4.77
CA PHE C 632 9.13 52.81 5.30
C PHE C 632 9.77 53.72 4.27
N ILE C 633 10.29 53.14 3.17
CA ILE C 633 11.07 53.89 2.18
C ILE C 633 10.27 55.07 1.58
N SER C 634 9.09 54.77 1.02
CA SER C 634 8.32 55.77 0.30
C SER C 634 7.57 56.75 1.18
N SER C 635 7.35 56.42 2.45
CA SER C 635 6.43 57.19 3.30
C SER C 635 6.90 57.59 4.70
N GLY C 636 8.05 57.06 5.16
CA GLY C 636 8.54 57.33 6.52
C GLY C 636 8.77 58.78 6.87
N GLU C 637 9.25 59.58 5.91
CA GLU C 637 9.49 61.01 6.15
C GLU C 637 8.18 61.73 6.44
N ALA C 638 7.15 61.55 5.58
CA ALA C 638 5.85 62.21 5.79
C ALA C 638 5.14 61.71 7.05
N LYS C 639 5.27 60.40 7.35
CA LYS C 639 4.57 59.80 8.49
C LYS C 639 5.21 60.09 9.83
N TRP C 640 6.52 59.99 9.95
CA TRP C 640 7.19 60.06 11.26
C TRP C 640 8.29 61.11 11.36
N GLY C 641 8.65 61.74 10.24
CA GLY C 641 9.76 62.67 10.21
C GLY C 641 11.06 61.90 10.14
N GLN C 642 10.97 60.56 9.89
CA GLN C 642 12.13 59.68 9.82
C GLN C 642 12.74 59.75 8.42
N LEU C 643 14.04 60.07 8.36
CA LEU C 643 14.72 60.23 7.07
C LEU C 643 15.68 59.08 6.74
N SER C 644 15.65 58.62 5.48
CA SER C 644 16.55 57.57 4.97
C SER C 644 17.12 57.96 3.61
N ASP C 645 18.42 57.68 3.40
CA ASP C 645 19.10 57.97 2.12
C ASP C 645 19.44 56.67 1.38
N VAL C 646 18.73 55.57 1.70
CA VAL C 646 19.00 54.25 1.09
C VAL C 646 18.87 54.31 -0.43
N VAL C 647 19.74 53.59 -1.13
CA VAL C 647 19.69 53.42 -2.58
C VAL C 647 19.22 52.01 -2.89
N LEU C 648 18.25 51.86 -3.79
CA LEU C 648 17.85 50.56 -4.29
C LEU C 648 18.27 50.47 -5.76
N LEU C 649 19.14 49.48 -6.08
CA LEU C 649 19.63 49.20 -7.45
C LEU C 649 18.83 48.05 -7.98
N LEU C 650 18.03 48.31 -9.01
CA LEU C 650 17.09 47.35 -9.56
C LEU C 650 17.40 47.03 -11.04
N PRO C 651 18.14 45.91 -11.28
CA PRO C 651 18.47 45.53 -12.67
C PRO C 651 17.18 45.33 -13.48
N HIS C 652 17.07 46.05 -14.61
CA HIS C 652 15.84 46.19 -15.38
C HIS C 652 16.10 46.28 -16.89
N GLY C 653 15.21 45.66 -17.68
CA GLY C 653 15.27 45.73 -19.14
C GLY C 653 14.66 44.55 -19.88
N HIS C 654 14.01 44.83 -21.02
CA HIS C 654 13.41 43.80 -21.88
C HIS C 654 14.50 43.17 -22.74
N GLU C 655 14.92 41.96 -22.35
CA GLU C 655 16.02 41.26 -23.05
C GLU C 655 15.66 39.86 -23.49
N GLY C 656 14.44 39.43 -23.22
CA GLY C 656 14.01 38.08 -23.63
C GLY C 656 14.26 37.01 -22.60
N GLN C 657 14.45 37.39 -21.33
CA GLN C 657 14.71 36.44 -20.23
C GLN C 657 13.47 36.08 -19.41
N GLY C 658 12.30 36.54 -19.81
CA GLY C 658 11.10 36.12 -19.12
C GLY C 658 10.48 37.11 -18.17
N PRO C 659 9.24 36.82 -17.69
CA PRO C 659 8.51 37.77 -16.86
C PRO C 659 9.15 38.06 -15.48
N ASP C 660 10.12 37.26 -15.01
CA ASP C 660 10.77 37.49 -13.72
C ASP C 660 12.23 37.90 -13.83
N HIS C 661 12.64 38.27 -15.05
CA HIS C 661 13.98 38.77 -15.35
C HIS C 661 13.85 39.91 -16.34
N THR C 662 12.85 40.79 -16.14
CA THR C 662 12.62 41.89 -17.07
C THR C 662 12.33 43.26 -16.43
N SER C 663 11.56 43.27 -15.32
CA SER C 663 11.11 44.54 -14.80
C SER C 663 11.23 44.72 -13.30
N GLY C 664 11.69 45.91 -12.91
CA GLY C 664 11.74 46.35 -11.52
C GLY C 664 10.48 47.11 -11.14
N ARG C 665 9.44 47.08 -12.02
CA ARG C 665 8.13 47.70 -11.87
C ARG C 665 8.24 49.22 -11.62
N ILE C 666 8.78 49.92 -12.63
CA ILE C 666 8.94 51.39 -12.67
C ILE C 666 7.63 52.06 -12.28
N GLU C 667 6.53 51.61 -12.89
CA GLU C 667 5.17 52.12 -12.72
C GLU C 667 4.73 52.11 -11.25
N ARG C 668 5.18 51.13 -10.45
CA ARG C 668 4.80 51.05 -9.05
C ARG C 668 5.52 52.11 -8.22
N PHE C 669 6.83 52.30 -8.47
CA PHE C 669 7.60 53.30 -7.75
C PHE C 669 7.14 54.72 -8.12
N LEU C 670 6.77 54.94 -9.40
CA LEU C 670 6.27 56.26 -9.84
C LEU C 670 4.89 56.55 -9.23
N GLN C 671 4.08 55.51 -9.02
CA GLN C 671 2.75 55.62 -8.41
C GLN C 671 2.92 55.98 -6.93
N LEU C 672 3.90 55.34 -6.24
CA LEU C 672 4.17 55.59 -4.83
C LEU C 672 4.72 56.99 -4.60
N TRP C 673 5.48 57.53 -5.60
CA TRP C 673 6.09 58.85 -5.53
C TRP C 673 5.07 59.95 -5.29
N ALA C 674 5.42 60.84 -4.37
CA ALA C 674 4.70 62.08 -3.99
C ALA C 674 5.57 62.84 -3.04
N GLU C 675 5.36 64.17 -2.95
CA GLU C 675 6.02 65.06 -1.98
C GLU C 675 7.55 65.03 -2.06
N GLY C 676 8.10 64.70 -3.22
CA GLY C 676 9.55 64.61 -3.41
C GLY C 676 10.22 63.61 -2.50
N SER C 677 9.45 62.61 -2.02
CA SER C 677 9.89 61.59 -1.05
C SER C 677 11.05 60.72 -1.50
N MET C 678 11.14 60.47 -2.81
CA MET C 678 12.19 59.65 -3.42
C MET C 678 12.67 60.28 -4.70
N THR C 679 13.90 59.94 -5.11
CA THR C 679 14.44 60.27 -6.42
C THR C 679 14.36 58.94 -7.16
N ILE C 680 13.84 58.95 -8.40
CA ILE C 680 13.72 57.75 -9.24
C ILE C 680 14.42 58.04 -10.57
N ALA C 681 15.36 57.17 -10.96
CA ALA C 681 16.14 57.39 -12.18
C ALA C 681 16.37 56.10 -12.95
N MET C 682 16.59 56.24 -14.27
CA MET C 682 16.93 55.13 -15.15
C MET C 682 18.04 55.68 -16.09
N PRO C 683 19.30 55.78 -15.60
CA PRO C 683 20.37 56.38 -16.41
C PRO C 683 20.71 55.54 -17.64
N SER C 684 21.12 56.21 -18.73
CA SER C 684 21.47 55.52 -19.98
C SER C 684 22.97 55.53 -20.24
N THR C 685 23.75 56.29 -19.48
CA THR C 685 25.20 56.33 -19.69
C THR C 685 25.94 56.09 -18.38
N PRO C 686 27.17 55.50 -18.45
CA PRO C 686 27.96 55.28 -17.23
C PRO C 686 28.26 56.57 -16.45
N ALA C 687 28.67 57.66 -17.14
CA ALA C 687 28.98 58.95 -16.49
C ALA C 687 27.79 59.54 -15.78
N ASN C 688 26.57 59.45 -16.37
CA ASN C 688 25.37 60.01 -15.74
C ASN C 688 25.03 59.21 -14.47
N TYR C 689 25.27 57.89 -14.47
CA TYR C 689 25.07 57.06 -13.28
C TYR C 689 26.06 57.47 -12.18
N PHE C 690 27.34 57.70 -12.57
CA PHE C 690 28.41 58.17 -11.69
C PHE C 690 27.99 59.49 -10.99
N HIS C 691 27.52 60.46 -11.78
CA HIS C 691 27.12 61.77 -11.24
C HIS C 691 25.88 61.66 -10.38
N LEU C 692 24.94 60.77 -10.75
CA LEU C 692 23.73 60.49 -9.96
C LEU C 692 24.11 59.99 -8.56
N LEU C 693 25.06 59.03 -8.49
CA LEU C 693 25.48 58.47 -7.20
C LEU C 693 26.24 59.48 -6.36
N ARG C 694 27.12 60.27 -7.00
CA ARG C 694 27.88 61.29 -6.27
C ARG C 694 26.98 62.40 -5.76
N ARG C 695 26.00 62.86 -6.56
CA ARG C 695 25.03 63.89 -6.15
C ARG C 695 24.24 63.39 -4.92
N HIS C 696 23.79 62.13 -4.96
CA HIS C 696 23.04 61.45 -3.90
C HIS C 696 23.84 61.39 -2.59
N GLY C 697 25.11 61.08 -2.68
CA GLY C 697 25.97 60.96 -1.50
C GLY C 697 26.38 62.29 -0.88
N LYS C 698 26.51 63.33 -1.72
CA LYS C 698 27.04 64.64 -1.31
C LYS C 698 25.99 65.75 -1.15
N ASP C 699 24.72 65.52 -1.51
CA ASP C 699 23.74 66.62 -1.50
C ASP C 699 23.24 67.05 -0.10
N GLY C 700 23.52 66.29 0.95
CA GLY C 700 23.05 66.65 2.30
C GLY C 700 21.56 66.41 2.53
N ILE C 701 20.86 65.84 1.53
CA ILE C 701 19.43 65.49 1.56
C ILE C 701 19.36 64.03 1.97
N GLN C 702 18.39 63.66 2.83
CA GLN C 702 18.23 62.27 3.27
C GLN C 702 16.91 61.77 2.69
N ARG C 703 16.95 61.29 1.44
CA ARG C 703 15.78 60.79 0.71
C ARG C 703 16.18 59.61 -0.18
N PRO C 704 15.41 58.50 -0.17
CA PRO C 704 15.82 57.32 -0.93
C PRO C 704 15.97 57.56 -2.43
N LEU C 705 16.82 56.73 -3.05
CA LEU C 705 17.10 56.78 -4.48
C LEU C 705 16.80 55.43 -5.06
N ILE C 706 15.92 55.40 -6.07
CA ILE C 706 15.56 54.17 -6.80
C ILE C 706 16.21 54.23 -8.19
N VAL C 707 17.12 53.27 -8.47
CA VAL C 707 17.81 53.25 -9.74
C VAL C 707 17.47 51.98 -10.49
N PHE C 708 16.96 52.14 -11.73
CA PHE C 708 16.72 51.04 -12.65
C PHE C 708 18.02 50.90 -13.43
N THR C 709 18.75 49.82 -13.16
CA THR C 709 20.09 49.60 -13.68
C THR C 709 20.11 48.58 -14.84
N PRO C 710 21.20 48.58 -15.65
CA PRO C 710 21.25 47.70 -16.83
C PRO C 710 21.76 46.29 -16.57
N LYS C 711 21.63 45.45 -17.61
CA LYS C 711 22.06 44.03 -17.63
C LYS C 711 22.87 43.83 -18.91
N SER C 712 22.24 43.76 -20.11
CA SER C 712 22.99 43.66 -21.39
C SER C 712 23.75 44.96 -21.69
N MET C 713 23.16 46.12 -21.31
CA MET C 713 23.73 47.45 -21.52
C MET C 713 25.06 47.62 -20.75
N LEU C 714 25.39 46.70 -19.81
CA LEU C 714 26.69 46.70 -19.10
C LEU C 714 27.82 46.46 -20.13
N ARG C 715 27.52 45.68 -21.16
CA ARG C 715 28.48 45.27 -22.19
C ARG C 715 28.17 45.85 -23.58
N ASN C 716 27.30 46.85 -23.64
CA ASN C 716 27.00 47.53 -24.88
C ASN C 716 28.15 48.52 -25.14
N LYS C 717 28.92 48.30 -26.21
CA LYS C 717 30.08 49.11 -26.56
C LYS C 717 29.72 50.57 -26.90
N ALA C 718 28.45 50.85 -27.23
CA ALA C 718 27.92 52.21 -27.45
C ALA C 718 27.66 52.92 -26.11
N ALA C 719 27.33 52.15 -25.06
CA ALA C 719 27.01 52.67 -23.72
C ALA C 719 28.30 52.87 -22.88
N VAL C 720 29.23 53.70 -23.37
CA VAL C 720 30.49 54.02 -22.68
C VAL C 720 30.63 55.53 -22.61
N SER C 721 31.44 55.99 -21.66
CA SER C 721 31.62 57.42 -21.43
C SER C 721 33.07 57.85 -21.51
N ASP C 722 33.27 59.13 -21.92
CA ASP C 722 34.59 59.74 -22.05
C ASP C 722 35.07 60.22 -20.69
N ILE C 723 36.41 60.34 -20.50
CA ILE C 723 37.00 60.81 -19.25
C ILE C 723 36.42 62.19 -18.86
N ARG C 724 36.26 63.11 -19.83
CA ARG C 724 35.74 64.47 -19.61
C ARG C 724 34.29 64.47 -19.11
N ASP C 725 33.52 63.40 -19.35
CA ASP C 725 32.15 63.29 -18.82
C ASP C 725 32.19 63.13 -17.29
N PHE C 726 33.33 62.65 -16.73
CA PHE C 726 33.50 62.48 -15.27
C PHE C 726 34.23 63.66 -14.62
N THR C 727 35.15 64.27 -15.35
CA THR C 727 35.99 65.32 -14.81
C THR C 727 35.52 66.73 -15.13
N GLU C 728 34.66 66.92 -16.16
CA GLU C 728 34.23 68.28 -16.53
C GLU C 728 32.73 68.38 -16.80
N SER C 729 31.93 67.50 -16.21
CA SER C 729 30.48 67.54 -16.40
C SER C 729 29.74 67.39 -15.05
N LYS C 730 28.45 67.07 -15.10
CA LYS C 730 27.55 66.93 -13.94
C LYS C 730 26.37 66.04 -14.32
N PHE C 731 25.50 65.71 -13.35
CA PHE C 731 24.32 64.91 -13.63
C PHE C 731 23.35 65.67 -14.57
N ARG C 732 22.85 64.99 -15.61
CA ARG C 732 21.89 65.56 -16.55
C ARG C 732 20.59 64.80 -16.42
N SER C 733 19.53 65.48 -16.00
CA SER C 733 18.22 64.87 -15.79
C SER C 733 17.55 64.56 -17.14
N VAL C 734 17.98 65.27 -18.17
CA VAL C 734 17.51 65.16 -19.55
C VAL C 734 18.72 65.10 -20.48
N LEU C 735 18.71 64.16 -21.44
CA LEU C 735 19.82 64.05 -22.38
C LEU C 735 19.35 64.11 -23.81
N GLU C 736 20.07 64.89 -24.63
CA GLU C 736 19.85 64.99 -26.07
C GLU C 736 20.83 64.08 -26.75
N GLU C 737 20.61 63.80 -28.04
CA GLU C 737 21.58 63.02 -28.83
C GLU C 737 22.86 63.82 -28.98
N PRO C 738 24.04 63.17 -28.84
CA PRO C 738 25.32 63.89 -29.00
C PRO C 738 25.47 64.63 -30.34
N MET C 739 24.79 64.17 -31.44
CA MET C 739 24.85 64.85 -32.74
C MET C 739 24.34 66.30 -32.67
N TYR C 740 23.46 66.61 -31.70
CA TYR C 740 22.94 67.98 -31.60
C TYR C 740 23.76 68.83 -30.64
N THR C 741 24.26 68.26 -29.54
CA THR C 741 25.03 69.03 -28.56
C THR C 741 26.51 69.15 -28.92
N ASP C 742 27.07 68.16 -29.63
CA ASP C 742 28.50 68.10 -29.97
C ASP C 742 28.79 67.91 -31.46
N GLY C 743 27.85 67.31 -32.19
CA GLY C 743 28.01 67.03 -33.62
C GLY C 743 27.46 68.04 -34.59
N GLU C 744 27.19 67.59 -35.83
CA GLU C 744 26.69 68.43 -36.91
C GLU C 744 25.18 68.21 -37.18
N GLY C 745 24.45 67.68 -36.20
CA GLY C 745 23.01 67.48 -36.32
C GLY C 745 22.22 68.76 -36.39
N ASP C 746 21.12 68.76 -37.15
CA ASP C 746 20.25 69.93 -37.29
C ASP C 746 18.89 69.70 -36.61
N ARG C 747 18.69 70.31 -35.44
CA ARG C 747 17.45 70.24 -34.65
C ARG C 747 16.22 70.75 -35.44
N ASN C 748 16.43 71.67 -36.41
CA ASN C 748 15.35 72.25 -37.23
C ASN C 748 14.72 71.25 -38.23
N LYS C 749 15.44 70.17 -38.57
CA LYS C 749 14.90 69.16 -39.50
C LYS C 749 13.92 68.20 -38.78
N VAL C 750 13.93 68.18 -37.45
CA VAL C 750 13.13 67.28 -36.64
C VAL C 750 11.63 67.65 -36.66
N THR C 751 10.78 66.69 -37.09
CA THR C 751 9.33 66.86 -37.12
C THR C 751 8.67 65.86 -36.17
N ARG C 752 9.41 64.79 -35.79
CA ARG C 752 8.94 63.77 -34.87
C ARG C 752 9.89 63.67 -33.68
N LEU C 753 9.35 63.87 -32.47
CA LEU C 753 10.17 63.76 -31.27
C LEU C 753 9.82 62.50 -30.49
N LEU C 754 10.84 61.67 -30.20
CA LEU C 754 10.68 60.46 -29.42
C LEU C 754 11.25 60.72 -28.03
N LEU C 755 10.40 60.59 -27.03
CA LEU C 755 10.84 60.75 -25.64
C LEU C 755 10.94 59.37 -25.05
N THR C 756 12.04 59.08 -24.35
CA THR C 756 12.25 57.73 -23.83
C THR C 756 13.14 57.76 -22.60
N SER C 757 13.45 56.58 -22.08
CA SER C 757 14.35 56.38 -20.94
C SER C 757 14.96 55.00 -21.01
N GLY C 758 16.22 54.90 -20.63
CA GLY C 758 16.90 53.61 -20.55
C GLY C 758 17.50 53.09 -21.84
N LYS C 759 17.75 51.79 -21.87
CA LYS C 759 18.47 51.14 -22.96
C LYS C 759 17.77 51.23 -24.35
N ILE C 760 16.42 51.37 -24.43
CA ILE C 760 15.78 51.40 -25.76
C ILE C 760 16.32 52.62 -26.60
N TYR C 761 16.91 53.63 -25.93
CA TYR C 761 17.54 54.76 -26.62
C TYR C 761 18.56 54.27 -27.66
N TYR C 762 19.44 53.31 -27.28
CA TYR C 762 20.51 52.84 -28.18
C TYR C 762 19.94 52.13 -29.41
N GLU C 763 18.82 51.39 -29.25
CA GLU C 763 18.13 50.72 -30.37
C GLU C 763 17.47 51.74 -31.29
N LEU C 764 16.84 52.78 -30.72
CA LEU C 764 16.23 53.85 -31.51
C LEU C 764 17.30 54.66 -32.25
N ALA C 765 18.45 54.94 -31.59
CA ALA C 765 19.55 55.71 -32.20
C ALA C 765 20.17 54.93 -33.37
N ALA C 766 20.30 53.59 -33.23
CA ALA C 766 20.86 52.71 -34.25
C ALA C 766 19.95 52.67 -35.48
N ARG C 767 18.62 52.68 -35.29
CA ARG C 767 17.66 52.67 -36.39
C ARG C 767 17.69 54.02 -37.14
N LYS C 768 17.77 55.14 -36.39
CA LYS C 768 17.86 56.48 -36.96
C LYS C 768 19.12 56.60 -37.83
N ALA C 769 20.27 56.12 -37.32
CA ALA C 769 21.56 56.16 -38.04
C ALA C 769 21.52 55.33 -39.32
N LYS C 770 20.96 54.10 -39.24
CA LYS C 770 20.83 53.16 -40.37
C LYS C 770 20.01 53.77 -41.52
N GLU C 771 18.89 54.44 -41.18
CA GLU C 771 18.00 55.00 -42.19
C GLU C 771 18.20 56.51 -42.42
N ASN C 772 19.25 57.13 -41.80
CA ASN C 772 19.56 58.56 -41.91
C ASN C 772 18.30 59.43 -41.67
N ARG C 773 17.58 59.14 -40.57
CA ARG C 773 16.34 59.83 -40.24
C ARG C 773 16.58 61.14 -39.47
N GLU C 774 16.90 62.21 -40.21
CA GLU C 774 17.12 63.56 -39.66
C GLU C 774 15.82 64.21 -39.16
N ASP C 775 14.66 63.66 -39.57
CA ASP C 775 13.33 64.14 -39.22
C ASP C 775 12.90 63.65 -37.83
N VAL C 776 13.67 62.74 -37.22
CA VAL C 776 13.38 62.14 -35.92
C VAL C 776 14.48 62.48 -34.90
N ALA C 777 14.10 62.91 -33.69
CA ALA C 777 15.02 63.15 -32.58
C ALA C 777 14.61 62.31 -31.39
N ILE C 778 15.60 61.90 -30.58
CA ILE C 778 15.36 61.08 -29.39
C ILE C 778 15.86 61.84 -28.17
N VAL C 779 14.95 62.10 -27.22
CA VAL C 779 15.27 62.81 -25.97
C VAL C 779 15.07 61.83 -24.81
N ARG C 780 16.10 61.71 -23.94
CA ARG C 780 16.05 60.82 -22.78
C ARG C 780 15.72 61.57 -21.50
N ILE C 781 14.83 60.98 -20.70
CA ILE C 781 14.46 61.42 -19.36
C ILE C 781 15.21 60.48 -18.43
N GLU C 782 16.34 60.95 -17.89
CA GLU C 782 17.21 60.17 -17.01
C GLU C 782 16.65 60.15 -15.60
N GLN C 783 16.15 61.29 -15.13
CA GLN C 783 15.54 61.41 -13.82
C GLN C 783 14.03 61.33 -14.03
N LEU C 784 13.40 60.20 -13.64
CA LEU C 784 11.95 60.00 -13.82
C LEU C 784 11.14 60.76 -12.77
N ALA C 785 11.67 60.89 -11.55
CA ALA C 785 11.00 61.59 -10.46
C ALA C 785 12.02 62.22 -9.50
N PRO C 786 11.84 63.51 -9.09
CA PRO C 786 10.82 64.47 -9.55
C PRO C 786 11.02 64.78 -11.04
N LEU C 787 9.94 64.99 -11.79
CA LEU C 787 10.04 65.29 -13.22
C LEU C 787 10.88 66.57 -13.44
N PRO C 788 11.93 66.51 -14.29
CA PRO C 788 12.74 67.72 -14.52
C PRO C 788 12.04 68.64 -15.52
N ARG C 789 10.95 69.28 -15.05
CA ARG C 789 10.07 70.15 -15.82
C ARG C 789 10.83 71.25 -16.58
N ARG C 790 11.65 72.05 -15.88
CA ARG C 790 12.38 73.16 -16.47
C ARG C 790 13.36 72.69 -17.56
N ARG C 791 14.13 71.61 -17.30
CA ARG C 791 15.11 71.14 -18.28
C ARG C 791 14.43 70.54 -19.52
N LEU C 792 13.30 69.81 -19.31
CA LEU C 792 12.54 69.22 -20.41
C LEU C 792 11.99 70.31 -21.33
N ALA C 793 11.36 71.33 -20.75
CA ALA C 793 10.79 72.46 -21.51
C ALA C 793 11.87 73.18 -22.31
N GLU C 794 13.00 73.53 -21.67
CA GLU C 794 14.06 74.27 -22.36
C GLU C 794 14.75 73.42 -23.46
N THR C 795 14.77 72.06 -23.31
CA THR C 795 15.31 71.14 -24.34
C THR C 795 14.34 71.11 -25.55
N LEU C 796 13.03 70.90 -25.29
CA LEU C 796 12.03 70.78 -26.35
C LEU C 796 11.89 72.10 -27.13
N ASP C 797 12.14 73.24 -26.46
CA ASP C 797 12.07 74.56 -27.11
C ASP C 797 13.10 74.72 -28.22
N ARG C 798 14.15 73.88 -28.24
CA ARG C 798 15.21 73.93 -29.26
C ARG C 798 14.84 73.14 -30.54
N TYR C 799 13.64 72.54 -30.59
CA TYR C 799 13.12 71.77 -31.73
C TYR C 799 11.82 72.45 -32.20
N PRO C 800 11.90 73.60 -32.92
CA PRO C 800 10.68 74.36 -33.25
C PRO C 800 9.75 73.73 -34.29
N ASN C 801 10.23 72.79 -35.11
CA ASN C 801 9.40 72.24 -36.19
C ASN C 801 8.77 70.88 -35.85
N VAL C 802 8.74 70.51 -34.56
CA VAL C 802 8.15 69.25 -34.13
C VAL C 802 6.61 69.33 -34.34
N LYS C 803 6.05 68.32 -35.02
CA LYS C 803 4.62 68.23 -35.34
C LYS C 803 3.95 67.10 -34.54
N GLU C 804 4.74 66.13 -34.05
CA GLU C 804 4.21 65.00 -33.26
C GLU C 804 5.24 64.54 -32.25
N LYS C 805 4.77 64.14 -31.06
CA LYS C 805 5.61 63.65 -29.96
C LYS C 805 5.11 62.30 -29.47
N PHE C 806 6.04 61.39 -29.21
CA PHE C 806 5.69 60.06 -28.72
C PHE C 806 6.53 59.67 -27.53
N TRP C 807 5.90 59.05 -26.52
CA TRP C 807 6.60 58.45 -25.39
C TRP C 807 6.85 57.02 -25.82
N VAL C 808 8.13 56.65 -25.95
CA VAL C 808 8.49 55.32 -26.46
C VAL C 808 9.06 54.50 -25.33
N GLN C 809 8.54 53.27 -25.15
CA GLN C 809 9.06 52.39 -24.09
C GLN C 809 8.96 50.94 -24.51
N GLU C 810 9.83 50.13 -23.91
CA GLU C 810 9.87 48.67 -24.02
C GLU C 810 8.73 48.02 -23.26
N GLU C 811 8.40 48.61 -22.11
CA GLU C 811 7.46 48.08 -21.16
C GLU C 811 6.03 48.04 -21.69
N PRO C 812 5.21 47.05 -21.24
CA PRO C 812 3.78 47.01 -21.63
C PRO C 812 3.07 48.33 -21.28
N ALA C 813 1.97 48.68 -21.99
CA ALA C 813 1.23 49.95 -21.85
C ALA C 813 0.77 50.27 -20.40
N ASN C 814 0.52 49.25 -19.56
CA ASN C 814 0.10 49.47 -18.16
C ASN C 814 1.30 49.50 -17.22
N GLN C 815 2.52 49.44 -17.80
CA GLN C 815 3.78 49.39 -17.05
C GLN C 815 4.75 50.46 -17.58
N GLY C 816 5.96 50.51 -17.02
CA GLY C 816 6.94 51.53 -17.40
C GLY C 816 6.53 52.90 -16.92
N ALA C 817 7.06 53.97 -17.56
CA ALA C 817 6.73 55.35 -17.18
C ALA C 817 5.42 55.88 -17.77
N TRP C 818 4.89 55.29 -18.87
CA TRP C 818 3.64 55.79 -19.48
C TRP C 818 2.44 55.99 -18.50
N PRO C 819 2.03 55.03 -17.63
CA PRO C 819 0.86 55.29 -16.77
C PRO C 819 0.94 56.62 -16.01
N SER C 820 2.15 57.02 -15.55
CA SER C 820 2.26 58.31 -14.87
C SER C 820 2.58 59.46 -15.86
N PHE C 821 3.54 59.28 -16.81
CA PHE C 821 3.93 60.35 -17.76
C PHE C 821 2.80 60.73 -18.71
N GLY C 822 2.00 59.77 -19.14
CA GLY C 822 0.87 60.01 -20.03
C GLY C 822 -0.16 60.92 -19.42
N LEU C 823 -0.24 60.91 -18.08
CA LEU C 823 -1.19 61.74 -17.36
C LEU C 823 -0.52 63.04 -16.88
N THR C 824 0.74 62.99 -16.38
CA THR C 824 1.41 64.16 -15.81
C THR C 824 2.07 65.09 -16.85
N LEU C 825 2.70 64.57 -17.93
CA LEU C 825 3.36 65.46 -18.91
C LEU C 825 2.39 66.42 -19.61
N PRO C 826 1.18 66.02 -20.11
CA PRO C 826 0.29 67.00 -20.74
C PRO C 826 -0.27 68.04 -19.74
N GLU C 827 -0.23 67.71 -18.44
CA GLU C 827 -0.74 68.59 -17.39
C GLU C 827 0.31 69.62 -16.93
N ILE C 828 1.54 69.18 -16.60
CA ILE C 828 2.61 70.09 -16.12
C ILE C 828 3.21 70.95 -17.25
N LEU C 829 3.23 70.43 -18.50
CA LEU C 829 3.76 71.16 -19.67
C LEU C 829 2.74 71.11 -20.82
N PRO C 830 1.58 71.82 -20.67
CA PRO C 830 0.54 71.79 -21.71
C PRO C 830 0.96 72.26 -23.10
N ASP C 831 1.86 73.25 -23.19
CA ASP C 831 2.29 73.79 -24.49
C ASP C 831 3.30 72.88 -25.19
N HIS C 832 3.80 71.84 -24.50
CA HIS C 832 4.76 70.91 -25.09
C HIS C 832 4.17 69.51 -25.29
N PHE C 833 3.35 69.03 -24.35
CA PHE C 833 2.89 67.65 -24.40
C PHE C 833 1.39 67.42 -24.63
N THR C 834 0.64 68.45 -25.08
CA THR C 834 -0.75 68.22 -25.47
C THR C 834 -0.71 67.35 -26.75
N GLY C 835 -1.42 66.23 -26.76
CA GLY C 835 -1.42 65.33 -27.91
C GLY C 835 -0.31 64.29 -27.86
N LEU C 836 0.40 64.19 -26.72
CA LEU C 836 1.47 63.19 -26.52
C LEU C 836 0.89 61.80 -26.68
N LYS C 837 1.50 60.98 -27.53
CA LYS C 837 1.03 59.63 -27.79
C LYS C 837 2.05 58.60 -27.30
N ARG C 838 1.59 57.36 -27.08
CA ARG C 838 2.40 56.25 -26.56
C ARG C 838 2.81 55.25 -27.66
N ILE C 839 4.05 54.76 -27.59
CA ILE C 839 4.57 53.65 -28.40
C ILE C 839 5.18 52.66 -27.39
N SER C 840 4.54 51.49 -27.24
CA SER C 840 4.98 50.50 -26.27
C SER C 840 4.49 49.10 -26.62
N ARG C 841 4.78 48.12 -25.76
CA ARG C 841 4.18 46.80 -25.87
C ARG C 841 2.72 46.96 -25.44
N ARG C 842 1.85 46.05 -25.85
CA ARG C 842 0.44 46.08 -25.45
C ARG C 842 0.39 45.96 -23.92
N ALA C 843 -0.73 46.37 -23.31
CA ALA C 843 -0.88 46.17 -21.87
C ALA C 843 -0.77 44.66 -21.59
N MET C 844 -0.01 44.25 -20.56
CA MET C 844 0.18 42.83 -20.26
C MET C 844 -0.03 42.50 -18.79
N SER C 845 -0.54 41.29 -18.48
CA SER C 845 -0.72 40.82 -17.11
C SER C 845 0.64 40.54 -16.45
N ALA C 846 1.58 39.93 -17.19
CA ALA C 846 2.95 39.70 -16.71
C ALA C 846 3.87 40.83 -17.24
N PRO C 847 5.12 41.03 -16.73
CA PRO C 847 5.97 42.11 -17.28
C PRO C 847 6.50 41.87 -18.70
N SER C 848 6.49 40.63 -19.20
CA SER C 848 6.96 40.27 -20.53
C SER C 848 6.48 38.88 -20.92
N SER C 849 6.79 38.46 -22.14
CA SER C 849 6.49 37.11 -22.57
C SER C 849 7.59 36.19 -22.06
N GLY C 850 7.29 34.90 -21.96
CA GLY C 850 8.30 33.93 -21.52
C GLY C 850 9.28 33.48 -22.59
N SER C 851 9.01 33.80 -23.86
CA SER C 851 9.85 33.38 -24.99
C SER C 851 10.81 34.48 -25.50
N SER C 852 12.13 34.19 -25.66
CA SER C 852 13.06 35.23 -26.16
C SER C 852 12.79 35.54 -27.63
N LYS C 853 12.29 34.54 -28.40
CA LYS C 853 11.92 34.75 -29.80
C LYS C 853 10.68 35.67 -29.92
N VAL C 854 9.70 35.54 -29.00
CA VAL C 854 8.48 36.38 -28.98
C VAL C 854 8.88 37.80 -28.57
N HIS C 855 9.77 37.92 -27.55
CA HIS C 855 10.32 39.22 -27.11
C HIS C 855 10.91 39.97 -28.28
N ALA C 856 11.73 39.29 -29.10
CA ALA C 856 12.45 39.89 -30.21
C ALA C 856 11.49 40.48 -31.27
N VAL C 857 10.42 39.76 -31.61
CA VAL C 857 9.44 40.19 -32.63
C VAL C 857 8.65 41.40 -32.08
N GLU C 858 8.33 41.39 -30.77
CA GLU C 858 7.66 42.53 -30.12
C GLU C 858 8.58 43.74 -30.07
N GLN C 859 9.90 43.51 -29.84
CA GLN C 859 10.88 44.62 -29.72
C GLN C 859 11.00 45.36 -31.06
N GLN C 860 11.05 44.58 -32.15
CA GLN C 860 11.16 45.11 -33.50
C GLN C 860 9.89 45.90 -33.89
N GLU C 861 8.67 45.48 -33.41
CA GLU C 861 7.41 46.19 -33.65
C GLU C 861 7.44 47.65 -33.09
N ILE C 862 8.04 47.84 -31.89
CA ILE C 862 8.19 49.16 -31.26
C ILE C 862 9.09 50.05 -32.14
N LEU C 863 10.25 49.50 -32.58
CA LEU C 863 11.22 50.20 -33.42
C LEU C 863 10.61 50.58 -34.77
N ASP C 864 9.82 49.68 -35.39
CA ASP C 864 9.14 49.91 -36.66
C ASP C 864 8.02 50.97 -36.51
N THR C 865 7.25 50.95 -35.40
CA THR C 865 6.19 51.92 -35.14
C THR C 865 6.80 53.33 -34.95
N ALA C 866 7.87 53.43 -34.13
CA ALA C 866 8.60 54.67 -33.83
C ALA C 866 9.11 55.37 -35.09
N PHE C 867 9.50 54.60 -36.12
CA PHE C 867 10.06 55.14 -37.34
C PHE C 867 9.13 54.95 -38.53
N GLY C 868 7.88 54.58 -38.25
CA GLY C 868 6.87 54.35 -39.28
C GLY C 868 6.06 55.61 -39.58
N ASN D 8 29.02 3.12 33.97
CA ASN D 8 27.59 2.91 33.69
C ASN D 8 26.82 4.25 33.58
N ALA D 9 27.40 5.34 34.12
CA ALA D 9 26.80 6.67 34.05
C ALA D 9 27.34 7.43 32.84
N ARG D 10 28.61 7.15 32.49
CA ARG D 10 29.30 7.72 31.33
C ARG D 10 28.74 7.10 30.04
N VAL D 11 28.22 5.86 30.16
CA VAL D 11 27.63 5.06 29.08
C VAL D 11 26.25 5.64 28.74
N ILE D 12 25.38 5.86 29.74
CA ILE D 12 24.04 6.44 29.56
C ILE D 12 24.19 7.86 28.95
N GLU D 13 25.28 8.57 29.31
CA GLU D 13 25.60 9.90 28.78
C GLU D 13 26.07 9.82 27.34
N LEU D 14 26.87 8.78 27.01
CA LEU D 14 27.40 8.53 25.67
C LEU D 14 26.27 8.16 24.72
N ILE D 15 25.30 7.35 25.19
CA ILE D 15 24.10 6.96 24.44
C ILE D 15 23.34 8.23 24.07
N ALA D 16 23.08 9.13 25.06
CA ALA D 16 22.37 10.40 24.83
C ALA D 16 23.13 11.28 23.83
N ALA D 17 24.48 11.37 23.98
CA ALA D 17 25.38 12.15 23.11
C ALA D 17 25.26 11.72 21.64
N TYR D 18 25.22 10.38 21.36
CA TYR D 18 25.06 9.93 19.97
C TYR D 18 23.68 10.28 19.42
N ARG D 19 22.61 10.06 20.20
CA ARG D 19 21.23 10.36 19.79
C ARG D 19 21.02 11.86 19.55
N ASN D 20 21.56 12.70 20.45
CA ASN D 20 21.42 14.16 20.38
C ASN D 20 22.34 14.83 19.40
N ARG D 21 23.62 14.40 19.35
CA ARG D 21 24.66 15.09 18.58
C ARG D 21 25.48 14.26 17.60
N GLY D 22 25.15 12.98 17.43
CA GLY D 22 25.86 12.10 16.51
C GLY D 22 25.88 12.62 15.08
N HIS D 23 24.80 13.34 14.69
CA HIS D 23 24.61 13.97 13.38
C HIS D 23 25.73 14.96 13.06
N LEU D 24 26.36 15.57 14.08
CA LEU D 24 27.48 16.50 13.91
C LEU D 24 28.75 15.77 13.47
N MET D 25 28.82 14.45 13.67
CA MET D 25 29.96 13.63 13.31
C MET D 25 29.67 12.69 12.13
N ALA D 26 28.42 12.72 11.59
CA ALA D 26 28.05 11.86 10.47
C ALA D 26 28.81 12.28 9.20
N ASP D 27 29.19 11.31 8.36
CA ASP D 27 29.88 11.53 7.09
C ASP D 27 28.79 11.84 6.03
N ILE D 28 28.28 13.07 6.07
CA ILE D 28 27.18 13.52 5.20
C ILE D 28 27.63 14.34 3.98
N ASP D 29 28.80 15.01 4.07
CA ASP D 29 29.27 15.89 2.99
C ASP D 29 30.07 15.10 1.93
N PRO D 30 29.55 14.98 0.69
CA PRO D 30 30.27 14.22 -0.35
C PRO D 30 31.60 14.84 -0.76
N LEU D 31 31.78 16.14 -0.50
CA LEU D 31 32.98 16.91 -0.83
C LEU D 31 34.02 16.93 0.28
N ARG D 32 33.61 16.68 1.52
CA ARG D 32 34.47 16.67 2.72
C ARG D 32 35.32 17.96 2.77
N LEU D 33 34.69 19.12 2.56
CA LEU D 33 35.37 20.43 2.51
C LEU D 33 35.97 20.84 3.87
N ASP D 34 35.21 20.65 4.98
CA ASP D 34 35.67 21.04 6.30
C ASP D 34 36.72 20.07 6.84
N ASN D 35 37.87 20.64 7.24
CA ASN D 35 39.04 19.94 7.79
C ASN D 35 39.14 20.22 9.30
N THR D 36 38.01 20.08 9.99
CA THR D 36 37.83 20.28 11.44
C THR D 36 36.72 19.38 11.99
N ARG D 37 35.83 18.87 11.11
CA ARG D 37 34.69 17.99 11.43
C ARG D 37 35.18 16.74 12.19
N PHE D 38 36.28 16.12 11.74
CA PHE D 38 36.86 14.92 12.38
C PHE D 38 38.31 15.18 12.77
N LEU D 51 36.30 6.35 29.93
CA LEU D 51 36.59 4.93 30.12
C LEU D 51 37.50 4.39 29.01
N THR D 52 38.25 3.32 29.31
CA THR D 52 39.22 2.67 28.42
C THR D 52 38.59 1.59 27.52
N LEU D 53 39.41 1.01 26.61
CA LEU D 53 39.07 -0.04 25.63
C LEU D 53 38.73 -1.38 26.32
N TRP D 54 39.09 -1.53 27.60
CA TRP D 54 38.84 -2.72 28.40
C TRP D 54 37.34 -2.85 28.79
N ASP D 55 36.56 -1.75 28.69
CA ASP D 55 35.13 -1.73 29.05
C ASP D 55 34.19 -2.14 27.90
N LEU D 56 34.70 -2.20 26.66
CA LEU D 56 33.93 -2.57 25.46
C LEU D 56 33.30 -3.97 25.57
N ASP D 57 34.05 -4.91 26.16
CA ASP D 57 33.64 -6.30 26.32
C ASP D 57 32.79 -6.49 27.61
N ARG D 58 32.78 -5.49 28.51
CA ARG D 58 31.97 -5.49 29.73
C ARG D 58 30.52 -5.14 29.40
N GLU D 59 29.56 -5.90 29.96
CA GLU D 59 28.12 -5.70 29.74
C GLU D 59 27.55 -4.52 30.56
N PHE D 60 26.52 -3.85 30.01
CA PHE D 60 25.85 -2.71 30.65
C PHE D 60 24.32 -2.79 30.49
N LYS D 61 23.58 -2.35 31.53
CA LYS D 61 22.13 -2.34 31.56
C LYS D 61 21.57 -1.11 30.82
N ARG D 70 20.29 -6.33 28.70
CA ARG D 70 21.65 -6.87 28.78
C ARG D 70 22.34 -6.80 27.42
N LYS D 71 23.35 -5.90 27.29
CA LYS D 71 24.13 -5.71 26.06
C LYS D 71 25.54 -5.18 26.36
N LYS D 72 26.57 -5.76 25.71
CA LYS D 72 27.99 -5.35 25.82
C LYS D 72 28.15 -3.95 25.27
N LEU D 73 29.10 -3.15 25.83
CA LEU D 73 29.35 -1.78 25.37
C LEU D 73 29.72 -1.73 23.89
N ARG D 74 30.54 -2.68 23.41
CA ARG D 74 30.94 -2.72 22.01
C ARG D 74 29.71 -2.80 21.08
N ASP D 75 28.68 -3.58 21.45
CA ASP D 75 27.45 -3.75 20.69
C ASP D 75 26.54 -2.55 20.83
N ILE D 76 26.58 -1.88 22.00
CA ILE D 76 25.81 -0.65 22.23
C ILE D 76 26.37 0.44 21.28
N LEU D 77 27.70 0.65 21.30
CA LEU D 77 28.38 1.66 20.50
C LEU D 77 28.28 1.39 18.99
N SER D 78 28.38 0.12 18.54
CA SER D 78 28.31 -0.20 17.10
C SER D 78 26.92 0.18 16.54
N VAL D 79 25.84 -0.09 17.29
CA VAL D 79 24.47 0.28 16.91
C VAL D 79 24.37 1.81 16.75
N LEU D 80 24.95 2.56 17.72
CA LEU D 80 24.90 4.03 17.73
C LEU D 80 25.70 4.64 16.59
N ARG D 81 26.92 4.14 16.30
CA ARG D 81 27.73 4.70 15.19
C ARG D 81 27.06 4.43 13.84
N ASP D 82 26.50 3.21 13.65
CA ASP D 82 25.83 2.83 12.41
C ASP D 82 24.59 3.68 12.17
N ALA D 83 23.80 3.94 13.22
CA ALA D 83 22.57 4.71 13.10
C ALA D 83 22.79 6.21 12.94
N TYR D 84 23.77 6.77 13.66
CA TYR D 84 23.92 8.22 13.75
C TYR D 84 25.20 8.83 13.16
N CYS D 85 26.19 8.01 12.82
CA CYS D 85 27.47 8.53 12.35
C CYS D 85 27.98 7.93 11.05
N ARG D 86 27.08 7.41 10.18
CA ARG D 86 27.52 6.93 8.88
C ARG D 86 27.12 7.97 7.82
N HIS D 87 26.23 7.63 6.87
CA HIS D 87 25.85 8.58 5.82
C HIS D 87 24.54 9.31 6.11
N VAL D 88 23.95 9.06 7.30
CA VAL D 88 22.72 9.73 7.71
C VAL D 88 22.91 10.40 9.08
N GLY D 89 22.64 11.71 9.11
CA GLY D 89 22.64 12.52 10.31
C GLY D 89 21.20 12.72 10.73
N VAL D 90 20.80 12.11 11.85
CA VAL D 90 19.43 12.18 12.35
C VAL D 90 19.28 13.22 13.47
N GLU D 91 18.37 14.18 13.25
CA GLU D 91 18.00 15.18 14.26
C GLU D 91 16.57 14.92 14.67
N TYR D 92 16.36 14.44 15.89
CA TYR D 92 14.99 14.13 16.32
C TYR D 92 14.74 14.35 17.82
N THR D 93 15.79 14.49 18.64
CA THR D 93 15.58 14.63 20.09
C THR D 93 15.02 16.00 20.49
N HIS D 94 14.87 16.92 19.50
CA HIS D 94 14.24 18.23 19.72
C HIS D 94 12.71 18.07 19.70
N ILE D 95 12.20 16.93 19.18
CA ILE D 95 10.76 16.65 19.06
C ILE D 95 10.15 16.50 20.47
N LEU D 96 9.08 17.24 20.77
CA LEU D 96 8.49 17.21 22.10
C LEU D 96 7.66 15.94 22.37
N GLU D 97 7.03 15.36 21.33
CA GLU D 97 6.20 14.15 21.47
C GLU D 97 7.11 12.92 21.71
N PRO D 98 7.05 12.26 22.90
CA PRO D 98 7.95 11.11 23.15
C PRO D 98 7.69 9.92 22.23
N GLU D 99 6.44 9.71 21.79
CA GLU D 99 6.09 8.59 20.92
C GLU D 99 6.74 8.75 19.52
N GLN D 100 6.98 10.00 19.08
CA GLN D 100 7.63 10.29 17.79
C GLN D 100 9.11 10.04 17.90
N GLN D 101 9.73 10.41 19.05
CA GLN D 101 11.16 10.12 19.29
C GLN D 101 11.39 8.62 19.35
N ARG D 102 10.47 7.89 20.03
CA ARG D 102 10.56 6.43 20.19
C ARG D 102 10.46 5.75 18.82
N TRP D 103 9.51 6.18 17.98
CA TRP D 103 9.27 5.65 16.64
C TRP D 103 10.55 5.76 15.76
N ILE D 104 11.22 6.94 15.77
CA ILE D 104 12.44 7.18 14.99
C ILE D 104 13.58 6.33 15.53
N GLN D 105 13.80 6.39 16.86
CA GLN D 105 14.82 5.65 17.58
C GLN D 105 14.79 4.16 17.24
N GLU D 106 13.59 3.54 17.25
CA GLU D 106 13.43 2.11 16.94
C GLU D 106 13.67 1.79 15.46
N ARG D 107 13.41 2.73 14.56
CA ARG D 107 13.59 2.55 13.12
CA ARG D 107 13.61 2.45 13.14
C ARG D 107 15.05 2.75 12.70
N VAL D 108 15.78 3.61 13.42
CA VAL D 108 17.17 3.89 13.01
C VAL D 108 18.20 3.01 13.78
N GLU D 109 17.89 2.59 15.03
CA GLU D 109 18.80 1.76 15.85
C GLU D 109 18.54 0.25 15.67
N THR D 110 18.58 -0.22 14.43
CA THR D 110 18.35 -1.63 14.06
C THR D 110 19.25 -2.00 12.89
N LYS D 111 19.43 -3.31 12.66
CA LYS D 111 20.20 -3.81 11.53
C LYS D 111 19.29 -3.77 10.31
N HIS D 112 19.57 -2.87 9.37
CA HIS D 112 18.74 -2.70 8.18
C HIS D 112 19.02 -3.79 7.14
N ASP D 113 17.95 -4.28 6.51
CA ASP D 113 18.02 -5.30 5.45
C ASP D 113 18.51 -4.63 4.17
N LYS D 114 19.58 -5.19 3.56
CA LYS D 114 20.18 -4.68 2.33
C LYS D 114 19.17 -4.73 1.17
N PRO D 115 19.17 -3.74 0.22
CA PRO D 115 18.22 -3.82 -0.89
C PRO D 115 18.55 -5.01 -1.82
N THR D 116 17.53 -5.53 -2.52
CA THR D 116 17.69 -6.65 -3.46
C THR D 116 18.45 -6.17 -4.70
N VAL D 117 19.07 -7.09 -5.45
CA VAL D 117 19.82 -6.79 -6.67
C VAL D 117 18.91 -6.06 -7.67
N ALA D 118 17.64 -6.52 -7.80
CA ALA D 118 16.63 -5.92 -8.69
C ALA D 118 16.37 -4.44 -8.32
N GLU D 119 16.29 -4.13 -7.00
CA GLU D 119 16.08 -2.80 -6.46
C GLU D 119 17.30 -1.91 -6.71
N GLN D 120 18.52 -2.49 -6.58
CA GLN D 120 19.79 -1.78 -6.84
C GLN D 120 19.90 -1.43 -8.33
N LYS D 121 19.54 -2.37 -9.23
CA LYS D 121 19.56 -2.14 -10.68
C LYS D 121 18.56 -1.05 -11.05
N TYR D 122 17.41 -1.03 -10.35
CA TYR D 122 16.38 -0.01 -10.58
C TYR D 122 16.92 1.38 -10.14
N ILE D 123 17.60 1.47 -8.98
CA ILE D 123 18.21 2.73 -8.51
C ILE D 123 19.24 3.21 -9.56
N LEU D 124 20.10 2.27 -10.04
CA LEU D 124 21.11 2.59 -11.06
C LEU D 124 20.44 3.12 -12.34
N SER D 125 19.32 2.50 -12.79
CA SER D 125 18.61 2.96 -13.99
C SER D 125 18.15 4.43 -13.86
N LYS D 126 17.78 4.86 -12.63
CA LYS D 126 17.37 6.25 -12.35
C LYS D 126 18.56 7.21 -12.35
N LEU D 127 19.72 6.78 -11.83
CA LEU D 127 20.94 7.61 -11.84
C LEU D 127 21.43 7.77 -13.27
N ASN D 128 21.32 6.69 -14.07
CA ASN D 128 21.71 6.69 -15.50
C ASN D 128 20.92 7.72 -16.26
N ALA D 129 19.57 7.70 -16.10
CA ALA D 129 18.66 8.63 -16.75
C ALA D 129 18.95 10.06 -16.33
N ALA D 130 19.16 10.30 -15.03
CA ALA D 130 19.44 11.61 -14.48
C ALA D 130 20.71 12.22 -15.05
N GLU D 131 21.84 11.51 -15.01
CA GLU D 131 23.08 12.11 -15.50
C GLU D 131 23.14 12.17 -17.03
N ALA D 132 22.65 11.12 -17.74
CA ALA D 132 22.73 11.07 -19.20
C ALA D 132 21.80 12.11 -19.84
N PHE D 133 20.68 12.48 -19.17
CA PHE D 133 19.79 13.56 -19.61
C PHE D 133 20.55 14.89 -19.63
N GLU D 134 21.29 15.20 -18.54
CA GLU D 134 22.04 16.46 -18.42
C GLU D 134 23.21 16.56 -19.42
N THR D 135 24.05 15.50 -19.53
CA THR D 135 25.19 15.45 -20.45
C THR D 135 24.71 15.54 -21.91
N PHE D 136 23.50 15.00 -22.22
CA PHE D 136 22.92 15.09 -23.57
C PHE D 136 22.67 16.56 -23.89
N LEU D 137 21.97 17.26 -22.98
CA LEU D 137 21.61 18.69 -23.11
C LEU D 137 22.84 19.59 -23.19
N GLN D 138 23.95 19.21 -22.53
CA GLN D 138 25.22 19.96 -22.61
C GLN D 138 25.80 19.84 -24.04
N THR D 139 25.70 18.66 -24.63
CA THR D 139 26.17 18.34 -25.98
C THR D 139 25.40 19.11 -27.04
N LYS D 140 24.06 19.14 -26.95
CA LYS D 140 23.19 19.76 -27.94
C LYS D 140 22.94 21.25 -27.73
N TYR D 141 22.84 21.71 -26.46
CA TYR D 141 22.56 23.13 -26.17
C TYR D 141 23.59 23.69 -25.19
N VAL D 142 24.87 23.73 -25.62
CA VAL D 142 26.02 24.17 -24.81
C VAL D 142 25.81 25.61 -24.27
N GLY D 143 26.00 25.75 -22.95
CA GLY D 143 25.88 27.01 -22.23
C GLY D 143 24.47 27.50 -21.93
N GLN D 144 23.47 27.09 -22.76
CA GLN D 144 22.06 27.49 -22.63
C GLN D 144 21.56 27.06 -21.27
N LYS D 145 20.84 27.95 -20.57
CA LYS D 145 20.35 27.74 -19.20
C LYS D 145 19.48 26.51 -19.08
N ARG D 146 19.86 25.57 -18.19
CA ARG D 146 19.04 24.40 -17.90
C ARG D 146 19.00 24.08 -16.39
N PHE D 147 19.83 24.78 -15.54
CA PHE D 147 19.98 24.57 -14.10
C PHE D 147 20.07 23.08 -13.80
N SER D 148 21.08 22.48 -14.41
CA SER D 148 21.40 21.05 -14.35
C SER D 148 21.41 20.52 -12.89
N LEU D 149 21.03 19.24 -12.73
CA LEU D 149 21.00 18.46 -11.49
C LEU D 149 22.34 17.76 -11.24
N GLU D 150 23.27 17.85 -12.17
CA GLU D 150 24.61 17.24 -12.09
C GLU D 150 25.30 17.54 -10.78
N GLY D 151 25.66 16.48 -10.07
CA GLY D 151 26.24 16.57 -8.74
C GLY D 151 25.21 16.25 -7.68
N ALA D 152 23.91 16.17 -8.10
CA ALA D 152 22.74 15.89 -7.23
C ALA D 152 21.79 14.90 -7.87
N GLU D 153 22.30 14.01 -8.76
CA GLU D 153 21.54 12.98 -9.46
C GLU D 153 20.69 12.10 -8.54
N THR D 154 21.17 11.87 -7.31
CA THR D 154 20.47 10.99 -6.35
C THR D 154 19.09 11.57 -5.94
N VAL D 155 18.76 12.84 -6.33
CA VAL D 155 17.42 13.46 -6.12
C VAL D 155 16.34 12.63 -6.87
N ILE D 156 16.65 12.10 -8.08
CA ILE D 156 15.71 11.30 -8.89
C ILE D 156 15.40 9.94 -8.18
N PRO D 157 16.35 9.02 -7.85
CA PRO D 157 15.93 7.81 -7.12
C PRO D 157 15.34 8.14 -5.74
N MET D 158 15.72 9.30 -5.11
CA MET D 158 15.13 9.72 -3.82
C MET D 158 13.64 10.05 -4.00
N MET D 159 13.29 10.88 -5.01
CA MET D 159 11.90 11.24 -5.29
C MET D 159 11.09 10.03 -5.72
N ASP D 160 11.72 9.12 -6.50
CA ASP D 160 11.08 7.87 -6.94
C ASP D 160 10.68 7.04 -5.72
N ALA D 161 11.57 6.97 -4.70
CA ALA D 161 11.35 6.24 -3.43
C ALA D 161 10.20 6.88 -2.63
N VAL D 162 10.13 8.23 -2.59
CA VAL D 162 9.02 8.94 -1.91
C VAL D 162 7.68 8.49 -2.52
N ILE D 163 7.58 8.62 -3.85
CA ILE D 163 6.36 8.33 -4.60
C ILE D 163 6.00 6.86 -4.50
N ASP D 164 7.01 5.95 -4.66
CA ASP D 164 6.75 4.52 -4.54
C ASP D 164 6.26 4.15 -3.14
N GLN D 165 6.86 4.75 -2.09
CA GLN D 165 6.41 4.49 -0.71
C GLN D 165 4.98 5.02 -0.49
N CYS D 166 4.61 6.16 -1.13
CA CYS D 166 3.25 6.70 -1.03
C CYS D 166 2.26 5.72 -1.70
N ALA D 167 2.67 5.10 -2.83
CA ALA D 167 1.87 4.09 -3.53
C ALA D 167 1.73 2.81 -2.69
N GLU D 168 2.78 2.47 -1.90
CA GLU D 168 2.79 1.30 -1.02
C GLU D 168 1.74 1.46 0.08
N HIS D 169 1.55 2.72 0.55
CA HIS D 169 0.52 3.09 1.53
C HIS D 169 -0.88 3.21 0.87
N GLY D 170 -0.95 2.99 -0.44
CA GLY D 170 -2.20 3.04 -1.20
C GLY D 170 -2.80 4.44 -1.32
N LEU D 171 -1.94 5.47 -1.31
CA LEU D 171 -2.39 6.87 -1.38
C LEU D 171 -2.80 7.23 -2.84
N ASP D 172 -3.50 8.36 -3.01
CA ASP D 172 -4.10 8.76 -4.29
C ASP D 172 -3.22 9.60 -5.19
N GLU D 173 -2.48 10.56 -4.64
CA GLU D 173 -1.69 11.46 -5.48
C GLU D 173 -0.54 12.04 -4.70
N VAL D 174 0.55 12.35 -5.41
CA VAL D 174 1.69 13.08 -4.90
C VAL D 174 1.74 14.37 -5.73
N VAL D 175 1.66 15.54 -5.09
CA VAL D 175 1.74 16.81 -5.80
C VAL D 175 3.10 17.46 -5.44
N ILE D 176 3.89 17.74 -6.47
CA ILE D 176 5.21 18.31 -6.29
C ILE D 176 5.23 19.82 -6.58
N ALA D 177 6.01 20.56 -5.75
CA ALA D 177 6.41 21.95 -6.00
C ALA D 177 7.91 21.97 -5.83
N MET D 178 8.61 22.66 -6.74
CA MET D 178 10.06 22.70 -6.66
C MET D 178 10.59 23.94 -7.36
N PRO D 179 11.86 24.35 -7.07
CA PRO D 179 12.47 25.45 -7.81
C PRO D 179 13.08 24.94 -9.15
N HIS D 180 14.18 25.59 -9.59
CA HIS D 180 14.90 25.40 -10.84
C HIS D 180 15.87 24.21 -10.89
N ARG D 181 16.59 23.89 -9.79
CA ARG D 181 17.62 22.83 -9.76
C ARG D 181 17.06 21.47 -10.15
N GLY D 182 17.50 20.96 -11.31
CA GLY D 182 17.07 19.68 -11.85
C GLY D 182 15.60 19.60 -12.21
N ARG D 183 14.94 20.76 -12.40
CA ARG D 183 13.50 20.84 -12.71
C ARG D 183 13.21 20.09 -13.99
N LEU D 184 13.99 20.34 -15.03
CA LEU D 184 13.83 19.68 -16.32
C LEU D 184 14.04 18.17 -16.19
N ASN D 185 14.98 17.77 -15.32
CA ASN D 185 15.27 16.37 -15.03
C ASN D 185 14.08 15.72 -14.35
N VAL D 186 13.51 16.36 -13.30
CA VAL D 186 12.34 15.83 -12.59
C VAL D 186 11.14 15.70 -13.53
N LEU D 187 10.90 16.71 -14.36
CA LEU D 187 9.79 16.67 -15.31
C LEU D 187 9.88 15.45 -16.23
N ALA D 188 11.06 15.20 -16.79
CA ALA D 188 11.23 14.10 -17.71
C ALA D 188 11.35 12.74 -17.02
N ASN D 189 12.11 12.68 -15.91
CA ASN D 189 12.46 11.42 -15.29
C ASN D 189 11.61 11.02 -14.08
N ILE D 190 10.76 11.91 -13.57
CA ILE D 190 9.88 11.58 -12.44
C ILE D 190 8.40 11.73 -12.84
N VAL D 191 8.03 12.87 -13.49
CA VAL D 191 6.62 13.15 -13.83
C VAL D 191 6.24 12.58 -15.23
N GLY D 192 7.20 12.44 -16.12
CA GLY D 192 6.92 11.87 -17.43
C GLY D 192 6.55 12.83 -18.55
N LYS D 193 6.92 14.12 -18.40
CA LYS D 193 6.74 15.12 -19.46
C LYS D 193 7.57 14.62 -20.66
N PRO D 194 6.99 14.43 -21.86
CA PRO D 194 7.77 13.83 -22.96
C PRO D 194 9.03 14.63 -23.25
N TYR D 195 10.12 13.91 -23.58
CA TYR D 195 11.41 14.46 -23.96
C TYR D 195 11.30 15.38 -25.15
N SER D 196 10.43 15.00 -26.11
CA SER D 196 10.14 15.73 -27.36
C SER D 196 9.65 17.14 -27.06
N GLN D 197 8.82 17.29 -26.00
CA GLN D 197 8.29 18.59 -25.57
C GLN D 197 9.41 19.46 -24.95
N ILE D 198 10.30 18.88 -24.13
CA ILE D 198 11.42 19.62 -23.52
C ILE D 198 12.38 20.04 -24.64
N PHE D 199 12.68 19.13 -25.60
CA PHE D 199 13.54 19.49 -26.73
C PHE D 199 12.88 20.55 -27.60
N SER D 200 11.55 20.54 -27.77
CA SER D 200 10.82 21.57 -28.54
C SER D 200 10.95 22.97 -27.88
N GLU D 201 11.05 23.02 -26.53
CA GLU D 201 11.25 24.27 -25.77
C GLU D 201 12.66 24.81 -26.01
N PHE D 202 13.70 23.93 -26.01
CA PHE D 202 15.08 24.35 -26.26
C PHE D 202 15.26 24.84 -27.71
N GLU D 203 14.60 24.15 -28.69
CA GLU D 203 14.62 24.53 -30.11
C GLU D 203 13.97 25.89 -30.33
N GLY D 204 13.01 26.23 -29.47
CA GLY D 204 12.22 27.45 -29.54
C GLY D 204 11.24 27.40 -30.70
N ASN D 205 10.69 26.19 -30.97
CA ASN D 205 9.73 25.91 -32.02
C ASN D 205 8.46 25.42 -31.34
N LEU D 206 7.68 26.37 -30.81
CA LEU D 206 6.46 26.08 -30.07
C LEU D 206 5.23 26.04 -30.97
N ASN D 207 4.39 24.99 -30.83
CA ASN D 207 3.14 24.84 -31.59
C ASN D 207 2.08 25.81 -30.97
N PRO D 208 0.90 26.11 -31.62
CA PRO D 208 -0.01 27.13 -31.05
C PRO D 208 -0.44 26.92 -29.60
N SER D 209 -0.69 25.65 -29.20
CA SER D 209 -1.09 25.36 -27.81
C SER D 209 0.06 25.70 -26.83
N GLN D 210 1.32 25.36 -27.18
CA GLN D 210 2.50 25.65 -26.34
C GLN D 210 2.77 27.17 -26.30
N ALA D 211 2.43 27.88 -27.39
CA ALA D 211 2.68 29.33 -27.56
C ALA D 211 1.50 30.21 -27.07
N HIS D 212 0.46 29.62 -26.43
CA HIS D 212 -0.71 30.38 -25.95
C HIS D 212 -0.32 31.31 -24.78
N GLY D 213 -1.04 32.43 -24.66
CA GLY D 213 -0.79 33.44 -23.62
C GLY D 213 0.58 34.08 -23.78
N SER D 214 1.13 34.67 -22.69
CA SER D 214 2.45 35.29 -22.72
C SER D 214 3.54 34.27 -22.35
N GLY D 215 3.19 33.23 -21.58
CA GLY D 215 4.09 32.12 -21.27
C GLY D 215 5.16 32.34 -20.22
N ASP D 216 5.98 31.33 -20.00
CA ASP D 216 7.07 31.42 -19.01
C ASP D 216 8.25 30.53 -19.44
N VAL D 217 9.39 30.66 -18.73
CA VAL D 217 10.64 29.92 -18.98
C VAL D 217 10.45 28.43 -18.72
N LYS D 218 11.23 27.57 -19.45
CA LYS D 218 11.12 26.11 -19.41
C LYS D 218 11.21 25.48 -18.00
N TYR D 219 12.06 26.06 -17.14
CA TYR D 219 12.30 25.56 -15.80
C TYR D 219 11.23 26.07 -14.76
N HIS D 220 10.04 26.52 -15.23
CA HIS D 220 8.91 26.93 -14.36
C HIS D 220 7.64 26.16 -14.67
N LEU D 221 7.69 25.25 -15.65
CA LEU D 221 6.48 24.56 -16.11
C LEU D 221 6.11 23.33 -15.27
N GLY D 222 4.84 22.97 -15.34
CA GLY D 222 4.28 21.83 -14.64
C GLY D 222 3.97 20.65 -15.56
N ALA D 223 3.48 19.55 -14.98
CA ALA D 223 3.15 18.31 -15.71
C ALA D 223 2.37 17.35 -14.81
N THR D 224 1.68 16.37 -15.41
CA THR D 224 0.95 15.35 -14.65
C THR D 224 1.08 13.99 -15.35
N GLY D 225 1.02 12.92 -14.56
CA GLY D 225 1.11 11.54 -15.06
C GLY D 225 0.73 10.54 -13.99
N THR D 226 0.79 9.27 -14.33
CA THR D 226 0.48 8.15 -13.44
C THR D 226 1.74 7.36 -13.20
N TYR D 227 2.11 7.22 -11.93
CA TYR D 227 3.26 6.43 -11.52
C TYR D 227 2.81 4.99 -11.27
N ILE D 228 3.48 4.01 -11.91
CA ILE D 228 3.15 2.59 -11.72
C ILE D 228 4.32 1.97 -10.95
N GLN D 229 4.04 1.32 -9.81
CA GLN D 229 5.06 0.66 -8.99
C GLN D 229 5.82 -0.39 -9.80
N MET D 230 7.14 -0.39 -9.65
CA MET D 230 8.05 -1.32 -10.33
C MET D 230 7.90 -2.73 -9.71
N PHE D 231 7.84 -2.82 -8.37
CA PHE D 231 7.79 -4.11 -7.71
C PHE D 231 6.43 -4.38 -7.01
N GLY D 232 5.71 -3.33 -6.63
CA GLY D 232 4.41 -3.41 -5.99
C GLY D 232 3.28 -3.47 -7.01
N ASP D 233 2.02 -3.52 -6.55
CA ASP D 233 0.86 -3.65 -7.44
C ASP D 233 -0.01 -2.40 -7.53
N ASN D 234 0.47 -1.28 -6.98
CA ASN D 234 -0.32 -0.05 -6.98
C ASN D 234 0.20 1.00 -7.96
N ASP D 235 -0.66 1.97 -8.24
CA ASP D 235 -0.34 3.13 -9.03
C ASP D 235 -0.80 4.35 -8.26
N ILE D 236 -0.22 5.50 -8.56
CA ILE D 236 -0.50 6.75 -7.87
C ILE D 236 -0.32 7.89 -8.85
N GLU D 237 -1.16 8.94 -8.74
CA GLU D 237 -1.03 10.11 -9.62
C GLU D 237 0.12 10.99 -9.14
N VAL D 238 0.82 11.59 -10.08
CA VAL D 238 1.96 12.48 -9.81
C VAL D 238 1.77 13.75 -10.63
N SER D 239 1.71 14.88 -9.94
CA SER D 239 1.54 16.20 -10.53
C SER D 239 2.69 17.07 -10.10
N LEU D 240 3.04 18.09 -10.89
CA LEU D 240 4.07 19.06 -10.55
C LEU D 240 3.53 20.41 -10.97
N THR D 241 3.30 21.31 -10.00
CA THR D 241 2.67 22.60 -10.23
C THR D 241 3.68 23.65 -10.80
N ALA D 242 3.15 24.68 -11.48
CA ALA D 242 3.92 25.77 -12.08
C ALA D 242 4.35 26.76 -11.01
N ASN D 243 5.40 27.55 -11.28
CA ASN D 243 5.83 28.53 -10.30
C ASN D 243 6.60 29.69 -10.95
N PRO D 244 6.73 30.83 -10.24
CA PRO D 244 7.54 31.92 -10.78
C PRO D 244 9.00 31.71 -10.36
N SER D 245 9.89 32.65 -10.72
CA SER D 245 11.29 32.59 -10.31
C SER D 245 11.42 32.74 -8.81
N HIS D 246 10.51 33.52 -8.18
CA HIS D 246 10.48 33.83 -6.74
C HIS D 246 10.55 32.56 -5.93
N LEU D 247 11.75 32.29 -5.40
CA LEU D 247 12.03 31.03 -4.72
C LEU D 247 11.20 30.92 -3.47
N GLU D 248 10.60 29.73 -3.28
CA GLU D 248 9.77 29.34 -2.13
C GLU D 248 8.38 29.95 -2.16
N ALA D 249 8.08 30.89 -3.11
CA ALA D 249 6.77 31.57 -3.14
C ALA D 249 5.62 30.56 -3.40
N VAL D 250 5.93 29.48 -4.12
CA VAL D 250 4.99 28.40 -4.47
C VAL D 250 4.65 27.52 -3.24
N ASP D 251 5.47 27.57 -2.18
CA ASP D 251 5.28 26.68 -1.02
C ASP D 251 3.85 26.72 -0.45
N PRO D 252 3.27 27.91 -0.10
CA PRO D 252 1.88 27.92 0.42
C PRO D 252 0.86 27.54 -0.64
N VAL D 253 1.19 27.82 -1.93
CA VAL D 253 0.34 27.52 -3.09
C VAL D 253 0.20 26.00 -3.18
N LEU D 254 1.32 25.27 -3.03
CA LEU D 254 1.30 23.80 -3.03
C LEU D 254 0.36 23.25 -1.92
N GLU D 255 0.51 23.79 -0.71
CA GLU D 255 -0.30 23.40 0.45
C GLU D 255 -1.79 23.61 0.18
N GLY D 256 -2.15 24.77 -0.36
CA GLY D 256 -3.55 25.05 -0.65
C GLY D 256 -4.13 24.14 -1.72
N LEU D 257 -3.32 23.87 -2.75
CA LEU D 257 -3.66 23.01 -3.88
C LEU D 257 -3.94 21.59 -3.37
N VAL D 258 -3.03 21.05 -2.55
CA VAL D 258 -3.18 19.72 -1.92
C VAL D 258 -4.42 19.69 -0.98
N ARG D 259 -4.62 20.74 -0.15
CA ARG D 259 -5.74 20.76 0.78
C ARG D 259 -7.09 20.71 0.01
N ALA D 260 -7.20 21.44 -1.11
CA ALA D 260 -8.40 21.43 -1.95
C ALA D 260 -8.68 20.04 -2.52
N LYS D 261 -7.61 19.33 -2.95
CA LYS D 261 -7.73 17.97 -3.50
C LYS D 261 -8.15 16.98 -2.42
N GLN D 262 -7.64 17.17 -1.18
CA GLN D 262 -8.00 16.33 -0.02
C GLN D 262 -9.48 16.53 0.34
N ASP D 263 -9.94 17.80 0.43
CA ASP D 263 -11.35 18.11 0.73
C ASP D 263 -12.29 17.44 -0.29
N LEU D 264 -11.91 17.45 -1.59
CA LEU D 264 -12.65 16.83 -2.69
C LEU D 264 -12.71 15.30 -2.56
N LEU D 265 -11.61 14.68 -2.10
CA LEU D 265 -11.51 13.22 -1.94
C LEU D 265 -12.08 12.74 -0.62
N ASP D 266 -12.55 13.66 0.26
CA ASP D 266 -13.10 13.35 1.58
C ASP D 266 -12.00 12.64 2.41
N THR D 267 -10.76 13.16 2.29
CA THR D 267 -9.60 12.63 3.02
C THR D 267 -9.02 13.77 3.86
N GLY D 268 -8.50 13.42 5.03
CA GLY D 268 -7.89 14.40 5.92
C GLY D 268 -8.81 15.10 6.89
N GLU D 269 -8.50 16.41 7.14
CA GLU D 269 -9.17 17.29 8.11
C GLU D 269 -10.68 17.43 7.85
N GLU D 270 -11.09 17.71 6.60
CA GLU D 270 -12.50 17.87 6.26
C GLU D 270 -13.03 16.60 5.54
N GLY D 271 -12.43 15.46 5.87
CA GLY D 271 -12.80 14.18 5.30
C GLY D 271 -13.20 13.11 6.31
N SER D 272 -13.84 12.03 5.80
CA SER D 272 -14.32 10.89 6.60
C SER D 272 -13.16 10.02 7.09
N ASP D 273 -12.04 9.96 6.34
CA ASP D 273 -10.87 9.18 6.74
C ASP D 273 -9.73 10.14 7.12
N ASN D 274 -8.67 9.60 7.77
CA ASN D 274 -7.53 10.44 8.16
C ASN D 274 -6.27 9.97 7.46
N ARG D 275 -6.41 9.51 6.19
CA ARG D 275 -5.29 9.08 5.38
C ARG D 275 -4.52 10.25 4.80
N PHE D 276 -5.20 11.43 4.57
CA PHE D 276 -4.60 12.62 3.92
C PHE D 276 -3.90 12.09 2.65
N SER D 277 -4.69 11.40 1.80
CA SER D 277 -4.21 10.61 0.68
C SER D 277 -3.65 11.42 -0.50
N VAL D 278 -3.54 12.75 -0.38
CA VAL D 278 -2.88 13.60 -1.37
C VAL D 278 -1.64 14.15 -0.62
N VAL D 279 -0.45 13.82 -1.11
CA VAL D 279 0.81 14.16 -0.44
C VAL D 279 1.55 15.32 -1.10
N PRO D 280 1.87 16.35 -0.31
CA PRO D 280 2.74 17.41 -0.84
C PRO D 280 4.20 16.97 -0.75
N LEU D 281 4.92 17.06 -1.87
CA LEU D 281 6.35 16.77 -1.94
C LEU D 281 6.99 18.10 -2.33
N MET D 282 7.66 18.74 -1.40
CA MET D 282 8.15 20.10 -1.62
C MET D 282 9.67 20.15 -1.70
N LEU D 283 10.22 20.57 -2.85
CA LEU D 283 11.68 20.66 -2.99
C LEU D 283 12.14 22.09 -2.79
N HIS D 284 13.39 22.25 -2.34
CA HIS D 284 13.98 23.54 -2.01
C HIS D 284 15.47 23.54 -2.34
N GLY D 285 16.03 24.75 -2.47
CA GLY D 285 17.46 24.95 -2.58
C GLY D 285 17.93 25.37 -1.20
N ASP D 286 19.21 25.16 -0.86
CA ASP D 286 19.73 25.45 0.49
C ASP D 286 19.72 26.94 0.87
N ALA D 287 20.15 27.87 0.00
CA ALA D 287 20.18 29.29 0.37
C ALA D 287 18.77 29.86 0.47
N ALA D 288 17.86 29.43 -0.42
CA ALA D 288 16.47 29.92 -0.40
C ALA D 288 15.69 29.41 0.85
N PHE D 289 15.91 28.15 1.25
CA PHE D 289 15.20 27.56 2.38
C PHE D 289 15.50 28.30 3.70
N ALA D 290 16.74 28.76 3.86
CA ALA D 290 17.17 29.51 5.06
C ALA D 290 16.78 31.00 5.00
N GLY D 291 16.82 31.57 3.80
CA GLY D 291 16.59 33.00 3.64
C GLY D 291 15.19 33.54 3.42
N GLN D 292 14.28 32.73 2.89
CA GLN D 292 12.91 33.22 2.53
C GLN D 292 11.90 32.98 3.66
N GLY D 293 11.34 34.07 4.21
CA GLY D 293 10.37 34.04 5.29
C GLY D 293 9.09 33.26 5.03
N VAL D 294 8.70 33.13 3.76
CA VAL D 294 7.49 32.37 3.40
C VAL D 294 7.67 30.85 3.79
N VAL D 295 8.92 30.36 3.91
CA VAL D 295 9.19 29.00 4.35
C VAL D 295 8.62 28.84 5.78
N ALA D 296 9.00 29.75 6.71
CA ALA D 296 8.49 29.72 8.10
C ALA D 296 6.95 29.87 8.15
N GLU D 297 6.37 30.74 7.34
CA GLU D 297 4.91 30.97 7.33
C GLU D 297 4.12 29.75 6.89
N THR D 298 4.70 28.97 5.96
CA THR D 298 4.09 27.78 5.38
C THR D 298 4.21 26.62 6.39
N LEU D 299 5.39 26.48 7.04
CA LEU D 299 5.63 25.46 8.08
C LEU D 299 4.66 25.70 9.24
N ASN D 300 4.40 27.00 9.54
CA ASN D 300 3.47 27.43 10.60
C ASN D 300 2.03 26.95 10.36
N LEU D 301 1.65 26.63 9.10
CA LEU D 301 0.30 26.15 8.74
C LEU D 301 0.15 24.63 8.90
N ALA D 302 1.28 23.91 9.00
CA ALA D 302 1.38 22.43 8.93
C ALA D 302 0.40 21.64 9.82
N LEU D 303 0.06 22.13 11.03
CA LEU D 303 -0.87 21.41 11.90
C LEU D 303 -2.15 22.23 12.18
N LEU D 304 -2.36 23.35 11.48
CA LEU D 304 -3.57 24.16 11.70
C LEU D 304 -4.81 23.48 11.10
N ARG D 305 -5.93 23.51 11.82
CA ARG D 305 -7.18 22.91 11.35
C ARG D 305 -7.59 23.38 9.94
N GLY D 306 -7.45 24.67 9.66
CA GLY D 306 -7.84 25.23 8.38
C GLY D 306 -6.86 25.04 7.23
N TYR D 307 -5.61 24.59 7.53
CA TYR D 307 -4.56 24.55 6.53
C TYR D 307 -3.78 23.25 6.43
N ARG D 308 -3.81 22.38 7.46
CA ARG D 308 -3.03 21.14 7.48
C ARG D 308 -3.32 20.24 6.25
N THR D 309 -2.29 19.52 5.79
CA THR D 309 -2.39 18.59 4.65
C THR D 309 -1.88 17.20 5.06
N GLY D 310 -1.74 17.00 6.36
CA GLY D 310 -1.29 15.74 6.96
C GLY D 310 0.20 15.52 6.87
N GLY D 311 0.96 16.61 6.76
CA GLY D 311 2.42 16.56 6.66
C GLY D 311 2.97 16.62 5.25
N THR D 312 3.98 17.46 5.08
CA THR D 312 4.68 17.65 3.81
C THR D 312 6.02 16.93 3.86
N ILE D 313 6.39 16.32 2.74
CA ILE D 313 7.71 15.69 2.61
C ILE D 313 8.60 16.76 1.97
N HIS D 314 9.60 17.24 2.72
CA HIS D 314 10.52 18.24 2.20
C HIS D 314 11.85 17.62 1.79
N ILE D 315 12.35 18.03 0.62
CA ILE D 315 13.68 17.65 0.13
C ILE D 315 14.43 18.96 -0.17
N VAL D 316 15.55 19.17 0.52
CA VAL D 316 16.44 20.31 0.25
C VAL D 316 17.59 19.76 -0.57
N VAL D 317 17.74 20.27 -1.82
CA VAL D 317 18.87 19.92 -2.70
C VAL D 317 20.03 20.81 -2.19
N ASN D 318 20.72 20.33 -1.17
CA ASN D 318 21.75 21.13 -0.49
C ASN D 318 23.10 20.97 -1.16
N ASN D 319 23.32 21.74 -2.23
CA ASN D 319 24.59 21.71 -3.00
C ASN D 319 25.63 22.66 -2.39
N GLN D 320 25.36 23.13 -1.16
CA GLN D 320 26.26 23.90 -0.29
C GLN D 320 26.77 25.21 -0.95
N ILE D 321 25.93 25.83 -1.77
CA ILE D 321 26.20 27.10 -2.48
C ILE D 321 24.86 27.69 -2.91
N GLY D 322 24.84 29.01 -3.02
CA GLY D 322 23.70 29.79 -3.53
C GLY D 322 24.29 30.73 -4.58
N PHE D 323 24.37 30.28 -5.84
CA PHE D 323 24.97 31.05 -6.94
C PHE D 323 26.46 31.24 -6.64
N THR D 324 26.88 32.45 -6.17
CA THR D 324 28.29 32.67 -5.80
C THR D 324 28.43 32.79 -4.30
N THR D 325 27.31 32.62 -3.57
CA THR D 325 27.35 32.88 -2.13
C THR D 325 27.60 31.62 -1.34
N ALA D 326 28.57 31.70 -0.41
CA ALA D 326 28.91 30.57 0.47
C ALA D 326 27.87 30.45 1.59
N PRO D 327 27.59 29.21 2.10
CA PRO D 327 26.60 29.05 3.20
C PRO D 327 26.81 29.96 4.41
N THR D 328 28.08 30.29 4.75
CA THR D 328 28.37 31.15 5.92
C THR D 328 27.77 32.55 5.79
N ASP D 329 27.45 33.00 4.53
CA ASP D 329 26.82 34.29 4.28
C ASP D 329 25.31 34.15 4.02
N SER D 330 24.82 32.91 3.93
CA SER D 330 23.39 32.66 3.66
C SER D 330 22.56 32.34 4.90
N ARG D 331 23.17 31.82 5.99
CA ARG D 331 22.41 31.43 7.19
C ARG D 331 23.21 31.61 8.47
N SER D 332 22.50 31.69 9.61
CA SER D 332 23.11 31.90 10.92
C SER D 332 22.99 30.65 11.79
N SER D 333 22.92 29.48 11.15
CA SER D 333 22.78 28.21 11.83
C SER D 333 23.58 27.15 11.14
N GLU D 334 23.79 26.03 11.84
CA GLU D 334 24.57 24.91 11.36
C GLU D 334 24.01 24.33 10.08
N TYR D 335 22.68 24.15 10.00
CA TYR D 335 22.05 23.54 8.83
C TYR D 335 21.09 24.46 8.16
N CYS D 336 20.94 24.29 6.82
CA CYS D 336 19.97 25.07 6.04
C CYS D 336 18.52 24.73 6.42
N THR D 337 18.31 23.59 7.10
CA THR D 337 16.98 23.08 7.46
C THR D 337 16.53 23.40 8.89
N ASP D 338 17.34 24.15 9.65
CA ASP D 338 17.07 24.44 11.07
C ASP D 338 15.76 25.19 11.31
N VAL D 339 15.20 25.86 10.28
CA VAL D 339 13.90 26.54 10.41
C VAL D 339 12.77 25.50 10.68
N ALA D 340 12.94 24.24 10.19
CA ALA D 340 11.92 23.21 10.34
C ALA D 340 11.78 22.77 11.82
N LYS D 341 12.76 23.16 12.68
CA LYS D 341 12.68 22.87 14.11
C LYS D 341 11.59 23.74 14.79
N MET D 342 11.06 24.74 14.09
CA MET D 342 9.98 25.59 14.62
C MET D 342 8.69 24.78 14.81
N ILE D 343 8.52 23.66 14.08
CA ILE D 343 7.32 22.83 14.22
C ILE D 343 7.68 21.43 14.73
N GLY D 344 8.93 21.27 15.19
CA GLY D 344 9.39 19.98 15.72
C GLY D 344 9.42 18.88 14.69
N ALA D 345 9.76 19.21 13.44
CA ALA D 345 9.84 18.19 12.39
C ALA D 345 11.13 17.38 12.54
N PRO D 346 11.13 16.05 12.28
CA PRO D 346 12.42 15.34 12.24
C PRO D 346 13.19 15.75 10.98
N ILE D 347 14.53 15.81 11.07
CA ILE D 347 15.38 16.20 9.95
C ILE D 347 16.41 15.10 9.73
N PHE D 348 16.52 14.66 8.48
CA PHE D 348 17.48 13.65 8.07
C PHE D 348 18.46 14.25 7.09
N HIS D 349 19.73 14.40 7.50
CA HIS D 349 20.81 14.92 6.66
C HIS D 349 21.44 13.71 6.00
N VAL D 350 21.40 13.64 4.67
CA VAL D 350 21.90 12.43 4.00
C VAL D 350 22.96 12.76 2.96
N ASN D 351 23.96 11.87 2.85
CA ASN D 351 25.04 11.96 1.88
C ASN D 351 24.47 11.63 0.49
N GLY D 352 24.46 12.63 -0.37
CA GLY D 352 23.98 12.58 -1.74
C GLY D 352 24.74 11.61 -2.64
N ASP D 353 25.92 11.13 -2.19
CA ASP D 353 26.68 10.17 -2.99
C ASP D 353 26.32 8.73 -2.60
N ASP D 354 25.38 8.56 -1.66
CA ASP D 354 24.93 7.23 -1.25
C ASP D 354 23.44 7.11 -1.66
N PRO D 355 23.16 6.63 -2.89
CA PRO D 355 21.76 6.55 -3.35
C PRO D 355 20.87 5.59 -2.56
N GLU D 356 21.45 4.50 -2.00
CA GLU D 356 20.68 3.55 -1.19
C GLU D 356 20.21 4.21 0.11
N ALA D 357 21.10 4.97 0.79
CA ALA D 357 20.75 5.69 2.01
C ALA D 357 19.72 6.78 1.69
N CYS D 358 19.87 7.45 0.53
CA CYS D 358 18.95 8.50 0.08
C CYS D 358 17.53 7.92 -0.12
N ALA D 359 17.43 6.74 -0.78
CA ALA D 359 16.16 6.06 -1.01
C ALA D 359 15.56 5.55 0.32
N TRP D 360 16.41 5.04 1.24
CA TRP D 360 15.99 4.53 2.55
C TRP D 360 15.39 5.65 3.40
N VAL D 361 16.04 6.82 3.47
CA VAL D 361 15.55 7.98 4.24
C VAL D 361 14.20 8.49 3.64
N ALA D 362 14.08 8.47 2.31
CA ALA D 362 12.89 8.89 1.60
C ALA D 362 11.66 8.04 2.02
N ARG D 363 11.86 6.70 2.13
CA ARG D 363 10.81 5.76 2.55
C ARG D 363 10.49 5.93 4.04
N LEU D 364 11.51 6.14 4.89
CA LEU D 364 11.32 6.38 6.33
C LEU D 364 10.51 7.67 6.56
N ALA D 365 10.80 8.74 5.77
CA ALA D 365 10.12 10.03 5.83
C ALA D 365 8.64 9.87 5.52
N VAL D 366 8.30 9.10 4.47
CA VAL D 366 6.89 8.85 4.09
C VAL D 366 6.20 8.06 5.22
N ASP D 367 6.89 7.05 5.78
CA ASP D 367 6.35 6.26 6.90
C ASP D 367 6.07 7.15 8.12
N PHE D 368 6.98 8.10 8.45
CA PHE D 368 6.78 9.01 9.59
C PHE D 368 5.57 9.92 9.35
N ARG D 369 5.47 10.47 8.11
CA ARG D 369 4.38 11.35 7.69
C ARG D 369 3.05 10.60 7.82
N GLN D 370 2.98 9.33 7.39
CA GLN D 370 1.77 8.52 7.52
C GLN D 370 1.40 8.22 8.97
N ALA D 371 2.41 8.03 9.84
CA ALA D 371 2.18 7.71 11.24
C ALA D 371 1.73 8.93 12.07
N PHE D 372 2.34 10.10 11.84
CA PHE D 372 2.07 11.24 12.71
C PHE D 372 1.43 12.46 12.04
N LYS D 373 1.19 12.41 10.70
CA LYS D 373 0.54 13.47 9.90
C LYS D 373 1.26 14.81 10.12
N LYS D 374 2.60 14.76 10.08
CA LYS D 374 3.47 15.89 10.34
C LYS D 374 4.63 15.90 9.32
N ASP D 375 5.15 17.11 9.03
CA ASP D 375 6.25 17.33 8.09
C ASP D 375 7.51 16.61 8.49
N VAL D 376 8.27 16.18 7.47
CA VAL D 376 9.58 15.54 7.57
C VAL D 376 10.50 16.25 6.60
N VAL D 377 11.74 16.54 7.04
CA VAL D 377 12.69 17.23 6.18
C VAL D 377 13.90 16.33 5.89
N ILE D 378 14.22 16.24 4.60
CA ILE D 378 15.38 15.54 4.09
C ILE D 378 16.35 16.58 3.56
N ASP D 379 17.51 16.69 4.21
CA ASP D 379 18.56 17.58 3.76
C ASP D 379 19.52 16.72 2.94
N MET D 380 19.43 16.77 1.61
CA MET D 380 20.34 15.96 0.79
C MET D 380 21.61 16.75 0.48
N LEU D 381 22.73 16.43 1.14
CA LEU D 381 24.02 17.06 0.92
C LEU D 381 24.63 16.57 -0.37
N CYS D 382 24.94 17.52 -1.25
CA CYS D 382 25.44 17.22 -2.58
C CYS D 382 26.27 18.40 -3.05
N TYR D 383 26.48 18.50 -4.37
CA TYR D 383 27.25 19.59 -4.93
C TYR D 383 26.67 19.97 -6.28
N ARG D 384 27.15 21.10 -6.86
CA ARG D 384 26.69 21.66 -8.12
C ARG D 384 27.82 21.46 -9.10
N ARG D 385 27.76 20.37 -9.92
CA ARG D 385 28.88 20.07 -10.86
C ARG D 385 29.34 21.28 -11.70
N ARG D 386 28.41 22.02 -12.26
CA ARG D 386 28.72 23.15 -13.11
C ARG D 386 28.52 24.45 -12.34
N GLY D 387 28.65 25.60 -13.03
CA GLY D 387 28.36 26.90 -12.43
C GLY D 387 26.88 26.99 -12.07
N HIS D 388 26.47 28.11 -11.45
CA HIS D 388 25.08 28.34 -11.02
C HIS D 388 24.10 28.02 -12.16
N ASN D 389 24.40 28.61 -13.31
CA ASN D 389 23.79 28.30 -14.58
C ASN D 389 24.97 27.81 -15.44
N GLU D 390 24.71 27.11 -16.52
CA GLU D 390 25.71 26.47 -17.40
C GLU D 390 26.60 27.48 -18.15
N GLY D 391 26.25 28.77 -18.14
CA GLY D 391 27.07 29.82 -18.75
C GLY D 391 27.93 30.57 -17.77
N ASP D 392 27.83 30.25 -16.45
CA ASP D 392 28.57 30.94 -15.36
C ASP D 392 29.83 30.18 -14.93
N ASP D 393 30.96 30.89 -14.68
CA ASP D 393 32.23 30.29 -14.21
C ASP D 393 32.31 30.41 -12.66
N PRO D 394 32.19 29.27 -11.93
CA PRO D 394 32.13 29.36 -10.46
C PRO D 394 33.48 29.39 -9.78
N SER D 395 34.55 29.12 -10.53
CA SER D 395 35.92 29.10 -10.03
C SER D 395 36.44 30.52 -9.72
N MET D 396 35.83 31.57 -10.32
CA MET D 396 36.21 32.94 -9.95
C MET D 396 35.94 33.25 -8.45
N THR D 397 34.85 32.72 -7.88
CA THR D 397 34.43 33.00 -6.50
C THR D 397 34.61 31.81 -5.54
N GLN D 398 34.54 30.55 -6.05
CA GLN D 398 34.73 29.35 -5.24
C GLN D 398 35.86 28.45 -5.85
N PRO D 399 37.14 28.92 -5.94
CA PRO D 399 38.19 28.10 -6.58
C PRO D 399 38.45 26.79 -5.86
N TYR D 400 38.47 26.81 -4.51
CA TYR D 400 38.74 25.62 -3.72
C TYR D 400 37.63 24.57 -3.92
N MET D 401 36.35 25.00 -3.82
CA MET D 401 35.23 24.07 -4.01
C MET D 401 35.31 23.40 -5.39
N TYR D 402 35.66 24.17 -6.42
CA TYR D 402 35.63 23.62 -7.76
C TYR D 402 36.88 22.83 -8.08
N ASP D 403 37.99 23.01 -7.31
CA ASP D 403 39.15 22.15 -7.50
C ASP D 403 38.83 20.75 -6.93
N VAL D 404 37.98 20.70 -5.86
CA VAL D 404 37.55 19.44 -5.24
C VAL D 404 36.52 18.72 -6.15
N ILE D 405 35.52 19.48 -6.69
CA ILE D 405 34.47 18.93 -7.58
C ILE D 405 35.12 18.33 -8.84
N ASP D 406 36.17 18.98 -9.38
CA ASP D 406 36.88 18.49 -10.57
C ASP D 406 37.46 17.08 -10.36
N THR D 407 38.02 16.81 -9.16
CA THR D 407 38.61 15.49 -8.81
C THR D 407 37.54 14.42 -8.50
N LYS D 408 36.27 14.80 -8.54
CA LYS D 408 35.19 13.94 -8.13
C LYS D 408 34.46 13.19 -9.25
N ARG D 409 34.27 11.90 -9.01
CA ARG D 409 33.50 11.00 -9.86
C ARG D 409 32.06 11.11 -9.41
N GLY D 410 31.14 11.26 -10.34
CA GLY D 410 29.72 11.39 -10.01
C GLY D 410 29.13 10.17 -9.30
N SER D 411 27.93 10.36 -8.72
CA SER D 411 27.25 9.30 -8.00
C SER D 411 26.93 8.08 -8.91
N ARG D 412 26.58 8.33 -10.20
CA ARG D 412 26.26 7.27 -11.15
C ARG D 412 27.46 6.34 -11.34
N LYS D 413 28.66 6.88 -11.65
CA LYS D 413 29.88 6.10 -11.87
C LYS D 413 30.28 5.36 -10.59
N ALA D 414 30.16 6.01 -9.42
CA ALA D 414 30.51 5.39 -8.14
C ALA D 414 29.56 4.21 -7.84
N TYR D 415 28.26 4.39 -8.11
CA TYR D 415 27.25 3.36 -7.85
C TYR D 415 27.42 2.18 -8.82
N THR D 416 27.76 2.47 -10.09
CA THR D 416 28.01 1.46 -11.12
C THR D 416 29.18 0.56 -10.71
N GLU D 417 30.30 1.16 -10.24
CA GLU D 417 31.51 0.46 -9.81
C GLU D 417 31.23 -0.46 -8.60
N ALA D 418 30.31 -0.04 -7.70
CA ALA D 418 29.91 -0.83 -6.52
C ALA D 418 29.21 -2.12 -6.96
N LEU D 419 28.24 -2.01 -7.91
CA LEU D 419 27.46 -3.11 -8.49
C LEU D 419 28.36 -4.04 -9.34
N ILE D 420 29.38 -3.48 -10.04
CA ILE D 420 30.34 -4.28 -10.84
C ILE D 420 31.26 -5.06 -9.87
N GLY D 421 31.74 -4.39 -8.81
CA GLY D 421 32.59 -4.97 -7.78
C GLY D 421 31.95 -6.16 -7.08
N ARG D 422 30.63 -6.05 -6.82
CA ARG D 422 29.81 -7.10 -6.19
C ARG D 422 29.48 -8.23 -7.19
N GLY D 423 29.77 -7.99 -8.48
CA GLY D 423 29.52 -8.95 -9.56
C GLY D 423 28.06 -9.10 -9.94
N ASP D 424 27.23 -8.08 -9.65
CA ASP D 424 25.80 -8.08 -9.94
C ASP D 424 25.50 -7.73 -11.41
N ILE D 425 26.33 -6.86 -12.00
CA ILE D 425 26.28 -6.44 -13.41
C ILE D 425 27.70 -6.43 -13.95
N SER D 426 27.85 -6.54 -15.28
CA SER D 426 29.17 -6.52 -15.93
C SER D 426 29.49 -5.09 -16.42
N MET D 427 30.75 -4.82 -16.79
CA MET D 427 31.17 -3.51 -17.30
C MET D 427 30.48 -3.26 -18.64
N LYS D 428 30.42 -4.31 -19.50
CA LYS D 428 29.78 -4.26 -20.81
C LYS D 428 28.27 -3.91 -20.67
N GLU D 429 27.54 -4.58 -19.73
CA GLU D 429 26.10 -4.34 -19.47
C GLU D 429 25.82 -2.88 -19.11
N ALA D 430 26.64 -2.30 -18.21
CA ALA D 430 26.53 -0.92 -17.75
C ALA D 430 26.82 0.06 -18.90
N GLU D 431 27.86 -0.27 -19.72
CA GLU D 431 28.25 0.54 -20.87
C GLU D 431 27.14 0.53 -21.90
N ASP D 432 26.59 -0.66 -22.23
CA ASP D 432 25.50 -0.85 -23.20
C ASP D 432 24.24 -0.10 -22.79
N ALA D 433 23.87 -0.15 -21.49
CA ALA D 433 22.70 0.51 -20.90
C ALA D 433 22.75 2.05 -21.12
N LEU D 434 23.95 2.65 -21.11
CA LEU D 434 24.17 4.08 -21.37
C LEU D 434 24.04 4.39 -22.87
N ARG D 435 24.65 3.54 -23.73
CA ARG D 435 24.57 3.63 -25.19
C ARG D 435 23.11 3.50 -25.70
N ASP D 436 22.24 2.78 -24.96
CA ASP D 436 20.83 2.60 -25.32
C ASP D 436 20.07 3.85 -25.00
N TYR D 437 20.33 4.43 -23.84
CA TYR D 437 19.67 5.64 -23.39
C TYR D 437 20.16 6.83 -24.22
N GLN D 438 21.48 6.89 -24.53
CA GLN D 438 22.03 7.98 -25.36
C GLN D 438 21.47 7.90 -26.79
N GLY D 439 21.43 6.70 -27.35
CA GLY D 439 20.86 6.43 -28.67
C GLY D 439 19.38 6.80 -28.74
N GLN D 440 18.64 6.53 -27.62
CA GLN D 440 17.21 6.84 -27.47
C GLN D 440 16.98 8.35 -27.53
N LEU D 441 17.80 9.11 -26.77
CA LEU D 441 17.68 10.56 -26.73
C LEU D 441 18.00 11.19 -28.09
N GLU D 442 18.98 10.62 -28.85
CA GLU D 442 19.40 11.15 -30.15
C GLU D 442 18.26 11.09 -31.16
N ARG D 443 17.52 9.95 -31.24
CA ARG D 443 16.40 9.71 -32.15
C ARG D 443 15.22 10.67 -31.89
N VAL D 444 14.92 10.95 -30.62
CA VAL D 444 13.83 11.87 -30.25
C VAL D 444 14.27 13.31 -30.61
N PHE D 445 15.54 13.65 -30.29
CA PHE D 445 16.15 14.94 -30.64
C PHE D 445 16.11 15.21 -32.17
N ASN D 446 16.45 14.22 -33.00
CA ASN D 446 16.43 14.39 -34.47
C ASN D 446 15.01 14.50 -35.02
N GLU D 447 14.05 13.76 -34.44
CA GLU D 447 12.62 13.82 -34.83
C GLU D 447 12.10 15.22 -34.61
N VAL D 448 12.42 15.83 -33.45
CA VAL D 448 12.01 17.20 -33.08
C VAL D 448 12.66 18.20 -34.03
N ARG D 449 13.95 17.99 -34.36
CA ARG D 449 14.74 18.85 -35.26
C ARG D 449 14.17 18.89 -36.68
N GLU D 450 13.50 17.79 -37.09
CA GLU D 450 12.91 17.65 -38.42
C GLU D 450 11.56 18.39 -38.56
N LEU D 451 10.92 18.78 -37.44
CA LEU D 451 9.62 19.44 -37.45
C LEU D 451 9.62 20.80 -38.15
N GLU D 452 8.57 21.07 -38.97
CA GLU D 452 8.38 22.36 -39.64
C GLU D 452 8.29 23.46 -38.57
N LYS D 453 9.03 24.55 -38.77
CA LYS D 453 9.13 25.68 -37.85
C LYS D 453 7.84 26.52 -37.85
N HIS D 454 7.22 26.70 -36.66
CA HIS D 454 6.04 27.55 -36.49
C HIS D 454 6.47 28.99 -36.56
N GLU D 455 5.62 29.87 -37.11
CA GLU D 455 5.95 31.30 -37.22
C GLU D 455 5.88 31.93 -35.84
N ILE D 456 6.85 32.80 -35.53
CA ILE D 456 6.97 33.49 -34.25
C ILE D 456 6.19 34.79 -34.36
N GLU D 457 5.22 34.96 -33.47
CA GLU D 457 4.31 36.11 -33.41
C GLU D 457 4.35 36.78 -32.05
N PRO D 458 3.99 38.09 -31.95
CA PRO D 458 3.89 38.71 -30.62
C PRO D 458 2.85 37.96 -29.76
N SER D 459 3.07 37.86 -28.44
CA SER D 459 2.11 37.22 -27.53
C SER D 459 0.76 37.96 -27.58
N GLU D 460 -0.34 37.24 -27.36
CA GLU D 460 -1.66 37.83 -27.44
C GLU D 460 -2.36 37.73 -26.10
N SER D 461 -3.24 38.70 -25.84
CA SER D 461 -4.04 38.77 -24.62
C SER D 461 -4.92 37.52 -24.48
N VAL D 462 -5.07 37.03 -23.23
CA VAL D 462 -5.88 35.84 -22.88
C VAL D 462 -7.36 36.25 -22.61
N GLU D 463 -7.69 37.56 -22.70
CA GLU D 463 -9.03 38.07 -22.34
C GLU D 463 -10.18 37.22 -22.91
N ALA D 464 -10.18 36.97 -24.24
CA ALA D 464 -11.26 36.25 -24.93
C ALA D 464 -11.31 34.73 -24.61
N ASP D 465 -10.32 34.17 -23.88
CA ASP D 465 -10.30 32.74 -23.56
C ASP D 465 -11.45 32.31 -22.67
N GLN D 466 -11.89 33.21 -21.78
CA GLN D 466 -12.97 32.96 -20.82
C GLN D 466 -13.98 34.09 -20.93
N GLN D 467 -15.22 33.74 -21.31
CA GLN D 467 -16.31 34.69 -21.47
C GLN D 467 -17.58 34.12 -20.86
N ILE D 468 -18.43 35.01 -20.30
CA ILE D 468 -19.72 34.59 -19.73
C ILE D 468 -20.73 34.37 -20.86
N LYS D 471 -26.50 35.59 -20.62
CA LYS D 471 -27.18 36.19 -19.47
C LYS D 471 -27.26 35.19 -18.31
N LEU D 472 -26.60 35.53 -17.20
CA LEU D 472 -26.55 34.71 -16.00
C LEU D 472 -27.45 35.32 -14.92
N ALA D 473 -28.40 34.53 -14.42
CA ALA D 473 -29.32 34.99 -13.37
C ALA D 473 -28.71 34.70 -12.00
N THR D 474 -28.70 35.70 -11.11
CA THR D 474 -28.14 35.58 -9.77
C THR D 474 -29.19 35.87 -8.69
N ALA D 475 -30.37 36.33 -9.09
CA ALA D 475 -31.47 36.58 -8.15
C ALA D 475 -31.94 35.25 -7.53
N VAL D 476 -32.39 35.29 -6.27
CA VAL D 476 -32.92 34.12 -5.54
C VAL D 476 -34.35 34.42 -5.11
N ASP D 477 -35.13 33.38 -4.76
CA ASP D 477 -36.53 33.51 -4.30
C ASP D 477 -36.56 34.06 -2.85
N LYS D 478 -37.73 34.59 -2.40
CA LYS D 478 -37.94 35.06 -1.03
C LYS D 478 -37.71 33.92 -0.02
N ALA D 479 -38.13 32.68 -0.39
CA ALA D 479 -37.99 31.46 0.42
C ALA D 479 -36.52 31.19 0.75
N MET D 480 -35.59 31.45 -0.20
CA MET D 480 -34.15 31.30 0.02
C MET D 480 -33.65 32.33 1.06
N LEU D 481 -34.02 33.62 0.92
CA LEU D 481 -33.64 34.68 1.87
C LEU D 481 -34.14 34.32 3.29
N GLN D 482 -35.40 33.86 3.38
CA GLN D 482 -36.06 33.48 4.63
C GLN D 482 -35.40 32.30 5.31
N ARG D 483 -35.03 31.27 4.53
CA ARG D 483 -34.32 30.08 5.01
C ARG D 483 -32.97 30.44 5.68
N ILE D 484 -32.22 31.38 5.08
CA ILE D 484 -30.89 31.82 5.58
C ILE D 484 -31.09 32.66 6.87
N GLY D 485 -32.16 33.48 6.88
CA GLY D 485 -32.54 34.27 8.05
C GLY D 485 -32.89 33.38 9.23
N ASP D 486 -33.77 32.38 8.99
CA ASP D 486 -34.24 31.42 9.98
C ASP D 486 -33.11 30.54 10.53
N ALA D 487 -32.10 30.22 9.68
CA ALA D 487 -30.92 29.42 10.05
C ALA D 487 -30.17 30.07 11.22
N HIS D 488 -30.17 31.42 11.29
CA HIS D 488 -29.51 32.18 12.36
C HIS D 488 -30.22 32.00 13.72
N LEU D 489 -31.48 31.52 13.72
CA LEU D 489 -32.22 31.28 14.96
C LEU D 489 -32.47 29.77 15.21
N ALA D 490 -32.03 28.88 14.30
CA ALA D 490 -32.21 27.44 14.44
C ALA D 490 -31.03 26.89 15.27
N LEU D 491 -30.91 27.40 16.50
CA LEU D 491 -29.83 27.10 17.42
C LEU D 491 -29.88 25.67 17.93
N PRO D 492 -28.70 25.03 18.17
CA PRO D 492 -28.69 23.68 18.77
C PRO D 492 -29.37 23.71 20.14
N GLU D 493 -29.85 22.54 20.60
CA GLU D 493 -30.56 22.43 21.88
C GLU D 493 -29.68 22.88 23.06
N GLY D 494 -30.24 23.75 23.90
CA GLY D 494 -29.62 24.32 25.09
C GLY D 494 -28.52 25.35 24.85
N PHE D 495 -28.34 25.82 23.60
CA PHE D 495 -27.28 26.77 23.23
C PHE D 495 -27.46 28.15 23.89
N THR D 496 -26.39 28.61 24.56
CA THR D 496 -26.46 29.91 25.18
C THR D 496 -25.77 30.91 24.25
N VAL D 497 -26.55 31.79 23.68
CA VAL D 497 -26.02 32.84 22.81
C VAL D 497 -25.54 33.98 23.69
N HIS D 498 -24.40 34.58 23.31
CA HIS D 498 -23.89 35.78 23.98
C HIS D 498 -24.97 36.90 23.84
N PRO D 499 -25.23 37.67 24.94
CA PRO D 499 -26.30 38.70 24.89
C PRO D 499 -26.12 39.82 23.85
N ARG D 500 -24.88 40.10 23.41
CA ARG D 500 -24.59 41.11 22.40
C ARG D 500 -24.56 40.49 20.96
N VAL D 501 -24.65 39.15 20.87
CA VAL D 501 -24.66 38.43 19.59
C VAL D 501 -26.11 38.13 19.23
N ARG D 502 -26.96 37.79 20.21
CA ARG D 502 -28.39 37.49 20.01
C ARG D 502 -29.10 38.55 19.14
N PRO D 503 -28.96 39.89 19.31
CA PRO D 503 -29.69 40.81 18.41
C PRO D 503 -29.29 40.68 16.94
N VAL D 504 -28.05 40.27 16.66
CA VAL D 504 -27.55 40.09 15.27
C VAL D 504 -28.35 38.95 14.60
N LEU D 505 -28.51 37.81 15.29
CA LEU D 505 -29.29 36.67 14.80
C LEU D 505 -30.77 37.04 14.56
N GLU D 506 -31.36 37.78 15.50
CA GLU D 506 -32.76 38.20 15.44
C GLU D 506 -32.98 39.25 14.36
N LYS D 507 -32.06 40.22 14.21
CA LYS D 507 -32.14 41.26 13.18
C LYS D 507 -32.03 40.63 11.77
N ARG D 508 -31.23 39.56 11.63
CA ARG D 508 -31.05 38.85 10.35
C ARG D 508 -32.35 38.15 9.93
N ARG D 509 -33.08 37.49 10.86
CA ARG D 509 -34.37 36.89 10.52
C ARG D 509 -35.33 38.00 10.09
N GLU D 510 -35.31 39.15 10.81
CA GLU D 510 -36.14 40.33 10.51
C GLU D 510 -35.83 40.87 9.11
N MET D 511 -34.53 41.04 8.77
CA MET D 511 -34.09 41.54 7.46
C MET D 511 -34.52 40.62 6.33
N ALA D 512 -34.44 39.29 6.54
CA ALA D 512 -34.79 38.27 5.56
C ALA D 512 -36.27 38.34 5.15
N TYR D 513 -37.15 38.73 6.10
CA TYR D 513 -38.60 38.82 5.89
C TYR D 513 -39.10 40.25 5.63
N GLU D 514 -38.37 41.28 6.07
CA GLU D 514 -38.90 42.65 5.96
C GLU D 514 -38.03 43.63 5.16
N GLY D 515 -36.78 43.26 4.86
CA GLY D 515 -35.90 44.14 4.09
C GLY D 515 -34.92 44.90 4.95
N ARG D 516 -34.38 46.02 4.40
CA ARG D 516 -33.33 46.84 5.02
C ARG D 516 -32.14 45.93 5.36
N ILE D 517 -31.77 45.09 4.39
CA ILE D 517 -30.65 44.13 4.51
C ILE D 517 -29.33 44.90 4.46
N ASP D 518 -28.47 44.72 5.51
CA ASP D 518 -27.16 45.38 5.58
C ASP D 518 -26.10 44.54 4.84
N TRP D 519 -24.88 45.09 4.68
CA TRP D 519 -23.79 44.46 3.94
C TRP D 519 -23.42 43.08 4.51
N ALA D 520 -23.20 42.98 5.84
CA ALA D 520 -22.79 41.74 6.49
C ALA D 520 -23.76 40.61 6.21
N PHE D 521 -25.06 40.89 6.31
CA PHE D 521 -26.08 39.85 6.01
C PHE D 521 -26.15 39.54 4.51
N ALA D 522 -26.03 40.55 3.63
CA ALA D 522 -26.03 40.33 2.17
C ALA D 522 -24.89 39.38 1.75
N GLU D 523 -23.70 39.49 2.39
CA GLU D 523 -22.58 38.59 2.12
C GLU D 523 -22.97 37.14 2.44
N LEU D 524 -23.57 36.92 3.61
CA LEU D 524 -23.99 35.59 4.09
C LEU D 524 -25.19 35.06 3.28
N LEU D 525 -26.04 35.96 2.75
CA LEU D 525 -27.14 35.58 1.86
C LEU D 525 -26.55 34.98 0.57
N ALA D 526 -25.47 35.60 0.04
CA ALA D 526 -24.80 35.13 -1.18
C ALA D 526 -24.12 33.77 -0.96
N LEU D 527 -23.32 33.64 0.11
CA LEU D 527 -22.61 32.39 0.41
C LEU D 527 -23.59 31.26 0.79
N GLY D 528 -24.59 31.58 1.62
CA GLY D 528 -25.62 30.63 2.04
C GLY D 528 -26.45 30.09 0.89
N SER D 529 -26.79 30.97 -0.09
CA SER D 529 -27.56 30.53 -1.26
C SER D 529 -26.70 29.66 -2.18
N LEU D 530 -25.37 29.91 -2.23
CA LEU D 530 -24.45 29.09 -3.04
C LEU D 530 -24.31 27.70 -2.42
N ILE D 531 -24.22 27.63 -1.06
CA ILE D 531 -24.14 26.36 -0.31
C ILE D 531 -25.42 25.55 -0.56
N ALA D 532 -26.61 26.22 -0.51
CA ALA D 532 -27.90 25.56 -0.75
C ALA D 532 -28.01 24.99 -2.18
N GLU D 533 -27.25 25.57 -3.14
CA GLU D 533 -27.20 25.13 -4.53
C GLU D 533 -26.16 24.01 -4.75
N GLY D 534 -25.47 23.63 -3.68
CA GLY D 534 -24.47 22.56 -3.71
C GLY D 534 -23.02 22.99 -3.81
N LYS D 535 -22.72 24.28 -3.62
CA LYS D 535 -21.34 24.76 -3.74
C LYS D 535 -20.54 24.69 -2.43
N LEU D 536 -19.26 24.30 -2.57
CA LEU D 536 -18.30 24.33 -1.46
C LEU D 536 -17.87 25.77 -1.32
N VAL D 537 -18.04 26.35 -0.11
CA VAL D 537 -17.62 27.72 0.15
C VAL D 537 -16.54 27.69 1.23
N ARG D 538 -15.37 28.20 0.90
CA ARG D 538 -14.27 28.31 1.85
C ARG D 538 -13.99 29.79 2.06
N LEU D 539 -14.09 30.26 3.31
CA LEU D 539 -13.89 31.66 3.67
C LEU D 539 -12.93 31.72 4.83
N SER D 540 -11.90 32.58 4.74
CA SER D 540 -10.90 32.69 5.81
C SER D 540 -10.20 34.04 5.79
N GLY D 541 -9.46 34.28 6.85
CA GLY D 541 -8.69 35.50 7.04
C GLY D 541 -8.58 35.80 8.52
N GLN D 542 -7.91 36.93 8.85
CA GLN D 542 -7.66 37.31 10.25
C GLN D 542 -8.96 37.73 10.95
N ASP D 543 -9.34 36.91 11.96
CA ASP D 543 -10.54 37.05 12.81
C ASP D 543 -11.83 37.04 11.94
N THR D 544 -11.79 36.29 10.83
CA THR D 544 -12.88 36.25 9.83
C THR D 544 -14.15 35.55 10.31
N GLN D 545 -14.06 34.61 11.30
CA GLN D 545 -15.27 33.92 11.80
C GLN D 545 -16.24 34.91 12.40
N ARG D 546 -15.74 35.80 13.28
CA ARG D 546 -16.56 36.82 13.90
C ARG D 546 -16.70 38.03 12.98
N GLY D 547 -15.58 38.42 12.39
CA GLY D 547 -15.44 39.62 11.58
C GLY D 547 -14.68 40.64 12.39
N THR D 548 -13.69 41.29 11.76
CA THR D 548 -12.89 42.36 12.36
C THR D 548 -13.81 43.43 12.95
N PHE D 549 -14.89 43.77 12.24
CA PHE D 549 -15.76 44.86 12.67
C PHE D 549 -17.00 44.33 13.44
N THR D 550 -16.87 43.14 14.09
CA THR D 550 -17.92 42.45 14.86
C THR D 550 -19.21 42.36 14.04
N GLN D 551 -19.07 42.18 12.72
CA GLN D 551 -20.23 42.23 11.84
C GLN D 551 -20.68 40.91 11.26
N ARG D 552 -19.75 39.93 11.10
CA ARG D 552 -20.06 38.69 10.38
C ARG D 552 -20.79 37.65 11.21
N HIS D 553 -20.17 37.18 12.29
CA HIS D 553 -20.73 36.11 13.13
C HIS D 553 -21.09 34.87 12.28
N ALA D 554 -20.13 34.43 11.42
CA ALA D 554 -20.27 33.21 10.61
C ALA D 554 -20.24 32.01 11.54
N VAL D 555 -19.58 32.17 12.71
CA VAL D 555 -19.46 31.20 13.80
C VAL D 555 -19.85 31.97 15.06
N ILE D 556 -20.68 31.36 15.90
CA ILE D 556 -21.09 31.96 17.16
C ILE D 556 -20.65 30.98 18.27
N VAL D 557 -20.29 31.50 19.44
CA VAL D 557 -19.74 30.69 20.52
C VAL D 557 -20.66 30.74 21.72
N ASP D 558 -21.00 29.54 22.23
CA ASP D 558 -21.84 29.35 23.40
C ASP D 558 -21.22 30.07 24.60
N ARG D 559 -22.00 31.01 25.17
CA ARG D 559 -21.59 31.86 26.30
C ARG D 559 -21.19 31.04 27.53
N LYS D 560 -21.79 29.84 27.72
CA LYS D 560 -21.53 28.98 28.88
C LYS D 560 -20.47 27.89 28.64
N THR D 561 -20.44 27.24 27.47
CA THR D 561 -19.54 26.09 27.24
C THR D 561 -18.40 26.30 26.22
N GLY D 562 -18.48 27.34 25.40
CA GLY D 562 -17.49 27.58 24.37
C GLY D 562 -17.74 26.84 23.07
N GLU D 563 -18.80 26.00 23.03
CA GLU D 563 -19.21 25.22 21.84
C GLU D 563 -19.53 26.16 20.67
N GLU D 564 -19.21 25.76 19.45
CA GLU D 564 -19.45 26.62 18.29
C GLU D 564 -20.64 26.16 17.46
N PHE D 565 -21.36 27.14 16.88
CA PHE D 565 -22.49 26.96 15.98
C PHE D 565 -22.22 27.78 14.72
N THR D 566 -22.37 27.15 13.54
CA THR D 566 -22.16 27.82 12.25
C THR D 566 -23.51 27.84 11.51
N PRO D 567 -24.28 28.95 11.55
CA PRO D 567 -25.62 28.98 10.91
C PRO D 567 -25.64 28.58 9.43
N LEU D 568 -24.70 29.05 8.61
CA LEU D 568 -24.74 28.71 7.16
C LEU D 568 -24.52 27.21 6.87
N GLN D 569 -23.97 26.43 7.81
CA GLN D 569 -23.77 24.99 7.58
C GLN D 569 -25.13 24.28 7.47
N LEU D 570 -26.20 24.85 8.05
CA LEU D 570 -27.56 24.26 7.97
C LEU D 570 -28.07 24.26 6.52
N LEU D 571 -27.56 25.18 5.69
CA LEU D 571 -27.95 25.30 4.29
C LEU D 571 -27.40 24.16 3.43
N ALA D 572 -26.45 23.35 3.97
CA ALA D 572 -25.84 22.21 3.27
C ALA D 572 -26.75 20.97 3.25
N THR D 573 -27.89 21.05 3.95
CA THR D 573 -28.92 20.02 4.03
C THR D 573 -30.22 20.58 3.49
N ASN D 574 -30.82 19.92 2.50
CA ASN D 574 -32.09 20.31 1.89
C ASN D 574 -33.24 20.17 2.91
N PRO D 575 -34.42 20.83 2.71
CA PRO D 575 -35.53 20.66 3.68
C PRO D 575 -35.94 19.18 3.91
N ASP D 576 -35.72 18.28 2.93
CA ASP D 576 -36.07 16.86 3.03
C ASP D 576 -35.01 16.01 3.79
N GLY D 577 -33.90 16.65 4.19
CA GLY D 577 -32.83 15.99 4.93
C GLY D 577 -31.66 15.50 4.11
N THR D 578 -31.78 15.56 2.76
CA THR D 578 -30.72 15.11 1.86
C THR D 578 -29.61 16.16 1.78
N PRO D 579 -28.34 15.77 1.54
CA PRO D 579 -27.29 16.80 1.42
C PRO D 579 -27.41 17.57 0.09
N THR D 580 -26.98 18.84 0.07
CA THR D 580 -27.01 19.64 -1.16
C THR D 580 -25.75 19.36 -1.97
N GLY D 581 -24.72 18.88 -1.27
CA GLY D 581 -23.39 18.65 -1.82
C GLY D 581 -22.48 19.81 -1.44
N GLY D 582 -23.11 20.89 -0.98
CA GLY D 582 -22.42 22.11 -0.56
C GLY D 582 -21.86 22.01 0.84
N LYS D 583 -20.98 22.96 1.21
CA LYS D 583 -20.36 22.98 2.54
C LYS D 583 -19.82 24.38 2.84
N PHE D 584 -19.80 24.74 4.14
CA PHE D 584 -19.25 26.02 4.59
C PHE D 584 -18.02 25.75 5.43
N LEU D 585 -16.86 26.15 4.92
CA LEU D 585 -15.57 25.97 5.57
C LEU D 585 -15.05 27.34 5.93
N VAL D 586 -15.25 27.75 7.20
CA VAL D 586 -14.87 29.10 7.61
C VAL D 586 -13.83 29.03 8.73
N TYR D 587 -12.74 29.77 8.56
CA TYR D 587 -11.62 29.72 9.49
C TYR D 587 -11.06 31.04 9.83
N ASN D 588 -10.48 31.11 11.02
CA ASN D 588 -9.62 32.20 11.47
C ASN D 588 -8.26 31.85 10.94
N SER D 589 -7.64 32.75 10.16
CA SER D 589 -6.31 32.44 9.65
C SER D 589 -5.24 32.63 10.71
N ALA D 590 -4.01 32.16 10.42
CA ALA D 590 -2.81 32.49 11.19
C ALA D 590 -2.52 33.99 10.87
N LEU D 591 -1.61 34.65 11.60
CA LEU D 591 -1.34 36.04 11.32
C LEU D 591 -0.31 36.14 10.22
N SER D 592 -0.74 35.80 9.01
CA SER D 592 0.06 35.79 7.81
C SER D 592 -0.73 36.38 6.68
N GLU D 593 -0.03 36.93 5.70
CA GLU D 593 -0.66 37.46 4.49
C GLU D 593 -0.06 36.65 3.33
N PHE D 594 1.29 36.64 3.21
CA PHE D 594 1.99 35.92 2.13
C PHE D 594 1.49 34.45 2.03
N ALA D 595 1.67 33.64 3.10
CA ALA D 595 1.25 32.23 3.03
C ALA D 595 -0.28 32.06 2.96
N ALA D 596 -1.08 32.87 3.69
CA ALA D 596 -2.52 32.72 3.68
C ALA D 596 -3.09 33.01 2.27
N VAL D 597 -2.66 34.10 1.63
CA VAL D 597 -3.12 34.47 0.26
C VAL D 597 -2.63 33.42 -0.74
N GLY D 598 -1.39 32.96 -0.58
CA GLY D 598 -0.83 31.90 -1.45
C GLY D 598 -1.64 30.62 -1.34
N PHE D 599 -2.02 30.26 -0.10
CA PHE D 599 -2.81 29.05 0.19
C PHE D 599 -4.19 29.10 -0.50
N GLU D 600 -4.90 30.24 -0.37
CA GLU D 600 -6.25 30.41 -0.93
C GLU D 600 -6.18 30.43 -2.44
N TYR D 601 -5.15 31.07 -3.01
CA TYR D 601 -4.94 31.02 -4.45
C TYR D 601 -4.81 29.53 -4.90
N GLY D 602 -3.95 28.75 -4.23
CA GLY D 602 -3.71 27.35 -4.54
C GLY D 602 -4.94 26.48 -4.37
N TYR D 603 -5.71 26.77 -3.29
CA TYR D 603 -6.97 26.08 -3.00
C TYR D 603 -7.92 26.23 -4.20
N SER D 604 -8.14 27.48 -4.70
CA SER D 604 -9.05 27.66 -5.85
C SER D 604 -8.49 27.02 -7.13
N VAL D 605 -7.14 26.97 -7.29
CA VAL D 605 -6.55 26.24 -8.45
C VAL D 605 -6.91 24.72 -8.34
N GLY D 606 -6.73 24.15 -7.13
CA GLY D 606 -7.02 22.73 -6.84
C GLY D 606 -8.47 22.30 -6.94
N ASN D 607 -9.41 23.23 -6.68
CA ASN D 607 -10.84 22.97 -6.80
C ASN D 607 -11.54 24.16 -7.50
N PRO D 608 -11.60 24.14 -8.85
CA PRO D 608 -12.26 25.24 -9.59
C PRO D 608 -13.76 25.45 -9.29
N ASP D 609 -14.44 24.41 -8.75
CA ASP D 609 -15.86 24.48 -8.42
C ASP D 609 -16.12 25.09 -7.04
N ALA D 610 -15.05 25.32 -6.25
CA ALA D 610 -15.19 25.93 -4.94
C ALA D 610 -15.26 27.46 -5.03
N MET D 611 -16.00 28.09 -4.09
CA MET D 611 -16.06 29.54 -3.88
C MET D 611 -15.01 29.77 -2.78
N VAL D 612 -13.93 30.48 -3.09
CA VAL D 612 -12.79 30.65 -2.16
C VAL D 612 -12.55 32.13 -1.92
N LEU D 613 -12.73 32.56 -0.68
CA LEU D 613 -12.56 33.97 -0.30
C LEU D 613 -11.54 34.12 0.81
N TRP D 614 -10.58 35.05 0.64
CA TRP D 614 -9.60 35.42 1.65
C TRP D 614 -9.89 36.85 2.02
N GLU D 615 -9.91 37.13 3.32
CA GLU D 615 -10.21 38.47 3.78
C GLU D 615 -9.04 39.06 4.53
N ALA D 616 -8.62 40.25 4.08
CA ALA D 616 -7.58 41.04 4.77
C ALA D 616 -8.21 41.64 6.02
N GLN D 617 -7.46 41.79 7.13
CA GLN D 617 -8.04 42.43 8.33
C GLN D 617 -8.44 43.85 7.91
N PHE D 618 -7.49 44.54 7.22
CA PHE D 618 -7.63 45.83 6.55
C PHE D 618 -6.90 45.68 5.25
N GLY D 619 -7.43 46.24 4.16
CA GLY D 619 -6.82 46.16 2.82
C GLY D 619 -5.34 46.55 2.81
N ASP D 620 -4.95 47.40 3.76
CA ASP D 620 -3.60 47.94 3.95
C ASP D 620 -2.52 46.88 4.20
N PHE D 621 -2.91 45.68 4.64
CA PHE D 621 -1.93 44.64 4.95
C PHE D 621 -1.71 43.65 3.80
N VAL D 622 -2.50 43.76 2.70
CA VAL D 622 -2.36 42.81 1.58
C VAL D 622 -1.02 42.99 0.83
N ASN D 623 -0.32 44.13 1.04
CA ASN D 623 0.99 44.32 0.43
C ASN D 623 2.02 43.31 0.99
N GLY D 624 1.71 42.66 2.13
CA GLY D 624 2.52 41.57 2.69
C GLY D 624 2.47 40.32 1.82
N ALA D 625 1.45 40.23 0.95
CA ALA D 625 1.30 39.14 -0.01
C ALA D 625 1.59 39.60 -1.46
N GLN D 626 2.39 40.68 -1.63
CA GLN D 626 2.61 41.26 -2.96
C GLN D 626 3.16 40.25 -3.97
N SER D 627 4.08 39.36 -3.53
CA SER D 627 4.65 38.34 -4.42
C SER D 627 3.58 37.44 -4.97
N ILE D 628 2.58 37.04 -4.14
CA ILE D 628 1.48 36.17 -4.60
C ILE D 628 0.61 36.94 -5.60
N ILE D 629 0.27 38.20 -5.30
CA ILE D 629 -0.58 39.01 -6.19
C ILE D 629 0.12 39.16 -7.55
N ASP D 630 1.38 39.63 -7.53
CA ASP D 630 2.14 39.87 -8.74
C ASP D 630 2.45 38.61 -9.55
N GLU D 631 2.88 37.55 -8.88
CA GLU D 631 3.38 36.36 -9.56
C GLU D 631 2.36 35.27 -9.82
N PHE D 632 1.24 35.25 -9.08
CA PHE D 632 0.26 34.18 -9.27
C PHE D 632 -1.11 34.71 -9.65
N ILE D 633 -1.72 35.50 -8.76
CA ILE D 633 -3.10 35.96 -8.95
C ILE D 633 -3.28 36.76 -10.25
N SER D 634 -2.50 37.82 -10.42
CA SER D 634 -2.68 38.73 -11.55
C SER D 634 -2.15 38.19 -12.88
N SER D 635 -1.27 37.19 -12.86
CA SER D 635 -0.54 36.80 -14.06
C SER D 635 -0.47 35.30 -14.40
N GLY D 636 -0.89 34.42 -13.50
CA GLY D 636 -0.80 32.96 -13.71
C GLY D 636 -1.49 32.43 -14.94
N GLU D 637 -2.68 33.00 -15.29
CA GLU D 637 -3.40 32.54 -16.49
C GLU D 637 -2.59 32.84 -17.75
N ALA D 638 -2.10 34.07 -17.93
CA ALA D 638 -1.30 34.43 -19.12
C ALA D 638 0.04 33.68 -19.16
N LYS D 639 0.67 33.48 -18.00
CA LYS D 639 1.99 32.83 -17.94
C LYS D 639 1.96 31.33 -18.11
N TRP D 640 1.03 30.62 -17.44
CA TRP D 640 1.07 29.16 -17.40
C TRP D 640 -0.21 28.48 -17.87
N GLY D 641 -1.27 29.26 -18.10
CA GLY D 641 -2.57 28.70 -18.44
C GLY D 641 -3.23 28.21 -17.16
N GLN D 642 -2.66 28.60 -15.98
CA GLN D 642 -3.17 28.19 -14.67
C GLN D 642 -4.30 29.14 -14.26
N LEU D 643 -5.47 28.58 -13.96
CA LEU D 643 -6.64 29.39 -13.60
C LEU D 643 -6.98 29.32 -12.11
N SER D 644 -7.36 30.46 -11.55
CA SER D 644 -7.77 30.60 -10.14
C SER D 644 -8.96 31.51 -10.04
N ASP D 645 -9.92 31.15 -9.19
CA ASP D 645 -11.14 31.96 -8.98
C ASP D 645 -11.13 32.58 -7.58
N VAL D 646 -9.94 32.72 -6.96
CA VAL D 646 -9.82 33.25 -5.60
C VAL D 646 -10.41 34.66 -5.50
N VAL D 647 -11.06 34.94 -4.37
CA VAL D 647 -11.61 36.26 -4.06
C VAL D 647 -10.74 36.87 -2.96
N LEU D 648 -10.34 38.14 -3.14
CA LEU D 648 -9.65 38.88 -2.08
C LEU D 648 -10.60 39.98 -1.60
N LEU D 649 -10.95 39.96 -0.29
CA LEU D 649 -11.82 40.97 0.35
C LEU D 649 -10.92 41.92 1.10
N LEU D 650 -10.89 43.18 0.67
CA LEU D 650 -9.98 44.19 1.17
C LEU D 650 -10.72 45.38 1.80
N PRO D 651 -10.89 45.36 3.13
CA PRO D 651 -11.59 46.47 3.82
C PRO D 651 -10.87 47.79 3.54
N HIS D 652 -11.63 48.77 2.99
CA HIS D 652 -11.10 50.01 2.45
C HIS D 652 -12.01 51.22 2.70
N GLY D 653 -11.39 52.36 2.99
CA GLY D 653 -12.10 53.63 3.18
C GLY D 653 -11.42 54.66 4.05
N HIS D 654 -11.57 55.94 3.69
CA HIS D 654 -11.03 57.07 4.45
C HIS D 654 -11.96 57.38 5.62
N GLU D 655 -11.54 56.93 6.82
CA GLU D 655 -12.37 57.12 8.02
C GLU D 655 -11.64 57.81 9.17
N GLY D 656 -10.39 58.17 8.96
CA GLY D 656 -9.60 58.85 9.98
C GLY D 656 -8.85 57.95 10.93
N GLN D 657 -8.61 56.69 10.50
CA GLN D 657 -7.92 55.67 11.30
C GLN D 657 -6.43 55.55 10.99
N GLY D 658 -5.89 56.40 10.10
CA GLY D 658 -4.46 56.39 9.85
C GLY D 658 -4.02 55.74 8.55
N PRO D 659 -2.73 55.91 8.19
CA PRO D 659 -2.24 55.43 6.90
C PRO D 659 -2.25 53.90 6.71
N ASP D 660 -2.42 53.10 7.79
CA ASP D 660 -2.44 51.63 7.68
C ASP D 660 -3.82 51.04 7.99
N HIS D 661 -4.85 51.90 8.02
CA HIS D 661 -6.24 51.51 8.23
C HIS D 661 -7.09 52.35 7.31
N THR D 662 -6.63 52.54 6.06
CA THR D 662 -7.40 53.37 5.11
C THR D 662 -7.52 52.79 3.68
N SER D 663 -6.45 52.19 3.17
CA SER D 663 -6.44 51.82 1.75
C SER D 663 -5.94 50.43 1.43
N GLY D 664 -6.66 49.76 0.55
CA GLY D 664 -6.28 48.48 -0.04
C GLY D 664 -5.50 48.64 -1.33
N ARG D 665 -5.06 49.90 -1.62
CA ARG D 665 -4.27 50.33 -2.79
C ARG D 665 -4.94 49.93 -4.11
N ILE D 666 -6.14 50.48 -4.34
CA ILE D 666 -6.93 50.33 -5.58
C ILE D 666 -6.06 50.52 -6.81
N GLU D 667 -5.28 51.62 -6.81
CA GLU D 667 -4.40 52.05 -7.90
C GLU D 667 -3.41 50.94 -8.30
N ARG D 668 -2.93 50.14 -7.33
CA ARG D 668 -1.97 49.08 -7.61
C ARG D 668 -2.63 47.91 -8.35
N PHE D 669 -3.83 47.52 -7.90
CA PHE D 669 -4.58 46.43 -8.56
C PHE D 669 -5.02 46.84 -9.97
N LEU D 670 -5.41 48.13 -10.16
CA LEU D 670 -5.82 48.62 -11.47
C LEU D 670 -4.62 48.69 -12.43
N GLN D 671 -3.42 48.97 -11.90
CA GLN D 671 -2.18 49.01 -12.66
C GLN D 671 -1.80 47.58 -13.11
N LEU D 672 -1.95 46.59 -12.21
CA LEU D 672 -1.67 45.19 -12.50
C LEU D 672 -2.65 44.61 -13.52
N TRP D 673 -3.91 45.11 -13.52
CA TRP D 673 -4.96 44.64 -14.42
C TRP D 673 -4.56 44.79 -15.88
N ALA D 674 -4.83 43.74 -16.66
CA ALA D 674 -4.68 43.63 -18.12
C ALA D 674 -5.28 42.33 -18.55
N GLU D 675 -5.70 42.24 -19.83
CA GLU D 675 -6.20 41.01 -20.46
C GLU D 675 -7.40 40.38 -19.75
N GLY D 676 -8.19 41.18 -19.04
CA GLY D 676 -9.34 40.70 -18.28
C GLY D 676 -8.98 39.67 -17.23
N SER D 677 -7.72 39.67 -16.76
CA SER D 677 -7.14 38.70 -15.81
C SER D 677 -7.85 38.65 -14.47
N MET D 678 -8.37 39.78 -14.02
CA MET D 678 -9.09 39.91 -12.75
C MET D 678 -10.31 40.78 -12.91
N THR D 679 -11.28 40.59 -12.02
CA THR D 679 -12.43 41.47 -11.86
C THR D 679 -12.11 42.27 -10.63
N ILE D 680 -12.26 43.62 -10.68
CA ILE D 680 -11.98 44.53 -9.56
C ILE D 680 -13.24 45.35 -9.31
N ALA D 681 -13.76 45.32 -8.06
CA ALA D 681 -14.99 46.03 -7.71
C ALA D 681 -14.93 46.73 -6.38
N MET D 682 -15.74 47.79 -6.25
CA MET D 682 -15.93 48.53 -5.01
C MET D 682 -17.44 48.79 -4.90
N PRO D 683 -18.22 47.76 -4.46
CA PRO D 683 -19.68 47.92 -4.40
C PRO D 683 -20.11 48.92 -3.32
N SER D 684 -21.22 49.62 -3.55
CA SER D 684 -21.73 50.64 -2.63
C SER D 684 -23.00 50.18 -1.93
N THR D 685 -23.62 49.07 -2.37
CA THR D 685 -24.84 48.59 -1.75
C THR D 685 -24.71 47.11 -1.37
N PRO D 686 -25.42 46.66 -0.32
CA PRO D 686 -25.39 45.23 0.06
C PRO D 686 -25.85 44.29 -1.07
N ALA D 687 -26.97 44.61 -1.74
CA ALA D 687 -27.51 43.80 -2.85
C ALA D 687 -26.52 43.67 -4.02
N ASN D 688 -25.82 44.76 -4.39
CA ASN D 688 -24.86 44.70 -5.49
C ASN D 688 -23.66 43.81 -5.12
N TYR D 689 -23.25 43.82 -3.84
CA TYR D 689 -22.19 42.93 -3.37
C TYR D 689 -22.64 41.46 -3.45
N PHE D 690 -23.91 41.20 -3.04
CA PHE D 690 -24.55 39.87 -3.11
C PHE D 690 -24.51 39.35 -4.54
N HIS D 691 -24.94 40.18 -5.52
CA HIS D 691 -24.99 39.78 -6.93
C HIS D 691 -23.59 39.59 -7.51
N LEU D 692 -22.62 40.41 -7.06
CA LEU D 692 -21.22 40.30 -7.46
C LEU D 692 -20.68 38.93 -7.05
N LEU D 693 -20.92 38.52 -5.79
CA LEU D 693 -20.42 37.23 -5.29
C LEU D 693 -21.09 36.06 -5.98
N ARG D 694 -22.41 36.14 -6.19
CA ARG D 694 -23.15 35.06 -6.86
C ARG D 694 -22.73 34.93 -8.34
N ARG D 695 -22.54 36.06 -9.07
CA ARG D 695 -22.07 36.04 -10.46
C ARG D 695 -20.69 35.35 -10.53
N HIS D 696 -19.79 35.73 -9.60
CA HIS D 696 -18.44 35.17 -9.50
C HIS D 696 -18.45 33.65 -9.28
N GLY D 697 -19.33 33.17 -8.42
CA GLY D 697 -19.40 31.74 -8.14
C GLY D 697 -20.08 30.89 -9.20
N LYS D 698 -21.02 31.48 -9.95
CA LYS D 698 -21.84 30.78 -10.94
C LYS D 698 -21.48 31.04 -12.42
N ASP D 699 -20.51 31.94 -12.71
CA ASP D 699 -20.24 32.27 -14.11
C ASP D 699 -19.45 31.22 -14.92
N GLY D 700 -18.88 30.22 -14.25
CA GLY D 700 -18.07 29.19 -14.93
C GLY D 700 -16.71 29.66 -15.41
N ILE D 701 -16.34 30.92 -15.09
CA ILE D 701 -15.07 31.58 -15.42
C ILE D 701 -14.17 31.39 -14.21
N GLN D 702 -12.87 31.13 -14.43
CA GLN D 702 -11.93 30.96 -13.33
C GLN D 702 -10.94 32.13 -13.38
N ARG D 703 -11.33 33.25 -12.76
CA ARG D 703 -10.52 34.48 -12.75
C ARG D 703 -10.68 35.20 -11.41
N PRO D 704 -9.57 35.65 -10.77
CA PRO D 704 -9.68 36.23 -9.44
C PRO D 704 -10.58 37.47 -9.36
N LEU D 705 -11.12 37.71 -8.18
CA LEU D 705 -11.99 38.83 -7.90
C LEU D 705 -11.41 39.60 -6.74
N ILE D 706 -11.18 40.92 -6.95
CA ILE D 706 -10.67 41.83 -5.94
C ILE D 706 -11.82 42.75 -5.50
N VAL D 707 -12.19 42.67 -4.21
CA VAL D 707 -13.29 43.48 -3.71
C VAL D 707 -12.80 44.42 -2.63
N PHE D 708 -13.03 45.73 -2.82
CA PHE D 708 -12.74 46.75 -1.82
C PHE D 708 -14.03 46.86 -1.01
N THR D 709 -13.99 46.36 0.22
CA THR D 709 -15.16 46.24 1.09
C THR D 709 -15.22 47.34 2.17
N PRO D 710 -16.41 47.55 2.78
CA PRO D 710 -16.57 48.66 3.76
C PRO D 710 -16.20 48.31 5.20
N LYS D 711 -16.17 49.35 6.02
CA LYS D 711 -15.85 49.34 7.45
C LYS D 711 -16.97 50.11 8.21
N SER D 712 -17.01 51.47 8.13
CA SER D 712 -18.11 52.24 8.76
C SER D 712 -19.42 52.05 8.00
N MET D 713 -19.34 51.87 6.67
CA MET D 713 -20.47 51.66 5.76
C MET D 713 -21.23 50.37 6.09
N LEU D 714 -20.63 49.46 6.91
CA LEU D 714 -21.33 48.25 7.37
C LEU D 714 -22.55 48.65 8.22
N ARG D 715 -22.43 49.76 8.96
CA ARG D 715 -23.44 50.27 9.89
C ARG D 715 -24.08 51.58 9.43
N ASN D 716 -23.88 51.95 8.15
CA ASN D 716 -24.54 53.12 7.59
C ASN D 716 -25.98 52.73 7.26
N LYS D 717 -26.96 53.34 7.95
CA LYS D 717 -28.39 53.02 7.79
C LYS D 717 -28.94 53.38 6.40
N ALA D 718 -28.22 54.20 5.62
CA ALA D 718 -28.53 54.53 4.23
C ALA D 718 -28.06 53.39 3.30
N ALA D 719 -26.98 52.70 3.69
CA ALA D 719 -26.37 51.62 2.90
C ALA D 719 -27.07 50.25 3.18
N VAL D 720 -28.39 50.19 2.91
CA VAL D 720 -29.18 48.97 3.09
C VAL D 720 -29.98 48.72 1.80
N SER D 721 -30.37 47.46 1.59
CA SER D 721 -31.06 47.05 0.38
C SER D 721 -32.41 46.43 0.64
N ASP D 722 -33.33 46.59 -0.34
CA ASP D 722 -34.69 46.03 -0.30
C ASP D 722 -34.67 44.58 -0.72
N ILE D 723 -35.67 43.77 -0.29
CA ILE D 723 -35.80 42.36 -0.65
C ILE D 723 -35.80 42.20 -2.20
N ARG D 724 -36.53 43.07 -2.92
CA ARG D 724 -36.65 43.02 -4.39
C ARG D 724 -35.27 43.22 -5.10
N ASP D 725 -34.30 43.86 -4.44
CA ASP D 725 -32.96 44.03 -4.99
C ASP D 725 -32.23 42.68 -5.07
N PHE D 726 -32.65 41.70 -4.24
CA PHE D 726 -32.07 40.35 -4.21
C PHE D 726 -32.87 39.36 -5.05
N THR D 727 -34.21 39.55 -5.12
CA THR D 727 -35.11 38.62 -5.80
C THR D 727 -35.42 39.02 -7.26
N GLU D 728 -35.39 40.31 -7.59
CA GLU D 728 -35.80 40.77 -8.93
C GLU D 728 -34.74 41.64 -9.63
N SER D 729 -33.48 41.52 -9.22
CA SER D 729 -32.45 42.34 -9.85
C SER D 729 -31.22 41.47 -10.24
N LYS D 730 -30.09 42.13 -10.54
CA LYS D 730 -28.83 41.52 -10.96
C LYS D 730 -27.67 42.45 -10.63
N PHE D 731 -26.42 42.01 -10.86
CA PHE D 731 -25.26 42.88 -10.61
C PHE D 731 -25.28 44.07 -11.58
N ARG D 732 -25.08 45.27 -11.02
CA ARG D 732 -25.03 46.51 -11.80
C ARG D 732 -23.63 47.08 -11.72
N SER D 733 -22.91 47.06 -12.84
CA SER D 733 -21.54 47.56 -12.95
C SER D 733 -21.49 49.09 -12.78
N VAL D 734 -22.62 49.78 -13.10
CA VAL D 734 -22.82 51.24 -13.01
C VAL D 734 -24.15 51.50 -12.31
N LEU D 735 -24.17 52.40 -11.30
CA LEU D 735 -25.39 52.72 -10.56
C LEU D 735 -25.72 54.21 -10.60
N GLU D 736 -27.00 54.50 -10.82
CA GLU D 736 -27.55 55.85 -10.79
C GLU D 736 -28.20 56.07 -9.44
N GLU D 737 -28.51 57.34 -9.11
CA GLU D 737 -29.24 57.65 -7.90
C GLU D 737 -30.66 57.09 -7.99
N PRO D 738 -31.19 56.49 -6.90
CA PRO D 738 -32.58 55.96 -6.95
C PRO D 738 -33.65 56.99 -7.35
N MET D 739 -33.42 58.30 -7.11
CA MET D 739 -34.37 59.36 -7.48
C MET D 739 -34.61 59.38 -9.02
N TYR D 740 -33.64 58.92 -9.82
CA TYR D 740 -33.80 58.94 -11.27
C TYR D 740 -34.38 57.62 -11.79
N THR D 741 -33.98 56.48 -11.23
CA THR D 741 -34.46 55.18 -11.70
C THR D 741 -35.83 54.80 -11.11
N ASP D 742 -36.14 55.25 -9.88
CA ASP D 742 -37.36 54.87 -9.16
C ASP D 742 -38.18 56.07 -8.65
N GLY D 743 -37.53 57.21 -8.42
CA GLY D 743 -38.18 58.41 -7.88
C GLY D 743 -38.67 59.43 -8.89
N GLU D 744 -38.83 60.67 -8.43
CA GLU D 744 -39.32 61.81 -9.20
C GLU D 744 -38.19 62.77 -9.68
N GLY D 745 -36.96 62.28 -9.69
CA GLY D 745 -35.82 63.08 -10.15
C GLY D 745 -35.85 63.37 -11.64
N ASP D 746 -35.38 64.56 -12.03
CA ASP D 746 -35.33 64.96 -13.44
C ASP D 746 -33.88 65.04 -13.93
N ARG D 747 -33.46 64.04 -14.73
CA ARG D 747 -32.11 63.95 -15.31
C ARG D 747 -31.77 65.17 -16.20
N ASN D 748 -32.78 65.82 -16.79
CA ASN D 748 -32.60 66.99 -17.67
C ASN D 748 -32.13 68.25 -16.92
N LYS D 749 -32.34 68.35 -15.61
CA LYS D 749 -31.91 69.50 -14.81
C LYS D 749 -30.40 69.44 -14.51
N VAL D 750 -29.78 68.27 -14.67
CA VAL D 750 -28.37 68.02 -14.35
C VAL D 750 -27.42 68.71 -15.35
N THR D 751 -26.52 69.57 -14.82
CA THR D 751 -25.49 70.26 -15.62
C THR D 751 -24.09 69.83 -15.15
N ARG D 752 -24.00 69.27 -13.93
CA ARG D 752 -22.75 68.77 -13.36
C ARG D 752 -22.89 67.29 -13.02
N LEU D 753 -21.98 66.47 -13.55
CA LEU D 753 -21.97 65.03 -13.30
C LEU D 753 -20.78 64.65 -12.44
N LEU D 754 -21.05 64.01 -11.29
CA LEU D 754 -20.00 63.53 -10.40
C LEU D 754 -19.91 62.02 -10.55
N LEU D 755 -18.76 61.54 -10.98
CA LEU D 755 -18.52 60.11 -11.12
C LEU D 755 -17.70 59.66 -9.95
N THR D 756 -18.10 58.56 -9.30
CA THR D 756 -17.40 58.13 -8.10
C THR D 756 -17.53 56.61 -7.91
N SER D 757 -16.97 56.13 -6.80
CA SER D 757 -17.08 54.74 -6.40
C SER D 757 -16.95 54.62 -4.90
N GLY D 758 -17.72 53.72 -4.31
CA GLY D 758 -17.60 53.44 -2.88
C GLY D 758 -18.40 54.34 -1.98
N LYS D 759 -18.02 54.34 -0.69
CA LYS D 759 -18.75 55.04 0.37
C LYS D 759 -18.89 56.57 0.18
N ILE D 760 -17.96 57.27 -0.52
CA ILE D 760 -18.07 58.73 -0.70
C ILE D 760 -19.41 59.11 -1.38
N TYR D 761 -20.03 58.16 -2.09
CA TYR D 761 -21.36 58.37 -2.70
C TYR D 761 -22.38 58.86 -1.67
N TYR D 762 -22.44 58.21 -0.51
CA TYR D 762 -23.45 58.54 0.52
C TYR D 762 -23.25 59.96 1.08
N GLU D 763 -21.98 60.41 1.21
CA GLU D 763 -21.65 61.77 1.66
C GLU D 763 -22.04 62.80 0.57
N LEU D 764 -21.78 62.49 -0.72
CA LEU D 764 -22.16 63.37 -1.83
C LEU D 764 -23.69 63.45 -1.94
N ALA D 765 -24.39 62.30 -1.77
CA ALA D 765 -25.87 62.25 -1.86
C ALA D 765 -26.52 63.06 -0.74
N ALA D 766 -25.93 63.00 0.49
CA ALA D 766 -26.42 63.73 1.65
C ALA D 766 -26.28 65.24 1.45
N ARG D 767 -25.18 65.69 0.82
CA ARG D 767 -24.93 67.11 0.55
C ARG D 767 -25.92 67.62 -0.51
N LYS D 768 -26.17 66.81 -1.57
CA LYS D 768 -27.11 67.14 -2.64
C LYS D 768 -28.51 67.32 -2.06
N ALA D 769 -28.96 66.38 -1.18
CA ALA D 769 -30.28 66.41 -0.54
C ALA D 769 -30.45 67.65 0.36
N LYS D 770 -29.41 67.95 1.17
CA LYS D 770 -29.39 69.10 2.09
C LYS D 770 -29.56 70.43 1.35
N GLU D 771 -28.85 70.59 0.21
CA GLU D 771 -28.88 71.83 -0.55
C GLU D 771 -29.84 71.79 -1.76
N ASN D 772 -30.65 70.71 -1.91
CA ASN D 772 -31.62 70.53 -3.00
C ASN D 772 -30.97 70.80 -4.39
N ARG D 773 -29.79 70.19 -4.61
CA ARG D 773 -29.01 70.42 -5.83
C ARG D 773 -29.45 69.49 -6.97
N GLU D 774 -30.52 69.88 -7.68
CA GLU D 774 -31.07 69.16 -8.84
C GLU D 774 -30.16 69.28 -10.08
N ASP D 775 -29.21 70.24 -10.05
CA ASP D 775 -28.26 70.50 -11.13
C ASP D 775 -27.07 69.54 -11.09
N VAL D 776 -26.96 68.73 -10.01
CA VAL D 776 -25.86 67.79 -9.80
C VAL D 776 -26.40 66.34 -9.75
N ALA D 777 -25.73 65.41 -10.45
CA ALA D 777 -26.02 63.98 -10.40
C ALA D 777 -24.77 63.22 -10.00
N ILE D 778 -24.94 62.10 -9.29
CA ILE D 778 -23.83 61.27 -8.85
C ILE D 778 -23.99 59.88 -9.50
N VAL D 779 -22.99 59.45 -10.26
CA VAL D 779 -23.00 58.14 -10.93
C VAL D 779 -21.87 57.29 -10.33
N ARG D 780 -22.21 56.07 -9.90
CA ARG D 780 -21.24 55.15 -9.29
C ARG D 780 -20.76 54.12 -10.27
N ILE D 781 -19.44 53.89 -10.27
CA ILE D 781 -18.78 52.83 -11.04
C ILE D 781 -18.48 51.74 -10.01
N GLU D 782 -19.31 50.70 -10.00
CA GLU D 782 -19.23 49.58 -9.04
C GLU D 782 -18.16 48.61 -9.47
N GLN D 783 -18.08 48.32 -10.78
CA GLN D 783 -17.07 47.43 -11.35
C GLN D 783 -15.97 48.34 -11.90
N LEU D 784 -14.80 48.37 -11.24
CA LEU D 784 -13.68 49.21 -11.66
C LEU D 784 -12.92 48.60 -12.84
N ALA D 785 -12.84 47.26 -12.91
CA ALA D 785 -12.16 46.53 -13.98
C ALA D 785 -12.82 45.17 -14.23
N PRO D 786 -13.09 44.77 -15.50
CA PRO D 786 -12.93 45.57 -16.73
C PRO D 786 -13.89 46.77 -16.71
N LEU D 787 -13.48 47.91 -17.27
CA LEU D 787 -14.34 49.09 -17.30
C LEU D 787 -15.65 48.77 -18.02
N PRO D 788 -16.82 49.05 -17.39
CA PRO D 788 -18.11 48.75 -18.05
C PRO D 788 -18.45 49.83 -19.07
N ARG D 789 -17.66 49.90 -20.17
CA ARG D 789 -17.73 50.90 -21.23
C ARG D 789 -19.15 51.12 -21.75
N ARG D 790 -19.83 50.05 -22.20
CA ARG D 790 -21.19 50.11 -22.76
C ARG D 790 -22.21 50.68 -21.77
N ARG D 791 -22.26 50.13 -20.54
CA ARG D 791 -23.23 50.57 -19.52
C ARG D 791 -22.96 52.01 -19.05
N LEU D 792 -21.68 52.43 -19.00
CA LEU D 792 -21.29 53.79 -18.59
C LEU D 792 -21.72 54.81 -19.66
N ALA D 793 -21.48 54.51 -20.95
CA ALA D 793 -21.88 55.37 -22.06
C ALA D 793 -23.41 55.51 -22.09
N GLU D 794 -24.14 54.38 -21.96
CA GLU D 794 -25.61 54.32 -21.95
C GLU D 794 -26.18 55.17 -20.82
N THR D 795 -25.56 55.11 -19.63
CA THR D 795 -26.00 55.86 -18.45
C THR D 795 -25.81 57.37 -18.66
N LEU D 796 -24.59 57.78 -19.08
CA LEU D 796 -24.24 59.19 -19.31
C LEU D 796 -25.13 59.82 -20.39
N ASP D 797 -25.53 59.03 -21.40
CA ASP D 797 -26.39 59.48 -22.51
C ASP D 797 -27.79 59.91 -22.04
N ARG D 798 -28.19 59.52 -20.82
CA ARG D 798 -29.51 59.87 -20.26
C ARG D 798 -29.48 61.25 -19.55
N TYR D 799 -28.32 61.93 -19.54
CA TYR D 799 -28.14 63.26 -18.95
C TYR D 799 -27.68 64.22 -20.07
N PRO D 800 -28.60 64.66 -20.96
CA PRO D 800 -28.16 65.44 -22.14
C PRO D 800 -27.64 66.84 -21.89
N ASN D 801 -27.96 67.45 -20.73
CA ASN D 801 -27.56 68.84 -20.47
C ASN D 801 -26.31 68.99 -19.59
N VAL D 802 -25.52 67.92 -19.45
CA VAL D 802 -24.29 67.94 -18.66
C VAL D 802 -23.26 68.82 -19.37
N LYS D 803 -22.68 69.79 -18.64
CA LYS D 803 -21.69 70.72 -19.16
C LYS D 803 -20.29 70.45 -18.58
N GLU D 804 -20.24 69.77 -17.41
CA GLU D 804 -18.96 69.44 -16.76
C GLU D 804 -19.06 68.11 -16.03
N LYS D 805 -17.94 67.35 -16.03
CA LYS D 805 -17.82 66.05 -15.39
C LYS D 805 -16.60 66.00 -14.50
N PHE D 806 -16.76 65.42 -13.30
CA PHE D 806 -15.67 65.27 -12.36
C PHE D 806 -15.58 63.87 -11.81
N TRP D 807 -14.36 63.34 -11.67
CA TRP D 807 -14.11 62.05 -11.01
C TRP D 807 -13.84 62.44 -9.56
N VAL D 808 -14.70 62.00 -8.66
CA VAL D 808 -14.60 62.38 -7.24
C VAL D 808 -14.14 61.19 -6.43
N GLN D 809 -13.08 61.37 -5.61
CA GLN D 809 -12.61 60.30 -4.77
C GLN D 809 -12.05 60.82 -3.46
N GLU D 810 -12.06 59.96 -2.45
CA GLU D 810 -11.48 60.15 -1.12
C GLU D 810 -9.98 60.09 -1.16
N GLU D 811 -9.48 59.16 -1.98
CA GLU D 811 -8.08 58.80 -2.06
C GLU D 811 -7.20 59.93 -2.59
N PRO D 812 -5.92 60.01 -2.13
CA PRO D 812 -4.97 61.01 -2.69
C PRO D 812 -4.88 60.91 -4.22
N ALA D 813 -4.53 62.03 -4.93
CA ALA D 813 -4.47 62.13 -6.40
C ALA D 813 -3.61 61.04 -7.09
N ASN D 814 -2.58 60.49 -6.42
CA ASN D 814 -1.72 59.43 -6.99
C ASN D 814 -2.25 58.04 -6.61
N GLN D 815 -3.42 58.00 -5.95
CA GLN D 815 -4.02 56.76 -5.46
C GLN D 815 -5.49 56.68 -5.91
N GLY D 816 -6.20 55.64 -5.49
CA GLY D 816 -7.58 55.42 -5.89
C GLY D 816 -7.69 55.08 -7.36
N ALA D 817 -8.86 55.29 -7.97
CA ALA D 817 -9.09 54.99 -9.39
C ALA D 817 -8.56 56.08 -10.35
N TRP D 818 -8.38 57.35 -9.90
CA TRP D 818 -7.93 58.43 -10.81
C TRP D 818 -6.66 58.10 -11.66
N PRO D 819 -5.53 57.61 -11.12
CA PRO D 819 -4.36 57.36 -12.00
C PRO D 819 -4.68 56.53 -13.23
N SER D 820 -5.60 55.55 -13.14
CA SER D 820 -5.97 54.77 -14.32
C SER D 820 -7.17 55.38 -15.05
N PHE D 821 -8.25 55.81 -14.34
CA PHE D 821 -9.46 56.38 -14.97
C PHE D 821 -9.19 57.71 -15.68
N GLY D 822 -8.33 58.54 -15.11
CA GLY D 822 -7.95 59.83 -15.69
C GLY D 822 -7.30 59.68 -17.04
N LEU D 823 -6.63 58.53 -17.25
CA LEU D 823 -5.96 58.24 -18.51
C LEU D 823 -6.85 57.42 -19.44
N THR D 824 -7.58 56.41 -18.91
CA THR D 824 -8.38 55.50 -19.74
C THR D 824 -9.77 56.01 -20.13
N LEU D 825 -10.50 56.72 -19.23
CA LEU D 825 -11.85 57.20 -19.57
C LEU D 825 -11.85 58.18 -20.76
N PRO D 826 -10.96 59.22 -20.86
CA PRO D 826 -11.00 60.10 -22.04
C PRO D 826 -10.59 59.39 -23.34
N GLU D 827 -9.89 58.25 -23.23
CA GLU D 827 -9.43 57.49 -24.38
C GLU D 827 -10.50 56.51 -24.90
N ILE D 828 -11.10 55.67 -24.03
CA ILE D 828 -12.12 54.68 -24.42
C ILE D 828 -13.48 55.33 -24.76
N LEU D 829 -13.82 56.47 -24.10
CA LEU D 829 -15.08 57.18 -24.33
C LEU D 829 -14.80 58.68 -24.57
N PRO D 830 -14.16 59.03 -25.73
CA PRO D 830 -13.80 60.43 -26.00
C PRO D 830 -14.97 61.43 -26.03
N ASP D 831 -16.16 60.99 -26.49
CA ASP D 831 -17.34 61.85 -26.60
C ASP D 831 -18.01 62.09 -25.24
N HIS D 832 -17.60 61.35 -24.21
CA HIS D 832 -18.18 61.50 -22.87
C HIS D 832 -17.18 62.08 -21.88
N PHE D 833 -15.90 61.69 -21.95
CA PHE D 833 -14.95 62.06 -20.91
C PHE D 833 -13.79 62.98 -21.34
N THR D 834 -13.87 63.63 -22.52
CA THR D 834 -12.86 64.64 -22.87
C THR D 834 -13.11 65.84 -21.92
N GLY D 835 -12.08 66.28 -21.22
CA GLY D 835 -12.21 67.38 -20.26
C GLY D 835 -12.61 66.92 -18.88
N LEU D 836 -12.56 65.59 -18.61
CA LEU D 836 -12.85 65.01 -17.29
C LEU D 836 -11.85 65.55 -16.29
N LYS D 837 -12.34 66.10 -15.18
CA LYS D 837 -11.48 66.67 -14.15
C LYS D 837 -11.55 65.84 -12.87
N ARG D 838 -10.54 65.98 -12.01
CA ARG D 838 -10.40 65.24 -10.76
C ARG D 838 -10.74 66.10 -9.53
N ILE D 839 -11.44 65.50 -8.55
CA ILE D 839 -11.69 66.07 -7.22
C ILE D 839 -11.25 64.98 -6.24
N SER D 840 -10.17 65.24 -5.50
CA SER D 840 -9.60 64.26 -4.57
C SER D 840 -8.73 64.91 -3.51
N ARG D 841 -8.11 64.08 -2.64
CA ARG D 841 -7.09 64.58 -1.73
C ARG D 841 -5.85 64.86 -2.59
N ARG D 842 -4.92 65.71 -2.10
CA ARG D 842 -3.68 66.00 -2.79
C ARG D 842 -2.91 64.67 -2.96
N ALA D 843 -1.95 64.61 -3.90
CA ALA D 843 -1.10 63.43 -4.00
C ALA D 843 -0.37 63.26 -2.66
N MET D 844 -0.31 62.02 -2.10
CA MET D 844 0.35 61.81 -0.81
C MET D 844 1.30 60.63 -0.83
N SER D 845 2.38 60.71 -0.03
CA SER D 845 3.36 59.61 0.10
C SER D 845 2.72 58.43 0.85
N ALA D 846 1.96 58.71 1.92
CA ALA D 846 1.22 57.67 2.66
C ALA D 846 -0.24 57.63 2.17
N PRO D 847 -1.08 56.60 2.50
CA PRO D 847 -2.47 56.60 1.99
C PRO D 847 -3.40 57.64 2.63
N SER D 848 -3.03 58.20 3.79
CA SER D 848 -3.83 59.19 4.53
C SER D 848 -2.99 59.86 5.60
N SER D 849 -3.59 60.83 6.28
CA SER D 849 -2.94 61.49 7.40
C SER D 849 -3.13 60.60 8.63
N GLY D 850 -2.25 60.76 9.61
CA GLY D 850 -2.39 60.00 10.85
C GLY D 850 -3.39 60.56 11.85
N SER D 851 -3.91 61.79 11.62
CA SER D 851 -4.86 62.47 12.52
CA SER D 851 -4.85 62.46 12.52
C SER D 851 -6.32 62.35 12.04
N SER D 852 -7.22 61.93 12.95
CA SER D 852 -8.66 61.81 12.64
C SER D 852 -9.25 63.19 12.33
N LYS D 853 -8.79 64.22 13.07
CA LYS D 853 -9.24 65.60 12.89
C LYS D 853 -8.79 66.18 11.54
N VAL D 854 -7.56 65.84 11.09
CA VAL D 854 -7.02 66.31 9.80
C VAL D 854 -7.80 65.62 8.66
N HIS D 855 -8.07 64.30 8.80
CA HIS D 855 -8.87 63.54 7.84
C HIS D 855 -10.22 64.23 7.61
N ALA D 856 -10.88 64.62 8.71
CA ALA D 856 -12.22 65.21 8.66
C ALA D 856 -12.25 66.54 7.86
N VAL D 857 -11.25 67.41 8.07
CA VAL D 857 -11.15 68.71 7.38
C VAL D 857 -10.87 68.49 5.89
N GLU D 858 -10.03 67.49 5.56
CA GLU D 858 -9.75 67.13 4.18
C GLU D 858 -10.98 66.55 3.51
N GLN D 859 -11.79 65.76 4.27
CA GLN D 859 -12.99 65.10 3.71
C GLN D 859 -14.05 66.15 3.31
N GLN D 860 -14.22 67.14 4.17
CA GLN D 860 -15.16 68.23 3.95
C GLN D 860 -14.73 69.11 2.73
N GLU D 861 -13.41 69.28 2.50
CA GLU D 861 -12.88 70.04 1.34
C GLU D 861 -13.31 69.41 -0.01
N ILE D 862 -13.31 68.05 -0.08
CA ILE D 862 -13.74 67.31 -1.28
C ILE D 862 -15.24 67.59 -1.54
N LEU D 863 -16.07 67.47 -0.47
CA LEU D 863 -17.53 67.69 -0.55
C LEU D 863 -17.84 69.14 -0.97
N ASP D 864 -17.11 70.12 -0.42
CA ASP D 864 -17.28 71.55 -0.75
C ASP D 864 -16.85 71.86 -2.20
N THR D 865 -15.75 71.25 -2.68
CA THR D 865 -15.26 71.42 -4.05
C THR D 865 -16.28 70.84 -5.06
N ALA D 866 -16.77 69.62 -4.78
CA ALA D 866 -17.76 68.88 -5.60
C ALA D 866 -19.05 69.68 -5.82
N PHE D 867 -19.47 70.47 -4.81
CA PHE D 867 -20.70 71.24 -4.87
C PHE D 867 -20.44 72.75 -4.97
N GLY D 868 -19.20 73.12 -5.21
CA GLY D 868 -18.78 74.50 -5.36
C GLY D 868 -18.88 75.01 -6.77
N1' QSP E . -1.71 -44.46 -10.59
C2' QSP E . -0.89 -43.47 -10.15
CM2 QSP E . -1.47 -42.52 -9.11
N3' QSP E . 0.39 -43.21 -10.52
C4' QSP E . 0.90 -44.09 -11.46
N4' QSP E . 2.25 -43.92 -11.73
C5' QSP E . 0.12 -45.19 -12.02
C6' QSP E . -1.18 -45.33 -11.54
C7' QSP E . 0.67 -46.15 -13.02
N3 QSP E . 1.06 -45.54 -14.33
C2 QSP E . 2.46 -45.09 -14.50
S1 QSP E . 2.51 -44.15 -16.12
C5 QSP E . 0.73 -44.44 -16.38
C4 QSP E . 0.13 -45.15 -15.34
CM4 QSP E . -1.35 -45.53 -15.25
C6 QSP E . 0.05 -43.89 -17.56
C7 QSP E . 0.23 -42.34 -17.63
O7 QSP E . -0.40 -41.78 -18.68
PA QSP E . -0.17 -40.12 -19.05
O1A QSP E . -1.01 -39.87 -20.29
O2A QSP E . -0.53 -39.44 -17.81
O3A QSP E . 1.35 -40.06 -19.20
PB QSP E . 2.33 -40.60 -20.47
O1B QSP E . 2.91 -41.92 -20.03
O2B QSP E . 1.39 -40.79 -21.64
O3B QSP E . 3.42 -39.55 -20.64
C11 QSP E . 3.66 -46.04 -14.24
P4 QSP E . 3.67 -47.86 -14.96
O5 QSP E . 4.97 -48.43 -14.45
O6 QSP E . 2.38 -48.43 -14.38
O8 QSP E . 3.60 -47.67 -16.46
C12 QSP E . 4.97 -45.34 -14.84
O11 QSP E . 3.80 -46.12 -12.84
C13 QSP E . 5.48 -44.04 -14.26
C14 QSP E . 6.26 -44.17 -12.95
O15 QSP E . 6.21 -45.24 -12.31
O16 QSP E . 6.98 -43.22 -12.54
MG MG F . -0.21 -39.36 -22.25
CA CA G . 13.86 -31.06 13.69
N1' QSP H . -12.08 -33.57 6.15
C2' QSP H . -12.97 -34.39 5.53
CM2 QSP H . -12.57 -34.96 4.18
N3' QSP H . -14.21 -34.71 5.93
C4' QSP H . -14.62 -34.08 7.10
N4' QSP H . -15.84 -34.50 7.59
C5' QSP H . -13.77 -33.15 7.84
C6' QSP H . -12.50 -32.96 7.30
C7' QSP H . -14.17 -32.45 9.08
N3 QSP H . -15.32 -31.48 8.95
C2 QSP H . -16.70 -32.03 9.10
S1 QSP H . -17.83 -30.59 8.59
C5 QSP H . -16.44 -29.54 8.09
C4 QSP H . -15.22 -30.16 8.33
CM4 QSP H . -13.88 -29.56 7.98
C6 QSP H . -16.70 -28.23 7.44
C7 QSP H . -17.61 -28.37 6.20
O7 QSP H . -17.84 -27.25 5.53
PA QSP H . -18.97 -27.23 4.32
O1A QSP H . -19.04 -25.78 3.84
O2A QSP H . -18.47 -28.22 3.33
O3A QSP H . -20.21 -27.78 4.96
PB QSP H . -21.32 -27.06 6.03
O1B QSP H . -20.94 -27.60 7.41
O2B QSP H . -21.03 -25.58 5.95
O3B QSP H . -22.67 -27.51 5.53
C11 QSP H . -17.11 -32.70 10.45
P4 QSP H . -16.60 -31.95 12.16
O5 QSP H . -17.14 -32.97 13.15
O6 QSP H . -15.08 -31.78 12.07
O8 QSP H . -17.31 -30.63 12.25
C12 QSP H . -18.68 -32.83 10.55
O11 QSP H . -16.56 -33.99 10.43
C13 QSP H . -19.49 -33.69 9.55
C14 QSP H . -19.42 -35.24 9.78
O15 QSP H . -18.60 -35.70 10.60
O16 QSP H . -20.16 -36.03 9.12
MG MG I . -20.71 -24.49 4.12
CA CA J . -19.26 -63.50 -2.43
N1' QSP K . -1.19 41.99 9.51
C2' QSP K . -0.06 42.69 9.83
CM2 QSP K . 1.21 42.33 9.10
N3' QSP K . 0.08 43.68 10.73
C4' QSP K . -1.10 44.00 11.39
N4' QSP K . -1.01 45.10 12.20
C5' QSP K . -2.38 43.30 11.15
C6' QSP K . -2.33 42.30 10.20
C7' QSP K . -3.64 43.64 11.86
N3 QSP K . -3.68 43.39 13.34
C2 QSP K . -3.24 44.48 14.24
S1 QSP K . -3.07 43.68 15.93
C5 QSP K . -3.43 42.05 15.30
C4 QSP K . -3.66 42.07 13.93
CM4 QSP K . -3.94 40.83 13.11
C6 QSP K . -3.47 40.89 16.23
C7 QSP K . -2.10 40.77 16.99
O7 QSP K . -2.02 39.71 17.82
PA QSP K . -0.63 39.49 18.75
O1A QSP K . -0.91 38.24 19.56
O2A QSP K . 0.47 39.48 17.80
O3A QSP K . -0.59 40.76 19.54
PB QSP K . -1.56 41.35 20.80
O1B QSP K . -2.59 42.28 20.18
O2B QSP K . -2.21 40.14 21.42
O3B QSP K . -0.60 42.05 21.73
C11 QSP K . -3.90 45.86 14.21
P4 QSP K . -5.84 46.03 14.11
O5 QSP K . -6.09 47.51 14.02
O6 QSP K . -6.21 45.17 12.89
O8 QSP K . -6.31 45.45 15.43
C12 QSP K . -3.44 46.68 15.48
O11 QSP K . -3.38 46.50 13.06
C13 QSP K . -1.95 47.11 15.64
C14 QSP K . -1.53 48.33 14.76
O15 QSP K . -2.31 48.75 13.87
O16 QSP K . -0.43 48.93 14.98
MG MG L . -1.29 38.23 21.67
CA CA M . 21.52 62.17 -0.01
N1' QSP N . 15.11 36.19 -4.90
C2' QSP N . 14.04 35.34 -5.06
CM2 QSP N . 12.94 35.42 -4.04
N3' QSP N . 13.85 34.38 -5.99
C4' QSP N . 14.91 34.28 -6.90
N4' QSP N . 14.69 33.42 -7.94
C5' QSP N . 16.11 35.12 -6.82
C6' QSP N . 16.14 36.05 -5.80
C7' QSP N . 17.23 35.02 -7.80
N3 QSP N . 17.94 33.72 -7.79
C2 QSP N . 17.51 32.67 -8.72
S1 QSP N . 18.60 31.18 -8.25
C5 QSP N . 19.33 32.04 -6.88
C4 QSP N . 18.90 33.34 -6.80
CM4 QSP N . 19.39 34.30 -5.74
C6 QSP N . 20.21 31.33 -5.96
C7 QSP N . 19.53 30.04 -5.38
O7 QSP N . 20.32 29.40 -4.51
PA QSP N . 19.84 27.91 -3.84
O1A QSP N . 21.01 27.48 -2.95
O2A QSP N . 18.57 28.28 -3.17
O3A QSP N . 19.55 27.07 -5.05
PB QSP N . 20.60 26.36 -6.16
O1B QSP N . 20.64 27.28 -7.36
O2B QSP N . 21.92 26.31 -5.45
O3B QSP N . 20.00 25.02 -6.59
C11 QSP N . 17.40 32.92 -10.25
P4 QSP N . 18.81 33.87 -11.23
O5 QSP N . 18.23 33.95 -12.61
O6 QSP N . 18.96 35.16 -10.42
O8 QSP N . 20.00 32.95 -11.12
C12 QSP N . 17.21 31.52 -11.01
O11 QSP N . 16.21 33.67 -10.47
C13 QSP N . 15.94 30.70 -10.70
C14 QSP N . 14.72 31.09 -11.51
O15 QSP N . 14.70 32.20 -12.12
O16 QSP N . 13.72 30.32 -11.59
MG MG O . 22.26 25.77 -3.36
CA CA P . -15.87 32.41 -11.33
#